data_7QDG
#
_entry.id   7QDG
#
_cell.length_a   1.00
_cell.length_b   1.00
_cell.length_c   1.00
_cell.angle_alpha   90.00
_cell.angle_beta   90.00
_cell.angle_gamma   90.00
#
_symmetry.space_group_name_H-M   'P 1'
#
loop_
_entity.id
_entity.type
_entity.pdbx_description
1 polymer 'Spike glycoprotein,Fibritin'
2 branched 2-acetamido-2-deoxy-beta-D-glucopyranose-(1-4)-2-acetamido-2-deoxy-beta-D-glucopyranose
3 branched 2-acetamido-2-deoxy-beta-D-glucopyranose-(1-4)-2-acetamido-2-deoxy-alpha-D-glucopyranose
4 non-polymer 2-acetamido-2-deoxy-beta-D-glucopyranose
#
_entity_poly.entity_id   1
_entity_poly.type   'polypeptide(L)'
_entity_poly.pdbx_seq_one_letter_code
;CVNLTTRTQLPPAYTNSFTRGVYYPDKVFRSSVLHSTQDLFLPFFSNVTWFHAIHVSGTNGTKRFDNPVLPFNDGVYFAS
TEKSNIIRGWIFGTTLDSKTQSLLIVNNATNVVIKVCEFQFCNDPFLGVYYHKNNKSWMESEFRVYSSANNCTFEYVSQP
FLMDLEGKQGNFKNLREFVFKNIDGYFKIYSKHTPINLVRDLPQGFSVLEPLVDLPIGINITRFQTLLALHRSYLTPGDS
SSGWTAGAAAYYVGYLQPRTFLLKYNENGTITDAVDCALDPLSETKCTLKSFTVEKGIYQTSNFRVQPTESIVRFPNITN
LCPFGEVFNATRFASVYAWNRKRISNCVADYSVLYNSASFSTFKCYGVSPTKLNDLCFTNVYADSFVIRGDEVRQIAPGQ
TGKIADYNYKLPDDFTGCVIAWNSNNLDSKVGGNYNYLYRLFRKSNLKPFERDISTEIYQAGSTPCNGVEGFNCYFPLQS
YGFQPTNGVGYQPYRVVVLSFELLHAPATVCGPKKSTNLVKNKCVNFNFNGLTGTGVLTESNKKFLPFQQFGRDIADTTD
AVRDPQTLEILDITPCSFGGVSVITPGTNTSNQVAVLYQGVNCTEVPVAIHADQLTPTWRVYSTGSNVFQTRAGCLIGAE
HVNNSYECDIPIGAGICASYQTQTNSPASVASQSIIAYTMSLGAENSVAYSNNSIAIPTNFTISVTTEILPVSMTKTSVD
CTMYICGDSTECSNLLLQYGSFCTQLNRALTGIAVEQDKNTQEVFAQVKQIYKTPPIKDFGGFNFSQILPDPSKPSKRSF
IEDLLFNKVTLADAGFIKQYGDCLGDIAARDLICAQKFNGLTVLPPLLTDEMIAQYTSALLAGTITSGWTFGAGAALQIP
FAMQMAYRFNGIGVTQNVLYENQKLIANQFNSAIGKIQDSLSSTASALGKLQDVVNQNAQALNTLVKQLSSNFGAISSVL
NDILSRLDPPEAEVQIDRLITGRLQSLQTYVTQQLIRAAEIRASANLAATKMSECVLGQSKRVDFCGKGYHLMSFPQSAP
HGVVFLHVTYVPAQEKNFTTAPAICHDGKAHFPREGVFVSNGTHWFVTQRNFYEPQIITTDNTFVSGNCDVVIGIVNNTV
YDPLQPELDSFKEELDKYFKNHTSPDVDLGDISGINASVVNIQKEIDRLNEVAKNLNESLIDLQELGKYEQYIKWPLVPR
GSGYIPEAPRDGQAYVRKDGEWVFLSTFLSPHHHHHHHHHEQKLISEEDL
;
_entity_poly.pdbx_strand_id   A,B,C
#
# COMPACT_ATOMS: atom_id res chain seq x y z
N CYS A 1 -44.14 -52.88 27.38
CA CYS A 1 -43.22 -52.66 28.53
C CYS A 1 -43.96 -52.15 29.77
N VAL A 2 -43.38 -52.43 30.92
CA VAL A 2 -44.00 -52.07 32.20
C VAL A 2 -44.12 -50.55 32.38
N ASN A 3 -45.20 -50.14 33.03
CA ASN A 3 -45.49 -48.72 33.19
C ASN A 3 -45.54 -48.31 34.66
N LEU A 4 -45.93 -47.05 34.90
CA LEU A 4 -46.08 -46.50 36.22
C LEU A 4 -47.36 -45.69 36.25
N THR A 5 -47.98 -45.63 37.41
CA THR A 5 -49.29 -45.01 37.57
C THR A 5 -49.35 -43.78 38.51
N THR A 6 -50.48 -43.06 38.42
CA THR A 6 -50.86 -41.88 39.27
C THR A 6 -49.98 -40.63 39.22
N ARG A 7 -49.48 -40.31 38.04
CA ARG A 7 -48.62 -39.14 37.85
C ARG A 7 -49.39 -37.82 37.81
N THR A 8 -48.74 -36.78 38.33
CA THR A 8 -49.31 -35.44 38.41
C THR A 8 -48.82 -34.56 37.25
N GLN A 9 -49.78 -33.98 36.53
CA GLN A 9 -49.49 -33.12 35.38
C GLN A 9 -49.58 -31.64 35.76
N LEU A 10 -48.45 -30.94 35.63
CA LEU A 10 -48.34 -29.51 35.95
C LEU A 10 -47.47 -28.80 34.90
N PRO A 11 -47.71 -27.48 34.68
CA PRO A 11 -46.83 -26.68 33.82
C PRO A 11 -45.38 -26.64 34.34
N PRO A 12 -44.37 -26.67 33.43
CA PRO A 12 -42.95 -26.69 33.82
C PRO A 12 -42.51 -25.46 34.61
N ALA A 13 -41.95 -25.69 35.79
CA ALA A 13 -41.34 -24.61 36.60
C ALA A 13 -40.17 -24.00 35.83
N TYR A 14 -40.00 -22.69 35.96
CA TYR A 14 -38.90 -21.98 35.30
C TYR A 14 -38.00 -21.28 36.31
N THR A 15 -36.70 -21.30 36.01
CA THR A 15 -35.72 -20.50 36.75
C THR A 15 -34.66 -19.88 35.86
N ASN A 16 -33.93 -18.91 36.38
CA ASN A 16 -32.90 -18.24 35.60
C ASN A 16 -31.55 -18.69 36.07
N SER A 17 -30.78 -19.31 35.18
CA SER A 17 -29.44 -19.76 35.51
C SER A 17 -28.51 -18.78 34.88
N PHE A 18 -27.61 -18.22 35.68
CA PHE A 18 -26.73 -17.17 35.19
C PHE A 18 -25.26 -17.52 35.35
N THR A 19 -24.50 -17.31 34.26
CA THR A 19 -23.07 -17.57 34.25
C THR A 19 -22.64 -18.90 34.82
N ARG A 20 -23.28 -19.95 34.33
CA ARG A 20 -22.98 -21.29 34.78
C ARG A 20 -22.52 -22.14 33.61
N GLY A 21 -21.77 -23.19 33.92
CA GLY A 21 -21.36 -24.16 32.90
C GLY A 21 -20.50 -23.62 31.77
N VAL A 22 -19.56 -22.76 32.10
CA VAL A 22 -18.60 -22.30 31.13
C VAL A 22 -17.57 -23.40 31.09
N TYR A 23 -17.29 -23.95 29.94
CA TYR A 23 -16.38 -25.09 29.86
C TYR A 23 -15.12 -24.76 29.08
N TYR A 24 -13.96 -25.05 29.65
CA TYR A 24 -12.71 -24.82 28.94
C TYR A 24 -12.90 -25.15 27.46
N PRO A 25 -12.88 -24.13 26.59
CA PRO A 25 -13.24 -24.32 25.18
C PRO A 25 -12.34 -25.32 24.44
N ASP A 26 -11.07 -25.37 24.81
CA ASP A 26 -10.14 -26.29 24.18
C ASP A 26 -8.97 -26.66 25.09
N LYS A 27 -7.91 -27.15 24.47
CA LYS A 27 -6.86 -27.83 25.20
C LYS A 27 -5.73 -26.90 25.66
N VAL A 28 -5.58 -25.76 25.01
CA VAL A 28 -4.55 -24.80 25.35
C VAL A 28 -4.66 -24.28 26.78
N PHE A 29 -3.49 -24.04 27.35
CA PHE A 29 -3.32 -23.37 28.64
C PHE A 29 -2.70 -22.00 28.43
N ARG A 30 -3.27 -21.01 29.07
CA ARG A 30 -2.77 -19.67 28.91
C ARG A 30 -2.80 -19.02 30.26
N SER A 31 -1.84 -18.14 30.53
CA SER A 31 -1.77 -17.49 31.83
C SER A 31 -1.89 -15.99 31.67
N SER A 32 -2.79 -15.40 32.47
CA SER A 32 -3.00 -13.96 32.53
C SER A 32 -3.30 -13.31 31.18
N VAL A 33 -4.05 -14.00 30.33
CA VAL A 33 -4.41 -13.43 29.04
C VAL A 33 -5.89 -13.55 28.83
N LEU A 34 -6.49 -12.52 28.25
CA LEU A 34 -7.92 -12.55 27.99
C LEU A 34 -8.10 -13.02 26.56
N HIS A 35 -8.89 -14.06 26.37
CA HIS A 35 -9.06 -14.66 25.05
C HIS A 35 -10.52 -14.77 24.68
N SER A 36 -10.84 -14.57 23.41
CA SER A 36 -12.22 -14.67 22.95
C SER A 36 -12.37 -15.86 22.02
N THR A 37 -13.21 -16.80 22.40
CA THR A 37 -13.39 -18.00 21.59
C THR A 37 -14.84 -18.17 21.21
N GLN A 38 -15.09 -18.37 19.92
CA GLN A 38 -16.44 -18.49 19.43
C GLN A 38 -16.93 -19.93 19.51
N ASP A 39 -17.12 -20.41 20.75
CA ASP A 39 -17.57 -21.77 20.99
C ASP A 39 -18.88 -21.81 21.74
N LEU A 40 -19.78 -22.64 21.30
CA LEU A 40 -21.08 -22.79 21.92
C LEU A 40 -21.02 -22.67 23.45
N PHE A 41 -21.92 -21.88 23.99
CA PHE A 41 -21.99 -21.70 25.44
C PHE A 41 -23.44 -21.50 25.84
N LEU A 42 -23.78 -21.87 27.06
CA LEU A 42 -25.07 -21.51 27.59
C LEU A 42 -25.03 -19.99 27.67
N PRO A 43 -26.03 -19.30 27.11
CA PRO A 43 -26.12 -17.86 27.19
C PRO A 43 -26.25 -17.45 28.66
N PHE A 44 -25.59 -16.38 29.06
CA PHE A 44 -25.71 -15.93 30.43
C PHE A 44 -27.11 -15.44 30.72
N PHE A 45 -27.60 -15.80 31.91
CA PHE A 45 -28.94 -15.48 32.35
C PHE A 45 -29.96 -16.14 31.43
N SER A 46 -29.56 -17.27 30.84
CA SER A 46 -30.44 -18.01 29.95
C SER A 46 -31.54 -18.70 30.72
N ASN A 47 -32.69 -18.85 30.07
CA ASN A 47 -33.83 -19.46 30.70
C ASN A 47 -33.58 -20.94 30.89
N VAL A 48 -33.93 -21.46 32.05
CA VAL A 48 -33.68 -22.85 32.36
C VAL A 48 -34.97 -23.51 32.80
N THR A 49 -35.27 -24.67 32.24
CA THR A 49 -36.49 -25.38 32.55
C THR A 49 -36.15 -26.38 33.64
N TRP A 50 -36.60 -26.08 34.86
CA TRP A 50 -36.44 -26.94 36.02
C TRP A 50 -37.31 -28.19 35.89
N PHE A 51 -36.91 -29.26 36.55
CA PHE A 51 -37.68 -30.48 36.56
C PHE A 51 -37.75 -31.11 37.93
N HIS A 52 -38.79 -31.92 38.14
CA HIS A 52 -38.99 -32.61 39.43
C HIS A 52 -39.16 -34.13 39.28
N ALA A 53 -38.44 -34.84 40.14
CA ALA A 53 -38.50 -36.30 40.21
C ALA A 53 -38.79 -36.69 41.65
N ILE A 54 -39.65 -35.91 42.30
CA ILE A 54 -39.93 -36.09 43.73
C ILE A 54 -41.41 -36.44 43.97
N HIS A 55 -41.67 -37.47 44.79
CA HIS A 55 -43.02 -37.90 45.16
C HIS A 55 -43.78 -36.81 45.91
N VAL A 56 -43.11 -36.15 46.86
CA VAL A 56 -43.74 -35.10 47.69
C VAL A 56 -44.92 -35.72 48.47
N THR A 62 -48.01 -34.85 46.11
CA THR A 62 -48.23 -36.28 46.32
C THR A 62 -48.30 -37.01 44.97
N LYS A 63 -47.80 -38.26 44.95
CA LYS A 63 -47.82 -39.10 43.76
C LYS A 63 -47.19 -38.40 42.54
N ARG A 64 -46.01 -37.83 42.74
CA ARG A 64 -45.32 -37.06 41.70
C ARG A 64 -44.02 -37.74 41.24
N PHE A 65 -43.96 -38.05 39.95
CA PHE A 65 -42.80 -38.69 39.33
C PHE A 65 -42.84 -38.47 37.81
N ASP A 66 -41.85 -37.74 37.31
CA ASP A 66 -41.82 -37.34 35.92
C ASP A 66 -40.39 -37.35 35.44
N ASN A 67 -40.16 -38.03 34.33
CA ASN A 67 -38.84 -38.04 33.70
C ASN A 67 -38.98 -38.21 32.19
N PRO A 68 -39.75 -37.33 31.54
CA PRO A 68 -40.11 -37.55 30.15
C PRO A 68 -39.00 -37.12 29.20
N VAL A 69 -39.17 -37.41 27.92
CA VAL A 69 -38.16 -37.05 26.93
C VAL A 69 -38.06 -35.53 26.81
N LEU A 70 -36.86 -35.02 26.60
CA LEU A 70 -36.63 -33.58 26.43
C LEU A 70 -35.95 -33.33 25.10
N PRO A 71 -36.32 -32.24 24.41
CA PRO A 71 -35.71 -31.92 23.12
C PRO A 71 -34.24 -31.61 23.28
N PHE A 72 -33.45 -31.99 22.30
CA PHE A 72 -32.00 -31.76 22.37
C PHE A 72 -31.46 -31.03 21.15
N ASN A 73 -30.75 -29.94 21.45
CA ASN A 73 -30.07 -29.14 20.45
C ASN A 73 -28.59 -29.20 20.78
N ASP A 74 -27.82 -28.32 20.21
CA ASP A 74 -26.40 -28.28 20.52
C ASP A 74 -26.15 -28.11 22.01
N GLY A 75 -26.85 -27.16 22.61
CA GLY A 75 -26.78 -26.98 23.98
C GLY A 75 -27.47 -27.86 24.93
N VAL A 76 -26.84 -28.96 25.26
CA VAL A 76 -27.47 -29.99 26.12
C VAL A 76 -26.90 -29.95 27.53
N TYR A 77 -26.86 -28.77 28.11
CA TYR A 77 -26.34 -28.58 29.46
C TYR A 77 -27.26 -29.16 30.50
N PHE A 78 -26.82 -30.22 31.17
CA PHE A 78 -27.61 -30.88 32.19
C PHE A 78 -27.01 -30.56 33.55
N ALA A 79 -27.81 -30.07 34.47
CA ALA A 79 -27.33 -29.76 35.81
C ALA A 79 -28.24 -30.37 36.87
N SER A 80 -27.93 -31.60 37.25
CA SER A 80 -28.72 -32.29 38.25
C SER A 80 -28.22 -31.91 39.62
N THR A 81 -29.10 -31.97 40.60
CA THR A 81 -28.69 -31.80 41.96
C THR A 81 -29.23 -32.98 42.73
N GLU A 82 -28.35 -33.69 43.40
CA GLU A 82 -28.68 -34.97 44.07
C GLU A 82 -28.06 -35.08 45.45
N LYS A 83 -28.72 -35.82 46.33
CA LYS A 83 -28.10 -36.18 47.62
C LYS A 83 -27.87 -37.63 47.80
N SER A 84 -28.93 -38.36 47.70
CA SER A 84 -28.72 -39.71 47.92
C SER A 84 -28.53 -40.38 46.58
N ASN A 85 -28.02 -39.59 45.63
CA ASN A 85 -27.70 -40.12 44.27
C ASN A 85 -28.87 -40.84 43.54
N ILE A 86 -29.90 -40.08 43.20
CA ILE A 86 -31.15 -40.63 42.63
C ILE A 86 -31.15 -40.53 41.09
N ILE A 87 -30.57 -39.49 40.53
CA ILE A 87 -30.40 -39.38 39.10
C ILE A 87 -29.01 -39.96 38.73
N ARG A 88 -29.02 -40.94 37.81
CA ARG A 88 -27.80 -41.73 37.53
C ARG A 88 -27.30 -41.65 36.08
N GLY A 89 -28.18 -41.93 35.13
CA GLY A 89 -27.75 -42.07 33.75
C GLY A 89 -28.36 -41.09 32.78
N TRP A 90 -28.13 -41.38 31.50
CA TRP A 90 -28.67 -40.58 30.39
C TRP A 90 -28.93 -41.43 29.16
N ILE A 91 -29.84 -40.97 28.29
CA ILE A 91 -30.13 -41.60 27.02
C ILE A 91 -30.01 -40.59 25.89
N PHE A 92 -29.33 -40.95 24.82
CA PHE A 92 -29.23 -40.10 23.62
C PHE A 92 -29.71 -40.88 22.41
N GLY A 93 -29.86 -40.22 21.30
CA GLY A 93 -30.42 -40.89 20.12
C GLY A 93 -31.28 -40.01 19.26
N THR A 94 -31.84 -40.59 18.23
CA THR A 94 -32.71 -39.86 17.30
C THR A 94 -34.20 -40.16 17.54
N THR A 95 -34.52 -41.45 17.56
CA THR A 95 -35.90 -41.91 17.68
C THR A 95 -35.97 -43.09 18.65
N LEU A 96 -34.81 -43.58 19.10
CA LEU A 96 -34.74 -44.67 20.05
C LEU A 96 -35.53 -45.87 19.53
N ASP A 97 -35.36 -46.13 18.24
CA ASP A 97 -36.09 -47.19 17.56
C ASP A 97 -35.37 -48.53 17.53
N SER A 98 -34.18 -48.60 18.14
CA SER A 98 -33.22 -49.72 17.99
C SER A 98 -32.80 -49.99 16.53
N LYS A 99 -33.06 -49.00 15.66
CA LYS A 99 -32.69 -49.06 14.24
C LYS A 99 -31.71 -47.96 13.82
N THR A 100 -31.70 -46.86 14.57
CA THR A 100 -30.70 -45.79 14.42
C THR A 100 -29.70 -45.79 15.60
N GLN A 101 -28.41 -45.62 15.31
CA GLN A 101 -27.36 -45.77 16.32
C GLN A 101 -27.51 -44.73 17.43
N SER A 102 -27.39 -45.20 18.68
CA SER A 102 -27.77 -44.40 19.85
C SER A 102 -26.78 -44.63 20.99
N LEU A 103 -26.81 -43.70 21.93
CA LEU A 103 -25.84 -43.62 23.02
C LEU A 103 -26.51 -44.07 24.34
N LEU A 104 -25.78 -44.68 25.30
CA LEU A 104 -26.41 -44.93 26.67
C LEU A 104 -25.53 -45.26 27.92
N ILE A 105 -25.89 -44.69 29.07
CA ILE A 105 -25.01 -44.87 30.20
C ILE A 105 -25.56 -45.27 31.52
N VAL A 106 -24.64 -45.88 32.24
CA VAL A 106 -24.85 -46.16 33.62
C VAL A 106 -23.79 -45.51 34.49
N ASN A 107 -24.24 -44.93 35.60
CA ASN A 107 -23.35 -44.36 36.57
C ASN A 107 -23.16 -45.31 37.76
N ASN A 108 -22.29 -46.29 37.58
CA ASN A 108 -22.01 -47.30 38.62
C ASN A 108 -20.85 -46.78 39.44
N ALA A 109 -20.67 -47.35 40.63
CA ALA A 109 -19.51 -47.12 41.47
C ALA A 109 -18.18 -47.39 40.74
N THR A 110 -18.18 -48.30 39.77
CA THR A 110 -16.98 -48.55 38.96
C THR A 110 -16.71 -47.38 37.99
N ASN A 111 -17.58 -47.17 37.03
CA ASN A 111 -17.35 -46.14 36.01
C ASN A 111 -18.63 -45.53 35.50
N VAL A 112 -18.53 -44.43 34.76
CA VAL A 112 -19.66 -43.98 33.96
C VAL A 112 -19.64 -44.83 32.68
N VAL A 113 -20.23 -46.01 32.78
CA VAL A 113 -20.16 -47.01 31.73
C VAL A 113 -21.01 -46.63 30.52
N ILE A 114 -20.38 -46.74 29.35
CA ILE A 114 -20.95 -46.25 28.15
C ILE A 114 -20.88 -47.16 27.01
N LYS A 115 -21.75 -46.81 26.14
CA LYS A 115 -22.00 -47.63 25.07
C LYS A 115 -22.61 -46.92 23.89
N VAL A 116 -22.34 -47.46 22.70
CA VAL A 116 -22.94 -47.00 21.46
C VAL A 116 -23.55 -48.21 20.77
N CYS A 117 -24.84 -48.44 21.02
CA CYS A 117 -25.47 -49.73 20.63
C CYS A 117 -26.93 -49.53 20.23
N GLU A 118 -27.44 -50.43 19.38
CA GLU A 118 -28.78 -50.29 18.81
C GLU A 118 -29.79 -50.87 19.76
N PHE A 119 -29.94 -50.19 20.89
CA PHE A 119 -30.67 -50.74 22.02
C PHE A 119 -32.15 -50.48 21.89
N GLN A 120 -32.96 -51.43 22.34
CA GLN A 120 -34.39 -51.26 22.31
C GLN A 120 -34.82 -50.93 23.69
N PHE A 121 -35.04 -49.64 23.93
CA PHE A 121 -35.45 -49.16 25.26
C PHE A 121 -36.94 -49.34 25.45
N CYS A 122 -37.34 -49.55 26.71
CA CYS A 122 -38.76 -49.62 27.09
C CYS A 122 -39.28 -48.20 27.23
N ASN A 123 -40.59 -48.12 27.43
CA ASN A 123 -41.26 -46.83 27.60
C ASN A 123 -40.93 -46.17 28.95
N ASP A 124 -40.58 -46.96 29.95
CA ASP A 124 -40.29 -46.42 31.28
C ASP A 124 -39.03 -47.09 31.84
N PRO A 125 -37.84 -46.73 31.32
CA PRO A 125 -36.62 -47.27 31.89
C PRO A 125 -36.27 -46.60 33.20
N PHE A 126 -35.57 -47.34 34.04
CA PHE A 126 -35.09 -46.82 35.32
C PHE A 126 -34.00 -47.75 35.90
N LEU A 127 -33.44 -47.27 37.02
CA LEU A 127 -32.58 -48.08 37.89
C LEU A 127 -33.34 -48.42 39.19
N GLY A 128 -33.35 -49.70 39.56
CA GLY A 128 -34.09 -50.16 40.75
C GLY A 128 -33.24 -50.58 41.95
N VAL A 129 -33.53 -50.04 43.14
CA VAL A 129 -32.81 -50.42 44.35
C VAL A 129 -33.82 -50.74 45.45
N TYR A 130 -33.56 -51.85 46.16
CA TYR A 130 -34.42 -52.32 47.23
C TYR A 130 -33.69 -52.39 48.58
N TYR A 131 -34.42 -52.09 49.66
CA TYR A 131 -33.91 -52.21 51.02
C TYR A 131 -34.33 -53.56 51.63
N HIS A 132 -33.37 -54.48 51.68
CA HIS A 132 -33.58 -55.82 52.23
C HIS A 132 -33.40 -55.83 53.75
N LYS A 133 -34.28 -56.58 54.42
CA LYS A 133 -34.27 -56.70 55.88
C LYS A 133 -33.14 -57.61 56.38
N ASN A 134 -32.82 -58.64 55.60
CA ASN A 134 -31.76 -59.59 55.95
C ASN A 134 -30.34 -59.00 55.86
N ASN A 135 -30.12 -58.15 54.85
CA ASN A 135 -28.85 -57.44 54.69
C ASN A 135 -29.07 -55.99 54.20
N LYS A 136 -28.46 -55.05 54.91
CA LYS A 136 -28.63 -53.62 54.63
C LYS A 136 -27.73 -53.16 53.46
N SER A 137 -28.19 -53.45 52.25
CA SER A 137 -27.50 -53.08 51.00
C SER A 137 -28.50 -52.94 49.86
N TRP A 138 -28.21 -52.00 48.95
CA TRP A 138 -29.11 -51.65 47.85
C TRP A 138 -28.69 -52.36 46.54
N MET A 139 -29.47 -53.37 46.16
CA MET A 139 -29.20 -54.19 44.97
C MET A 139 -30.15 -53.91 43.81
N GLU A 140 -29.65 -54.14 42.60
CA GLU A 140 -30.44 -53.96 41.40
C GLU A 140 -31.48 -55.06 41.31
N SER A 141 -32.72 -54.64 41.09
CA SER A 141 -33.87 -55.56 41.01
C SER A 141 -34.34 -55.89 39.58
N GLU A 142 -34.41 -54.87 38.74
CA GLU A 142 -34.83 -55.06 37.35
C GLU A 142 -34.00 -54.15 36.47
N PHE A 143 -32.99 -54.73 35.83
CA PHE A 143 -32.14 -53.99 34.89
C PHE A 143 -32.60 -54.23 33.46
N ARG A 144 -33.88 -53.98 33.23
CA ARG A 144 -34.47 -54.14 31.90
C ARG A 144 -34.62 -52.78 31.23
N VAL A 145 -33.49 -52.11 31.18
CA VAL A 145 -33.36 -50.82 30.52
C VAL A 145 -33.51 -51.02 29.01
N TYR A 146 -33.02 -52.15 28.53
CA TYR A 146 -32.97 -52.39 27.11
C TYR A 146 -33.28 -53.83 26.81
N SER A 147 -33.59 -54.12 25.55
CA SER A 147 -33.83 -55.51 25.14
C SER A 147 -32.51 -56.26 24.79
N SER A 148 -31.85 -55.80 23.72
CA SER A 148 -30.57 -56.37 23.29
C SER A 148 -29.80 -55.32 22.50
N ALA A 149 -28.67 -55.73 21.93
CA ALA A 149 -27.91 -54.89 20.99
C ALA A 149 -27.45 -55.70 19.78
N ASN A 150 -27.57 -55.08 18.61
CA ASN A 150 -27.29 -55.72 17.36
C ASN A 150 -25.88 -55.37 16.88
N ASN A 151 -25.68 -54.10 16.55
CA ASN A 151 -24.39 -53.62 16.04
C ASN A 151 -23.88 -52.51 16.94
N CYS A 152 -22.61 -52.57 17.30
CA CYS A 152 -22.04 -51.66 18.29
C CYS A 152 -20.67 -51.29 17.75
N THR A 153 -20.54 -50.12 17.13
CA THR A 153 -19.28 -49.70 16.48
C THR A 153 -18.29 -49.09 17.48
N PHE A 154 -18.73 -48.92 18.73
CA PHE A 154 -17.95 -48.26 19.77
C PHE A 154 -18.42 -48.79 21.12
N GLU A 155 -17.46 -49.23 21.94
CA GLU A 155 -17.69 -49.60 23.31
C GLU A 155 -16.63 -49.07 24.17
N TYR A 156 -17.00 -48.88 25.41
CA TYR A 156 -16.22 -47.95 26.15
C TYR A 156 -16.42 -47.97 27.64
N VAL A 157 -15.33 -47.79 28.36
CA VAL A 157 -15.41 -47.66 29.79
C VAL A 157 -14.51 -46.51 30.21
N SER A 158 -15.02 -45.65 31.09
CA SER A 158 -14.31 -44.45 31.53
C SER A 158 -13.41 -44.75 32.73
N GLN A 159 -12.81 -43.71 33.29
CA GLN A 159 -11.93 -43.83 34.44
C GLN A 159 -12.73 -44.21 35.69
N PRO A 160 -12.11 -44.99 36.60
CA PRO A 160 -12.69 -45.38 37.89
C PRO A 160 -12.90 -44.20 38.83
N PHE A 161 -13.99 -44.28 39.61
CA PHE A 161 -14.35 -43.33 40.67
C PHE A 161 -15.31 -44.06 41.64
N LEU A 162 -15.68 -43.41 42.74
CA LEU A 162 -16.59 -43.99 43.74
C LEU A 162 -17.83 -43.13 44.08
N MET A 163 -18.92 -43.83 44.43
CA MET A 163 -20.22 -43.25 44.76
C MET A 163 -20.73 -43.75 46.13
N ASP A 164 -21.38 -42.87 46.87
CA ASP A 164 -21.79 -43.14 48.26
C ASP A 164 -22.99 -44.10 48.43
N LEU A 165 -24.03 -43.92 47.60
CA LEU A 165 -25.27 -44.75 47.56
C LEU A 165 -26.08 -44.86 48.88
N GLU A 166 -26.26 -43.74 49.58
CA GLU A 166 -27.05 -43.70 50.84
C GLU A 166 -28.57 -43.81 50.63
N GLY A 167 -29.27 -44.34 51.63
CA GLY A 167 -30.72 -44.60 51.51
C GLY A 167 -31.53 -43.75 52.44
N LYS A 168 -31.07 -42.51 52.63
CA LYS A 168 -31.63 -41.60 53.64
C LYS A 168 -32.33 -40.41 53.00
N GLN A 169 -32.87 -39.52 53.84
CA GLN A 169 -33.46 -38.26 53.33
C GLN A 169 -32.67 -37.02 53.79
N GLY A 170 -32.57 -36.03 52.89
CA GLY A 170 -31.83 -34.80 53.20
C GLY A 170 -31.72 -33.79 52.07
N ASN A 171 -31.28 -32.59 52.42
CA ASN A 171 -30.97 -31.57 51.42
C ASN A 171 -29.81 -32.04 50.53
N PHE A 172 -29.78 -31.59 49.29
CA PHE A 172 -28.74 -32.02 48.36
C PHE A 172 -27.38 -31.46 48.74
N LYS A 173 -26.54 -32.34 49.29
CA LYS A 173 -25.21 -31.97 49.78
C LYS A 173 -24.21 -31.70 48.67
N ASN A 174 -24.51 -32.11 47.44
CA ASN A 174 -23.56 -31.92 46.37
C ASN A 174 -24.20 -31.25 45.17
N LEU A 175 -23.41 -31.12 44.09
CA LEU A 175 -23.86 -30.63 42.79
C LEU A 175 -23.08 -31.28 41.64
N ARG A 176 -23.78 -31.51 40.55
CA ARG A 176 -23.18 -32.08 39.36
C ARG A 176 -23.69 -31.34 38.14
N GLU A 177 -22.73 -30.90 37.31
CA GLU A 177 -23.02 -30.26 36.04
C GLU A 177 -22.36 -31.01 34.89
N PHE A 178 -23.06 -31.09 33.77
CA PHE A 178 -22.53 -31.68 32.55
C PHE A 178 -22.94 -30.89 31.31
N VAL A 179 -22.07 -30.82 30.31
CA VAL A 179 -22.44 -30.20 29.04
C VAL A 179 -22.24 -31.21 27.92
N PHE A 180 -23.33 -31.75 27.38
CA PHE A 180 -23.21 -32.67 26.26
C PHE A 180 -23.18 -31.88 24.98
N LYS A 181 -22.28 -32.27 24.12
CA LYS A 181 -22.15 -31.63 22.82
C LYS A 181 -21.94 -32.62 21.69
N ASN A 182 -22.20 -32.17 20.47
CA ASN A 182 -22.00 -32.98 19.28
C ASN A 182 -21.40 -32.18 18.14
N ILE A 183 -20.10 -32.30 17.90
CA ILE A 183 -19.44 -31.45 16.90
C ILE A 183 -18.44 -32.20 16.04
N ASP A 184 -18.49 -31.93 14.75
CA ASP A 184 -17.57 -32.48 13.72
C ASP A 184 -17.27 -33.99 13.86
N GLY A 185 -18.31 -34.78 14.09
CA GLY A 185 -18.19 -36.24 14.23
C GLY A 185 -17.62 -36.70 15.57
N TYR A 186 -17.58 -35.80 16.53
CA TYR A 186 -17.11 -36.15 17.86
C TYR A 186 -18.15 -35.88 18.92
N PHE A 187 -18.41 -36.86 19.77
CA PHE A 187 -19.26 -36.64 20.90
C PHE A 187 -18.37 -36.27 22.07
N LYS A 188 -18.77 -35.24 22.81
CA LYS A 188 -17.97 -34.75 23.92
C LYS A 188 -18.82 -34.45 25.16
N ILE A 189 -18.15 -34.44 26.31
CA ILE A 189 -18.77 -34.25 27.62
C ILE A 189 -17.86 -33.42 28.53
N TYR A 190 -18.43 -32.65 29.45
CA TYR A 190 -17.65 -31.85 30.41
C TYR A 190 -18.29 -31.92 31.78
N SER A 191 -17.48 -31.91 32.85
CA SER A 191 -18.00 -32.05 34.21
C SER A 191 -17.33 -31.24 35.33
N LYS A 192 -18.11 -30.97 36.38
CA LYS A 192 -17.53 -30.44 37.62
C LYS A 192 -18.37 -30.81 38.84
N HIS A 193 -17.70 -31.19 39.92
CA HIS A 193 -18.43 -31.36 41.16
C HIS A 193 -18.33 -30.06 41.96
N THR A 194 -19.49 -29.47 42.27
CA THR A 194 -19.54 -28.30 43.14
C THR A 194 -20.19 -28.60 44.49
N PRO A 195 -19.50 -28.33 45.61
CA PRO A 195 -20.02 -28.48 46.95
C PRO A 195 -20.80 -27.24 47.38
N ILE A 196 -21.76 -26.84 46.56
CA ILE A 196 -22.63 -25.73 46.90
C ILE A 196 -23.46 -26.07 48.13
N ASN A 197 -23.68 -25.09 48.98
CA ASN A 197 -24.52 -25.29 50.16
C ASN A 197 -25.82 -24.48 50.19
N LEU A 198 -26.91 -25.19 50.43
CA LEU A 198 -28.26 -24.67 50.68
C LEU A 198 -28.87 -23.65 49.70
N VAL A 199 -28.72 -23.89 48.40
CA VAL A 199 -29.33 -22.99 47.42
C VAL A 199 -30.24 -23.79 46.49
N ARG A 200 -31.53 -23.44 46.46
CA ARG A 200 -32.51 -24.10 45.61
C ARG A 200 -32.20 -23.86 44.13
N ASP A 201 -31.88 -22.63 43.82
CA ASP A 201 -31.53 -22.20 42.46
C ASP A 201 -30.04 -22.47 42.19
N LEU A 202 -29.62 -22.27 40.96
CA LEU A 202 -28.24 -22.49 40.58
C LEU A 202 -27.43 -21.44 41.32
N PRO A 203 -26.29 -21.84 41.92
CA PRO A 203 -25.53 -20.96 42.83
C PRO A 203 -24.99 -19.71 42.19
N GLN A 204 -25.10 -18.57 42.87
CA GLN A 204 -24.44 -17.42 42.32
C GLN A 204 -22.95 -17.69 42.39
N GLY A 205 -22.26 -17.39 41.29
CA GLY A 205 -20.80 -17.50 41.22
C GLY A 205 -20.29 -18.00 39.88
N PHE A 206 -18.97 -18.22 39.82
CA PHE A 206 -18.34 -18.68 38.59
C PHE A 206 -17.53 -19.95 38.83
N SER A 207 -17.84 -20.99 38.07
CA SER A 207 -17.09 -22.25 38.14
C SER A 207 -16.93 -22.73 36.72
N VAL A 208 -15.82 -23.37 36.41
CA VAL A 208 -15.60 -23.79 35.03
C VAL A 208 -15.54 -25.29 34.87
N LEU A 209 -16.37 -25.81 33.98
CA LEU A 209 -16.38 -27.24 33.70
C LEU A 209 -15.05 -27.67 33.08
N GLU A 210 -14.60 -28.88 33.43
CA GLU A 210 -13.37 -29.43 32.91
C GLU A 210 -13.74 -30.64 32.06
N PRO A 211 -13.27 -30.71 30.80
CA PRO A 211 -13.61 -31.87 29.96
C PRO A 211 -13.26 -33.16 30.60
N LEU A 212 -14.17 -34.13 30.58
CA LEU A 212 -13.89 -35.45 31.12
C LEU A 212 -13.58 -36.48 30.04
N VAL A 213 -14.35 -36.52 28.97
CA VAL A 213 -14.16 -37.54 27.93
C VAL A 213 -14.46 -37.07 26.54
N ASP A 214 -13.79 -37.67 25.55
CA ASP A 214 -14.06 -37.36 24.16
C ASP A 214 -14.24 -38.64 23.42
N LEU A 215 -15.36 -38.77 22.72
CA LEU A 215 -15.61 -39.99 21.97
C LEU A 215 -15.89 -39.66 20.52
N PRO A 216 -15.22 -40.35 19.58
CA PRO A 216 -15.48 -40.09 18.20
C PRO A 216 -16.62 -40.98 17.69
N ILE A 217 -17.77 -40.38 17.40
CA ILE A 217 -18.95 -41.09 17.01
C ILE A 217 -19.66 -40.28 15.94
N GLY A 218 -20.43 -40.99 15.11
CA GLY A 218 -21.21 -40.37 14.07
C GLY A 218 -22.68 -40.30 14.38
N ILE A 219 -23.10 -40.76 15.54
CA ILE A 219 -24.51 -40.85 15.86
C ILE A 219 -25.15 -39.46 15.83
N ASN A 220 -26.33 -39.38 15.27
CA ASN A 220 -27.10 -38.15 15.25
C ASN A 220 -28.26 -38.26 16.23
N ILE A 221 -28.34 -37.39 17.21
CA ILE A 221 -29.37 -37.54 18.24
C ILE A 221 -30.27 -36.30 18.40
N THR A 222 -31.56 -36.46 18.10
CA THR A 222 -32.53 -35.37 18.23
C THR A 222 -32.86 -35.01 19.68
N ARG A 223 -33.02 -36.01 20.54
CA ARG A 223 -33.43 -35.77 21.92
C ARG A 223 -32.83 -36.73 22.95
N PHE A 224 -32.90 -36.35 24.22
CA PHE A 224 -32.30 -37.16 25.29
C PHE A 224 -33.20 -37.32 26.52
N GLN A 225 -32.89 -38.34 27.33
CA GLN A 225 -33.66 -38.68 28.52
C GLN A 225 -32.75 -38.92 29.71
N THR A 226 -33.32 -38.93 30.91
CA THR A 226 -32.57 -39.14 32.16
C THR A 226 -33.00 -40.43 32.88
N LEU A 227 -32.10 -40.99 33.69
CA LEU A 227 -32.38 -42.21 34.44
C LEU A 227 -32.61 -41.95 35.94
N LEU A 228 -33.65 -42.53 36.49
CA LEU A 228 -33.94 -42.38 37.91
C LEU A 228 -33.75 -43.67 38.67
N ALA A 229 -33.52 -43.51 39.96
CA ALA A 229 -33.35 -44.62 40.89
C ALA A 229 -34.60 -44.73 41.74
N LEU A 230 -35.36 -45.80 41.51
CA LEU A 230 -36.57 -46.04 42.30
C LEU A 230 -36.24 -46.66 43.68
N HIS A 231 -36.79 -46.10 44.75
CA HIS A 231 -36.35 -46.45 46.11
C HIS A 231 -37.28 -47.52 46.70
N ARG A 232 -37.31 -48.68 46.06
CA ARG A 232 -38.28 -49.73 46.41
C ARG A 232 -38.07 -50.26 47.82
N SER A 233 -39.17 -50.39 48.57
CA SER A 233 -39.15 -50.80 49.99
C SER A 233 -40.24 -51.84 50.31
N TYR A 234 -40.35 -52.20 51.59
CA TYR A 234 -41.36 -53.16 52.06
C TYR A 234 -42.78 -52.57 52.12
N LEU A 235 -42.87 -51.27 52.35
CA LEU A 235 -44.16 -50.56 52.45
C LEU A 235 -44.91 -50.44 51.12
N THR A 236 -44.16 -50.52 50.00
CA THR A 236 -44.71 -50.45 48.66
C THR A 236 -45.53 -51.72 48.32
N PRO A 237 -46.53 -51.60 47.40
CA PRO A 237 -47.38 -52.75 46.99
C PRO A 237 -46.62 -54.02 46.59
N GLY A 238 -45.52 -53.86 45.85
CA GLY A 238 -44.64 -54.98 45.47
C GLY A 238 -44.79 -55.43 44.03
N ASP A 239 -44.84 -54.47 43.11
CA ASP A 239 -44.90 -54.73 41.66
C ASP A 239 -44.19 -53.63 40.86
N SER A 240 -44.00 -53.89 39.56
CA SER A 240 -43.28 -52.97 38.68
C SER A 240 -44.10 -51.76 38.21
N SER A 241 -45.42 -51.80 38.40
CA SER A 241 -46.33 -50.72 37.97
C SER A 241 -46.70 -49.71 39.07
N SER A 242 -46.73 -50.15 40.31
CA SER A 242 -47.15 -49.29 41.42
C SER A 242 -46.23 -49.33 42.65
N GLY A 243 -45.27 -50.25 42.70
CA GLY A 243 -44.51 -50.46 43.92
C GLY A 243 -43.26 -49.62 43.93
N TRP A 244 -43.37 -48.39 44.41
CA TRP A 244 -42.21 -47.49 44.40
C TRP A 244 -42.47 -46.29 45.28
N THR A 245 -41.43 -45.80 45.95
CA THR A 245 -41.47 -44.58 46.75
C THR A 245 -40.10 -43.97 46.56
N ALA A 246 -39.93 -43.09 45.59
CA ALA A 246 -38.58 -42.65 45.20
C ALA A 246 -37.86 -41.73 46.20
N GLY A 247 -38.40 -40.52 46.37
CA GLY A 247 -37.80 -39.50 47.19
C GLY A 247 -37.44 -38.31 46.33
N ALA A 248 -36.70 -37.38 46.93
CA ALA A 248 -36.27 -36.16 46.26
C ALA A 248 -35.33 -36.38 45.06
N ALA A 249 -35.63 -35.65 43.98
CA ALA A 249 -34.75 -35.48 42.82
C ALA A 249 -35.02 -34.12 42.16
N ALA A 250 -34.01 -33.52 41.56
CA ALA A 250 -34.24 -32.26 40.84
C ALA A 250 -33.17 -32.15 39.79
N TYR A 251 -33.55 -31.76 38.58
CA TYR A 251 -32.57 -31.54 37.54
C TYR A 251 -33.06 -30.48 36.58
N TYR A 252 -32.12 -29.70 36.05
CA TYR A 252 -32.37 -28.56 35.15
C TYR A 252 -31.65 -28.68 33.80
N VAL A 253 -32.35 -28.46 32.69
CA VAL A 253 -31.73 -28.54 31.38
C VAL A 253 -31.73 -27.20 30.65
N GLY A 254 -30.56 -26.78 30.20
CA GLY A 254 -30.42 -25.53 29.45
C GLY A 254 -29.69 -25.75 28.14
N TYR A 255 -30.26 -25.23 27.05
CA TYR A 255 -29.66 -25.38 25.72
C TYR A 255 -28.45 -24.50 25.48
N LEU A 256 -27.66 -24.87 24.50
CA LEU A 256 -26.41 -24.19 24.13
C LEU A 256 -26.51 -23.64 22.72
N GLN A 257 -26.14 -22.35 22.56
CA GLN A 257 -26.17 -21.71 21.25
C GLN A 257 -24.82 -21.05 20.99
N PRO A 258 -24.45 -20.90 19.71
CA PRO A 258 -23.15 -20.27 19.44
C PRO A 258 -23.11 -18.83 19.99
N ARG A 259 -22.12 -18.55 20.83
CA ARG A 259 -21.92 -17.24 21.42
C ARG A 259 -20.43 -17.03 21.59
N THR A 260 -20.00 -15.78 21.71
CA THR A 260 -18.61 -15.50 21.92
C THR A 260 -18.42 -15.14 23.36
N PHE A 261 -17.52 -15.83 24.04
CA PHE A 261 -17.19 -15.49 25.41
C PHE A 261 -15.79 -14.96 25.51
N LEU A 262 -15.62 -13.87 26.24
CA LEU A 262 -14.30 -13.39 26.53
C LEU A 262 -13.98 -14.13 27.81
N LEU A 263 -13.01 -15.02 27.80
CA LEU A 263 -12.71 -15.73 29.04
C LEU A 263 -11.42 -15.27 29.69
N LYS A 264 -11.53 -14.80 30.92
CA LYS A 264 -10.32 -14.43 31.67
C LYS A 264 -9.58 -15.66 32.06
N TYR A 265 -8.26 -15.63 31.94
CA TYR A 265 -7.43 -16.73 32.35
C TYR A 265 -6.55 -16.31 33.51
N ASN A 266 -6.56 -17.09 34.59
CA ASN A 266 -5.73 -16.81 35.76
C ASN A 266 -4.29 -17.23 35.54
N GLU A 267 -3.39 -16.83 36.44
CA GLU A 267 -1.99 -17.18 36.32
C GLU A 267 -1.80 -18.69 36.24
N ASN A 268 -2.50 -19.42 37.09
CA ASN A 268 -2.43 -20.88 37.06
C ASN A 268 -3.09 -21.39 35.77
N GLY A 269 -4.19 -20.76 35.38
CA GLY A 269 -4.91 -21.07 34.14
C GLY A 269 -6.35 -21.39 34.35
N THR A 270 -6.77 -21.54 35.60
CA THR A 270 -8.18 -21.74 35.87
C THR A 270 -8.92 -20.54 35.33
N ILE A 271 -10.06 -20.75 34.67
CA ILE A 271 -10.79 -19.60 34.15
C ILE A 271 -11.59 -18.98 35.29
N THR A 272 -11.04 -18.00 35.96
CA THR A 272 -11.68 -17.46 37.17
C THR A 272 -12.94 -16.67 36.84
N ASP A 273 -12.86 -15.89 35.78
CA ASP A 273 -14.00 -15.09 35.36
C ASP A 273 -14.14 -14.97 33.85
N ALA A 274 -15.38 -14.83 33.40
CA ALA A 274 -15.75 -14.69 31.98
C ALA A 274 -16.92 -13.73 31.77
N VAL A 275 -16.83 -12.96 30.69
CA VAL A 275 -17.83 -11.97 30.33
C VAL A 275 -18.39 -12.32 28.94
N ASP A 276 -19.71 -12.30 28.80
CA ASP A 276 -20.34 -12.62 27.53
C ASP A 276 -20.54 -11.36 26.70
N CYS A 277 -19.90 -11.35 25.54
CA CYS A 277 -19.94 -10.19 24.66
C CYS A 277 -21.34 -9.98 24.04
N ALA A 278 -21.96 -11.08 23.61
CA ALA A 278 -23.25 -11.03 22.92
C ALA A 278 -24.46 -10.61 23.76
N LEU A 279 -24.47 -11.00 25.04
CA LEU A 279 -25.62 -10.81 25.92
C LEU A 279 -26.10 -9.41 26.25
N ASP A 280 -25.20 -8.47 26.49
CA ASP A 280 -25.62 -7.15 26.92
C ASP A 280 -25.01 -6.05 26.11
N PRO A 281 -25.63 -4.87 26.10
CA PRO A 281 -25.02 -3.78 25.35
C PRO A 281 -23.66 -3.43 25.96
N LEU A 282 -23.62 -3.41 27.29
CA LEU A 282 -22.42 -3.21 28.06
C LEU A 282 -21.39 -4.29 27.76
N SER A 283 -21.89 -5.52 27.74
CA SER A 283 -21.05 -6.69 27.52
C SER A 283 -20.39 -6.67 26.16
N GLU A 284 -21.10 -6.20 25.15
CA GLU A 284 -20.56 -6.10 23.80
C GLU A 284 -19.38 -5.13 23.74
N THR A 285 -19.45 -4.06 24.51
CA THR A 285 -18.37 -3.08 24.61
C THR A 285 -17.10 -3.72 25.10
N LYS A 286 -17.22 -4.59 26.09
CA LYS A 286 -16.06 -5.27 26.65
C LYS A 286 -15.32 -6.09 25.59
N CYS A 287 -16.04 -6.81 24.74
CA CYS A 287 -15.35 -7.53 23.68
C CYS A 287 -14.57 -6.67 22.76
N THR A 288 -15.17 -5.56 22.35
CA THR A 288 -14.48 -4.64 21.47
C THR A 288 -13.28 -4.05 22.19
N LEU A 289 -13.49 -3.72 23.47
CA LEU A 289 -12.46 -3.18 24.33
C LEU A 289 -11.37 -4.19 24.69
N LYS A 290 -11.74 -5.48 24.68
CA LYS A 290 -10.85 -6.59 24.99
C LYS A 290 -10.24 -6.48 26.39
N SER A 291 -11.09 -6.09 27.34
CA SER A 291 -10.71 -5.96 28.74
C SER A 291 -11.94 -6.06 29.63
N PHE A 292 -11.75 -6.64 30.81
CA PHE A 292 -12.86 -6.86 31.75
C PHE A 292 -13.38 -5.57 32.33
N THR A 293 -12.48 -4.62 32.58
CA THR A 293 -12.85 -3.33 33.14
C THR A 293 -12.73 -2.23 32.10
N VAL A 294 -13.76 -1.42 32.00
CA VAL A 294 -13.85 -0.31 31.07
C VAL A 294 -13.95 1.07 31.69
N GLU A 295 -13.11 1.96 31.24
CA GLU A 295 -13.09 3.35 31.70
C GLU A 295 -14.26 4.09 31.06
N LYS A 296 -14.67 5.19 31.70
CA LYS A 296 -15.72 6.07 31.19
C LYS A 296 -15.38 6.59 29.82
N GLY A 297 -16.31 6.48 28.87
CA GLY A 297 -16.10 7.02 27.54
C GLY A 297 -17.15 6.52 26.58
N ILE A 298 -16.94 6.79 25.30
CA ILE A 298 -17.83 6.33 24.26
C ILE A 298 -17.08 5.36 23.39
N TYR A 299 -17.66 4.20 23.13
CA TYR A 299 -16.97 3.18 22.34
C TYR A 299 -17.89 2.67 21.27
N GLN A 300 -17.42 2.54 20.03
CA GLN A 300 -18.27 1.99 18.97
C GLN A 300 -17.97 0.50 18.85
N THR A 301 -19.00 -0.32 19.03
CA THR A 301 -18.79 -1.77 19.03
C THR A 301 -19.17 -2.51 17.76
N SER A 302 -20.37 -2.26 17.23
CA SER A 302 -20.85 -3.01 16.08
C SER A 302 -21.76 -2.19 15.16
N ASN A 303 -21.74 -2.54 13.90
CA ASN A 303 -22.60 -1.91 12.89
C ASN A 303 -24.02 -2.41 13.06
N PHE A 304 -25.02 -1.59 12.75
CA PHE A 304 -26.42 -1.98 12.90
C PHE A 304 -27.05 -1.95 11.52
N ARG A 305 -27.57 -3.06 11.04
CA ARG A 305 -28.10 -3.12 9.69
C ARG A 305 -29.44 -3.82 9.72
N VAL A 306 -30.41 -3.24 9.02
CA VAL A 306 -31.73 -3.84 8.97
C VAL A 306 -31.71 -5.04 8.03
N GLN A 307 -32.56 -6.01 8.33
CA GLN A 307 -32.72 -7.16 7.50
C GLN A 307 -34.03 -7.08 6.75
N PRO A 308 -33.99 -7.38 5.43
CA PRO A 308 -35.18 -7.14 4.60
C PRO A 308 -36.33 -8.05 5.01
N THR A 309 -37.52 -7.47 5.12
CA THR A 309 -38.69 -8.20 5.58
C THR A 309 -39.15 -9.29 4.62
N GLU A 310 -39.16 -9.01 3.32
CA GLU A 310 -39.60 -10.00 2.33
C GLU A 310 -38.74 -9.99 1.08
N SER A 311 -38.65 -11.14 0.41
CA SER A 311 -37.93 -11.22 -0.86
C SER A 311 -38.96 -11.14 -1.96
N ILE A 312 -38.77 -10.18 -2.86
CA ILE A 312 -39.72 -9.95 -3.94
C ILE A 312 -39.05 -10.21 -5.27
N VAL A 313 -39.65 -11.09 -6.06
CA VAL A 313 -39.15 -11.42 -7.39
C VAL A 313 -40.14 -10.93 -8.40
N ARG A 314 -39.69 -10.15 -9.38
CA ARG A 314 -40.61 -9.63 -10.39
C ARG A 314 -40.06 -9.90 -11.77
N PHE A 315 -40.03 -11.17 -12.14
CA PHE A 315 -39.60 -11.62 -13.47
C PHE A 315 -40.65 -11.31 -14.50
N PRO A 316 -40.29 -11.36 -15.81
CA PRO A 316 -41.22 -11.09 -16.91
C PRO A 316 -42.40 -12.01 -16.83
N ASN A 317 -43.58 -11.54 -17.25
CA ASN A 317 -44.83 -12.31 -17.03
C ASN A 317 -45.14 -13.23 -18.21
N ILE A 318 -44.24 -13.27 -19.18
CA ILE A 318 -44.32 -14.13 -20.33
C ILE A 318 -44.51 -15.62 -19.97
N THR A 319 -45.51 -16.14 -20.66
CA THR A 319 -45.93 -17.55 -20.62
C THR A 319 -45.17 -18.44 -21.60
N ASN A 320 -44.88 -17.91 -22.78
CA ASN A 320 -44.24 -18.65 -23.85
C ASN A 320 -42.91 -19.22 -23.40
N LEU A 321 -42.67 -20.49 -23.71
CA LEU A 321 -41.47 -21.15 -23.25
C LEU A 321 -40.53 -21.43 -24.40
N CYS A 322 -39.27 -21.08 -24.17
CA CYS A 322 -38.15 -21.36 -25.04
C CYS A 322 -37.99 -22.87 -25.25
N PRO A 323 -37.70 -23.31 -26.48
CA PRO A 323 -37.59 -24.73 -26.77
C PRO A 323 -36.17 -25.21 -27.07
N PHE A 324 -35.70 -26.21 -26.35
CA PHE A 324 -34.35 -26.72 -26.58
C PHE A 324 -34.31 -28.07 -27.30
N GLY A 325 -35.47 -28.66 -27.57
CA GLY A 325 -35.50 -29.96 -28.26
C GLY A 325 -35.24 -29.85 -29.75
N GLU A 326 -35.89 -28.88 -30.39
CA GLU A 326 -35.72 -28.66 -31.83
C GLU A 326 -34.25 -28.44 -32.18
N VAL A 327 -33.46 -28.07 -31.18
CA VAL A 327 -32.03 -27.85 -31.37
C VAL A 327 -31.21 -29.04 -30.91
N PHE A 328 -31.70 -29.74 -29.90
CA PHE A 328 -31.02 -30.92 -29.36
C PHE A 328 -31.45 -32.18 -30.07
N ASN A 329 -32.75 -32.37 -30.21
CA ASN A 329 -33.31 -33.57 -30.81
C ASN A 329 -33.86 -33.26 -32.22
N ALA A 330 -32.96 -33.02 -33.15
CA ALA A 330 -33.31 -32.62 -34.52
C ALA A 330 -33.04 -33.78 -35.47
N THR A 331 -33.11 -33.50 -36.77
CA THR A 331 -32.84 -34.51 -37.79
C THR A 331 -31.34 -34.74 -37.97
N ARG A 332 -30.65 -33.77 -38.58
CA ARG A 332 -29.22 -33.88 -38.84
C ARG A 332 -28.55 -32.50 -38.92
N PHE A 333 -27.65 -32.24 -37.98
CA PHE A 333 -26.89 -31.00 -37.97
C PHE A 333 -26.07 -30.84 -39.24
N ALA A 334 -25.23 -29.81 -39.26
CA ALA A 334 -24.31 -29.57 -40.36
C ALA A 334 -22.87 -29.96 -39.98
N SER A 335 -21.96 -29.71 -40.92
CA SER A 335 -20.54 -30.00 -40.71
C SER A 335 -19.94 -29.08 -39.65
N VAL A 336 -18.86 -29.54 -39.04
CA VAL A 336 -18.20 -28.82 -37.96
C VAL A 336 -17.58 -27.48 -38.40
N TYR A 337 -17.36 -27.32 -39.70
CA TYR A 337 -16.88 -26.05 -40.24
C TYR A 337 -18.04 -25.10 -40.60
N ALA A 338 -19.26 -25.58 -40.38
CA ALA A 338 -20.49 -24.85 -40.63
C ALA A 338 -21.40 -25.02 -39.41
N TRP A 339 -21.67 -23.93 -38.72
CA TRP A 339 -22.47 -23.97 -37.48
C TRP A 339 -23.67 -23.07 -37.59
N ASN A 340 -24.72 -23.38 -36.83
CA ASN A 340 -25.98 -22.64 -36.90
C ASN A 340 -26.35 -21.99 -35.58
N ARG A 341 -26.30 -20.67 -35.53
CA ARG A 341 -26.70 -19.95 -34.33
C ARG A 341 -28.21 -19.82 -34.28
N LYS A 342 -28.87 -20.76 -33.61
CA LYS A 342 -30.30 -20.64 -33.37
C LYS A 342 -30.50 -19.73 -32.17
N ARG A 343 -30.66 -18.45 -32.47
CA ARG A 343 -30.82 -17.44 -31.42
C ARG A 343 -32.14 -17.63 -30.67
N ILE A 344 -32.07 -17.56 -29.35
CA ILE A 344 -33.24 -17.74 -28.51
C ILE A 344 -33.54 -16.44 -27.77
N SER A 345 -34.80 -16.03 -27.81
CA SER A 345 -35.23 -14.80 -27.15
C SER A 345 -36.72 -14.85 -26.89
N ASN A 346 -37.15 -14.04 -25.92
CA ASN A 346 -38.55 -13.84 -25.58
C ASN A 346 -39.29 -15.15 -25.24
N CYS A 347 -38.83 -15.83 -24.19
CA CYS A 347 -39.55 -17.02 -23.68
C CYS A 347 -39.00 -17.32 -22.26
N VAL A 348 -39.51 -18.38 -21.64
CA VAL A 348 -39.08 -18.77 -20.29
C VAL A 348 -38.48 -20.17 -20.36
N ALA A 349 -37.21 -20.27 -20.03
CA ALA A 349 -36.46 -21.51 -20.16
C ALA A 349 -36.58 -22.41 -18.91
N ASP A 350 -36.00 -23.59 -19.01
CA ASP A 350 -35.78 -24.46 -17.87
C ASP A 350 -34.59 -25.36 -18.15
N TYR A 351 -33.87 -25.71 -17.10
CA TYR A 351 -32.65 -26.49 -17.21
C TYR A 351 -32.58 -27.76 -16.38
N SER A 352 -33.45 -27.92 -15.38
CA SER A 352 -33.47 -29.17 -14.60
C SER A 352 -33.86 -30.37 -15.46
N VAL A 353 -34.76 -30.14 -16.40
CA VAL A 353 -35.19 -31.15 -17.38
C VAL A 353 -34.04 -31.64 -18.26
N LEU A 354 -33.01 -30.82 -18.40
CA LEU A 354 -31.85 -31.17 -19.22
C LEU A 354 -30.75 -31.87 -18.43
N TYR A 355 -31.12 -32.53 -17.34
CA TYR A 355 -30.15 -33.18 -16.45
C TYR A 355 -30.31 -34.68 -16.32
N ASN A 356 -31.50 -35.20 -16.62
CA ASN A 356 -31.79 -36.61 -16.38
C ASN A 356 -32.28 -37.36 -17.61
N SER A 357 -33.03 -36.68 -18.49
CA SER A 357 -33.62 -37.33 -19.66
C SER A 357 -32.55 -37.89 -20.59
N ALA A 358 -31.52 -37.10 -20.83
CA ALA A 358 -30.37 -37.53 -21.63
C ALA A 358 -29.11 -37.44 -20.76
N SER A 359 -28.58 -38.59 -20.41
CA SER A 359 -27.32 -38.65 -19.65
C SER A 359 -26.15 -38.23 -20.54
N PHE A 360 -25.82 -36.94 -20.49
CA PHE A 360 -24.77 -36.39 -21.32
C PHE A 360 -23.39 -36.86 -20.87
N SER A 361 -22.53 -37.19 -21.83
CA SER A 361 -21.19 -37.68 -21.54
C SER A 361 -20.36 -36.64 -20.81
N THR A 362 -20.45 -35.39 -21.25
CA THR A 362 -19.72 -34.29 -20.64
C THR A 362 -20.66 -33.11 -20.43
N PHE A 363 -20.44 -32.40 -19.33
CA PHE A 363 -21.23 -31.23 -19.00
C PHE A 363 -20.36 -30.29 -18.17
N LYS A 364 -19.74 -29.34 -18.87
CA LYS A 364 -18.79 -28.41 -18.26
C LYS A 364 -19.33 -26.99 -18.39
N CYS A 365 -19.91 -26.50 -17.30
CA CYS A 365 -20.49 -25.16 -17.26
C CYS A 365 -19.41 -24.14 -16.90
N TYR A 366 -18.92 -23.42 -17.89
CA TYR A 366 -17.91 -22.38 -17.69
C TYR A 366 -18.51 -21.05 -17.27
N GLY A 367 -17.78 -20.32 -16.43
CA GLY A 367 -18.22 -19.01 -15.98
C GLY A 367 -19.52 -19.02 -15.20
N VAL A 368 -20.14 -20.20 -15.04
CA VAL A 368 -21.40 -20.27 -14.35
C VAL A 368 -21.73 -21.68 -13.88
N SER A 369 -21.78 -21.86 -12.57
CA SER A 369 -22.15 -23.15 -12.01
C SER A 369 -23.56 -23.49 -12.47
N PRO A 370 -23.70 -24.60 -13.20
CA PRO A 370 -24.98 -25.06 -13.73
C PRO A 370 -26.17 -24.96 -12.77
N THR A 371 -26.10 -25.58 -11.60
CA THR A 371 -27.24 -25.64 -10.69
C THR A 371 -27.95 -24.31 -10.44
N LYS A 372 -27.26 -23.20 -10.60
CA LYS A 372 -27.84 -21.88 -10.34
C LYS A 372 -28.42 -21.22 -11.59
N LEU A 373 -28.38 -21.89 -12.73
CA LEU A 373 -28.88 -21.34 -13.99
C LEU A 373 -30.36 -20.97 -14.00
N ASN A 374 -31.12 -21.47 -13.02
CA ASN A 374 -32.55 -21.22 -12.95
C ASN A 374 -32.93 -19.82 -12.51
N ASP A 375 -32.09 -19.21 -11.67
CA ASP A 375 -32.51 -18.00 -10.96
C ASP A 375 -31.75 -16.73 -11.36
N LEU A 376 -31.49 -16.58 -12.66
CA LEU A 376 -31.00 -15.33 -13.20
C LEU A 376 -31.38 -15.18 -14.66
N CYS A 377 -31.67 -13.96 -15.05
CA CYS A 377 -32.11 -13.67 -16.40
C CYS A 377 -31.02 -13.09 -17.26
N PHE A 378 -30.72 -13.81 -18.36
CA PHE A 378 -29.59 -13.53 -19.23
C PHE A 378 -30.00 -12.57 -20.35
N THR A 379 -29.14 -12.43 -21.35
CA THR A 379 -29.42 -11.62 -22.53
C THR A 379 -28.94 -12.32 -23.78
N ASN A 380 -29.86 -12.55 -24.71
CA ASN A 380 -29.55 -13.03 -26.05
C ASN A 380 -28.74 -14.34 -26.05
N VAL A 381 -29.40 -15.38 -25.58
CA VAL A 381 -28.83 -16.71 -25.55
C VAL A 381 -28.58 -17.21 -26.97
N TYR A 382 -27.40 -17.77 -27.21
CA TYR A 382 -27.05 -18.39 -28.47
C TYR A 382 -26.80 -19.87 -28.30
N ALA A 383 -27.29 -20.66 -29.25
CA ALA A 383 -27.03 -22.10 -29.30
C ALA A 383 -26.22 -22.44 -30.55
N ASP A 384 -25.30 -23.40 -30.40
CA ASP A 384 -24.47 -23.87 -31.51
C ASP A 384 -24.57 -25.38 -31.63
N SER A 385 -24.32 -25.92 -32.83
CA SER A 385 -24.45 -27.35 -33.07
C SER A 385 -23.59 -27.81 -34.22
N PHE A 386 -22.91 -28.94 -34.04
CA PHE A 386 -22.12 -29.59 -35.09
C PHE A 386 -21.80 -31.01 -34.63
N VAL A 387 -20.97 -31.71 -35.42
CA VAL A 387 -20.55 -33.07 -35.10
C VAL A 387 -19.02 -33.14 -35.13
N ILE A 388 -18.46 -33.78 -34.11
CA ILE A 388 -17.01 -33.87 -33.94
C ILE A 388 -16.63 -35.26 -33.44
N ARG A 389 -15.35 -35.60 -33.57
CA ARG A 389 -14.83 -36.85 -33.04
C ARG A 389 -14.84 -36.84 -31.51
N GLY A 390 -14.81 -38.02 -30.91
CA GLY A 390 -14.91 -38.15 -29.46
C GLY A 390 -13.73 -37.59 -28.68
N ASP A 391 -12.55 -37.56 -29.28
CA ASP A 391 -11.35 -37.10 -28.57
C ASP A 391 -11.32 -35.59 -28.35
N GLU A 392 -11.74 -34.82 -29.35
CA GLU A 392 -11.61 -33.36 -29.27
C GLU A 392 -12.75 -32.67 -28.52
N VAL A 393 -13.60 -33.43 -27.85
CA VAL A 393 -14.62 -32.83 -27.01
C VAL A 393 -14.00 -32.10 -25.82
N ARG A 394 -12.92 -32.66 -25.28
CA ARG A 394 -12.12 -31.94 -24.29
C ARG A 394 -11.39 -30.76 -24.92
N GLN A 395 -11.10 -30.84 -26.22
CA GLN A 395 -10.34 -29.81 -26.92
C GLN A 395 -11.16 -28.53 -27.11
N ILE A 396 -12.48 -28.66 -27.21
CA ILE A 396 -13.35 -27.51 -27.39
C ILE A 396 -13.63 -26.89 -26.02
N ALA A 397 -12.66 -26.08 -25.57
CA ALA A 397 -12.75 -25.37 -24.30
C ALA A 397 -12.13 -23.99 -24.47
N PRO A 398 -12.57 -23.00 -23.67
CA PRO A 398 -11.99 -21.66 -23.79
C PRO A 398 -10.50 -21.64 -23.48
N GLY A 399 -9.77 -20.82 -24.23
CA GLY A 399 -8.35 -20.65 -24.01
C GLY A 399 -7.43 -21.69 -24.62
N GLN A 400 -7.56 -22.94 -24.19
CA GLN A 400 -6.66 -24.01 -24.67
C GLN A 400 -6.72 -24.19 -26.19
N THR A 401 -5.56 -24.48 -26.76
CA THR A 401 -5.41 -24.57 -28.21
C THR A 401 -5.90 -25.91 -28.74
N GLY A 402 -5.75 -26.10 -30.05
CA GLY A 402 -6.17 -27.33 -30.71
C GLY A 402 -6.36 -27.11 -32.19
N LYS A 403 -6.26 -28.20 -32.94
CA LYS A 403 -6.38 -28.16 -34.39
C LYS A 403 -7.76 -27.64 -34.83
N ILE A 404 -8.80 -28.39 -34.49
CA ILE A 404 -10.17 -27.98 -34.81
C ILE A 404 -10.58 -26.72 -34.05
N ALA A 405 -9.94 -26.48 -32.90
CA ALA A 405 -10.20 -25.28 -32.12
C ALA A 405 -9.53 -24.03 -32.74
N ASP A 406 -8.54 -24.25 -33.61
CA ASP A 406 -7.88 -23.15 -34.32
C ASP A 406 -8.33 -23.00 -35.77
N TYR A 407 -8.99 -24.01 -36.30
CA TYR A 407 -9.43 -24.00 -37.69
C TYR A 407 -10.94 -23.98 -37.91
N ASN A 408 -11.71 -24.36 -36.90
CA ASN A 408 -13.16 -24.46 -37.06
C ASN A 408 -13.95 -23.58 -36.10
N TYR A 409 -13.64 -23.65 -34.81
CA TYR A 409 -14.44 -22.97 -33.80
C TYR A 409 -13.57 -22.56 -32.63
N LYS A 410 -13.24 -21.28 -32.57
CA LYS A 410 -12.42 -20.74 -31.50
C LYS A 410 -13.27 -19.98 -30.48
N LEU A 411 -13.41 -20.55 -29.29
CA LEU A 411 -14.16 -19.89 -28.24
C LEU A 411 -13.36 -18.74 -27.63
N PRO A 412 -14.07 -17.76 -27.06
CA PRO A 412 -13.39 -16.67 -26.39
C PRO A 412 -12.71 -17.09 -25.09
N ASP A 413 -11.70 -16.32 -24.69
CA ASP A 413 -10.94 -16.62 -23.48
C ASP A 413 -11.75 -16.52 -22.20
N ASP A 414 -12.88 -15.81 -22.24
CA ASP A 414 -13.75 -15.64 -21.08
C ASP A 414 -15.18 -16.08 -21.40
N PHE A 415 -15.30 -17.16 -22.17
CA PHE A 415 -16.61 -17.66 -22.57
C PHE A 415 -17.45 -18.06 -21.36
N THR A 416 -18.74 -17.73 -21.41
CA THR A 416 -19.70 -18.13 -20.38
C THR A 416 -20.80 -18.97 -21.01
N GLY A 417 -21.18 -20.04 -20.32
CA GLY A 417 -22.17 -20.98 -20.80
C GLY A 417 -21.82 -22.40 -20.44
N CYS A 418 -22.62 -23.33 -20.95
CA CYS A 418 -22.42 -24.76 -20.70
C CYS A 418 -22.29 -25.50 -22.00
N VAL A 419 -21.27 -26.34 -22.10
CA VAL A 419 -21.03 -27.16 -23.27
C VAL A 419 -21.66 -28.54 -23.06
N ILE A 420 -22.41 -29.01 -24.06
CA ILE A 420 -23.14 -30.27 -23.97
C ILE A 420 -22.76 -31.13 -25.16
N ALA A 421 -22.36 -32.38 -24.91
CA ALA A 421 -21.97 -33.31 -25.95
C ALA A 421 -22.37 -34.73 -25.56
N TRP A 422 -23.43 -35.24 -26.18
CA TRP A 422 -23.87 -36.61 -25.98
C TRP A 422 -23.34 -37.52 -27.10
N ASN A 423 -23.27 -38.81 -26.81
CA ASN A 423 -22.86 -39.80 -27.77
C ASN A 423 -23.80 -39.91 -28.94
N SER A 424 -23.24 -40.02 -30.14
CA SER A 424 -24.03 -40.21 -31.35
C SER A 424 -23.78 -41.57 -32.02
N ASN A 425 -23.17 -42.50 -31.29
CA ASN A 425 -22.82 -43.80 -31.84
C ASN A 425 -24.04 -44.68 -32.13
N ASN A 426 -25.07 -44.55 -31.29
CA ASN A 426 -26.28 -45.38 -31.42
C ASN A 426 -27.00 -45.15 -32.75
N LEU A 427 -27.09 -43.89 -33.17
CA LEU A 427 -27.88 -43.54 -34.36
C LEU A 427 -27.03 -42.94 -35.46
N ASP A 428 -26.26 -41.91 -35.14
CA ASP A 428 -25.47 -41.20 -36.13
C ASP A 428 -24.10 -41.84 -36.37
N SER A 429 -24.14 -43.12 -36.72
CA SER A 429 -22.94 -43.90 -37.00
C SER A 429 -23.30 -45.08 -37.90
N LYS A 430 -23.93 -44.78 -39.04
CA LYS A 430 -24.38 -45.80 -39.99
C LYS A 430 -23.23 -46.73 -40.42
N VAL A 431 -23.54 -48.02 -40.50
CA VAL A 431 -22.59 -49.05 -40.94
C VAL A 431 -21.95 -48.72 -42.30
N GLY A 432 -22.76 -48.28 -43.25
CA GLY A 432 -22.28 -47.90 -44.57
C GLY A 432 -21.19 -46.85 -44.48
N GLY A 433 -21.43 -45.85 -43.63
CA GLY A 433 -20.48 -44.77 -43.41
C GLY A 433 -21.12 -43.40 -43.39
N ASN A 434 -20.88 -42.67 -42.33
CA ASN A 434 -21.32 -41.28 -42.22
C ASN A 434 -20.23 -40.35 -42.73
N TYR A 435 -20.41 -39.86 -43.96
CA TYR A 435 -19.41 -39.01 -44.60
C TYR A 435 -19.91 -37.58 -44.82
N ASN A 436 -20.95 -37.19 -44.09
CA ASN A 436 -21.52 -35.85 -44.19
C ASN A 436 -20.89 -34.86 -43.22
N TYR A 437 -19.91 -35.30 -42.43
CA TYR A 437 -19.32 -34.47 -41.39
C TYR A 437 -17.91 -34.08 -41.79
N LEU A 438 -17.71 -32.77 -41.98
CA LEU A 438 -16.43 -32.22 -42.42
C LEU A 438 -15.78 -31.37 -41.34
N TYR A 439 -14.47 -31.54 -41.21
CA TYR A 439 -13.64 -30.79 -40.29
C TYR A 439 -12.50 -30.18 -41.10
N ARG A 440 -12.23 -28.89 -40.91
CA ARG A 440 -11.19 -28.22 -41.69
C ARG A 440 -9.83 -28.88 -41.46
N LEU A 441 -9.19 -29.26 -42.57
CA LEU A 441 -7.85 -29.81 -42.55
C LEU A 441 -6.80 -28.73 -42.28
N PHE A 442 -6.96 -27.58 -42.93
CA PHE A 442 -6.00 -26.46 -42.84
C PHE A 442 -6.62 -25.07 -42.98
N ARG A 443 -5.85 -24.06 -42.58
CA ARG A 443 -6.22 -22.65 -42.71
C ARG A 443 -4.97 -21.77 -42.68
N LYS A 444 -5.04 -20.62 -43.33
CA LYS A 444 -3.95 -19.65 -43.34
C LYS A 444 -3.57 -19.15 -41.96
N SER A 445 -4.58 -18.84 -41.16
CA SER A 445 -4.38 -18.34 -39.80
C SER A 445 -5.41 -18.97 -38.87
N ASN A 446 -5.39 -18.55 -37.61
CA ASN A 446 -6.33 -19.05 -36.62
C ASN A 446 -7.69 -18.39 -36.73
N LEU A 447 -8.60 -18.81 -35.87
CA LEU A 447 -9.95 -18.25 -35.84
C LEU A 447 -10.13 -17.18 -34.78
N LYS A 448 -11.37 -16.71 -34.68
CA LYS A 448 -11.76 -15.71 -33.71
C LYS A 448 -12.89 -16.24 -32.85
N PRO A 449 -13.05 -15.69 -31.62
CA PRO A 449 -14.18 -16.08 -30.79
C PRO A 449 -15.50 -15.99 -31.56
N PHE A 450 -16.25 -17.09 -31.54
CA PHE A 450 -17.56 -17.24 -32.21
C PHE A 450 -17.51 -16.80 -33.66
N GLU A 451 -16.70 -17.51 -34.44
CA GLU A 451 -16.50 -17.18 -35.86
C GLU A 451 -16.76 -18.43 -36.71
N ARG A 452 -17.33 -18.20 -37.90
CA ARG A 452 -17.64 -19.25 -38.84
C ARG A 452 -17.12 -18.90 -40.24
N ASP A 453 -16.54 -19.90 -40.89
CA ASP A 453 -16.14 -19.80 -42.30
C ASP A 453 -16.81 -20.91 -43.10
N ILE A 454 -17.28 -20.56 -44.28
CA ILE A 454 -18.04 -21.45 -45.14
C ILE A 454 -17.33 -21.72 -46.47
N SER A 455 -16.74 -20.68 -47.05
CA SER A 455 -16.08 -20.74 -48.37
C SER A 455 -14.82 -21.60 -48.45
N THR A 456 -14.42 -21.95 -49.65
CA THR A 456 -13.43 -22.99 -49.77
C THR A 456 -12.49 -22.75 -50.92
N GLU A 457 -11.21 -22.90 -50.62
CA GLU A 457 -10.16 -22.90 -51.61
C GLU A 457 -9.16 -23.96 -51.24
N ILE A 458 -8.49 -24.53 -52.23
CA ILE A 458 -7.48 -25.54 -51.97
C ILE A 458 -6.32 -24.80 -51.31
N TYR A 459 -5.75 -25.36 -50.24
CA TYR A 459 -4.65 -24.65 -49.60
C TYR A 459 -3.49 -24.52 -50.57
N GLN A 460 -2.97 -23.30 -50.69
CA GLN A 460 -1.84 -22.99 -51.53
C GLN A 460 -0.81 -22.22 -50.71
N ALA A 461 0.44 -22.66 -50.82
CA ALA A 461 1.56 -22.06 -50.09
C ALA A 461 2.46 -21.29 -51.05
N GLY A 462 2.67 -20.01 -50.75
CA GLY A 462 3.53 -19.13 -51.56
C GLY A 462 3.10 -19.04 -53.00
N SER A 463 4.03 -19.34 -53.90
CA SER A 463 3.78 -19.29 -55.33
C SER A 463 3.26 -20.64 -55.87
N THR A 464 3.24 -20.78 -57.19
CA THR A 464 2.77 -22.01 -57.87
C THR A 464 1.37 -22.41 -57.40
N PRO A 465 0.39 -21.49 -57.50
CA PRO A 465 -0.99 -21.75 -57.03
C PRO A 465 -1.58 -23.02 -57.68
N CYS A 466 -2.20 -23.86 -56.86
CA CYS A 466 -2.75 -25.14 -57.26
C CYS A 466 -3.84 -25.11 -58.33
N ASN A 467 -4.83 -24.24 -58.12
CA ASN A 467 -6.02 -24.14 -58.98
C ASN A 467 -6.71 -25.50 -59.13
N GLY A 468 -6.86 -26.19 -57.99
CA GLY A 468 -7.46 -27.50 -57.92
C GLY A 468 -6.59 -28.69 -58.33
N VAL A 469 -5.31 -28.45 -58.61
CA VAL A 469 -4.41 -29.52 -59.09
C VAL A 469 -4.08 -30.59 -58.03
N GLU A 470 -3.96 -30.18 -56.77
CA GLU A 470 -3.69 -31.08 -55.64
C GLU A 470 -2.35 -31.80 -55.77
N GLY A 471 -1.35 -31.14 -56.35
CA GLY A 471 -0.01 -31.74 -56.51
C GLY A 471 0.86 -31.30 -55.34
N PHE A 472 2.16 -31.30 -55.54
CA PHE A 472 3.07 -30.84 -54.49
C PHE A 472 2.73 -29.39 -54.11
N ASN A 473 2.66 -29.13 -52.80
CA ASN A 473 2.31 -27.84 -52.21
C ASN A 473 0.85 -27.42 -52.41
N CYS A 474 0.02 -28.38 -52.83
CA CYS A 474 -1.39 -28.24 -53.01
C CYS A 474 -2.09 -29.23 -52.13
N TYR A 475 -2.93 -28.77 -51.21
CA TYR A 475 -3.60 -29.68 -50.25
C TYR A 475 -5.08 -29.36 -50.18
N PHE A 476 -5.90 -30.39 -49.92
CA PHE A 476 -7.35 -30.19 -49.90
C PHE A 476 -7.86 -29.76 -48.52
N PRO A 477 -8.54 -28.59 -48.46
CA PRO A 477 -9.05 -28.02 -47.20
C PRO A 477 -10.12 -28.89 -46.51
N LEU A 478 -11.04 -29.40 -47.31
CA LEU A 478 -12.13 -30.27 -46.82
C LEU A 478 -11.60 -31.64 -46.37
N GLN A 479 -12.22 -32.20 -45.33
CA GLN A 479 -11.87 -33.50 -44.79
C GLN A 479 -13.11 -34.35 -44.54
N SER A 480 -13.00 -35.64 -44.79
CA SER A 480 -14.12 -36.56 -44.56
C SER A 480 -13.90 -37.61 -43.44
N TYR A 481 -14.91 -37.81 -42.62
CA TYR A 481 -14.85 -38.77 -41.53
C TYR A 481 -15.03 -40.19 -42.04
N GLY A 482 -14.76 -41.14 -41.15
CA GLY A 482 -14.99 -42.56 -41.42
C GLY A 482 -15.90 -43.17 -40.39
N PHE A 483 -16.97 -42.44 -40.03
CA PHE A 483 -17.87 -42.87 -38.97
C PHE A 483 -18.65 -44.12 -39.34
N GLN A 484 -18.55 -45.13 -38.48
CA GLN A 484 -19.19 -46.45 -38.59
C GLN A 484 -19.28 -46.98 -37.15
N PRO A 485 -20.17 -47.96 -36.89
CA PRO A 485 -20.28 -48.47 -35.51
C PRO A 485 -19.00 -49.09 -34.94
N THR A 486 -18.17 -49.66 -35.81
CA THR A 486 -17.04 -50.51 -35.41
C THR A 486 -15.78 -49.82 -34.89
N ASN A 487 -15.46 -48.63 -35.40
CA ASN A 487 -14.25 -47.95 -34.94
C ASN A 487 -14.19 -47.91 -33.40
N GLY A 488 -13.04 -47.48 -32.90
CA GLY A 488 -12.79 -47.35 -31.47
C GLY A 488 -13.68 -46.35 -30.77
N VAL A 489 -13.72 -46.44 -29.44
CA VAL A 489 -14.61 -45.62 -28.62
C VAL A 489 -14.28 -44.13 -28.79
N GLY A 490 -12.99 -43.80 -28.74
CA GLY A 490 -12.51 -42.44 -28.98
C GLY A 490 -12.83 -41.94 -30.38
N TYR A 491 -12.76 -42.83 -31.36
CA TYR A 491 -13.00 -42.47 -32.75
C TYR A 491 -14.48 -42.29 -33.09
N GLN A 492 -15.38 -42.67 -32.17
CA GLN A 492 -16.81 -42.50 -32.39
C GLN A 492 -17.16 -41.02 -32.50
N PRO A 493 -18.15 -40.67 -33.34
CA PRO A 493 -18.60 -39.30 -33.41
C PRO A 493 -19.44 -38.89 -32.20
N TYR A 494 -19.15 -37.71 -31.68
CA TYR A 494 -19.98 -37.08 -30.66
C TYR A 494 -20.60 -35.82 -31.22
N ARG A 495 -21.79 -35.49 -30.71
CA ARG A 495 -22.58 -34.37 -31.18
C ARG A 495 -22.61 -33.31 -30.09
N VAL A 496 -22.15 -32.10 -30.44
CA VAL A 496 -21.88 -31.04 -29.48
C VAL A 496 -22.89 -29.91 -29.62
N VAL A 497 -23.42 -29.46 -28.49
CA VAL A 497 -24.33 -28.31 -28.46
C VAL A 497 -23.77 -27.29 -27.48
N VAL A 498 -23.16 -26.24 -28.02
CA VAL A 498 -22.64 -25.16 -27.19
C VAL A 498 -23.73 -24.15 -26.90
N LEU A 499 -23.78 -23.67 -25.66
CA LEU A 499 -24.72 -22.64 -25.25
C LEU A 499 -23.96 -21.42 -24.78
N SER A 500 -24.24 -20.29 -25.40
CA SER A 500 -23.60 -19.03 -25.05
C SER A 500 -24.64 -17.97 -24.77
N PHE A 501 -24.30 -17.02 -23.91
CA PHE A 501 -25.13 -15.85 -23.67
C PHE A 501 -24.33 -14.66 -23.14
N GLU A 502 -24.75 -13.46 -23.48
CA GLU A 502 -24.17 -12.23 -22.90
C GLU A 502 -24.52 -12.11 -21.42
N LEU A 503 -23.58 -11.64 -20.62
CA LEU A 503 -23.73 -11.62 -19.16
C LEU A 503 -24.47 -10.39 -18.66
N LEU A 504 -25.80 -10.43 -18.81
CA LEU A 504 -26.71 -9.50 -18.13
C LEU A 504 -26.33 -8.03 -18.34
N HIS A 505 -26.40 -7.59 -19.60
CA HIS A 505 -26.07 -6.21 -19.96
C HIS A 505 -27.34 -5.35 -20.11
N ALA A 506 -28.26 -5.83 -20.95
CA ALA A 506 -29.55 -5.17 -21.14
C ALA A 506 -30.66 -5.95 -20.42
N PRO A 507 -31.75 -5.26 -20.00
CA PRO A 507 -32.89 -5.95 -19.39
C PRO A 507 -33.60 -6.84 -20.41
N ALA A 508 -33.00 -8.00 -20.68
CA ALA A 508 -33.59 -8.97 -21.59
C ALA A 508 -34.63 -9.81 -20.91
N THR A 509 -35.00 -10.88 -21.60
CA THR A 509 -36.20 -11.57 -21.29
C THR A 509 -35.98 -13.00 -20.85
N VAL A 510 -34.99 -13.64 -21.46
CA VAL A 510 -34.81 -15.06 -21.27
C VAL A 510 -34.34 -15.40 -19.86
N CYS A 511 -35.12 -16.21 -19.15
CA CYS A 511 -34.71 -16.88 -17.91
C CYS A 511 -35.79 -17.79 -17.42
N GLY A 512 -35.49 -18.52 -16.35
CA GLY A 512 -36.28 -19.66 -15.91
C GLY A 512 -37.51 -19.35 -15.08
N PRO A 513 -38.01 -20.36 -14.37
CA PRO A 513 -39.28 -20.23 -13.67
C PRO A 513 -39.18 -19.57 -12.30
N LYS A 514 -40.03 -18.57 -12.09
CA LYS A 514 -40.23 -17.97 -10.77
C LYS A 514 -41.70 -17.60 -10.60
N LYS A 515 -42.02 -16.89 -9.53
CA LYS A 515 -43.38 -16.39 -9.36
C LYS A 515 -43.36 -14.89 -9.24
N SER A 516 -44.16 -14.24 -10.05
CA SER A 516 -44.39 -12.83 -9.88
C SER A 516 -44.78 -12.60 -8.41
N THR A 517 -44.13 -11.65 -7.79
CA THR A 517 -44.43 -11.33 -6.40
C THR A 517 -45.05 -9.94 -6.39
N ASN A 518 -46.12 -9.77 -5.62
CA ASN A 518 -46.75 -8.48 -5.51
C ASN A 518 -45.74 -7.46 -4.98
N LEU A 519 -45.69 -6.32 -5.63
CA LEU A 519 -44.84 -5.24 -5.17
C LEU A 519 -45.12 -4.84 -3.75
N VAL A 520 -44.05 -4.67 -2.99
CA VAL A 520 -44.14 -4.17 -1.62
C VAL A 520 -43.33 -2.89 -1.51
N LYS A 521 -43.88 -1.93 -0.77
CA LYS A 521 -43.25 -0.61 -0.65
C LYS A 521 -43.12 -0.15 0.79
N ASN A 522 -42.04 0.59 1.06
CA ASN A 522 -41.77 1.23 2.36
C ASN A 522 -41.09 0.28 3.35
N LYS A 523 -40.78 -0.93 2.91
CA LYS A 523 -40.12 -1.90 3.77
C LYS A 523 -38.89 -2.43 3.06
N CYS A 524 -37.76 -2.46 3.76
CA CYS A 524 -36.55 -3.06 3.24
C CYS A 524 -36.86 -4.51 2.91
N VAL A 525 -36.61 -4.87 1.66
CA VAL A 525 -36.88 -6.25 1.19
C VAL A 525 -35.87 -6.57 0.09
N ASN A 526 -35.42 -7.80 -0.01
CA ASN A 526 -34.51 -8.19 -1.10
C ASN A 526 -35.26 -8.12 -2.42
N PHE A 527 -34.69 -7.48 -3.43
CA PHE A 527 -35.38 -7.37 -4.71
C PHE A 527 -34.56 -7.94 -5.87
N ASN A 528 -35.19 -8.76 -6.70
CA ASN A 528 -34.53 -9.33 -7.87
C ASN A 528 -35.27 -8.94 -9.12
N PHE A 529 -34.59 -8.26 -10.02
CA PHE A 529 -35.20 -7.86 -11.29
C PHE A 529 -34.31 -8.35 -12.42
N ASN A 530 -34.80 -9.28 -13.21
CA ASN A 530 -34.09 -9.78 -14.41
C ASN A 530 -32.66 -10.25 -14.12
N GLY A 531 -32.46 -10.96 -13.01
CA GLY A 531 -31.14 -11.39 -12.60
C GLY A 531 -30.28 -10.36 -11.87
N LEU A 532 -30.84 -9.19 -11.60
CA LEU A 532 -30.14 -8.15 -10.87
C LEU A 532 -30.74 -8.06 -9.48
N THR A 533 -29.91 -8.22 -8.47
CA THR A 533 -30.39 -8.21 -7.08
C THR A 533 -29.83 -7.07 -6.25
N GLY A 534 -30.73 -6.42 -5.51
CA GLY A 534 -30.34 -5.36 -4.60
C GLY A 534 -31.25 -5.40 -3.40
N THR A 535 -30.82 -4.75 -2.33
CA THR A 535 -31.61 -4.69 -1.12
C THR A 535 -31.87 -3.23 -0.77
N GLY A 536 -33.14 -2.90 -0.49
CA GLY A 536 -33.56 -1.51 -0.31
C GLY A 536 -35.02 -1.42 0.04
N VAL A 537 -35.48 -0.17 0.17
CA VAL A 537 -36.89 0.14 0.30
C VAL A 537 -37.35 0.67 -1.05
N LEU A 538 -38.43 0.16 -1.59
CA LEU A 538 -38.83 0.68 -2.91
C LEU A 538 -40.04 1.57 -2.78
N THR A 539 -39.88 2.82 -3.16
CA THR A 539 -40.99 3.77 -3.17
C THR A 539 -41.04 4.41 -4.55
N GLU A 540 -42.22 4.85 -4.94
CA GLU A 540 -42.36 5.49 -6.25
C GLU A 540 -41.46 6.71 -6.33
N SER A 541 -40.76 6.87 -7.44
CA SER A 541 -39.86 7.97 -7.65
C SER A 541 -40.46 8.96 -8.63
N ASN A 542 -40.49 10.23 -8.24
CA ASN A 542 -41.11 11.27 -9.04
C ASN A 542 -40.37 11.41 -10.37
N LYS A 543 -39.05 11.29 -10.31
CA LYS A 543 -38.23 11.57 -11.50
C LYS A 543 -38.83 10.92 -12.70
N LYS A 544 -38.92 11.67 -13.79
CA LYS A 544 -39.50 11.17 -15.03
C LYS A 544 -38.56 10.21 -15.72
N PHE A 545 -39.13 9.32 -16.52
CA PHE A 545 -38.34 8.34 -17.25
C PHE A 545 -38.65 8.36 -18.73
N LEU A 546 -37.61 8.22 -19.52
CA LEU A 546 -37.74 8.18 -20.98
C LEU A 546 -38.24 6.80 -21.33
N PRO A 547 -39.02 6.62 -22.43
CA PRO A 547 -39.59 5.31 -22.73
C PRO A 547 -38.55 4.23 -22.89
N PHE A 548 -37.43 4.56 -23.49
CA PHE A 548 -36.42 3.53 -23.72
C PHE A 548 -35.68 3.02 -22.48
N GLN A 549 -35.40 3.91 -21.56
CA GLN A 549 -34.55 3.58 -20.41
C GLN A 549 -35.22 2.57 -19.49
N GLN A 550 -34.44 1.59 -19.04
CA GLN A 550 -34.94 0.59 -18.09
C GLN A 550 -34.32 0.65 -16.70
N PHE A 551 -33.20 1.34 -16.54
CA PHE A 551 -32.54 1.47 -15.24
C PHE A 551 -32.16 2.91 -15.02
N GLY A 552 -32.18 3.33 -13.78
CA GLY A 552 -31.69 4.64 -13.38
C GLY A 552 -30.54 4.46 -12.42
N ARG A 553 -29.44 5.18 -12.62
CA ARG A 553 -28.32 5.10 -11.67
C ARG A 553 -27.86 6.43 -11.12
N ASP A 554 -27.23 6.33 -9.94
CA ASP A 554 -26.77 7.48 -9.16
C ASP A 554 -25.38 7.94 -9.60
N ILE A 555 -24.90 9.00 -8.98
CA ILE A 555 -23.59 9.62 -9.23
C ILE A 555 -22.43 8.68 -8.91
N ALA A 556 -22.68 7.79 -7.96
CA ALA A 556 -21.68 6.87 -7.45
C ALA A 556 -21.76 5.50 -8.14
N ASP A 557 -22.44 5.46 -9.28
CA ASP A 557 -22.64 4.27 -10.12
C ASP A 557 -23.32 3.11 -9.39
N THR A 558 -24.29 3.48 -8.57
CA THR A 558 -25.14 2.51 -7.89
C THR A 558 -26.54 2.83 -8.38
N THR A 559 -27.29 1.81 -8.79
CA THR A 559 -28.65 2.03 -9.28
C THR A 559 -29.54 2.65 -8.22
N ASP A 560 -30.18 3.78 -8.53
CA ASP A 560 -31.06 4.43 -7.57
C ASP A 560 -32.51 4.35 -7.98
N ALA A 561 -32.78 3.70 -9.11
CA ALA A 561 -34.13 3.53 -9.60
C ALA A 561 -34.28 2.28 -10.45
N VAL A 562 -35.52 1.81 -10.60
CA VAL A 562 -35.85 0.73 -11.51
C VAL A 562 -37.22 0.96 -12.14
N ARG A 563 -37.54 0.15 -13.14
CA ARG A 563 -38.85 0.15 -13.75
C ARG A 563 -39.46 -1.22 -13.47
N ASP A 564 -40.67 -1.27 -12.94
CA ASP A 564 -41.31 -2.55 -12.70
C ASP A 564 -41.48 -3.21 -14.06
N PRO A 565 -40.92 -4.42 -14.24
CA PRO A 565 -41.12 -5.01 -15.56
C PRO A 565 -42.60 -5.29 -15.86
N GLN A 566 -43.29 -5.87 -14.89
CA GLN A 566 -44.70 -6.21 -15.05
C GLN A 566 -45.62 -5.00 -14.97
N THR A 567 -45.34 -4.08 -14.06
CA THR A 567 -46.23 -2.95 -13.83
C THR A 567 -45.83 -1.64 -14.53
N LEU A 568 -44.66 -1.61 -15.15
CA LEU A 568 -44.16 -0.41 -15.84
C LEU A 568 -44.23 0.84 -14.96
N GLU A 569 -43.74 0.71 -13.73
CA GLU A 569 -43.72 1.82 -12.80
C GLU A 569 -42.33 2.10 -12.25
N ILE A 570 -42.12 3.34 -11.82
CA ILE A 570 -40.79 3.75 -11.38
C ILE A 570 -40.66 3.70 -9.87
N LEU A 571 -39.67 2.96 -9.41
CA LEU A 571 -39.44 2.77 -7.98
C LEU A 571 -38.06 3.27 -7.67
N ASP A 572 -37.90 4.04 -6.60
CA ASP A 572 -36.61 4.57 -6.22
C ASP A 572 -36.01 3.67 -5.14
N ILE A 573 -34.74 3.32 -5.32
CA ILE A 573 -34.06 2.38 -4.43
C ILE A 573 -33.07 3.10 -3.51
N THR A 574 -33.27 2.95 -2.21
CA THR A 574 -32.35 3.46 -1.21
C THR A 574 -32.06 2.33 -0.24
N PRO A 575 -30.81 2.20 0.18
CA PRO A 575 -30.36 1.10 1.03
C PRO A 575 -30.88 1.24 2.47
N CYS A 576 -31.03 0.11 3.14
CA CYS A 576 -31.62 0.05 4.48
C CYS A 576 -30.73 0.85 5.44
N SER A 577 -31.34 1.72 6.24
CA SER A 577 -30.60 2.59 7.14
C SER A 577 -29.61 1.76 7.93
N PHE A 578 -28.32 2.15 7.89
CA PHE A 578 -27.29 1.46 8.63
C PHE A 578 -26.52 2.45 9.49
N GLY A 579 -26.22 2.08 10.72
CA GLY A 579 -25.44 2.97 11.58
C GLY A 579 -24.47 2.25 12.50
N GLY A 580 -23.33 2.87 12.79
CA GLY A 580 -22.44 2.32 13.82
C GLY A 580 -23.08 2.50 15.17
N VAL A 581 -22.84 1.55 16.08
CA VAL A 581 -23.42 1.59 17.41
C VAL A 581 -22.37 1.92 18.46
N SER A 582 -22.60 2.97 19.24
CA SER A 582 -21.70 3.35 20.30
C SER A 582 -22.42 3.35 21.64
N VAL A 583 -21.82 2.76 22.65
CA VAL A 583 -22.44 2.66 23.95
C VAL A 583 -21.67 3.61 24.86
N ILE A 584 -22.40 4.45 25.56
CA ILE A 584 -21.80 5.45 26.43
C ILE A 584 -21.80 4.84 27.82
N THR A 585 -20.62 4.75 28.41
CA THR A 585 -20.48 4.20 29.73
C THR A 585 -19.82 5.21 30.65
N PRO A 586 -20.38 5.42 31.85
CA PRO A 586 -19.75 6.31 32.81
C PRO A 586 -18.39 5.78 33.13
N GLY A 587 -18.28 4.47 33.13
CA GLY A 587 -17.06 3.73 33.40
C GLY A 587 -17.51 2.48 34.12
N THR A 588 -16.85 1.37 33.85
CA THR A 588 -17.19 0.11 34.47
C THR A 588 -17.14 0.18 35.98
N ASN A 589 -16.10 0.83 36.49
CA ASN A 589 -15.90 0.91 37.93
C ASN A 589 -17.05 1.62 38.62
N THR A 590 -17.47 2.75 38.08
CA THR A 590 -18.50 3.56 38.71
C THR A 590 -19.89 2.93 38.74
N SER A 591 -20.31 2.37 37.61
CA SER A 591 -21.65 1.80 37.49
C SER A 591 -21.74 0.83 36.32
N ASN A 592 -22.85 0.14 36.20
CA ASN A 592 -23.04 -0.78 35.09
C ASN A 592 -24.00 -0.25 34.03
N GLN A 593 -24.59 0.92 34.27
CA GLN A 593 -25.60 1.45 33.35
C GLN A 593 -24.99 1.89 32.01
N VAL A 594 -25.71 1.66 30.92
CA VAL A 594 -25.20 1.97 29.59
C VAL A 594 -26.24 2.73 28.78
N ALA A 595 -25.77 3.52 27.82
CA ALA A 595 -26.64 4.27 26.93
C ALA A 595 -26.12 4.01 25.56
N VAL A 596 -26.98 3.61 24.64
CA VAL A 596 -26.49 3.28 23.32
C VAL A 596 -27.04 4.28 22.34
N LEU A 597 -26.16 4.91 21.56
CA LEU A 597 -26.58 5.84 20.53
C LEU A 597 -26.30 5.22 19.18
N TYR A 598 -27.32 4.85 18.45
CA TYR A 598 -27.15 4.41 17.07
C TYR A 598 -26.70 5.62 16.29
N GLN A 599 -25.70 5.47 15.43
CA GLN A 599 -25.18 6.65 14.72
C GLN A 599 -25.87 6.94 13.41
N GLY A 600 -26.65 8.01 13.39
CA GLY A 600 -27.33 8.46 12.19
C GLY A 600 -28.73 7.90 11.98
N VAL A 601 -28.95 6.67 12.39
CA VAL A 601 -30.25 6.05 12.21
C VAL A 601 -31.33 6.81 12.95
N ASN A 602 -32.47 6.94 12.31
CA ASN A 602 -33.60 7.69 12.86
C ASN A 602 -34.23 6.86 14.01
N CYS A 603 -34.83 7.53 14.98
CA CYS A 603 -35.41 6.89 16.14
C CYS A 603 -36.51 5.87 15.81
N THR A 604 -37.34 6.20 14.83
CA THR A 604 -38.45 5.32 14.50
C THR A 604 -37.96 3.94 14.08
N GLU A 605 -36.80 3.87 13.41
CA GLU A 605 -36.23 2.61 12.98
C GLU A 605 -35.84 1.64 14.08
N VAL A 606 -36.07 0.35 13.79
CA VAL A 606 -35.79 -0.78 14.69
C VAL A 606 -36.38 -0.67 16.12
N PRO A 607 -35.55 -0.86 17.17
CA PRO A 607 -36.04 -0.86 18.54
C PRO A 607 -36.11 0.53 19.12
N ASN A 627 -37.34 5.96 26.50
CA ASN A 627 -36.64 7.22 26.45
C ASN A 627 -35.71 7.27 25.24
N VAL A 628 -36.32 7.28 24.06
CA VAL A 628 -35.56 7.30 22.81
C VAL A 628 -35.41 8.74 22.36
N PHE A 629 -34.86 9.55 23.25
CA PHE A 629 -34.68 10.97 22.98
C PHE A 629 -33.87 11.18 21.70
N GLN A 630 -34.58 11.40 20.60
CA GLN A 630 -33.95 11.59 19.30
C GLN A 630 -33.07 12.83 19.25
N THR A 631 -31.77 12.64 19.08
CA THR A 631 -30.86 13.76 19.01
C THR A 631 -30.63 14.11 17.56
N ARG A 632 -29.55 14.83 17.30
CA ARG A 632 -29.16 15.24 15.98
C ARG A 632 -27.98 14.42 15.46
N ALA A 633 -27.36 13.66 16.36
CA ALA A 633 -26.18 12.89 16.03
C ALA A 633 -26.54 11.43 15.77
N GLY A 634 -27.77 11.04 16.15
CA GLY A 634 -28.27 9.72 15.90
C GLY A 634 -29.61 9.51 16.57
N CYS A 635 -29.72 8.40 17.31
CA CYS A 635 -30.91 8.03 18.06
C CYS A 635 -30.58 7.44 19.43
N LEU A 636 -30.31 8.28 20.42
CA LEU A 636 -29.96 7.81 21.75
C LEU A 636 -31.11 7.02 22.38
N ILE A 637 -30.75 6.00 23.16
CA ILE A 637 -31.71 5.15 23.83
C ILE A 637 -31.07 4.69 25.12
N GLY A 638 -31.49 5.26 26.23
CA GLY A 638 -31.01 4.85 27.54
C GLY A 638 -30.51 6.03 28.34
N ALA A 639 -30.87 7.23 27.91
CA ALA A 639 -30.56 8.44 28.64
C ALA A 639 -31.76 9.37 28.68
N GLU A 640 -31.78 10.27 29.65
CA GLU A 640 -32.89 11.20 29.80
C GLU A 640 -32.39 12.61 29.49
N HIS A 641 -33.04 13.25 28.52
CA HIS A 641 -32.65 14.59 28.09
C HIS A 641 -33.07 15.62 29.12
N VAL A 642 -32.10 16.25 29.76
CA VAL A 642 -32.38 17.28 30.76
C VAL A 642 -32.52 18.62 30.05
N ASN A 643 -32.96 19.64 30.77
CA ASN A 643 -33.04 20.98 30.18
C ASN A 643 -31.81 21.83 30.47
N ASN A 644 -31.09 21.46 31.53
CA ASN A 644 -29.92 22.19 31.95
C ASN A 644 -28.68 21.84 31.15
N SER A 645 -27.70 22.74 31.19
CA SER A 645 -26.46 22.59 30.45
C SER A 645 -25.27 22.58 31.39
N TYR A 646 -24.43 21.57 31.24
CA TYR A 646 -23.22 21.37 32.07
C TYR A 646 -22.01 21.19 31.19
N GLU A 647 -20.81 21.34 31.74
CA GLU A 647 -19.61 21.14 30.95
C GLU A 647 -19.60 19.77 30.32
N CYS A 648 -18.81 19.60 29.27
CA CYS A 648 -18.76 18.25 28.69
C CYS A 648 -18.15 17.24 29.62
N ASP A 649 -18.63 16.02 29.44
CA ASP A 649 -18.08 14.89 30.17
C ASP A 649 -17.77 13.73 29.23
N ILE A 650 -18.82 13.13 28.69
CA ILE A 650 -18.73 12.05 27.75
C ILE A 650 -19.27 12.54 26.42
N PRO A 651 -18.40 13.08 25.55
CA PRO A 651 -18.80 13.61 24.24
C PRO A 651 -19.58 12.62 23.38
N ILE A 652 -20.57 13.12 22.63
CA ILE A 652 -21.42 12.28 21.78
C ILE A 652 -21.32 12.77 20.34
N GLY A 653 -21.77 14.00 20.10
CA GLY A 653 -21.79 14.57 18.76
C GLY A 653 -22.82 15.67 18.62
N ALA A 654 -22.47 16.67 17.83
CA ALA A 654 -23.34 17.79 17.51
C ALA A 654 -23.94 18.46 18.75
N GLY A 655 -23.11 18.68 19.76
CA GLY A 655 -23.52 19.39 20.96
C GLY A 655 -23.75 18.53 22.18
N ILE A 656 -24.58 17.52 22.03
CA ILE A 656 -24.95 16.61 23.12
C ILE A 656 -23.78 15.90 23.79
N CYS A 657 -23.80 15.88 25.13
CA CYS A 657 -22.78 15.21 25.94
C CYS A 657 -23.51 14.33 26.94
N ALA A 658 -22.86 13.29 27.41
CA ALA A 658 -23.46 12.38 28.39
C ALA A 658 -22.69 12.35 29.70
N SER A 659 -23.42 12.48 30.82
CA SER A 659 -22.80 12.44 32.14
C SER A 659 -23.53 11.47 33.05
N TYR A 660 -22.79 10.77 33.90
CA TYR A 660 -23.38 9.84 34.85
C TYR A 660 -24.23 10.53 35.92
N GLN A 661 -23.76 11.71 36.37
CA GLN A 661 -24.46 12.47 37.38
C GLN A 661 -25.82 12.99 36.93
N THR A 662 -26.78 13.00 37.85
CA THR A 662 -28.13 13.48 37.56
C THR A 662 -28.34 14.89 38.11
N SER A 672 -31.78 7.57 41.38
CA SER A 672 -30.85 8.66 41.70
C SER A 672 -29.72 8.82 40.69
N GLN A 673 -29.17 7.72 40.21
CA GLN A 673 -28.09 7.82 39.25
C GLN A 673 -28.46 7.25 37.88
N SER A 674 -28.43 8.10 36.87
CA SER A 674 -28.74 7.70 35.51
C SER A 674 -27.99 8.57 34.51
N ILE A 675 -27.58 7.96 33.39
CA ILE A 675 -26.88 8.67 32.34
C ILE A 675 -27.78 9.70 31.70
N ILE A 676 -27.41 10.95 31.77
CA ILE A 676 -28.21 12.06 31.21
C ILE A 676 -27.44 12.84 30.14
N ALA A 677 -28.10 13.21 29.06
CA ALA A 677 -27.44 13.90 27.95
C ALA A 677 -27.86 15.39 27.89
N TYR A 678 -26.92 16.26 28.15
CA TYR A 678 -27.08 17.72 28.13
C TYR A 678 -26.68 18.36 26.80
N THR A 679 -26.88 19.67 26.71
CA THR A 679 -26.66 20.39 25.47
C THR A 679 -25.27 21.02 25.37
N MET A 680 -24.42 20.81 26.37
CA MET A 680 -23.00 21.26 26.36
C MET A 680 -22.75 22.77 26.51
N SER A 681 -23.28 23.40 27.53
CA SER A 681 -23.02 24.84 27.73
C SER A 681 -21.51 25.11 27.80
N LEU A 682 -21.03 26.15 27.14
CA LEU A 682 -19.58 26.40 27.09
C LEU A 682 -18.95 27.01 28.35
N GLY A 683 -19.61 28.02 28.91
CA GLY A 683 -19.17 28.66 30.15
C GLY A 683 -20.20 29.60 30.73
N ALA A 684 -19.89 30.14 31.91
CA ALA A 684 -20.71 31.13 32.56
C ALA A 684 -20.71 32.37 31.69
N GLU A 685 -21.89 32.94 31.50
CA GLU A 685 -22.01 34.15 30.70
C GLU A 685 -21.98 35.37 31.62
N ASN A 686 -20.82 36.03 31.63
CA ASN A 686 -20.65 37.28 32.35
C ASN A 686 -20.14 38.31 31.35
N SER A 687 -20.70 39.51 31.40
CA SER A 687 -20.21 40.59 30.56
C SER A 687 -19.38 41.52 31.41
N VAL A 688 -18.12 41.73 31.05
CA VAL A 688 -17.31 42.61 31.86
C VAL A 688 -17.87 44.01 31.71
N ALA A 689 -17.97 44.70 32.83
CA ALA A 689 -18.47 46.07 32.83
C ALA A 689 -17.58 46.90 31.94
N TYR A 690 -18.17 47.65 31.02
CA TYR A 690 -17.38 48.46 30.11
C TYR A 690 -17.88 49.89 30.04
N SER A 691 -16.93 50.79 29.83
CA SER A 691 -17.20 52.21 29.73
C SER A 691 -15.95 52.90 29.24
N ASN A 692 -16.11 54.00 28.54
CA ASN A 692 -14.97 54.77 28.06
C ASN A 692 -14.08 55.27 29.20
N ASN A 693 -14.69 55.69 30.30
CA ASN A 693 -13.94 56.24 31.43
C ASN A 693 -13.63 55.22 32.54
N SER A 694 -14.00 53.96 32.35
CA SER A 694 -13.78 52.95 33.40
C SER A 694 -12.63 52.00 33.07
N ILE A 695 -11.69 51.84 34.00
CA ILE A 695 -10.60 50.88 33.91
C ILE A 695 -10.49 50.05 35.19
N ALA A 696 -9.95 48.83 35.05
CA ALA A 696 -9.69 47.97 36.20
C ALA A 696 -8.22 47.56 36.27
N ILE A 697 -7.61 47.73 37.43
CA ILE A 697 -6.21 47.38 37.64
C ILE A 697 -6.12 46.44 38.85
N PRO A 698 -5.36 45.32 38.71
CA PRO A 698 -5.18 44.33 39.78
C PRO A 698 -4.49 44.89 41.02
N THR A 699 -4.91 44.44 42.19
CA THR A 699 -4.29 44.88 43.43
C THR A 699 -3.42 43.82 44.09
N ASN A 700 -3.59 42.58 43.64
CA ASN A 700 -2.82 41.46 44.19
C ASN A 700 -2.53 40.47 43.07
N PHE A 701 -1.50 39.67 43.24
CA PHE A 701 -1.11 38.71 42.22
C PHE A 701 -0.89 37.32 42.80
N THR A 702 -1.11 36.31 41.98
CA THR A 702 -0.89 34.93 42.42
C THR A 702 0.04 34.20 41.49
N ILE A 703 1.02 33.52 42.05
CA ILE A 703 1.99 32.77 41.25
C ILE A 703 1.52 31.33 41.24
N SER A 704 1.43 30.75 40.05
CA SER A 704 0.97 29.38 39.93
C SER A 704 1.88 28.55 39.04
N VAL A 705 1.79 27.23 39.22
CA VAL A 705 2.60 26.31 38.44
C VAL A 705 1.71 25.41 37.62
N THR A 706 1.97 25.35 36.32
CA THR A 706 1.17 24.51 35.42
C THR A 706 2.08 23.57 34.66
N THR A 707 1.64 22.33 34.49
CA THR A 707 2.48 21.33 33.83
C THR A 707 1.96 20.93 32.47
N GLU A 708 2.84 20.95 31.48
CA GLU A 708 2.53 20.54 30.12
C GLU A 708 3.41 19.36 29.79
N ILE A 709 2.82 18.34 29.22
CA ILE A 709 3.53 17.08 28.98
C ILE A 709 3.66 16.81 27.47
N LEU A 710 4.88 16.65 26.99
CA LEU A 710 5.13 16.40 25.56
C LEU A 710 6.00 15.17 25.38
N PRO A 711 5.61 14.28 24.46
CA PRO A 711 6.40 13.08 24.24
C PRO A 711 7.65 13.42 23.45
N VAL A 712 8.80 12.85 23.77
CA VAL A 712 10.02 13.11 23.01
C VAL A 712 10.51 11.91 22.21
N SER A 713 10.12 10.70 22.59
CA SER A 713 10.61 9.51 21.90
C SER A 713 9.71 8.30 22.02
N MET A 714 9.93 7.34 21.13
CA MET A 714 9.18 6.09 21.16
C MET A 714 10.13 4.90 21.04
N THR A 715 9.65 3.72 21.39
CA THR A 715 10.49 2.53 21.32
C THR A 715 10.96 2.27 19.89
N LYS A 716 12.22 1.88 19.77
CA LYS A 716 12.85 1.65 18.48
C LYS A 716 12.83 0.18 18.22
N THR A 717 12.08 -0.21 17.20
CA THR A 717 11.93 -1.61 16.88
C THR A 717 12.46 -1.85 15.48
N SER A 718 13.40 -2.77 15.34
CA SER A 718 13.89 -3.17 14.04
C SER A 718 13.37 -4.55 13.75
N VAL A 719 12.65 -4.69 12.64
CA VAL A 719 12.14 -5.98 12.23
C VAL A 719 12.91 -6.47 11.02
N ASP A 720 13.60 -7.60 11.13
CA ASP A 720 14.20 -8.21 9.97
C ASP A 720 13.07 -8.59 9.03
N CYS A 721 13.18 -8.22 7.76
CA CYS A 721 12.06 -8.53 6.89
C CYS A 721 12.09 -10.03 6.54
N THR A 722 13.26 -10.63 6.37
CA THR A 722 13.33 -12.06 6.09
C THR A 722 12.76 -12.93 7.19
N MET A 723 13.09 -12.63 8.44
CA MET A 723 12.68 -13.45 9.57
C MET A 723 11.18 -13.47 9.85
N TYR A 724 10.53 -12.32 9.81
CA TYR A 724 9.11 -12.21 10.05
C TYR A 724 8.29 -12.72 8.87
N ILE A 725 8.65 -12.27 7.68
CA ILE A 725 7.92 -12.63 6.47
C ILE A 725 8.05 -14.08 6.07
N CYS A 726 9.25 -14.65 6.14
CA CYS A 726 9.40 -16.01 5.64
C CYS A 726 9.70 -17.02 6.72
N GLY A 727 9.99 -16.56 7.92
CA GLY A 727 10.30 -17.45 9.02
C GLY A 727 11.68 -18.08 8.90
N ASP A 728 11.92 -19.07 9.74
CA ASP A 728 13.18 -19.80 9.77
C ASP A 728 13.50 -20.55 8.47
N SER A 729 12.50 -21.14 7.83
CA SER A 729 12.73 -22.02 6.69
C SER A 729 13.40 -21.31 5.50
N THR A 730 14.43 -21.96 4.97
CA THR A 730 15.20 -21.42 3.86
C THR A 730 14.41 -21.46 2.57
N GLU A 731 13.59 -22.49 2.40
CA GLU A 731 12.74 -22.66 1.23
C GLU A 731 11.82 -21.45 1.05
N CYS A 732 11.19 -21.04 2.15
CA CYS A 732 10.26 -19.95 2.13
C CYS A 732 11.03 -18.62 1.80
N SER A 733 12.25 -18.49 2.34
CA SER A 733 13.06 -17.29 2.13
C SER A 733 13.40 -17.07 0.68
N ASN A 734 13.67 -18.15 -0.04
CA ASN A 734 13.99 -18.04 -1.46
C ASN A 734 12.83 -17.44 -2.22
N LEU A 735 11.61 -17.84 -1.89
CA LEU A 735 10.46 -17.28 -2.59
C LEU A 735 10.37 -15.78 -2.39
N LEU A 736 10.73 -15.34 -1.19
CA LEU A 736 10.76 -13.94 -0.83
C LEU A 736 11.76 -13.10 -1.65
N LEU A 737 12.86 -13.73 -2.05
CA LEU A 737 13.92 -13.08 -2.81
C LEU A 737 13.43 -12.51 -4.14
N GLN A 738 12.45 -13.18 -4.73
CA GLN A 738 11.91 -12.77 -6.02
C GLN A 738 11.37 -11.36 -5.96
N TYR A 739 10.74 -11.04 -4.84
CA TYR A 739 10.23 -9.70 -4.63
C TYR A 739 11.36 -8.68 -4.64
N GLY A 740 12.52 -9.06 -4.13
CA GLY A 740 13.69 -8.19 -4.12
C GLY A 740 13.70 -7.10 -3.08
N SER A 741 13.48 -5.87 -3.53
CA SER A 741 13.80 -4.69 -2.72
C SER A 741 12.84 -4.46 -1.55
N PHE A 742 11.69 -5.09 -1.53
CA PHE A 742 10.78 -4.99 -0.36
C PHE A 742 11.45 -5.18 1.02
N CYS A 743 12.15 -6.30 1.21
CA CYS A 743 12.72 -6.61 2.52
C CYS A 743 13.67 -5.55 2.98
N THR A 744 14.58 -5.20 2.07
CA THR A 744 15.63 -4.22 2.31
C THR A 744 14.99 -2.87 2.58
N GLN A 745 14.00 -2.50 1.79
CA GLN A 745 13.35 -1.21 1.93
C GLN A 745 12.72 -1.12 3.31
N LEU A 746 12.03 -2.16 3.73
CA LEU A 746 11.36 -2.11 5.01
C LEU A 746 12.39 -1.95 6.13
N ASN A 747 13.46 -2.74 6.08
CA ASN A 747 14.44 -2.67 7.13
C ASN A 747 15.05 -1.26 7.23
N ARG A 748 15.37 -0.67 6.08
CA ARG A 748 15.98 0.65 6.02
C ARG A 748 15.06 1.70 6.62
N ALA A 749 13.78 1.64 6.30
CA ALA A 749 12.85 2.65 6.80
C ALA A 749 12.79 2.59 8.33
N LEU A 750 12.70 1.38 8.87
CA LEU A 750 12.65 1.23 10.32
C LEU A 750 13.94 1.68 10.98
N THR A 751 15.08 1.38 10.35
CA THR A 751 16.36 1.81 10.88
C THR A 751 16.42 3.34 10.92
N GLY A 752 15.95 3.97 9.85
CA GLY A 752 15.92 5.41 9.74
C GLY A 752 15.05 6.00 10.84
N ILE A 753 13.90 5.38 11.08
CA ILE A 753 12.99 5.83 12.12
C ILE A 753 13.67 5.74 13.48
N ALA A 754 14.39 4.65 13.73
CA ALA A 754 15.09 4.46 15.00
C ALA A 754 16.15 5.54 15.19
N VAL A 755 16.89 5.84 14.13
CA VAL A 755 17.92 6.87 14.17
C VAL A 755 17.27 8.22 14.48
N GLU A 756 16.16 8.49 13.82
CA GLU A 756 15.41 9.73 14.01
C GLU A 756 14.94 9.85 15.45
N GLN A 757 14.47 8.74 16.03
CA GLN A 757 14.02 8.74 17.41
C GLN A 757 15.15 9.07 18.33
N ASP A 758 16.33 8.49 18.09
CA ASP A 758 17.49 8.77 18.90
C ASP A 758 17.85 10.25 18.79
N LYS A 759 17.69 10.82 17.59
CA LYS A 759 18.00 12.22 17.34
C LYS A 759 17.15 13.18 18.19
N ASN A 760 15.89 12.84 18.43
CA ASN A 760 14.97 13.72 19.15
C ASN A 760 15.41 13.98 20.59
N THR A 761 15.86 12.93 21.26
CA THR A 761 16.27 13.05 22.65
C THR A 761 17.46 13.99 22.82
N GLN A 762 18.42 13.88 21.90
CA GLN A 762 19.62 14.69 21.96
C GLN A 762 19.25 16.16 21.83
N GLU A 763 18.37 16.47 20.89
CA GLU A 763 17.98 17.85 20.65
C GLU A 763 17.22 18.45 21.81
N VAL A 764 16.26 17.69 22.33
CA VAL A 764 15.42 18.17 23.44
C VAL A 764 16.16 18.33 24.76
N PHE A 765 17.04 17.40 25.09
CA PHE A 765 17.75 17.42 26.38
C PHE A 765 19.18 17.94 26.36
N ALA A 766 19.93 17.61 25.32
CA ALA A 766 21.34 18.02 25.27
C ALA A 766 21.52 19.42 24.69
N GLN A 767 21.06 20.42 25.43
CA GLN A 767 21.26 21.82 25.03
C GLN A 767 22.40 22.47 25.80
N VAL A 768 22.99 21.74 26.74
CA VAL A 768 24.08 22.29 27.55
C VAL A 768 25.35 21.45 27.43
N LYS A 769 26.43 22.14 27.09
CA LYS A 769 27.74 21.50 27.02
C LYS A 769 28.24 21.02 28.39
N GLN A 770 27.95 21.76 29.45
CA GLN A 770 28.48 21.47 30.77
C GLN A 770 27.38 21.09 31.74
N ILE A 771 27.59 20.05 32.54
CA ILE A 771 26.65 19.66 33.56
C ILE A 771 26.92 20.45 34.82
N TYR A 772 26.14 21.50 35.01
CA TYR A 772 26.24 22.36 36.17
C TYR A 772 25.72 21.60 37.39
N LYS A 773 26.34 21.80 38.54
CA LYS A 773 25.90 21.12 39.76
C LYS A 773 25.48 22.16 40.79
N THR A 774 24.28 21.96 41.35
CA THR A 774 23.72 22.87 42.32
C THR A 774 24.62 22.99 43.56
N PRO A 775 24.76 24.22 44.08
CA PRO A 775 25.51 24.55 45.27
C PRO A 775 24.94 23.90 46.52
N PRO A 776 25.81 23.52 47.48
CA PRO A 776 25.42 22.91 48.75
C PRO A 776 24.55 23.85 49.57
N ILE A 777 24.86 25.14 49.50
CA ILE A 777 24.11 26.17 50.20
C ILE A 777 22.64 26.17 49.75
N LYS A 778 21.73 26.28 50.72
CA LYS A 778 20.30 26.32 50.45
C LYS A 778 19.75 27.73 50.45
N ASP A 779 20.62 28.72 50.30
CA ASP A 779 20.17 30.11 50.27
C ASP A 779 19.60 30.47 48.90
N PHE A 780 18.34 30.10 48.71
CA PHE A 780 17.63 30.37 47.46
C PHE A 780 16.56 31.45 47.65
N GLY A 781 16.76 32.32 48.64
CA GLY A 781 15.81 33.40 48.93
C GLY A 781 14.41 32.93 49.26
N GLY A 782 14.31 31.83 50.01
CA GLY A 782 13.02 31.33 50.48
C GLY A 782 12.26 30.44 49.52
N PHE A 783 12.89 30.05 48.41
CA PHE A 783 12.26 29.15 47.46
C PHE A 783 12.73 27.74 47.77
N ASN A 784 11.80 26.82 48.00
CA ASN A 784 12.13 25.44 48.29
C ASN A 784 12.10 24.66 46.99
N PHE A 785 13.28 24.21 46.55
CA PHE A 785 13.42 23.46 45.33
C PHE A 785 13.81 22.03 45.61
N SER A 786 13.58 21.58 46.83
CA SER A 786 14.04 20.26 47.23
C SER A 786 13.40 19.16 46.38
N GLN A 787 12.11 19.28 46.13
CA GLN A 787 11.41 18.27 45.34
C GLN A 787 11.88 18.19 43.89
N ILE A 788 12.06 19.34 43.24
CA ILE A 788 12.51 19.34 41.84
C ILE A 788 13.97 18.88 41.65
N LEU A 789 14.83 19.25 42.59
CA LEU A 789 16.24 18.90 42.57
C LEU A 789 16.48 17.45 42.98
N PRO A 790 17.59 16.86 42.50
CA PRO A 790 18.05 15.51 42.80
C PRO A 790 18.16 15.24 44.28
N ASP A 791 17.91 13.98 44.66
CA ASP A 791 18.05 13.52 46.04
C ASP A 791 19.22 12.51 46.13
N PRO A 792 20.22 12.77 47.02
CA PRO A 792 21.38 11.89 47.15
C PRO A 792 21.06 10.51 47.75
N SER A 793 20.01 10.43 48.58
CA SER A 793 19.58 9.18 49.21
C SER A 793 18.97 8.19 48.22
N LYS A 794 18.13 8.71 47.32
CA LYS A 794 17.49 7.87 46.29
C LYS A 794 18.42 7.53 45.10
N PRO A 795 18.28 6.31 44.52
CA PRO A 795 19.05 5.89 43.34
C PRO A 795 18.67 6.66 42.08
N SER A 796 19.58 6.65 41.11
CA SER A 796 19.45 7.31 39.79
C SER A 796 19.37 8.85 39.77
N LYS A 797 19.59 9.48 40.93
CA LYS A 797 19.56 10.93 41.11
C LYS A 797 18.35 11.57 40.45
N ARG A 798 17.17 11.01 40.72
CA ARG A 798 15.94 11.56 40.17
C ARG A 798 15.18 12.31 41.24
N SER A 799 14.67 13.47 40.87
CA SER A 799 13.92 14.32 41.80
C SER A 799 12.59 13.68 42.22
N PHE A 800 12.09 14.14 43.36
CA PHE A 800 10.89 13.60 43.94
C PHE A 800 9.69 13.73 42.99
N ILE A 801 9.56 14.88 42.34
CA ILE A 801 8.51 15.10 41.34
C ILE A 801 8.68 14.12 40.19
N GLU A 802 9.92 13.93 39.76
CA GLU A 802 10.27 13.03 38.67
C GLU A 802 9.93 11.58 39.02
N ASP A 803 10.16 11.22 40.27
CA ASP A 803 9.88 9.85 40.74
C ASP A 803 8.43 9.49 40.58
N LEU A 804 7.55 10.43 40.90
CA LEU A 804 6.12 10.22 40.81
C LEU A 804 5.72 9.99 39.37
N LEU A 805 6.29 10.79 38.47
CA LEU A 805 6.01 10.67 37.04
C LEU A 805 6.43 9.32 36.52
N PHE A 806 7.60 8.86 36.97
CA PHE A 806 8.13 7.59 36.54
C PHE A 806 7.22 6.45 36.98
N ASN A 807 6.71 6.53 38.21
CA ASN A 807 5.85 5.50 38.76
C ASN A 807 4.53 5.35 38.05
N LYS A 808 3.92 6.48 37.70
CA LYS A 808 2.58 6.46 37.10
C LYS A 808 2.55 5.81 35.71
N VAL A 809 3.53 6.14 34.88
CA VAL A 809 3.59 5.56 33.54
C VAL A 809 4.00 4.10 33.69
N THR A 810 3.35 3.24 32.91
CA THR A 810 3.65 1.81 32.90
C THR A 810 3.64 1.29 31.47
N LYS A 837 12.87 -9.05 21.20
CA LYS A 837 13.32 -10.36 20.76
C LYS A 837 12.21 -11.40 20.90
N PHE A 838 10.99 -10.93 21.13
CA PHE A 838 9.83 -11.78 21.30
C PHE A 838 9.59 -12.74 20.14
N ASN A 839 9.57 -12.24 18.91
CA ASN A 839 9.45 -13.09 17.75
C ASN A 839 10.06 -12.46 16.53
N GLY A 840 11.37 -12.23 16.58
CA GLY A 840 12.11 -11.61 15.48
C GLY A 840 11.97 -10.10 15.47
N LEU A 841 11.33 -9.55 16.48
CA LEU A 841 11.18 -8.12 16.60
C LEU A 841 11.93 -7.72 17.85
N THR A 842 12.92 -6.86 17.70
CA THR A 842 13.71 -6.42 18.85
C THR A 842 13.60 -4.93 19.12
N VAL A 843 13.37 -4.57 20.38
CA VAL A 843 13.30 -3.18 20.77
C VAL A 843 14.66 -2.75 21.27
N LEU A 844 15.38 -2.01 20.45
CA LEU A 844 16.73 -1.56 20.79
C LEU A 844 16.71 -0.64 22.02
N PRO A 845 17.78 -0.63 22.82
CA PRO A 845 17.77 0.26 23.95
C PRO A 845 17.98 1.70 23.47
N PRO A 846 17.50 2.69 24.22
CA PRO A 846 17.73 4.08 23.88
C PRO A 846 19.21 4.43 23.98
N LEU A 847 19.65 5.36 23.15
CA LEU A 847 21.05 5.81 23.18
C LEU A 847 21.42 6.40 24.51
N LEU A 848 20.48 7.12 25.10
CA LEU A 848 20.69 7.70 26.42
C LEU A 848 19.81 7.02 27.46
N THR A 849 20.41 6.61 28.56
CA THR A 849 19.72 5.90 29.62
C THR A 849 18.86 6.88 30.40
N ASP A 850 17.89 6.35 31.13
CA ASP A 850 16.99 7.18 31.93
C ASP A 850 17.76 8.00 32.94
N GLU A 851 18.77 7.38 33.55
CA GLU A 851 19.61 8.05 34.52
C GLU A 851 20.37 9.20 33.87
N MET A 852 20.89 8.97 32.68
CA MET A 852 21.62 10.01 31.97
C MET A 852 20.73 11.20 31.61
N ILE A 853 19.49 10.92 31.23
CA ILE A 853 18.52 11.98 30.91
C ILE A 853 18.24 12.83 32.13
N ALA A 854 18.15 12.20 33.28
CA ALA A 854 17.90 12.91 34.55
C ALA A 854 19.02 13.91 34.84
N GLN A 855 20.26 13.54 34.58
CA GLN A 855 21.37 14.45 34.80
C GLN A 855 21.28 15.69 33.91
N TYR A 856 20.92 15.51 32.65
CA TYR A 856 20.77 16.65 31.74
C TYR A 856 19.65 17.56 32.23
N THR A 857 18.54 16.97 32.65
CA THR A 857 17.40 17.73 33.14
C THR A 857 17.79 18.42 34.44
N SER A 858 18.54 17.71 35.29
CA SER A 858 18.99 18.26 36.56
C SER A 858 19.93 19.42 36.30
N ALA A 859 20.81 19.26 35.33
CA ALA A 859 21.77 20.29 34.98
C ALA A 859 21.09 21.58 34.52
N LEU A 860 20.09 21.45 33.64
CA LEU A 860 19.37 22.61 33.14
C LEU A 860 18.69 23.32 34.28
N LEU A 861 18.08 22.54 35.17
CA LEU A 861 17.40 23.11 36.31
C LEU A 861 18.39 23.79 37.23
N ALA A 862 19.52 23.13 37.44
CA ALA A 862 20.58 23.67 38.31
C ALA A 862 21.10 24.96 37.72
N GLY A 863 21.29 24.97 36.40
CA GLY A 863 21.79 26.13 35.71
C GLY A 863 20.84 27.30 35.83
N THR A 864 19.54 27.03 35.70
CA THR A 864 18.54 28.09 35.75
C THR A 864 18.54 28.83 37.08
N ILE A 865 18.54 28.08 38.17
CA ILE A 865 18.49 28.72 39.49
C ILE A 865 19.75 29.53 39.78
N THR A 866 20.90 28.91 39.59
CA THR A 866 22.18 29.58 39.88
C THR A 866 22.47 30.71 38.90
N SER A 867 22.26 30.45 37.61
CA SER A 867 22.59 31.42 36.59
C SER A 867 21.39 32.08 35.90
N GLY A 868 20.18 31.83 36.38
CA GLY A 868 19.05 32.41 35.70
C GLY A 868 18.90 31.96 34.28
N TRP A 869 18.66 32.90 33.40
CA TRP A 869 18.52 32.61 31.96
C TRP A 869 19.77 32.91 31.15
N THR A 870 20.83 33.35 31.81
CA THR A 870 22.07 33.77 31.15
C THR A 870 22.88 32.65 30.50
N PHE A 871 22.93 31.46 31.09
CA PHE A 871 23.80 30.38 30.59
C PHE A 871 23.52 29.88 29.17
N GLY A 872 22.27 29.72 28.77
CA GLY A 872 21.95 29.23 27.44
C GLY A 872 22.66 30.08 26.37
N ALA A 873 22.59 31.39 26.57
CA ALA A 873 23.22 32.38 25.70
C ALA A 873 24.73 32.30 25.62
N GLY A 874 25.36 32.11 26.77
CA GLY A 874 26.84 32.07 26.86
C GLY A 874 27.26 31.45 28.18
N ALA A 875 28.54 31.57 28.51
CA ALA A 875 29.07 31.05 29.77
C ALA A 875 28.28 31.63 30.96
N ALA A 876 27.87 30.75 31.88
CA ALA A 876 27.02 31.15 33.01
C ALA A 876 27.67 32.19 33.93
N LEU A 877 26.85 33.15 34.35
CA LEU A 877 27.29 34.21 35.24
C LEU A 877 26.47 34.10 36.51
N GLN A 878 27.11 33.97 37.65
CA GLN A 878 26.37 33.81 38.89
C GLN A 878 25.52 35.03 39.24
N ILE A 879 24.29 34.77 39.65
CA ILE A 879 23.37 35.81 40.08
C ILE A 879 22.49 35.30 41.22
N PRO A 880 22.10 36.18 42.13
CA PRO A 880 21.24 35.79 43.25
C PRO A 880 19.88 35.39 42.71
N PHE A 881 19.24 34.37 43.27
CA PHE A 881 17.95 33.97 42.74
C PHE A 881 16.87 35.04 42.92
N ALA A 882 16.88 35.71 44.05
CA ALA A 882 15.94 36.78 44.33
C ALA A 882 16.07 37.88 43.29
N MET A 883 17.31 38.25 42.99
CA MET A 883 17.57 39.25 41.97
C MET A 883 17.14 38.72 40.62
N GLN A 884 17.37 37.41 40.39
CA GLN A 884 17.01 36.79 39.14
C GLN A 884 15.52 36.85 38.89
N MET A 885 14.74 36.60 39.95
CA MET A 885 13.30 36.64 39.87
C MET A 885 12.83 38.04 39.50
N ALA A 886 13.48 39.04 40.10
CA ALA A 886 13.15 40.45 39.85
C ALA A 886 13.33 40.82 38.41
N TYR A 887 14.41 40.32 37.81
CA TYR A 887 14.68 40.62 36.41
C TYR A 887 13.56 40.07 35.52
N ARG A 888 13.10 38.86 35.83
CA ARG A 888 12.01 38.23 35.09
C ARG A 888 10.72 39.04 35.23
N PHE A 889 10.47 39.56 36.42
CA PHE A 889 9.29 40.36 36.70
C PHE A 889 9.24 41.62 35.85
N ASN A 890 10.40 42.25 35.64
CA ASN A 890 10.47 43.44 34.85
C ASN A 890 9.97 43.12 33.44
N GLY A 891 10.35 41.94 32.97
CA GLY A 891 9.93 41.47 31.66
C GLY A 891 8.43 41.47 31.47
N ILE A 892 7.69 41.13 32.53
CA ILE A 892 6.23 41.09 32.46
C ILE A 892 5.57 42.44 32.76
N GLY A 893 6.38 43.44 33.09
CA GLY A 893 5.88 44.80 33.30
C GLY A 893 5.65 45.26 34.73
N VAL A 894 6.17 44.53 35.72
CA VAL A 894 6.03 44.95 37.11
C VAL A 894 7.37 45.43 37.60
N THR A 895 7.43 46.58 38.25
CA THR A 895 8.72 47.07 38.74
C THR A 895 9.31 46.11 39.79
N GLN A 896 10.55 46.36 40.17
CA GLN A 896 11.27 45.46 41.06
C GLN A 896 10.83 45.62 42.50
N ASN A 897 10.34 46.81 42.84
CA ASN A 897 9.88 47.06 44.21
C ASN A 897 8.81 46.04 44.54
N VAL A 898 7.98 45.71 43.55
CA VAL A 898 6.91 44.75 43.77
C VAL A 898 7.40 43.38 44.18
N LEU A 899 8.43 42.86 43.52
CA LEU A 899 8.93 41.54 43.88
C LEU A 899 9.55 41.51 45.27
N TYR A 900 10.40 42.49 45.56
CA TYR A 900 11.08 42.53 46.85
C TYR A 900 10.16 42.77 48.05
N GLU A 901 9.21 43.68 47.90
CA GLU A 901 8.26 43.98 48.96
C GLU A 901 7.37 42.78 49.28
N ASN A 902 6.98 42.05 48.25
CA ASN A 902 6.13 40.88 48.38
C ASN A 902 6.95 39.59 48.34
N GLN A 903 8.27 39.70 48.55
CA GLN A 903 9.15 38.55 48.45
C GLN A 903 8.82 37.42 49.43
N LYS A 904 8.54 37.77 50.66
CA LYS A 904 8.19 36.76 51.65
C LYS A 904 6.96 35.98 51.25
N LEU A 905 5.94 36.70 50.78
CA LEU A 905 4.71 36.09 50.33
C LEU A 905 4.89 35.22 49.10
N ILE A 906 5.70 35.70 48.14
CA ILE A 906 5.92 34.99 46.89
C ILE A 906 6.55 33.63 47.13
N ALA A 907 7.50 33.55 48.06
CA ALA A 907 8.16 32.29 48.37
C ALA A 907 7.12 31.27 48.87
N ASN A 908 6.22 31.72 49.74
CA ASN A 908 5.20 30.85 50.27
C ASN A 908 4.27 30.36 49.18
N GLN A 909 3.90 31.25 48.25
CA GLN A 909 3.01 30.89 47.16
C GLN A 909 3.65 29.84 46.26
N PHE A 910 4.93 30.02 45.96
CA PHE A 910 5.65 29.06 45.14
C PHE A 910 5.73 27.71 45.83
N ASN A 911 6.03 27.72 47.13
CA ASN A 911 6.14 26.49 47.89
C ASN A 911 4.83 25.74 47.99
N SER A 912 3.77 26.47 48.32
CA SER A 912 2.44 25.90 48.37
C SER A 912 2.08 25.48 46.96
N ALA A 913 2.45 26.30 45.98
CA ALA A 913 2.13 26.01 44.59
C ALA A 913 2.79 24.72 44.12
N ILE A 914 4.05 24.55 44.48
CA ILE A 914 4.76 23.33 44.13
C ILE A 914 4.19 22.11 44.87
N GLY A 915 3.80 22.33 46.11
CA GLY A 915 3.20 21.30 46.94
C GLY A 915 1.95 20.71 46.33
N LYS A 916 1.09 21.57 45.77
CA LYS A 916 -0.15 21.11 45.16
C LYS A 916 0.15 20.20 43.99
N ILE A 917 1.13 20.57 43.18
CA ILE A 917 1.46 19.79 42.02
C ILE A 917 1.89 18.38 42.40
N GLN A 918 2.61 18.23 43.50
CA GLN A 918 2.99 16.91 43.99
C GLN A 918 1.75 16.08 44.33
N ASP A 919 0.77 16.73 44.96
CA ASP A 919 -0.46 16.06 45.33
C ASP A 919 -1.26 15.66 44.09
N SER A 920 -1.32 16.57 43.12
CA SER A 920 -2.06 16.34 41.88
C SER A 920 -1.47 15.15 41.11
N LEU A 921 -0.15 15.10 41.06
CA LEU A 921 0.53 14.01 40.35
C LEU A 921 0.31 12.64 40.97
N SER A 922 0.39 12.56 42.29
CA SER A 922 0.14 11.31 43.01
C SER A 922 -1.31 10.85 42.95
N SER A 923 -2.27 11.78 42.93
CA SER A 923 -3.72 11.47 42.90
C SER A 923 -4.33 11.06 41.55
N THR A 924 -4.04 11.76 40.45
CA THR A 924 -4.62 11.43 39.14
C THR A 924 -3.58 11.13 38.04
N ALA A 925 -3.99 10.29 37.10
CA ALA A 925 -3.12 9.90 35.98
C ALA A 925 -3.36 10.77 34.75
N SER A 926 -4.24 11.77 34.90
CA SER A 926 -4.66 12.62 33.79
C SER A 926 -3.51 13.48 33.25
N ALA A 927 -2.61 13.88 34.15
CA ALA A 927 -1.47 14.70 33.82
C ALA A 927 -0.45 13.94 32.99
N LEU A 928 -0.28 12.65 33.25
CA LEU A 928 0.60 11.80 32.51
C LEU A 928 -0.07 11.05 31.39
N GLY A 929 -1.31 11.42 31.08
CA GLY A 929 -2.06 10.77 30.03
C GLY A 929 -1.47 10.75 28.64
N LYS A 930 -0.94 11.89 28.22
CA LYS A 930 -0.39 12.01 26.87
C LYS A 930 0.82 11.10 26.62
N LEU A 931 1.71 10.99 27.59
CA LEU A 931 2.89 10.15 27.43
C LEU A 931 2.47 8.70 27.26
N GLN A 932 1.50 8.28 28.05
CA GLN A 932 1.01 6.91 28.03
C GLN A 932 0.37 6.54 26.71
N ASP A 933 -0.30 7.51 26.08
CA ASP A 933 -0.94 7.26 24.80
C ASP A 933 0.12 6.81 23.84
N VAL A 934 1.31 7.41 23.95
CA VAL A 934 2.41 7.01 23.11
C VAL A 934 2.83 5.59 23.42
N VAL A 935 2.89 5.25 24.70
CA VAL A 935 3.29 3.91 25.12
C VAL A 935 2.28 2.87 24.65
N ASN A 936 1.00 3.16 24.87
CA ASN A 936 -0.07 2.25 24.47
C ASN A 936 -0.16 2.13 22.96
N GLN A 937 -0.05 3.25 22.27
CA GLN A 937 -0.18 3.20 20.83
C GLN A 937 0.92 2.37 20.19
N ASN A 938 2.14 2.50 20.69
CA ASN A 938 3.25 1.69 20.19
C ASN A 938 3.04 0.22 20.49
N ALA A 939 2.55 -0.07 21.70
CA ALA A 939 2.32 -1.45 22.11
C ALA A 939 1.27 -2.09 21.22
N GLN A 940 0.21 -1.35 20.94
CA GLN A 940 -0.87 -1.87 20.11
C GLN A 940 -0.41 -2.17 18.70
N ALA A 941 0.41 -1.30 18.14
CA ALA A 941 0.92 -1.51 16.78
C ALA A 941 1.75 -2.77 16.68
N LEU A 942 2.61 -3.00 17.68
CA LEU A 942 3.45 -4.18 17.69
C LEU A 942 2.61 -5.43 17.83
N ASN A 943 1.59 -5.37 18.67
CA ASN A 943 0.71 -6.50 18.91
C ASN A 943 -0.04 -6.94 17.67
N THR A 944 -0.51 -5.99 16.87
CA THR A 944 -1.28 -6.30 15.68
C THR A 944 -0.46 -7.08 14.70
N LEU A 945 0.80 -6.71 14.54
CA LEU A 945 1.69 -7.37 13.59
C LEU A 945 1.86 -8.84 14.00
N VAL A 946 2.01 -9.09 15.30
CA VAL A 946 2.19 -10.43 15.79
C VAL A 946 0.96 -11.28 15.57
N LYS A 947 -0.20 -10.71 15.80
CA LYS A 947 -1.47 -11.41 15.59
C LYS A 947 -1.66 -11.69 14.11
N GLN A 948 -1.03 -10.89 13.26
CA GLN A 948 -1.12 -11.07 11.83
C GLN A 948 -0.61 -12.41 11.33
N LEU A 949 0.43 -12.94 11.98
CA LEU A 949 1.02 -14.20 11.58
C LEU A 949 0.04 -15.37 11.60
N SER A 950 -0.85 -15.40 12.59
CA SER A 950 -1.82 -16.47 12.73
C SER A 950 -2.75 -16.60 11.52
N SER A 951 -3.10 -15.48 10.90
CA SER A 951 -4.05 -15.49 9.78
C SER A 951 -3.55 -16.32 8.60
N ASN A 952 -4.48 -17.06 8.01
CA ASN A 952 -4.19 -17.99 6.90
C ASN A 952 -3.85 -17.28 5.61
N PHE A 953 -4.53 -16.15 5.35
CA PHE A 953 -4.35 -15.35 4.14
C PHE A 953 -4.63 -16.16 2.89
N GLY A 954 -5.65 -17.03 2.97
CA GLY A 954 -6.07 -17.87 1.86
C GLY A 954 -5.31 -19.18 1.74
N ALA A 955 -4.33 -19.37 2.61
CA ALA A 955 -3.50 -20.55 2.58
C ALA A 955 -4.17 -21.71 3.30
N ILE A 956 -3.67 -22.92 3.09
CA ILE A 956 -4.23 -24.08 3.74
C ILE A 956 -4.03 -24.00 5.23
N SER A 957 -2.84 -23.59 5.67
CA SER A 957 -2.59 -23.45 7.11
C SER A 957 -1.67 -22.29 7.45
N SER A 958 -1.91 -21.67 8.60
CA SER A 958 -1.16 -20.48 9.01
C SER A 958 0.33 -20.71 9.33
N VAL A 959 0.67 -21.76 10.06
CA VAL A 959 2.05 -21.98 10.44
C VAL A 959 2.83 -22.32 9.19
N LEU A 960 3.94 -21.63 8.98
CA LEU A 960 4.76 -21.86 7.80
C LEU A 960 5.34 -23.27 7.69
N ASN A 961 5.85 -23.79 8.79
CA ASN A 961 6.48 -25.10 8.78
C ASN A 961 5.49 -26.19 8.45
N ASP A 962 4.29 -26.07 8.99
CA ASP A 962 3.27 -27.07 8.81
C ASP A 962 2.94 -27.21 7.32
N ILE A 963 2.81 -26.08 6.64
CA ILE A 963 2.51 -26.09 5.22
C ILE A 963 3.59 -26.79 4.42
N LEU A 964 4.84 -26.49 4.73
CA LEU A 964 5.97 -27.10 4.03
C LEU A 964 6.06 -28.59 4.28
N SER A 965 5.79 -29.00 5.52
CA SER A 965 5.90 -30.40 5.91
C SER A 965 4.92 -31.29 5.15
N ARG A 966 3.69 -30.84 4.99
CA ARG A 966 2.70 -31.68 4.32
C ARG A 966 2.46 -31.42 2.84
N LEU A 967 3.25 -30.54 2.22
CA LEU A 967 3.08 -30.29 0.79
C LEU A 967 4.32 -30.45 -0.06
N ASP A 968 4.16 -31.06 -1.24
CA ASP A 968 5.29 -31.25 -2.17
C ASP A 968 5.66 -29.92 -2.76
N PRO A 969 6.94 -29.74 -3.12
CA PRO A 969 7.40 -28.42 -3.58
C PRO A 969 6.55 -27.61 -4.58
N PRO A 970 6.05 -28.17 -5.71
CA PRO A 970 5.24 -27.25 -6.55
C PRO A 970 3.96 -26.80 -5.85
N GLU A 971 3.26 -27.75 -5.25
CA GLU A 971 2.06 -27.47 -4.50
C GLU A 971 2.38 -26.67 -3.25
N ALA A 972 3.47 -27.02 -2.61
CA ALA A 972 3.88 -26.25 -1.41
C ALA A 972 4.04 -24.76 -1.83
N GLU A 973 4.45 -24.52 -3.08
CA GLU A 973 4.70 -23.16 -3.53
C GLU A 973 3.53 -22.22 -3.46
N VAL A 974 2.36 -22.68 -3.86
CA VAL A 974 1.21 -21.79 -3.88
C VAL A 974 0.85 -21.35 -2.46
N GLN A 975 0.84 -22.31 -1.54
CA GLN A 975 0.50 -22.01 -0.16
C GLN A 975 1.53 -21.10 0.48
N ILE A 976 2.81 -21.37 0.21
CA ILE A 976 3.89 -20.54 0.73
C ILE A 976 3.74 -19.11 0.23
N ASP A 977 3.40 -18.96 -1.04
CA ASP A 977 3.24 -17.66 -1.66
C ASP A 977 2.16 -16.83 -0.98
N ARG A 978 1.03 -17.45 -0.71
CA ARG A 978 -0.08 -16.72 -0.10
C ARG A 978 0.35 -16.16 1.26
N LEU A 979 0.99 -16.99 2.06
CA LEU A 979 1.47 -16.56 3.36
C LEU A 979 2.48 -15.45 3.24
N ILE A 980 3.40 -15.51 2.28
CA ILE A 980 4.40 -14.46 2.07
C ILE A 980 3.73 -13.16 1.70
N THR A 981 2.76 -13.22 0.81
CA THR A 981 2.06 -12.04 0.36
C THR A 981 1.28 -11.41 1.52
N GLY A 982 0.59 -12.23 2.32
CA GLY A 982 -0.13 -11.69 3.43
C GLY A 982 0.77 -11.07 4.48
N ARG A 983 1.89 -11.72 4.76
CA ARG A 983 2.82 -11.19 5.73
C ARG A 983 3.47 -9.90 5.27
N LEU A 984 3.75 -9.80 3.96
CA LEU A 984 4.32 -8.58 3.42
C LEU A 984 3.36 -7.42 3.62
N GLN A 985 2.08 -7.66 3.38
CA GLN A 985 1.07 -6.63 3.57
C GLN A 985 1.04 -6.19 5.01
N SER A 986 1.13 -7.15 5.94
CA SER A 986 1.09 -6.82 7.35
C SER A 986 2.23 -5.91 7.70
N LEU A 987 3.42 -6.26 7.23
CA LEU A 987 4.58 -5.46 7.54
C LEU A 987 4.51 -4.08 6.95
N GLN A 988 3.99 -4.00 5.73
CA GLN A 988 3.86 -2.72 5.03
C GLN A 988 3.00 -1.77 5.80
N THR A 989 1.89 -2.29 6.33
CA THR A 989 0.99 -1.48 7.10
C THR A 989 1.68 -0.95 8.35
N TYR A 990 2.45 -1.81 9.01
CA TYR A 990 3.13 -1.41 10.22
C TYR A 990 4.16 -0.32 9.95
N VAL A 991 4.99 -0.54 8.93
CA VAL A 991 6.02 0.42 8.58
C VAL A 991 5.40 1.73 8.14
N THR A 992 4.36 1.64 7.31
CA THR A 992 3.67 2.82 6.84
C THR A 992 3.01 3.51 8.03
N GLN A 993 2.37 2.72 8.90
CA GLN A 993 1.74 3.25 10.08
C GLN A 993 2.75 3.89 11.00
N GLN A 994 3.90 3.24 11.13
CA GLN A 994 4.94 3.74 12.01
C GLN A 994 5.52 5.06 11.55
N LEU A 995 5.75 5.19 10.25
CA LEU A 995 6.28 6.44 9.70
C LEU A 995 5.38 7.64 9.98
N ILE A 996 4.07 7.47 9.82
CA ILE A 996 3.15 8.56 10.06
C ILE A 996 3.21 8.97 11.52
N ARG A 997 3.23 7.98 12.41
CA ARG A 997 3.35 8.26 13.84
C ARG A 997 4.69 8.90 14.17
N ALA A 998 5.74 8.41 13.51
CA ALA A 998 7.07 8.95 13.70
C ALA A 998 7.11 10.42 13.31
N ALA A 999 6.50 10.72 12.16
CA ALA A 999 6.46 12.08 11.68
C ALA A 999 5.68 12.95 12.65
N GLU A 1000 4.57 12.42 13.18
CA GLU A 1000 3.74 13.15 14.12
C GLU A 1000 4.54 13.45 15.39
N ILE A 1001 5.27 12.45 15.87
CA ILE A 1001 6.10 12.61 17.06
C ILE A 1001 7.22 13.60 16.81
N ARG A 1002 7.78 13.56 15.61
CA ARG A 1002 8.86 14.45 15.19
C ARG A 1002 8.41 15.91 15.29
N ALA A 1003 7.19 16.19 14.86
CA ALA A 1003 6.65 17.53 14.90
C ALA A 1003 6.57 18.01 16.34
N SER A 1004 6.13 17.13 17.22
CA SER A 1004 6.01 17.44 18.64
C SER A 1004 7.37 17.76 19.24
N ALA A 1005 8.37 16.99 18.86
CA ALA A 1005 9.74 17.23 19.34
C ALA A 1005 10.25 18.57 18.88
N ASN A 1006 9.98 18.94 17.64
CA ASN A 1006 10.39 20.22 17.14
C ASN A 1006 9.71 21.35 17.91
N LEU A 1007 8.43 21.17 18.19
CA LEU A 1007 7.68 22.12 19.02
C LEU A 1007 8.22 22.14 20.45
N ALA A 1008 8.45 20.93 20.95
CA ALA A 1008 8.91 20.65 22.30
C ALA A 1008 10.32 21.13 22.66
N ALA A 1009 11.30 20.88 21.83
CA ALA A 1009 12.66 21.37 22.02
C ALA A 1009 12.68 22.89 22.08
N THR A 1010 12.00 23.52 21.14
CA THR A 1010 11.90 24.95 21.03
C THR A 1010 11.21 25.51 22.25
N LYS A 1011 10.17 24.87 22.71
CA LYS A 1011 9.45 25.24 23.93
C LYS A 1011 10.42 25.21 25.09
N MET A 1012 11.20 24.15 25.22
CA MET A 1012 12.20 24.09 26.26
C MET A 1012 13.24 25.17 26.11
N SER A 1013 13.74 25.37 24.90
CA SER A 1013 14.75 26.37 24.71
C SER A 1013 14.26 27.76 25.06
N GLU A 1014 13.06 28.13 24.62
CA GLU A 1014 12.53 29.42 25.06
C GLU A 1014 12.16 29.48 26.56
N CYS A 1015 11.48 28.46 27.07
CA CYS A 1015 11.03 28.41 28.49
C CYS A 1015 12.06 28.23 29.62
N VAL A 1016 12.97 27.27 29.44
CA VAL A 1016 14.05 27.00 30.38
C VAL A 1016 15.17 28.01 30.31
N LEU A 1017 15.59 28.36 29.10
CA LEU A 1017 16.65 29.35 28.96
C LEU A 1017 15.98 30.60 28.50
N GLY A 1018 16.00 31.62 29.33
CA GLY A 1018 15.35 32.90 28.98
C GLY A 1018 13.89 32.90 29.36
N GLN A 1019 13.21 34.01 29.09
CA GLN A 1019 11.80 34.15 29.36
C GLN A 1019 11.07 34.43 28.04
N SER A 1020 9.92 33.82 27.86
CA SER A 1020 9.17 33.99 26.61
C SER A 1020 8.10 35.06 26.70
N LYS A 1021 8.23 36.07 25.85
CA LYS A 1021 7.24 37.15 25.79
C LYS A 1021 5.93 36.68 25.18
N ARG A 1022 5.96 35.64 24.37
CA ARG A 1022 4.77 35.13 23.72
C ARG A 1022 3.71 34.74 24.74
N VAL A 1023 2.49 35.19 24.51
CA VAL A 1023 1.37 34.96 25.42
C VAL A 1023 0.86 33.56 25.22
N ASP A 1024 0.83 32.79 26.32
CA ASP A 1024 0.31 31.41 26.44
C ASP A 1024 1.15 30.31 25.78
N PHE A 1025 2.31 30.66 25.22
CA PHE A 1025 3.16 29.65 24.60
C PHE A 1025 3.66 28.69 25.65
N CYS A 1026 4.08 29.23 26.81
CA CYS A 1026 4.53 28.44 27.93
C CYS A 1026 3.63 28.70 29.10
N GLY A 1027 2.86 27.70 29.49
CA GLY A 1027 1.89 27.83 30.57
C GLY A 1027 0.77 28.81 30.22
N LYS A 1028 0.05 29.24 31.25
CA LYS A 1028 -0.98 30.24 31.10
C LYS A 1028 -0.58 31.49 31.87
N GLY A 1029 -0.65 32.63 31.20
CA GLY A 1029 -0.25 33.89 31.80
C GLY A 1029 1.21 34.16 31.60
N TYR A 1030 1.71 35.23 32.18
CA TYR A 1030 3.10 35.61 32.00
C TYR A 1030 3.99 34.53 32.58
N HIS A 1031 4.99 34.14 31.81
CA HIS A 1031 5.87 33.05 32.21
C HIS A 1031 7.15 33.58 32.83
N LEU A 1032 7.23 33.56 34.15
CA LEU A 1032 8.43 34.02 34.84
C LEU A 1032 9.62 33.11 34.55
N MET A 1033 9.42 31.82 34.74
CA MET A 1033 10.47 30.82 34.51
C MET A 1033 9.86 29.45 34.38
N SER A 1034 10.63 28.51 33.86
CA SER A 1034 10.17 27.14 33.73
C SER A 1034 11.22 26.11 34.12
N PHE A 1035 10.77 24.97 34.66
CA PHE A 1035 11.66 23.87 35.01
C PHE A 1035 11.16 22.62 34.30
N PRO A 1036 12.09 21.75 33.87
CA PRO A 1036 11.72 20.54 33.16
C PRO A 1036 12.05 19.25 33.92
N GLN A 1037 11.10 18.33 33.99
CA GLN A 1037 11.31 17.06 34.67
C GLN A 1037 11.22 15.90 33.73
N SER A 1038 12.25 15.04 33.77
CA SER A 1038 12.30 13.89 32.87
C SER A 1038 11.17 12.91 33.14
N ALA A 1039 10.60 12.38 32.07
CA ALA A 1039 9.51 11.43 32.17
C ALA A 1039 9.78 10.26 31.24
N PRO A 1040 9.15 9.11 31.51
CA PRO A 1040 9.41 7.99 30.58
C PRO A 1040 8.95 8.33 29.18
N HIS A 1041 9.88 8.32 28.22
CA HIS A 1041 9.63 8.68 26.81
C HIS A 1041 9.01 10.05 26.63
N GLY A 1042 9.36 10.99 27.51
CA GLY A 1042 8.79 12.32 27.44
C GLY A 1042 9.50 13.32 28.31
N VAL A 1043 9.19 14.59 28.09
CA VAL A 1043 9.70 15.66 28.92
C VAL A 1043 8.51 16.38 29.52
N VAL A 1044 8.57 16.62 30.83
CA VAL A 1044 7.54 17.37 31.52
C VAL A 1044 8.05 18.73 31.92
N PHE A 1045 7.28 19.76 31.60
CA PHE A 1045 7.65 21.13 31.92
C PHE A 1045 6.71 21.68 32.99
N LEU A 1046 7.28 22.23 34.05
CA LEU A 1046 6.51 22.91 35.07
C LEU A 1046 6.64 24.38 34.76
N HIS A 1047 5.51 25.08 34.62
CA HIS A 1047 5.54 26.48 34.26
C HIS A 1047 5.15 27.36 35.43
N VAL A 1048 6.00 28.35 35.71
CA VAL A 1048 5.71 29.34 36.72
C VAL A 1048 5.20 30.56 35.98
N THR A 1049 3.99 30.98 36.33
CA THR A 1049 3.37 32.11 35.67
C THR A 1049 2.75 33.08 36.65
N TYR A 1050 2.67 34.33 36.22
CA TYR A 1050 2.11 35.39 37.03
C TYR A 1050 0.70 35.67 36.54
N VAL A 1051 -0.26 35.57 37.43
CA VAL A 1051 -1.65 35.89 37.08
C VAL A 1051 -2.18 36.90 38.08
N PRO A 1052 -2.79 37.99 37.59
CA PRO A 1052 -3.31 38.97 38.52
C PRO A 1052 -4.70 38.60 39.09
N ALA A 1053 -4.72 38.32 40.38
CA ALA A 1053 -5.92 37.86 41.10
C ALA A 1053 -7.02 38.89 41.38
N GLN A 1054 -6.67 40.12 41.76
CA GLN A 1054 -7.70 41.08 42.19
C GLN A 1054 -7.70 42.40 41.41
N GLU A 1055 -8.88 42.86 41.05
CA GLU A 1055 -9.00 44.06 40.25
C GLU A 1055 -9.90 45.01 40.99
N LYS A 1056 -9.30 46.10 41.35
CA LYS A 1056 -10.08 47.10 42.03
C LYS A 1056 -10.46 48.12 40.98
N ASN A 1057 -11.74 48.48 40.91
CA ASN A 1057 -12.20 49.43 39.91
C ASN A 1057 -11.66 50.83 40.17
N PHE A 1058 -11.17 51.47 39.13
CA PHE A 1058 -10.66 52.84 39.21
C PHE A 1058 -11.09 53.60 37.97
N THR A 1059 -11.46 54.86 38.13
CA THR A 1059 -11.80 55.68 36.99
C THR A 1059 -10.50 56.17 36.34
N THR A 1060 -10.44 56.18 35.03
CA THR A 1060 -9.22 56.58 34.31
C THR A 1060 -9.43 57.50 33.13
N ALA A 1061 -8.38 58.26 32.81
CA ALA A 1061 -8.38 59.15 31.65
C ALA A 1061 -6.99 59.15 31.00
N PRO A 1062 -6.97 59.29 29.66
CA PRO A 1062 -5.72 59.23 28.90
C PRO A 1062 -4.71 60.36 29.10
N ALA A 1063 -5.16 61.61 29.19
CA ALA A 1063 -4.22 62.71 29.35
C ALA A 1063 -4.67 63.72 30.38
N ILE A 1064 -3.71 64.34 31.04
CA ILE A 1064 -4.00 65.35 32.05
C ILE A 1064 -3.46 66.67 31.51
N CYS A 1065 -4.31 67.68 31.48
CA CYS A 1065 -3.94 69.00 31.00
C CYS A 1065 -3.57 69.90 32.18
N HIS A 1066 -2.32 70.35 32.24
CA HIS A 1066 -1.86 71.19 33.35
C HIS A 1066 -1.82 72.69 33.00
N ASP A 1067 -1.19 73.03 31.90
CA ASP A 1067 -1.09 74.44 31.48
C ASP A 1067 -1.60 74.63 30.07
N GLY A 1068 -2.50 73.76 29.62
CA GLY A 1068 -2.89 73.77 28.23
C GLY A 1068 -2.05 72.81 27.39
N LYS A 1069 -1.05 72.20 28.05
CA LYS A 1069 -0.27 71.10 27.50
C LYS A 1069 -0.68 69.87 28.30
N ALA A 1070 -1.00 68.77 27.62
CA ALA A 1070 -1.36 67.53 28.32
C ALA A 1070 -0.28 66.43 28.39
N HIS A 1071 0.03 66.01 29.61
CA HIS A 1071 0.97 64.93 29.86
C HIS A 1071 0.36 63.54 29.65
N PHE A 1072 1.22 62.56 29.40
CA PHE A 1072 0.83 61.16 29.29
C PHE A 1072 1.81 60.36 30.13
N PRO A 1073 1.41 59.21 30.68
CA PRO A 1073 2.32 58.40 31.51
C PRO A 1073 3.51 57.77 30.74
N ARG A 1074 4.66 57.72 31.38
CA ARG A 1074 5.80 57.07 30.74
C ARG A 1074 5.53 55.58 30.55
N GLU A 1075 4.92 54.96 31.55
CA GLU A 1075 4.54 53.54 31.47
C GLU A 1075 3.23 53.15 32.15
N GLY A 1076 2.55 54.09 32.80
CA GLY A 1076 1.38 53.74 33.59
C GLY A 1076 0.07 54.37 33.16
N VAL A 1077 -0.96 53.55 32.97
CA VAL A 1077 -2.30 54.05 32.75
C VAL A 1077 -2.66 54.94 33.92
N PHE A 1078 -3.08 56.15 33.63
CA PHE A 1078 -3.49 57.06 34.69
C PHE A 1078 -4.65 56.43 35.46
N VAL A 1079 -4.54 56.37 36.77
CA VAL A 1079 -5.57 55.72 37.58
C VAL A 1079 -5.99 56.61 38.73
N SER A 1080 -7.28 56.90 38.82
CA SER A 1080 -7.76 57.75 39.89
C SER A 1080 -8.85 57.11 40.73
N ASN A 1081 -8.66 57.17 42.03
CA ASN A 1081 -9.64 56.65 42.97
C ASN A 1081 -10.91 57.49 42.84
N GLY A 1082 -10.73 58.76 42.53
CA GLY A 1082 -11.81 59.70 42.37
C GLY A 1082 -11.58 60.96 43.15
N THR A 1083 -10.63 60.91 44.09
CA THR A 1083 -10.28 62.07 44.88
C THR A 1083 -9.08 62.78 44.25
N HIS A 1084 -8.10 62.00 43.83
CA HIS A 1084 -6.88 62.51 43.22
C HIS A 1084 -6.43 61.58 42.12
N TRP A 1085 -5.57 62.06 41.25
CA TRP A 1085 -5.07 61.24 40.16
C TRP A 1085 -3.62 60.87 40.40
N PHE A 1086 -3.36 59.58 40.40
CA PHE A 1086 -2.02 59.01 40.60
C PHE A 1086 -1.77 58.02 39.46
N VAL A 1087 -0.52 57.71 39.17
CA VAL A 1087 -0.18 56.77 38.11
C VAL A 1087 0.38 55.48 38.69
N THR A 1088 -0.15 54.35 38.27
CA THR A 1088 0.29 53.05 38.74
C THR A 1088 0.58 52.10 37.59
N GLN A 1089 1.48 51.14 37.82
CA GLN A 1089 1.75 50.13 36.80
C GLN A 1089 0.48 49.32 36.53
N ARG A 1090 0.17 49.15 35.26
CA ARG A 1090 -1.10 48.53 34.86
C ARG A 1090 -1.33 47.12 35.42
N ASN A 1091 -0.28 46.47 35.92
CA ASN A 1091 -0.42 45.09 36.38
C ASN A 1091 -0.46 44.90 37.87
N PHE A 1092 0.09 45.85 38.61
CA PHE A 1092 -0.01 45.85 40.07
C PHE A 1092 -0.34 47.27 40.45
N TYR A 1093 -1.09 47.43 41.54
CA TYR A 1093 -1.51 48.78 41.93
C TYR A 1093 -0.51 49.47 42.85
N GLU A 1094 0.35 50.27 42.24
CA GLU A 1094 1.27 51.09 42.96
C GLU A 1094 0.91 52.50 42.58
N PRO A 1095 0.59 53.34 43.57
CA PRO A 1095 0.22 54.69 43.20
C PRO A 1095 1.34 55.69 43.45
N GLN A 1096 1.69 56.44 42.43
CA GLN A 1096 2.76 57.40 42.56
C GLN A 1096 2.20 58.77 42.24
N ILE A 1097 2.59 59.78 42.99
CA ILE A 1097 2.05 61.11 42.75
C ILE A 1097 2.58 61.52 41.39
N ILE A 1098 1.69 62.00 40.53
CA ILE A 1098 2.07 62.35 39.16
C ILE A 1098 3.03 63.51 39.18
N THR A 1099 4.09 63.42 38.39
CA THR A 1099 5.10 64.44 38.33
C THR A 1099 5.66 64.48 36.93
N THR A 1100 6.54 65.45 36.67
CA THR A 1100 7.21 65.59 35.39
C THR A 1100 8.07 64.37 35.06
N ASP A 1101 8.68 63.81 36.10
CA ASP A 1101 9.47 62.59 35.96
C ASP A 1101 8.65 61.44 35.43
N ASN A 1102 7.38 61.33 35.80
CA ASN A 1102 6.62 60.21 35.25
C ASN A 1102 5.84 60.56 33.98
N THR A 1103 6.03 61.78 33.48
CA THR A 1103 5.30 62.22 32.30
C THR A 1103 6.14 63.00 31.29
N PHE A 1104 5.53 63.24 30.13
CA PHE A 1104 6.13 63.96 29.01
C PHE A 1104 4.96 64.68 28.37
N VAL A 1105 5.19 65.90 27.89
CA VAL A 1105 4.08 66.68 27.33
C VAL A 1105 4.25 66.88 25.83
N SER A 1106 3.25 66.49 25.07
CA SER A 1106 3.26 66.71 23.63
C SER A 1106 2.00 67.40 23.18
N GLY A 1107 2.16 68.52 22.46
CA GLY A 1107 1.03 69.27 21.92
C GLY A 1107 0.22 70.01 22.97
N ASN A 1108 -1.00 70.36 22.59
CA ASN A 1108 -1.89 71.15 23.41
C ASN A 1108 -3.06 70.28 23.82
N CYS A 1109 -3.54 70.45 25.04
CA CYS A 1109 -4.66 69.63 25.53
C CYS A 1109 -6.02 70.13 25.08
N ASP A 1110 -6.23 70.13 23.78
CA ASP A 1110 -7.52 70.41 23.17
C ASP A 1110 -7.88 69.24 22.28
N VAL A 1111 -6.87 68.62 21.71
CA VAL A 1111 -7.03 67.57 20.72
C VAL A 1111 -7.44 66.20 21.30
N VAL A 1112 -6.91 65.86 22.48
CA VAL A 1112 -7.15 64.54 23.08
C VAL A 1112 -8.64 64.40 23.45
N ILE A 1113 -9.20 63.23 23.15
CA ILE A 1113 -10.62 62.98 23.33
C ILE A 1113 -11.05 63.00 24.79
N GLY A 1114 -10.25 62.35 25.65
CA GLY A 1114 -10.55 62.24 27.06
C GLY A 1114 -9.42 62.85 27.87
N ILE A 1115 -9.72 63.85 28.67
CA ILE A 1115 -8.70 64.48 29.48
C ILE A 1115 -9.28 65.00 30.78
N VAL A 1116 -8.48 64.96 31.84
CA VAL A 1116 -8.91 65.44 33.15
C VAL A 1116 -7.92 66.46 33.65
N ASN A 1117 -8.41 67.63 34.04
CA ASN A 1117 -7.57 68.62 34.66
C ASN A 1117 -6.99 68.04 35.94
N ASN A 1118 -5.71 68.26 36.14
CA ASN A 1118 -5.05 67.75 37.33
C ASN A 1118 -3.79 68.57 37.61
N THR A 1119 -3.35 68.51 38.87
CA THR A 1119 -2.14 69.20 39.30
C THR A 1119 -0.87 68.47 38.86
N VAL A 1120 0.24 69.21 38.91
CA VAL A 1120 1.57 68.64 38.76
C VAL A 1120 2.34 69.10 39.99
N TYR A 1121 3.20 68.21 40.50
CA TYR A 1121 3.90 68.43 41.75
C TYR A 1121 5.02 69.46 41.60
N ASP A 1122 5.76 69.39 40.48
CA ASP A 1122 7.00 70.17 40.26
C ASP A 1122 7.99 70.11 41.48
N PRO A 1123 8.64 68.95 41.70
CA PRO A 1123 9.46 68.69 42.88
C PRO A 1123 10.71 69.54 43.02
N LEU A 1124 11.13 70.24 41.97
CA LEU A 1124 12.27 71.16 41.99
C LEU A 1124 11.96 72.43 42.81
N GLN A 1125 10.69 72.86 42.78
CA GLN A 1125 10.24 74.07 43.48
C GLN A 1125 10.31 74.03 45.04
N PRO A 1126 9.86 72.93 45.69
CA PRO A 1126 9.95 72.93 47.16
C PRO A 1126 11.37 72.77 47.68
N GLU A 1127 12.23 72.17 46.87
CA GLU A 1127 13.65 72.02 47.17
C GLU A 1127 14.32 73.39 46.99
N LEU A 1128 13.83 74.16 46.03
CA LEU A 1128 14.36 75.51 45.77
C LEU A 1128 13.91 76.50 46.85
N ASP A 1129 12.61 76.53 47.12
CA ASP A 1129 11.98 77.40 48.12
C ASP A 1129 11.85 76.72 49.49
N CYS B 1 -31.65 -5.34 -65.36
CA CYS B 1 -32.63 -4.47 -64.63
C CYS B 1 -32.72 -3.08 -65.26
N VAL B 2 -33.88 -2.46 -65.06
CA VAL B 2 -34.16 -1.14 -65.64
C VAL B 2 -33.23 -0.06 -65.10
N ASN B 3 -32.87 0.87 -65.97
CA ASN B 3 -31.92 1.92 -65.62
C ASN B 3 -32.55 3.33 -65.74
N LEU B 4 -31.71 4.34 -65.55
CA LEU B 4 -32.10 5.73 -65.67
C LEU B 4 -31.01 6.45 -66.43
N THR B 5 -31.42 7.49 -67.14
CA THR B 5 -30.51 8.21 -68.04
C THR B 5 -30.27 9.70 -67.71
N THR B 6 -29.25 10.26 -68.37
CA THR B 6 -28.84 11.70 -68.31
C THR B 6 -28.38 12.28 -66.98
N ARG B 7 -27.66 11.49 -66.21
CA ARG B 7 -27.17 11.93 -64.90
C ARG B 7 -25.93 12.83 -64.97
N THR B 8 -25.87 13.76 -64.03
CA THR B 8 -24.79 14.75 -63.96
C THR B 8 -23.71 14.33 -62.96
N GLN B 9 -22.48 14.28 -63.43
CA GLN B 9 -21.32 13.89 -62.61
C GLN B 9 -20.56 15.11 -62.11
N LEU B 10 -20.52 15.25 -60.79
CA LEU B 10 -19.82 16.36 -60.11
C LEU B 10 -19.11 15.85 -58.84
N PRO B 11 -18.01 16.53 -58.42
CA PRO B 11 -17.36 16.21 -57.15
C PRO B 11 -18.30 16.40 -55.94
N PRO B 12 -18.21 15.51 -54.92
CA PRO B 12 -19.11 15.56 -53.77
C PRO B 12 -18.98 16.85 -52.95
N ALA B 13 -20.11 17.53 -52.75
CA ALA B 13 -20.16 18.70 -51.86
C ALA B 13 -19.82 18.27 -50.42
N TYR B 14 -19.12 19.13 -49.70
CA TYR B 14 -18.71 18.86 -48.32
C TYR B 14 -19.25 19.92 -47.36
N THR B 15 -19.67 19.47 -46.18
CA THR B 15 -20.01 20.38 -45.09
C THR B 15 -19.54 19.87 -43.72
N ASN B 16 -19.53 20.80 -42.77
CA ASN B 16 -19.06 20.54 -41.42
C ASN B 16 -20.25 20.44 -40.50
N SER B 17 -20.27 19.36 -39.72
CA SER B 17 -21.34 19.06 -38.80
C SER B 17 -20.92 19.56 -37.43
N PHE B 18 -21.79 20.32 -36.79
CA PHE B 18 -21.46 20.84 -35.46
C PHE B 18 -22.35 20.24 -34.38
N THR B 19 -21.73 19.51 -33.45
CA THR B 19 -22.43 18.97 -32.30
C THR B 19 -23.67 18.19 -32.63
N ARG B 20 -23.58 17.29 -33.61
CA ARG B 20 -24.72 16.44 -33.96
C ARG B 20 -24.30 15.00 -33.93
N GLY B 21 -25.25 14.13 -33.62
CA GLY B 21 -24.99 12.69 -33.54
C GLY B 21 -24.75 12.17 -32.14
N VAL B 22 -24.77 13.03 -31.13
CA VAL B 22 -24.69 12.56 -29.78
C VAL B 22 -25.94 11.72 -29.52
N TYR B 23 -25.77 10.50 -29.04
CA TYR B 23 -26.91 9.67 -28.76
C TYR B 23 -26.75 9.03 -27.40
N TYR B 24 -27.83 8.57 -26.79
CA TYR B 24 -27.70 7.87 -25.54
C TYR B 24 -27.01 6.56 -25.79
N PRO B 25 -25.86 6.37 -25.20
CA PRO B 25 -25.09 5.16 -25.37
C PRO B 25 -25.73 3.92 -24.74
N ASP B 26 -26.31 4.08 -23.55
CA ASP B 26 -26.80 2.93 -22.79
C ASP B 26 -28.19 3.19 -22.22
N LYS B 27 -28.82 2.12 -21.76
CA LYS B 27 -30.18 2.18 -21.23
C LYS B 27 -30.31 2.97 -19.93
N VAL B 28 -29.29 2.91 -19.09
CA VAL B 28 -29.34 3.56 -17.79
C VAL B 28 -29.56 5.07 -17.84
N PHE B 29 -30.37 5.58 -16.93
CA PHE B 29 -30.73 6.98 -16.91
C PHE B 29 -30.08 7.71 -15.74
N ARG B 30 -29.30 8.75 -16.02
CA ARG B 30 -28.59 9.49 -14.99
C ARG B 30 -29.00 10.95 -15.01
N SER B 31 -29.32 11.50 -13.85
CA SER B 31 -29.75 12.89 -13.75
C SER B 31 -28.75 13.74 -13.02
N SER B 32 -28.46 14.89 -13.59
CA SER B 32 -27.59 15.90 -12.99
C SER B 32 -26.17 15.39 -12.71
N VAL B 33 -25.64 14.56 -13.60
CA VAL B 33 -24.28 14.05 -13.46
C VAL B 33 -23.63 13.99 -14.83
N LEU B 34 -22.30 14.07 -14.84
CA LEU B 34 -21.55 14.04 -16.08
C LEU B 34 -20.85 12.70 -16.20
N HIS B 35 -21.05 12.02 -17.32
CA HIS B 35 -20.48 10.68 -17.52
C HIS B 35 -19.65 10.61 -18.78
N SER B 36 -18.45 10.04 -18.70
CA SER B 36 -17.62 9.89 -19.86
C SER B 36 -17.71 8.45 -20.35
N THR B 37 -18.19 8.26 -21.56
CA THR B 37 -18.42 6.92 -22.11
C THR B 37 -17.63 6.63 -23.37
N GLN B 38 -16.96 5.48 -23.40
CA GLN B 38 -16.21 5.06 -24.56
C GLN B 38 -17.18 4.34 -25.48
N ASP B 39 -17.96 5.12 -26.22
CA ASP B 39 -18.92 4.57 -27.14
C ASP B 39 -18.74 5.25 -28.48
N LEU B 40 -18.97 4.53 -29.57
CA LEU B 40 -18.82 5.11 -30.89
C LEU B 40 -19.84 6.22 -31.10
N PHE B 41 -19.38 7.39 -31.48
CA PHE B 41 -20.22 8.53 -31.74
C PHE B 41 -19.60 9.29 -32.91
N LEU B 42 -20.40 10.02 -33.68
CA LEU B 42 -19.83 10.83 -34.72
C LEU B 42 -18.93 11.87 -34.09
N PRO B 43 -17.68 12.00 -34.57
CA PRO B 43 -16.76 12.96 -34.02
C PRO B 43 -17.21 14.40 -34.14
N PHE B 44 -17.04 15.21 -33.09
CA PHE B 44 -17.52 16.58 -33.15
C PHE B 44 -16.76 17.32 -34.23
N PHE B 45 -17.48 18.12 -34.99
CA PHE B 45 -16.91 18.97 -36.04
C PHE B 45 -16.40 18.20 -37.24
N SER B 46 -16.76 16.92 -37.32
CA SER B 46 -16.42 16.14 -38.48
C SER B 46 -17.30 16.61 -39.60
N ASN B 47 -16.73 16.68 -40.79
CA ASN B 47 -17.48 17.05 -41.98
C ASN B 47 -18.40 15.92 -42.42
N VAL B 48 -19.46 16.26 -43.11
CA VAL B 48 -20.42 15.26 -43.58
C VAL B 48 -20.46 15.34 -45.09
N THR B 49 -20.46 14.20 -45.76
CA THR B 49 -20.36 14.16 -47.23
C THR B 49 -21.73 14.29 -47.86
N TRP B 50 -22.05 15.50 -48.28
CA TRP B 50 -23.33 15.84 -48.84
C TRP B 50 -23.63 15.10 -50.16
N PHE B 51 -24.89 14.68 -50.32
CA PHE B 51 -25.34 14.05 -51.55
C PHE B 51 -26.67 14.65 -52.01
N HIS B 52 -26.88 14.65 -53.33
CA HIS B 52 -28.11 15.18 -53.94
C HIS B 52 -28.82 14.23 -54.89
N ALA B 53 -30.16 14.25 -54.82
CA ALA B 53 -31.02 13.55 -55.77
C ALA B 53 -31.93 14.53 -56.53
N ILE B 54 -31.78 15.83 -56.28
CA ILE B 54 -32.65 16.86 -56.84
C ILE B 54 -32.37 17.09 -58.33
N HIS B 55 -33.43 17.12 -59.16
CA HIS B 55 -33.35 17.37 -60.60
C HIS B 55 -32.75 18.75 -60.91
N VAL B 56 -33.21 19.78 -60.19
CA VAL B 56 -32.75 21.16 -60.40
C VAL B 56 -33.11 21.59 -61.84
N THR B 62 -29.71 20.82 -63.79
CA THR B 62 -30.67 20.13 -64.64
C THR B 62 -30.29 18.66 -64.83
N LYS B 63 -31.31 17.80 -64.93
CA LYS B 63 -31.13 16.36 -65.13
C LYS B 63 -30.21 15.74 -64.07
N ARG B 64 -30.46 16.06 -62.80
CA ARG B 64 -29.64 15.60 -61.68
C ARG B 64 -30.38 14.62 -60.77
N PHE B 65 -29.80 13.42 -60.63
CA PHE B 65 -30.36 12.36 -59.81
C PHE B 65 -29.26 11.32 -59.49
N ASP B 66 -28.92 11.21 -58.22
CA ASP B 66 -27.82 10.37 -57.79
C ASP B 66 -28.16 9.76 -56.46
N ASN B 67 -28.03 8.44 -56.37
CA ASN B 67 -28.24 7.73 -55.12
C ASN B 67 -27.37 6.48 -55.07
N PRO B 68 -26.04 6.64 -55.26
CA PRO B 68 -25.19 5.49 -55.44
C PRO B 68 -24.81 4.84 -54.12
N VAL B 69 -24.16 3.69 -54.23
CA VAL B 69 -23.76 2.88 -53.07
C VAL B 69 -22.59 3.51 -52.28
N LEU B 70 -22.52 3.20 -50.99
CA LEU B 70 -21.53 3.75 -50.09
C LEU B 70 -21.04 2.69 -49.12
N PRO B 71 -19.81 2.85 -48.60
CA PRO B 71 -19.16 1.99 -47.60
C PRO B 71 -19.65 2.27 -46.18
N PHE B 72 -19.82 1.22 -45.40
CA PHE B 72 -20.26 1.37 -44.03
C PHE B 72 -19.23 0.75 -43.11
N ASN B 73 -18.57 1.58 -42.31
CA ASN B 73 -17.60 1.06 -41.33
C ASN B 73 -17.92 1.61 -39.93
N ASP B 74 -18.12 0.71 -38.97
CA ASP B 74 -18.41 1.06 -37.60
C ASP B 74 -19.59 2.04 -37.44
N GLY B 75 -20.62 1.87 -38.26
CA GLY B 75 -21.84 2.64 -38.13
C GLY B 75 -21.77 3.85 -39.03
N VAL B 76 -22.94 4.29 -39.49
CA VAL B 76 -23.04 5.50 -40.28
C VAL B 76 -24.15 6.44 -39.82
N TYR B 77 -23.80 7.69 -39.58
CA TYR B 77 -24.79 8.71 -39.31
C TYR B 77 -25.56 9.13 -40.57
N PHE B 78 -26.76 8.60 -40.75
CA PHE B 78 -27.63 9.03 -41.85
C PHE B 78 -28.49 10.21 -41.43
N ALA B 79 -28.35 11.39 -42.02
CA ALA B 79 -29.21 12.54 -41.66
C ALA B 79 -29.85 13.14 -42.89
N SER B 80 -31.03 12.63 -43.24
CA SER B 80 -31.75 13.12 -44.40
C SER B 80 -32.56 14.32 -44.01
N THR B 81 -32.82 15.18 -44.97
CA THR B 81 -33.74 16.27 -44.74
C THR B 81 -34.74 16.23 -45.88
N GLU B 82 -36.02 16.16 -45.52
CA GLU B 82 -37.12 15.97 -46.48
C GLU B 82 -38.32 16.85 -46.21
N LYS B 83 -39.04 17.19 -47.26
CA LYS B 83 -40.35 17.86 -47.08
C LYS B 83 -41.50 17.08 -47.56
N SER B 84 -41.44 16.72 -48.81
CA SER B 84 -42.56 16.02 -49.26
C SER B 84 -42.25 14.54 -49.18
N ASN B 85 -41.37 14.21 -48.22
CA ASN B 85 -41.03 12.79 -47.94
C ASN B 85 -40.54 11.98 -49.18
N ILE B 86 -39.37 12.36 -49.69
CA ILE B 86 -38.81 11.79 -50.93
C ILE B 86 -37.81 10.66 -50.65
N ILE B 87 -37.05 10.78 -49.58
CA ILE B 87 -36.19 9.69 -49.12
C ILE B 87 -36.95 8.84 -48.11
N ARG B 88 -36.98 7.55 -48.38
CA ARG B 88 -37.87 6.66 -47.61
C ARG B 88 -37.18 5.47 -46.94
N GLY B 89 -36.41 4.71 -47.69
CA GLY B 89 -35.83 3.50 -47.14
C GLY B 89 -34.32 3.45 -47.09
N TRP B 90 -33.83 2.24 -46.82
CA TRP B 90 -32.39 1.96 -46.74
C TRP B 90 -32.08 0.53 -47.18
N ILE B 91 -30.84 0.31 -47.60
CA ILE B 91 -30.34 -1.02 -47.94
C ILE B 91 -29.04 -1.27 -47.19
N PHE B 92 -28.92 -2.45 -46.61
CA PHE B 92 -27.70 -2.85 -45.92
C PHE B 92 -27.24 -4.20 -46.47
N GLY B 93 -26.07 -4.63 -46.13
CA GLY B 93 -25.50 -5.90 -46.56
C GLY B 93 -24.02 -5.83 -46.83
N THR B 94 -23.48 -6.86 -47.43
CA THR B 94 -22.06 -6.94 -47.71
C THR B 94 -21.74 -6.69 -49.20
N THR B 95 -22.43 -7.43 -50.06
CA THR B 95 -22.17 -7.40 -51.49
C THR B 95 -23.48 -7.38 -52.26
N LEU B 96 -24.60 -7.52 -51.55
CA LEU B 96 -25.93 -7.48 -52.14
C LEU B 96 -26.02 -8.49 -53.27
N ASP B 97 -25.47 -9.67 -53.02
CA ASP B 97 -25.39 -10.73 -54.03
C ASP B 97 -26.57 -11.71 -54.00
N SER B 98 -27.53 -11.47 -53.09
CA SER B 98 -28.59 -12.44 -52.75
C SER B 98 -28.07 -13.80 -52.24
N LYS B 99 -26.78 -13.82 -51.87
CA LYS B 99 -26.11 -15.01 -51.34
C LYS B 99 -25.59 -14.83 -49.90
N THR B 100 -25.35 -13.57 -49.51
CA THR B 100 -25.03 -13.20 -48.13
C THR B 100 -26.23 -12.46 -47.46
N GLN B 101 -26.52 -12.81 -46.21
CA GLN B 101 -27.73 -12.30 -45.53
C GLN B 101 -27.67 -10.78 -45.38
N SER B 102 -28.78 -10.12 -45.70
CA SER B 102 -28.82 -8.67 -45.87
C SER B 102 -30.11 -8.09 -45.31
N LEU B 103 -30.07 -6.78 -45.09
CA LEU B 103 -31.14 -6.06 -44.40
C LEU B 103 -31.94 -5.21 -45.41
N LEU B 104 -33.24 -4.96 -45.20
CA LEU B 104 -33.98 -3.96 -46.08
C LEU B 104 -35.34 -3.34 -45.68
N ILE B 105 -35.51 -2.04 -45.94
CA ILE B 105 -36.72 -1.42 -45.43
C ILE B 105 -37.54 -0.56 -46.31
N VAL B 106 -38.78 -0.51 -45.90
CA VAL B 106 -39.71 0.42 -46.42
C VAL B 106 -40.29 1.31 -45.34
N ASN B 107 -40.40 2.60 -45.64
CA ASN B 107 -41.02 3.55 -44.76
C ASN B 107 -42.44 3.87 -45.22
N ASN B 108 -43.36 2.97 -44.88
CA ASN B 108 -44.78 3.12 -45.25
C ASN B 108 -45.45 3.88 -44.14
N ALA B 109 -46.64 4.42 -44.44
CA ALA B 109 -47.53 5.01 -43.43
C ALA B 109 -47.86 4.05 -42.28
N THR B 110 -47.86 2.74 -42.54
CA THR B 110 -48.07 1.76 -41.48
C THR B 110 -46.85 1.67 -40.55
N ASN B 111 -45.72 1.21 -41.07
CA ASN B 111 -44.53 1.00 -40.22
C ASN B 111 -43.25 1.19 -40.98
N VAL B 112 -42.14 1.27 -40.28
CA VAL B 112 -40.85 1.13 -40.94
C VAL B 112 -40.61 -0.39 -41.11
N VAL B 113 -41.18 -0.94 -42.17
CA VAL B 113 -41.23 -2.37 -42.39
C VAL B 113 -39.84 -2.93 -42.77
N ILE B 114 -39.50 -4.01 -42.07
CA ILE B 114 -38.18 -4.55 -42.16
C ILE B 114 -38.12 -5.98 -42.32
N LYS B 115 -36.96 -6.31 -42.79
CA LYS B 115 -36.72 -7.59 -43.19
C LYS B 115 -35.27 -7.97 -43.20
N VAL B 116 -35.01 -9.26 -43.00
CA VAL B 116 -33.68 -9.82 -43.10
C VAL B 116 -33.75 -11.01 -44.07
N CYS B 117 -33.48 -10.76 -45.35
CA CYS B 117 -33.77 -11.72 -46.42
C CYS B 117 -32.73 -11.67 -47.54
N GLU B 118 -32.55 -12.78 -48.24
CA GLU B 118 -31.50 -12.91 -49.25
C GLU B 118 -31.98 -12.37 -50.57
N PHE B 119 -32.18 -11.06 -50.59
CA PHE B 119 -32.90 -10.42 -51.67
C PHE B 119 -31.98 -10.10 -52.82
N GLN B 120 -32.52 -10.21 -54.04
CA GLN B 120 -31.75 -9.90 -55.21
C GLN B 120 -32.21 -8.56 -55.68
N PHE B 121 -31.42 -7.55 -55.35
CA PHE B 121 -31.77 -6.16 -55.71
C PHE B 121 -31.34 -5.87 -57.13
N CYS B 122 -32.08 -4.97 -57.78
CA CYS B 122 -31.74 -4.47 -59.12
C CYS B 122 -30.67 -3.39 -58.97
N ASN B 123 -30.17 -2.95 -60.11
CA ASN B 123 -29.16 -1.90 -60.16
C ASN B 123 -29.70 -0.53 -59.78
N ASP B 124 -31.00 -0.31 -59.98
CA ASP B 124 -31.60 0.99 -59.69
C ASP B 124 -32.94 0.79 -58.98
N PRO B 125 -32.90 0.42 -57.69
CA PRO B 125 -34.15 0.31 -56.93
C PRO B 125 -34.67 1.68 -56.54
N PHE B 126 -35.98 1.77 -56.39
CA PHE B 126 -36.64 2.99 -55.94
C PHE B 126 -38.08 2.72 -55.48
N LEU B 127 -38.71 3.78 -54.97
CA LEU B 127 -40.14 3.82 -54.72
C LEU B 127 -40.83 4.72 -55.76
N GLY B 128 -41.89 4.23 -56.38
CA GLY B 128 -42.60 4.99 -57.44
C GLY B 128 -43.98 5.51 -57.09
N VAL B 129 -44.23 6.81 -57.31
CA VAL B 129 -45.54 7.38 -57.04
C VAL B 129 -45.98 8.20 -58.25
N TYR B 130 -47.25 8.02 -58.63
CA TYR B 130 -47.84 8.70 -59.78
C TYR B 130 -49.04 9.58 -59.39
N TYR B 131 -49.17 10.71 -60.09
CA TYR B 131 -50.31 11.62 -59.93
C TYR B 131 -51.38 11.32 -60.98
N HIS B 132 -52.44 10.64 -60.55
CA HIS B 132 -53.56 10.28 -61.42
C HIS B 132 -54.57 11.41 -61.53
N LYS B 133 -55.09 11.61 -62.74
CA LYS B 133 -56.06 12.66 -63.04
C LYS B 133 -57.46 12.32 -62.52
N ASN B 134 -57.80 11.02 -62.58
CA ASN B 134 -59.11 10.53 -62.12
C ASN B 134 -59.29 10.59 -60.59
N ASN B 135 -58.22 10.31 -59.85
CA ASN B 135 -58.22 10.40 -58.39
C ASN B 135 -56.89 10.95 -57.86
N LYS B 136 -56.98 11.98 -57.02
CA LYS B 136 -55.79 12.66 -56.48
C LYS B 136 -55.19 11.90 -55.30
N SER B 137 -54.43 10.85 -55.63
CA SER B 137 -53.73 10.01 -54.66
C SER B 137 -52.48 9.38 -55.28
N TRP B 138 -51.45 9.21 -54.45
CA TRP B 138 -50.14 8.71 -54.91
C TRP B 138 -49.98 7.21 -54.65
N MET B 139 -50.05 6.41 -55.71
CA MET B 139 -49.98 4.95 -55.64
C MET B 139 -48.66 4.38 -56.15
N GLU B 140 -48.29 3.22 -55.61
CA GLU B 140 -47.09 2.54 -56.03
C GLU B 140 -47.29 1.97 -57.43
N SER B 141 -46.33 2.27 -58.29
CA SER B 141 -46.36 1.83 -59.70
C SER B 141 -45.50 0.61 -60.03
N GLU B 142 -44.28 0.59 -59.49
CA GLU B 142 -43.37 -0.52 -59.72
C GLU B 142 -42.59 -0.79 -58.45
N PHE B 143 -43.03 -1.80 -57.70
CA PHE B 143 -42.34 -2.22 -56.47
C PHE B 143 -41.41 -3.39 -56.76
N ARG B 144 -40.54 -3.20 -57.74
CA ARG B 144 -39.58 -4.25 -58.12
C ARG B 144 -38.20 -3.93 -57.54
N VAL B 145 -38.22 -3.76 -56.24
CA VAL B 145 -37.03 -3.50 -55.46
C VAL B 145 -36.17 -4.76 -55.46
N TYR B 146 -36.82 -5.91 -55.45
CA TYR B 146 -36.12 -7.17 -55.29
C TYR B 146 -36.71 -8.24 -56.16
N SER B 147 -35.97 -9.31 -56.34
CA SER B 147 -36.50 -10.45 -57.13
C SER B 147 -37.34 -11.43 -56.24
N SER B 148 -36.67 -12.06 -55.29
CA SER B 148 -37.31 -12.99 -54.36
C SER B 148 -36.49 -13.10 -53.09
N ALA B 149 -36.90 -13.99 -52.19
CA ALA B 149 -36.14 -14.31 -50.98
C ALA B 149 -36.04 -15.82 -50.76
N ASN B 150 -34.84 -16.26 -50.36
CA ASN B 150 -34.51 -17.71 -50.20
C ASN B 150 -34.55 -18.20 -48.76
N ASN B 151 -33.88 -17.49 -47.83
CA ASN B 151 -33.92 -17.82 -46.41
C ASN B 151 -34.10 -16.51 -45.68
N CYS B 152 -34.99 -16.45 -44.68
CA CYS B 152 -35.12 -15.26 -43.86
C CYS B 152 -35.19 -15.72 -42.42
N THR B 153 -34.09 -15.52 -41.69
CA THR B 153 -33.99 -15.97 -40.30
C THR B 153 -34.65 -14.98 -39.32
N PHE B 154 -35.11 -13.85 -39.83
CA PHE B 154 -35.66 -12.77 -39.03
C PHE B 154 -36.63 -11.97 -39.88
N GLU B 155 -37.85 -11.77 -39.36
CA GLU B 155 -38.82 -10.89 -39.97
C GLU B 155 -39.43 -10.04 -38.94
N TYR B 156 -39.97 -8.94 -39.39
CA TYR B 156 -40.17 -7.92 -38.43
C TYR B 156 -41.01 -6.74 -38.86
N VAL B 157 -41.83 -6.28 -37.94
CA VAL B 157 -42.62 -5.09 -38.16
C VAL B 157 -42.50 -4.21 -36.94
N SER B 158 -42.27 -2.91 -37.17
CA SER B 158 -42.08 -1.94 -36.08
C SER B 158 -43.41 -1.37 -35.62
N GLN B 159 -43.35 -0.41 -34.70
CA GLN B 159 -44.53 0.25 -34.18
C GLN B 159 -45.19 1.13 -35.25
N PRO B 160 -46.53 1.25 -35.21
CA PRO B 160 -47.29 2.11 -36.11
C PRO B 160 -47.01 3.59 -35.91
N PHE B 161 -47.04 4.34 -37.02
CA PHE B 161 -46.89 5.80 -37.08
C PHE B 161 -47.54 6.26 -38.39
N LEU B 162 -47.62 7.59 -38.61
CA LEU B 162 -48.20 8.16 -39.84
C LEU B 162 -47.29 9.16 -40.58
N MET B 163 -47.45 9.19 -41.91
CA MET B 163 -46.69 10.04 -42.83
C MET B 163 -47.64 10.83 -43.75
N ASP B 164 -47.24 12.07 -44.05
CA ASP B 164 -48.09 13.04 -44.77
C ASP B 164 -48.28 12.78 -46.28
N LEU B 165 -47.18 12.43 -46.97
CA LEU B 165 -47.15 12.09 -48.42
C LEU B 165 -47.67 13.17 -49.41
N GLU B 166 -47.29 14.43 -49.18
CA GLU B 166 -47.69 15.56 -50.06
C GLU B 166 -46.95 15.58 -51.42
N GLY B 167 -47.60 16.15 -52.43
CA GLY B 167 -47.07 16.14 -53.80
C GLY B 167 -46.71 17.52 -54.28
N LYS B 168 -46.23 18.35 -53.36
CA LYS B 168 -46.01 19.77 -53.61
C LYS B 168 -44.52 20.12 -53.60
N GLN B 169 -44.22 21.40 -53.79
CA GLN B 169 -42.83 21.88 -53.67
C GLN B 169 -42.64 22.86 -52.50
N GLY B 170 -41.50 22.77 -51.82
CA GLY B 170 -41.22 23.62 -50.67
C GLY B 170 -39.92 23.36 -49.93
N ASN B 171 -39.56 24.29 -49.07
CA ASN B 171 -38.41 24.10 -48.20
C ASN B 171 -38.67 22.94 -47.23
N PHE B 172 -37.62 22.25 -46.81
CA PHE B 172 -37.79 21.09 -45.93
C PHE B 172 -38.27 21.49 -44.54
N LYS B 173 -39.55 21.24 -44.27
CA LYS B 173 -40.18 21.64 -43.03
C LYS B 173 -39.78 20.76 -41.84
N ASN B 174 -39.17 19.61 -42.09
CA ASN B 174 -38.82 18.72 -41.01
C ASN B 174 -37.36 18.29 -41.09
N LEU B 175 -36.99 17.38 -40.18
CA LEU B 175 -35.67 16.77 -40.14
C LEU B 175 -35.72 15.36 -39.53
N ARG B 176 -34.91 14.48 -40.10
CA ARG B 176 -34.75 13.11 -39.66
C ARG B 176 -33.26 12.80 -39.55
N GLU B 177 -32.92 12.21 -38.41
CA GLU B 177 -31.57 11.70 -38.14
C GLU B 177 -31.66 10.24 -37.70
N PHE B 178 -30.70 9.46 -38.16
CA PHE B 178 -30.59 8.05 -37.75
C PHE B 178 -29.14 7.64 -37.57
N VAL B 179 -28.86 6.77 -36.60
CA VAL B 179 -27.52 6.24 -36.43
C VAL B 179 -27.56 4.72 -36.48
N PHE B 180 -27.11 4.12 -37.59
CA PHE B 180 -27.12 2.67 -37.71
C PHE B 180 -25.82 2.17 -37.15
N LYS B 181 -25.86 1.21 -36.26
CA LYS B 181 -24.57 0.69 -35.80
C LYS B 181 -24.63 -0.77 -35.54
N ASN B 182 -23.58 -1.48 -35.90
CA ASN B 182 -23.53 -2.91 -35.63
C ASN B 182 -22.37 -3.24 -34.71
N ILE B 183 -22.69 -3.74 -33.52
CA ILE B 183 -21.69 -4.15 -32.55
C ILE B 183 -22.31 -5.18 -31.63
N ASP B 184 -21.44 -5.98 -31.00
CA ASP B 184 -21.80 -7.04 -30.05
C ASP B 184 -22.93 -7.98 -30.52
N GLY B 185 -22.86 -8.31 -31.80
CA GLY B 185 -23.77 -9.27 -32.40
C GLY B 185 -25.14 -8.78 -32.86
N TYR B 186 -25.47 -7.51 -32.68
CA TYR B 186 -26.75 -7.03 -33.19
C TYR B 186 -26.79 -5.59 -33.69
N PHE B 187 -27.66 -5.37 -34.67
CA PHE B 187 -27.88 -4.08 -35.29
C PHE B 187 -28.62 -3.16 -34.33
N LYS B 188 -28.28 -1.88 -34.34
CA LYS B 188 -28.95 -0.90 -33.47
C LYS B 188 -29.40 0.32 -34.28
N ILE B 189 -30.53 0.89 -33.90
CA ILE B 189 -31.05 2.07 -34.59
C ILE B 189 -31.40 3.19 -33.61
N TYR B 190 -30.95 4.41 -33.91
CA TYR B 190 -31.25 5.56 -33.07
C TYR B 190 -31.86 6.65 -33.91
N SER B 191 -32.72 7.46 -33.31
CA SER B 191 -33.43 8.49 -34.08
C SER B 191 -33.91 9.71 -33.32
N LYS B 192 -34.24 10.75 -34.09
CA LYS B 192 -34.84 11.97 -33.58
C LYS B 192 -35.54 12.69 -34.72
N HIS B 193 -36.65 13.35 -34.41
CA HIS B 193 -37.37 14.16 -35.40
C HIS B 193 -37.38 15.55 -34.85
N THR B 194 -36.97 16.53 -35.65
CA THR B 194 -36.97 17.90 -35.17
C THR B 194 -37.84 18.85 -35.96
N PRO B 195 -38.69 19.61 -35.26
CA PRO B 195 -39.51 20.61 -35.89
C PRO B 195 -38.61 21.81 -36.00
N ILE B 196 -37.67 21.70 -36.92
CA ILE B 196 -36.64 22.72 -37.09
C ILE B 196 -37.16 24.04 -37.69
N ASN B 197 -36.69 25.19 -37.20
CA ASN B 197 -37.16 26.52 -37.64
C ASN B 197 -36.53 26.96 -38.96
N LEU B 198 -35.25 26.63 -39.14
CA LEU B 198 -34.54 27.03 -40.35
C LEU B 198 -34.22 25.84 -41.25
N VAL B 199 -34.56 25.98 -42.52
CA VAL B 199 -34.42 24.91 -43.51
C VAL B 199 -32.98 24.52 -43.85
N ARG B 200 -32.13 25.52 -44.07
CA ARG B 200 -30.76 25.35 -44.59
C ARG B 200 -29.78 24.55 -43.70
N ASP B 201 -29.12 23.57 -44.35
CA ASP B 201 -28.08 22.74 -43.76
C ASP B 201 -28.48 22.01 -42.48
N LEU B 202 -27.62 22.06 -41.45
CA LEU B 202 -27.85 21.41 -40.16
C LEU B 202 -27.69 22.47 -39.09
N PRO B 203 -28.64 22.54 -38.16
CA PRO B 203 -28.61 23.56 -37.12
C PRO B 203 -27.41 23.41 -36.20
N GLN B 204 -26.80 24.52 -35.81
CA GLN B 204 -25.69 24.47 -34.86
C GLN B 204 -26.23 24.00 -33.52
N GLY B 205 -27.53 24.19 -33.30
CA GLY B 205 -28.19 23.79 -32.07
C GLY B 205 -28.19 22.30 -31.80
N PHE B 206 -28.17 21.95 -30.52
CA PHE B 206 -28.09 20.56 -30.07
C PHE B 206 -29.29 19.66 -30.38
N SER B 207 -29.00 18.42 -30.72
CA SER B 207 -30.02 17.41 -30.98
C SER B 207 -29.57 16.11 -30.37
N VAL B 208 -30.50 15.34 -29.84
CA VAL B 208 -30.15 14.10 -29.16
C VAL B 208 -30.95 12.94 -29.72
N LEU B 209 -30.32 11.80 -29.91
CA LEU B 209 -31.00 10.65 -30.55
C LEU B 209 -31.40 9.58 -29.57
N GLU B 210 -32.64 9.13 -29.68
CA GLU B 210 -33.20 8.14 -28.79
C GLU B 210 -33.28 6.81 -29.53
N PRO B 211 -32.79 5.73 -28.93
CA PRO B 211 -32.83 4.43 -29.62
C PRO B 211 -34.22 4.06 -29.99
N LEU B 212 -34.39 3.60 -31.23
CA LEU B 212 -35.70 3.21 -31.71
C LEU B 212 -35.92 1.71 -31.76
N VAL B 213 -35.11 1.00 -32.50
CA VAL B 213 -35.28 -0.44 -32.61
C VAL B 213 -33.98 -1.19 -32.48
N ASP B 214 -33.99 -2.23 -31.66
CA ASP B 214 -32.82 -3.07 -31.48
C ASP B 214 -33.17 -4.39 -32.11
N LEU B 215 -32.46 -4.76 -33.16
CA LEU B 215 -32.75 -6.02 -33.83
C LEU B 215 -31.52 -6.88 -33.77
N PRO B 216 -31.64 -8.09 -33.22
CA PRO B 216 -30.42 -8.88 -33.16
C PRO B 216 -30.23 -9.75 -34.37
N ILE B 217 -29.29 -9.37 -35.23
CA ILE B 217 -28.93 -10.14 -36.39
C ILE B 217 -27.43 -10.15 -36.44
N GLY B 218 -26.85 -11.25 -36.92
CA GLY B 218 -25.41 -11.39 -36.96
C GLY B 218 -24.81 -10.90 -38.27
N ILE B 219 -25.65 -10.38 -39.16
CA ILE B 219 -25.17 -9.96 -40.46
C ILE B 219 -24.10 -8.89 -40.39
N ASN B 220 -23.13 -9.02 -41.26
CA ASN B 220 -22.01 -8.11 -41.33
C ASN B 220 -22.13 -7.33 -42.61
N ILE B 221 -22.25 -6.01 -42.53
CA ILE B 221 -22.46 -5.21 -43.72
C ILE B 221 -21.37 -4.18 -43.94
N THR B 222 -20.80 -4.17 -45.14
CA THR B 222 -19.75 -3.24 -45.51
C THR B 222 -20.27 -2.12 -46.39
N ARG B 223 -21.53 -2.21 -46.81
CA ARG B 223 -22.05 -1.20 -47.77
C ARG B 223 -23.51 -0.88 -47.52
N PHE B 224 -23.93 0.36 -47.75
CA PHE B 224 -25.32 0.72 -47.53
C PHE B 224 -25.85 1.57 -48.69
N GLN B 225 -27.14 1.41 -48.97
CA GLN B 225 -27.75 2.11 -50.09
C GLN B 225 -29.09 2.67 -49.67
N THR B 226 -29.60 3.63 -50.40
CA THR B 226 -30.87 4.24 -50.03
C THR B 226 -31.92 4.35 -51.15
N LEU B 227 -33.16 4.44 -50.69
CA LEU B 227 -34.35 4.63 -51.50
C LEU B 227 -34.70 6.10 -51.81
N LEU B 228 -35.26 6.28 -53.00
CA LEU B 228 -35.82 7.53 -53.42
C LEU B 228 -37.22 7.32 -53.95
N ALA B 229 -38.02 8.38 -53.88
CA ALA B 229 -39.40 8.38 -54.36
C ALA B 229 -39.44 9.16 -55.66
N LEU B 230 -39.65 8.46 -56.76
CA LEU B 230 -39.76 9.12 -58.07
C LEU B 230 -41.15 9.74 -58.28
N HIS B 231 -41.20 11.00 -58.70
CA HIS B 231 -42.45 11.77 -58.68
C HIS B 231 -43.10 11.72 -60.08
N ARG B 232 -43.45 10.51 -60.51
CA ARG B 232 -43.92 10.30 -61.89
C ARG B 232 -45.24 11.04 -62.18
N SER B 233 -45.29 11.71 -63.33
CA SER B 233 -46.43 12.54 -63.73
C SER B 233 -46.82 12.34 -65.20
N TYR B 234 -47.79 13.12 -65.67
CA TYR B 234 -48.26 13.06 -67.07
C TYR B 234 -47.29 13.71 -68.06
N LEU B 235 -46.54 14.70 -67.60
CA LEU B 235 -45.56 15.44 -68.43
C LEU B 235 -44.34 14.59 -68.82
N THR B 236 -44.04 13.57 -68.02
CA THR B 236 -42.91 12.65 -68.25
C THR B 236 -43.17 11.75 -69.48
N PRO B 237 -42.10 11.29 -70.17
CA PRO B 237 -42.21 10.42 -71.35
C PRO B 237 -43.13 9.19 -71.18
N GLY B 238 -43.06 8.53 -70.02
CA GLY B 238 -43.94 7.41 -69.69
C GLY B 238 -43.29 6.04 -69.79
N ASP B 239 -42.07 5.93 -69.24
CA ASP B 239 -41.33 4.67 -69.18
C ASP B 239 -40.42 4.61 -67.95
N SER B 240 -39.88 3.42 -67.68
CA SER B 240 -39.06 3.17 -66.48
C SER B 240 -37.63 3.69 -66.58
N SER B 241 -37.17 4.03 -67.80
CA SER B 241 -35.80 4.52 -68.04
C SER B 241 -35.65 6.05 -68.10
N SER B 242 -36.70 6.74 -68.54
CA SER B 242 -36.64 8.20 -68.70
C SER B 242 -37.82 8.96 -68.10
N GLY B 243 -38.88 8.29 -67.68
CA GLY B 243 -40.11 8.96 -67.31
C GLY B 243 -40.11 9.28 -65.84
N TRP B 244 -39.55 10.43 -65.44
CA TRP B 244 -39.49 10.77 -64.03
C TRP B 244 -39.13 12.23 -63.87
N THR B 245 -39.68 12.88 -62.84
CA THR B 245 -39.36 14.26 -62.47
C THR B 245 -39.45 14.25 -60.97
N ALA B 246 -38.36 14.02 -60.27
CA ALA B 246 -38.43 13.75 -58.82
C ALA B 246 -38.76 14.97 -57.95
N GLY B 247 -37.84 15.93 -57.91
CA GLY B 247 -37.94 17.10 -57.05
C GLY B 247 -36.81 17.10 -56.06
N ALA B 248 -36.88 18.01 -55.11
CA ALA B 248 -35.88 18.19 -54.07
C ALA B 248 -35.70 16.95 -53.18
N ALA B 249 -34.45 16.48 -53.07
CA ALA B 249 -34.10 15.34 -52.22
C ALA B 249 -32.61 15.36 -51.89
N ALA B 250 -32.28 15.26 -50.59
CA ALA B 250 -30.88 15.27 -50.17
C ALA B 250 -30.70 14.60 -48.82
N TYR B 251 -29.51 14.10 -48.57
CA TYR B 251 -29.24 13.45 -47.29
C TYR B 251 -27.76 13.59 -46.97
N TYR B 252 -27.44 13.61 -45.68
CA TYR B 252 -26.06 13.78 -45.24
C TYR B 252 -25.53 12.48 -44.66
N VAL B 253 -24.34 12.06 -45.09
CA VAL B 253 -23.76 10.81 -44.60
C VAL B 253 -22.39 11.01 -43.98
N GLY B 254 -22.19 10.40 -42.81
CA GLY B 254 -20.92 10.53 -42.08
C GLY B 254 -20.50 9.21 -41.47
N TYR B 255 -19.23 9.11 -41.13
CA TYR B 255 -18.69 7.87 -40.59
C TYR B 255 -18.31 8.04 -39.12
N LEU B 256 -18.82 7.15 -38.30
CA LEU B 256 -18.52 7.20 -36.86
C LEU B 256 -17.18 6.53 -36.61
N GLN B 257 -16.49 6.97 -35.59
CA GLN B 257 -15.24 6.37 -35.18
C GLN B 257 -15.24 6.24 -33.67
N PRO B 258 -14.51 5.26 -33.12
CA PRO B 258 -14.51 5.16 -31.66
C PRO B 258 -13.92 6.42 -31.05
N ARG B 259 -14.65 7.00 -30.12
CA ARG B 259 -14.26 8.23 -29.42
C ARG B 259 -14.77 8.18 -28.00
N THR B 260 -14.19 8.99 -27.14
CA THR B 260 -14.68 9.10 -25.78
C THR B 260 -15.37 10.44 -25.61
N PHE B 261 -16.49 10.41 -24.90
CA PHE B 261 -17.26 11.63 -24.64
C PHE B 261 -17.55 11.91 -23.19
N LEU B 262 -17.88 13.16 -22.92
CA LEU B 262 -18.21 13.60 -21.58
C LEU B 262 -19.60 14.24 -21.63
N LEU B 263 -20.61 13.40 -21.61
CA LEU B 263 -22.01 13.83 -21.64
C LEU B 263 -22.48 14.45 -20.33
N LYS B 264 -23.47 15.33 -20.44
CA LYS B 264 -24.06 15.97 -19.27
C LYS B 264 -25.55 15.70 -19.24
N TYR B 265 -26.07 15.27 -18.10
CA TYR B 265 -27.50 15.05 -17.94
C TYR B 265 -28.13 16.16 -17.11
N ASN B 266 -29.23 16.73 -17.59
CA ASN B 266 -29.94 17.78 -16.85
C ASN B 266 -30.84 17.19 -15.78
N GLU B 267 -31.50 18.07 -15.02
CA GLU B 267 -32.34 17.64 -13.93
C GLU B 267 -33.41 16.66 -14.38
N ASN B 268 -34.08 17.01 -15.48
CA ASN B 268 -35.12 16.14 -16.00
C ASN B 268 -34.56 14.80 -16.45
N GLY B 269 -33.37 14.81 -17.04
CA GLY B 269 -32.73 13.60 -17.52
C GLY B 269 -32.24 13.67 -18.95
N THR B 270 -32.67 14.68 -19.71
CA THR B 270 -32.23 14.84 -21.09
C THR B 270 -30.79 15.32 -21.13
N ILE B 271 -30.09 15.06 -22.24
CA ILE B 271 -28.68 15.46 -22.35
C ILE B 271 -28.52 16.87 -22.88
N THR B 272 -28.13 17.79 -22.02
CA THR B 272 -27.99 19.19 -22.43
C THR B 272 -26.85 19.42 -23.40
N ASP B 273 -25.69 18.85 -23.11
CA ASP B 273 -24.51 19.06 -23.95
C ASP B 273 -23.51 17.93 -23.83
N ALA B 274 -22.77 17.70 -24.89
CA ALA B 274 -21.75 16.68 -24.87
C ALA B 274 -20.45 17.34 -25.28
N VAL B 275 -19.38 17.09 -24.54
CA VAL B 275 -18.08 17.59 -24.95
C VAL B 275 -17.23 16.43 -25.42
N ASP B 276 -16.75 16.51 -26.66
CA ASP B 276 -15.89 15.50 -27.21
C ASP B 276 -14.58 15.49 -26.49
N CYS B 277 -14.09 14.32 -26.10
CA CYS B 277 -12.76 14.27 -25.41
C CYS B 277 -11.55 14.64 -26.26
N ALA B 278 -11.47 14.17 -27.50
CA ALA B 278 -10.28 14.36 -28.32
C ALA B 278 -10.36 15.40 -29.45
N LEU B 279 -11.44 16.16 -29.54
CA LEU B 279 -11.57 17.16 -30.62
C LEU B 279 -10.53 18.29 -30.58
N ASP B 280 -10.27 18.81 -29.40
CA ASP B 280 -9.32 19.90 -29.25
C ASP B 280 -8.50 19.74 -27.99
N PRO B 281 -7.39 20.46 -27.88
CA PRO B 281 -6.57 20.32 -26.68
C PRO B 281 -7.37 20.83 -25.50
N LEU B 282 -8.14 21.89 -25.69
CA LEU B 282 -8.99 22.42 -24.66
C LEU B 282 -10.04 21.39 -24.24
N SER B 283 -10.61 20.73 -25.22
CA SER B 283 -11.62 19.70 -25.00
C SER B 283 -11.06 18.58 -24.17
N GLU B 284 -9.82 18.19 -24.45
CA GLU B 284 -9.17 17.11 -23.72
C GLU B 284 -9.01 17.45 -22.24
N THR B 285 -8.69 18.71 -21.95
CA THR B 285 -8.52 19.17 -20.58
C THR B 285 -9.79 18.99 -19.78
N LYS B 286 -10.93 19.29 -20.40
CA LYS B 286 -12.22 19.15 -19.75
C LYS B 286 -12.48 17.69 -19.41
N CYS B 287 -12.11 16.80 -20.31
CA CYS B 287 -12.36 15.39 -20.12
C CYS B 287 -11.65 14.90 -18.85
N THR B 288 -10.39 15.31 -18.67
CA THR B 288 -9.66 14.92 -17.48
C THR B 288 -10.26 15.55 -16.23
N LEU B 289 -10.58 16.83 -16.33
CA LEU B 289 -11.18 17.57 -15.22
C LEU B 289 -12.56 17.08 -14.84
N LYS B 290 -13.30 16.62 -15.86
CA LYS B 290 -14.66 16.12 -15.78
C LYS B 290 -15.68 17.19 -15.42
N SER B 291 -15.33 18.44 -15.69
CA SER B 291 -16.21 19.57 -15.45
C SER B 291 -16.27 20.35 -16.74
N PHE B 292 -17.46 20.83 -17.11
CA PHE B 292 -17.62 21.54 -18.37
C PHE B 292 -16.90 22.88 -18.43
N THR B 293 -16.88 23.61 -17.32
CA THR B 293 -16.19 24.89 -17.29
C THR B 293 -14.87 24.71 -16.59
N VAL B 294 -13.81 25.20 -17.23
CA VAL B 294 -12.46 25.06 -16.67
C VAL B 294 -11.90 26.41 -16.23
N GLU B 295 -11.51 26.48 -14.95
CA GLU B 295 -10.90 27.66 -14.37
C GLU B 295 -9.47 27.87 -14.86
N LYS B 296 -8.97 29.08 -14.68
CA LYS B 296 -7.62 29.43 -15.06
C LYS B 296 -6.61 28.53 -14.37
N GLY B 297 -5.56 28.15 -15.09
CA GLY B 297 -4.52 27.31 -14.55
C GLY B 297 -3.88 26.43 -15.62
N ILE B 298 -2.99 25.57 -15.17
CA ILE B 298 -2.30 24.64 -16.06
C ILE B 298 -2.67 23.24 -15.62
N TYR B 299 -3.13 22.43 -16.56
CA TYR B 299 -3.56 21.07 -16.25
C TYR B 299 -2.84 20.09 -17.16
N GLN B 300 -2.65 18.88 -16.65
CA GLN B 300 -1.99 17.84 -17.41
C GLN B 300 -3.05 16.85 -17.86
N THR B 301 -3.31 16.82 -19.17
CA THR B 301 -4.28 15.88 -19.76
C THR B 301 -3.80 14.43 -19.89
N SER B 302 -2.65 14.27 -20.54
CA SER B 302 -2.18 12.95 -20.95
C SER B 302 -0.68 12.92 -21.15
N ASN B 303 -0.11 11.73 -21.01
CA ASN B 303 1.32 11.53 -21.12
C ASN B 303 1.64 10.97 -22.49
N PHE B 304 2.60 11.59 -23.14
CA PHE B 304 2.89 11.32 -24.54
C PHE B 304 4.25 10.66 -24.75
N ARG B 305 4.23 9.63 -25.60
CA ARG B 305 5.44 8.89 -25.93
C ARG B 305 5.51 8.78 -27.42
N VAL B 306 6.72 8.65 -27.99
CA VAL B 306 6.86 8.51 -29.44
C VAL B 306 7.01 7.05 -29.83
N GLN B 307 6.04 6.53 -30.56
CA GLN B 307 6.07 5.15 -31.02
C GLN B 307 7.18 4.94 -32.06
N PRO B 308 7.85 3.78 -32.00
CA PRO B 308 8.90 3.45 -32.97
C PRO B 308 8.38 3.31 -34.39
N THR B 309 9.09 3.92 -35.33
CA THR B 309 8.71 3.92 -36.75
C THR B 309 8.84 2.55 -37.40
N GLU B 310 9.92 1.83 -37.08
CA GLU B 310 10.17 0.51 -37.63
C GLU B 310 10.76 -0.49 -36.64
N SER B 311 10.83 -1.76 -37.03
CA SER B 311 11.47 -2.80 -36.25
C SER B 311 12.71 -3.36 -36.94
N ILE B 312 13.79 -3.57 -36.18
CA ILE B 312 15.07 -4.02 -36.74
C ILE B 312 15.64 -5.26 -36.02
N VAL B 313 16.20 -6.17 -36.81
CA VAL B 313 16.74 -7.43 -36.27
C VAL B 313 18.20 -7.59 -36.66
N ARG B 314 19.04 -7.81 -35.65
CA ARG B 314 20.46 -7.88 -35.86
C ARG B 314 21.07 -9.12 -35.24
N PHE B 315 20.84 -10.26 -35.87
CA PHE B 315 21.44 -11.51 -35.48
C PHE B 315 22.85 -11.68 -36.03
N PRO B 316 23.53 -12.75 -35.62
CA PRO B 316 24.93 -13.03 -36.00
C PRO B 316 25.17 -13.12 -37.50
N ASN B 317 26.28 -12.55 -37.96
CA ASN B 317 26.70 -12.63 -39.35
C ASN B 317 27.02 -14.04 -39.88
N ILE B 318 27.61 -14.91 -39.06
CA ILE B 318 28.11 -16.18 -39.52
C ILE B 318 27.00 -17.07 -40.04
N THR B 319 25.89 -17.14 -39.30
CA THR B 319 24.73 -17.95 -39.69
C THR B 319 25.12 -19.39 -40.09
N ASN B 320 25.82 -20.10 -39.20
CA ASN B 320 26.25 -21.47 -39.47
C ASN B 320 25.09 -22.42 -39.67
N LEU B 321 25.35 -23.49 -40.41
CA LEU B 321 24.29 -24.39 -40.84
C LEU B 321 24.54 -25.84 -40.49
N CYS B 322 23.46 -26.62 -40.53
CA CYS B 322 23.51 -28.03 -40.28
C CYS B 322 24.02 -28.79 -41.51
N PRO B 323 24.67 -29.94 -41.30
CA PRO B 323 25.17 -30.71 -42.45
C PRO B 323 24.03 -31.35 -43.26
N PHE B 324 23.28 -30.52 -43.95
CA PHE B 324 22.16 -30.95 -44.80
C PHE B 324 22.61 -31.28 -46.22
N GLY B 325 23.90 -31.07 -46.52
CA GLY B 325 24.50 -31.37 -47.83
C GLY B 325 24.69 -32.84 -48.13
N GLU B 326 24.52 -33.68 -47.10
CA GLU B 326 24.69 -35.11 -47.21
C GLU B 326 23.45 -35.93 -46.84
N VAL B 327 22.44 -35.29 -46.28
CA VAL B 327 21.25 -35.99 -45.81
C VAL B 327 20.41 -36.50 -47.00
N PHE B 328 20.32 -35.68 -48.06
CA PHE B 328 19.45 -36.01 -49.19
C PHE B 328 20.22 -36.29 -50.48
N ASN B 329 21.01 -35.32 -50.91
CA ASN B 329 21.75 -35.42 -52.17
C ASN B 329 23.05 -36.20 -51.97
N ALA B 330 22.91 -37.48 -51.70
CA ALA B 330 24.03 -38.39 -51.40
C ALA B 330 24.07 -39.50 -52.44
N THR B 331 24.99 -40.44 -52.27
CA THR B 331 25.12 -41.53 -53.24
C THR B 331 24.16 -42.68 -52.94
N ARG B 332 24.32 -43.29 -51.76
CA ARG B 332 23.57 -44.47 -51.38
C ARG B 332 22.96 -44.28 -50.00
N PHE B 333 21.78 -44.86 -49.81
CA PHE B 333 21.13 -44.89 -48.51
C PHE B 333 20.92 -46.32 -48.04
N ALA B 334 20.85 -46.48 -46.72
CA ALA B 334 20.68 -47.79 -46.10
C ALA B 334 19.31 -48.40 -46.39
N SER B 335 19.21 -49.70 -46.11
CA SER B 335 17.95 -50.43 -46.28
C SER B 335 16.97 -50.09 -45.15
N VAL B 336 15.70 -50.41 -45.38
CA VAL B 336 14.66 -50.13 -44.39
C VAL B 336 14.85 -50.94 -43.10
N TYR B 337 15.31 -52.19 -43.20
CA TYR B 337 15.59 -52.99 -42.01
C TYR B 337 16.83 -52.54 -41.25
N ALA B 338 17.76 -51.89 -41.95
CA ALA B 338 19.04 -51.47 -41.37
C ALA B 338 19.28 -49.99 -41.63
N TRP B 339 18.28 -49.17 -41.32
CA TRP B 339 18.34 -47.74 -41.59
C TRP B 339 19.52 -47.07 -40.87
N ASN B 340 19.89 -45.89 -41.35
CA ASN B 340 21.01 -45.16 -40.80
C ASN B 340 20.52 -44.09 -39.84
N ARG B 341 20.94 -44.22 -38.59
CA ARG B 341 20.64 -43.24 -37.55
C ARG B 341 21.81 -42.27 -37.42
N LYS B 342 21.52 -40.97 -37.48
CA LYS B 342 22.53 -39.93 -37.41
C LYS B 342 22.16 -38.94 -36.30
N ARG B 343 23.03 -37.97 -36.11
CA ARG B 343 22.87 -36.97 -35.05
C ARG B 343 23.03 -35.58 -35.67
N ILE B 344 22.04 -34.72 -35.44
CA ILE B 344 22.11 -33.31 -35.80
C ILE B 344 22.23 -32.52 -34.50
N SER B 345 23.37 -31.88 -34.32
CA SER B 345 23.69 -31.21 -33.07
C SER B 345 24.49 -29.95 -33.32
N ASN B 346 24.14 -28.90 -32.57
CA ASN B 346 24.87 -27.62 -32.53
C ASN B 346 25.03 -27.01 -33.93
N CYS B 347 23.90 -26.71 -34.55
CA CYS B 347 23.86 -26.06 -35.85
C CYS B 347 22.49 -25.43 -36.06
N VAL B 348 22.28 -24.85 -37.24
CA VAL B 348 21.00 -24.22 -37.58
C VAL B 348 20.42 -24.94 -38.79
N ALA B 349 19.15 -25.35 -38.66
CA ALA B 349 18.42 -26.01 -39.74
C ALA B 349 17.64 -24.97 -40.53
N ASP B 350 16.83 -25.41 -41.49
CA ASP B 350 16.01 -24.52 -42.31
C ASP B 350 14.94 -25.33 -43.01
N TYR B 351 13.91 -24.64 -43.48
CA TYR B 351 12.87 -25.24 -44.31
C TYR B 351 12.84 -24.71 -45.74
N SER B 352 13.20 -23.45 -45.93
CA SER B 352 13.18 -22.83 -47.26
C SER B 352 14.12 -23.48 -48.27
N VAL B 353 15.06 -24.29 -47.79
CA VAL B 353 15.98 -25.00 -48.66
C VAL B 353 15.52 -26.45 -48.90
N LEU B 354 14.22 -26.71 -48.76
CA LEU B 354 13.69 -28.09 -48.78
C LEU B 354 12.87 -28.40 -50.02
N TYR B 355 12.40 -27.36 -50.70
CA TYR B 355 11.46 -27.52 -51.79
C TYR B 355 11.78 -26.71 -53.04
N ASN B 356 12.59 -25.67 -52.93
CA ASN B 356 12.86 -24.87 -54.10
C ASN B 356 13.66 -25.74 -55.05
N SER B 357 12.91 -26.28 -56.03
CA SER B 357 13.33 -27.28 -57.02
C SER B 357 13.45 -28.74 -56.53
N ALA B 358 13.23 -28.98 -55.24
CA ALA B 358 13.32 -30.34 -54.67
C ALA B 358 12.23 -31.26 -55.22
N SER B 359 10.99 -30.76 -55.17
CA SER B 359 9.82 -31.43 -55.73
C SER B 359 9.76 -32.88 -55.29
N PHE B 360 9.86 -33.09 -53.99
CA PHE B 360 9.96 -34.46 -53.50
C PHE B 360 8.58 -35.12 -53.57
N SER B 361 8.50 -36.41 -53.25
CA SER B 361 7.21 -37.11 -53.30
C SER B 361 6.21 -36.53 -52.31
N THR B 362 6.53 -36.59 -51.02
CA THR B 362 5.62 -36.15 -49.98
C THR B 362 6.39 -35.44 -48.88
N PHE B 363 5.99 -34.20 -48.57
CA PHE B 363 6.53 -33.44 -47.46
C PHE B 363 5.39 -33.08 -46.52
N LYS B 364 5.48 -33.54 -45.27
CA LYS B 364 4.47 -33.24 -44.27
C LYS B 364 5.06 -33.36 -42.88
N CYS B 365 4.37 -32.77 -41.90
CA CYS B 365 4.81 -32.80 -40.51
C CYS B 365 3.61 -32.99 -39.60
N TYR B 366 3.85 -33.56 -38.43
CA TYR B 366 2.80 -33.90 -37.48
C TYR B 366 2.94 -33.10 -36.21
N GLY B 367 1.83 -32.50 -35.79
CA GLY B 367 1.75 -31.70 -34.58
C GLY B 367 2.22 -30.26 -34.73
N VAL B 368 2.64 -29.89 -35.93
CA VAL B 368 3.09 -28.53 -36.22
C VAL B 368 3.16 -28.37 -37.75
N SER B 369 2.81 -27.20 -38.23
CA SER B 369 2.88 -26.90 -39.65
C SER B 369 4.32 -26.89 -40.15
N PRO B 370 4.62 -27.64 -41.24
CA PRO B 370 5.97 -27.62 -41.81
C PRO B 370 6.45 -26.23 -42.25
N THR B 371 5.51 -25.32 -42.50
CA THR B 371 5.87 -23.99 -42.99
C THR B 371 6.63 -23.18 -41.93
N LYS B 372 6.29 -23.40 -40.67
CA LYS B 372 6.88 -22.63 -39.57
C LYS B 372 7.95 -23.42 -38.80
N LEU B 373 8.75 -24.21 -39.53
CA LEU B 373 9.92 -24.87 -38.95
C LEU B 373 10.95 -23.86 -38.43
N ASN B 374 10.93 -22.66 -39.00
CA ASN B 374 11.90 -21.63 -38.63
C ASN B 374 11.74 -21.16 -37.18
N ASP B 375 10.51 -20.82 -36.78
CA ASP B 375 10.27 -20.23 -35.47
C ASP B 375 10.42 -21.24 -34.33
N LEU B 376 10.02 -22.49 -34.60
CA LEU B 376 10.13 -23.54 -33.60
C LEU B 376 11.60 -23.83 -33.30
N CYS B 377 11.85 -24.32 -32.10
CA CYS B 377 13.21 -24.50 -31.60
C CYS B 377 13.28 -25.86 -30.90
N PHE B 378 13.94 -26.82 -31.56
CA PHE B 378 14.04 -28.19 -31.05
C PHE B 378 15.27 -28.38 -30.17
N THR B 379 15.59 -29.64 -29.87
CA THR B 379 16.75 -30.03 -29.06
C THR B 379 17.11 -31.47 -29.39
N ASN B 380 18.40 -31.72 -29.64
CA ASN B 380 18.95 -33.05 -29.88
C ASN B 380 18.22 -33.75 -31.04
N VAL B 381 18.39 -33.17 -32.22
CA VAL B 381 17.73 -33.66 -33.43
C VAL B 381 18.47 -34.89 -33.98
N TYR B 382 17.73 -35.97 -34.16
CA TYR B 382 18.25 -37.18 -34.79
C TYR B 382 17.98 -37.16 -36.30
N ALA B 383 18.64 -38.05 -37.01
CA ALA B 383 18.45 -38.20 -38.45
C ALA B 383 18.47 -39.68 -38.82
N ASP B 384 17.31 -40.20 -39.22
CA ASP B 384 17.17 -41.59 -39.66
C ASP B 384 16.73 -41.64 -41.11
N SER B 385 17.42 -42.46 -41.90
CA SER B 385 17.18 -42.52 -43.34
C SER B 385 17.29 -43.96 -43.83
N PHE B 386 16.52 -44.29 -44.85
CA PHE B 386 16.56 -45.60 -45.49
C PHE B 386 15.87 -45.52 -46.85
N VAL B 387 15.80 -46.66 -47.54
CA VAL B 387 15.18 -46.75 -48.85
C VAL B 387 14.17 -47.90 -48.87
N ILE B 388 12.99 -47.62 -49.41
CA ILE B 388 11.92 -48.62 -49.54
C ILE B 388 11.34 -48.59 -50.95
N ARG B 389 10.37 -49.45 -51.19
CA ARG B 389 9.56 -49.41 -52.41
C ARG B 389 8.54 -48.27 -52.32
N GLY B 390 8.22 -47.67 -53.46
CA GLY B 390 7.21 -46.60 -53.52
C GLY B 390 5.83 -47.08 -53.06
N ASP B 391 5.53 -48.35 -53.28
CA ASP B 391 4.27 -48.94 -52.81
C ASP B 391 4.21 -49.03 -51.29
N GLU B 392 5.37 -49.26 -50.67
CA GLU B 392 5.45 -49.37 -49.22
C GLU B 392 5.44 -48.01 -48.51
N VAL B 393 5.30 -46.91 -49.26
CA VAL B 393 5.26 -45.57 -48.69
C VAL B 393 4.05 -45.41 -47.75
N ARG B 394 2.91 -45.93 -48.16
CA ARG B 394 1.69 -45.91 -47.34
C ARG B 394 1.85 -46.61 -45.98
N GLN B 395 2.72 -47.61 -45.93
CA GLN B 395 3.04 -48.27 -44.66
C GLN B 395 3.86 -47.34 -43.76
N ILE B 396 4.54 -46.35 -44.34
CA ILE B 396 5.38 -45.45 -43.54
C ILE B 396 4.50 -44.26 -43.15
N ALA B 397 3.76 -44.46 -42.06
CA ALA B 397 2.87 -43.45 -41.50
C ALA B 397 2.68 -43.72 -40.01
N PRO B 398 2.42 -42.67 -39.22
CA PRO B 398 2.14 -42.88 -37.79
C PRO B 398 0.71 -43.36 -37.53
N GLY B 399 0.51 -44.67 -37.57
CA GLY B 399 -0.81 -45.27 -37.39
C GLY B 399 -1.20 -46.24 -38.49
N GLN B 400 -0.19 -46.70 -39.25
CA GLN B 400 -0.37 -47.74 -40.24
C GLN B 400 0.40 -48.99 -39.79
N THR B 401 0.37 -50.02 -40.62
CA THR B 401 1.04 -51.27 -40.33
C THR B 401 1.51 -51.91 -41.63
N GLY B 402 1.96 -53.16 -41.55
CA GLY B 402 2.44 -53.91 -42.69
C GLY B 402 3.76 -54.61 -42.39
N LYS B 403 4.20 -55.41 -43.35
CA LYS B 403 5.45 -56.15 -43.23
C LYS B 403 6.64 -55.19 -43.04
N ILE B 404 6.74 -54.17 -43.88
CA ILE B 404 7.80 -53.17 -43.76
C ILE B 404 7.63 -52.35 -42.47
N ALA B 405 6.39 -51.95 -42.17
CA ALA B 405 6.12 -51.07 -41.04
C ALA B 405 6.29 -51.76 -39.69
N ASP B 406 6.35 -53.09 -39.68
CA ASP B 406 6.44 -53.85 -38.43
C ASP B 406 7.69 -54.72 -38.31
N TYR B 407 8.39 -54.99 -39.43
CA TYR B 407 9.52 -55.91 -39.42
C TYR B 407 10.86 -55.21 -39.64
N ASN B 408 10.98 -54.46 -40.73
CA ASN B 408 12.20 -53.71 -41.00
C ASN B 408 12.40 -52.54 -40.04
N TYR B 409 11.34 -51.75 -39.87
CA TYR B 409 11.39 -50.56 -39.03
C TYR B 409 9.97 -50.18 -38.61
N LYS B 410 9.84 -49.75 -37.36
CA LYS B 410 8.56 -49.34 -36.80
C LYS B 410 8.55 -47.83 -36.58
N LEU B 411 7.54 -47.17 -37.15
CA LEU B 411 7.33 -45.76 -36.92
C LEU B 411 6.58 -45.57 -35.60
N PRO B 412 7.11 -44.74 -34.68
CA PRO B 412 6.33 -44.40 -33.51
C PRO B 412 5.00 -43.74 -33.89
N ASP B 413 3.89 -44.33 -33.45
CA ASP B 413 2.58 -43.79 -33.75
C ASP B 413 2.37 -42.40 -33.16
N ASP B 414 2.99 -42.15 -32.02
CA ASP B 414 2.98 -40.83 -31.39
C ASP B 414 4.21 -40.02 -31.79
N PHE B 415 4.44 -39.90 -33.10
CA PHE B 415 5.58 -39.16 -33.62
C PHE B 415 5.14 -37.75 -34.02
N THR B 416 5.34 -36.82 -33.09
CA THR B 416 5.08 -35.40 -33.36
C THR B 416 6.27 -34.83 -34.12
N GLY B 417 6.40 -35.25 -35.37
CA GLY B 417 7.54 -34.88 -36.19
C GLY B 417 7.24 -34.84 -37.66
N CYS B 418 8.29 -35.04 -38.46
CA CYS B 418 8.21 -34.91 -39.91
C CYS B 418 8.74 -36.17 -40.58
N VAL B 419 8.04 -36.61 -41.62
CA VAL B 419 8.48 -37.74 -42.44
C VAL B 419 8.47 -37.32 -43.92
N ILE B 420 9.56 -37.60 -44.61
CA ILE B 420 9.73 -37.18 -46.00
C ILE B 420 10.34 -38.34 -46.80
N ALA B 421 9.73 -38.65 -47.94
CA ALA B 421 10.26 -39.63 -48.88
C ALA B 421 10.23 -39.07 -50.30
N TRP B 422 10.97 -39.72 -51.19
CA TRP B 422 10.99 -39.31 -52.59
C TRP B 422 11.43 -40.44 -53.48
N ASN B 423 11.04 -40.35 -54.75
CA ASN B 423 11.33 -41.37 -55.74
C ASN B 423 12.82 -41.37 -56.11
N SER B 424 13.34 -42.57 -56.34
CA SER B 424 14.70 -42.76 -56.84
C SER B 424 14.62 -43.72 -58.03
N ASN B 425 14.38 -43.17 -59.21
CA ASN B 425 14.18 -43.96 -60.42
C ASN B 425 15.44 -44.13 -61.26
N ASN B 426 16.50 -43.41 -60.94
CA ASN B 426 17.74 -43.42 -61.74
C ASN B 426 18.98 -43.89 -60.98
N LEU B 427 18.92 -43.86 -59.65
CA LEU B 427 20.09 -44.22 -58.83
C LEU B 427 19.87 -45.53 -58.08
N ASP B 428 18.80 -45.61 -57.30
CA ASP B 428 18.47 -46.85 -56.59
C ASP B 428 17.80 -47.88 -57.49
N SER B 429 17.32 -47.46 -58.66
CA SER B 429 16.72 -48.38 -59.63
C SER B 429 17.79 -48.83 -60.63
N LYS B 430 18.54 -49.85 -60.22
CA LYS B 430 19.63 -50.38 -61.06
C LYS B 430 19.04 -50.99 -62.33
N VAL B 431 19.69 -50.70 -63.46
CA VAL B 431 19.25 -51.21 -64.77
C VAL B 431 19.22 -52.74 -64.80
N GLY B 432 20.25 -53.35 -64.21
CA GLY B 432 20.33 -54.80 -64.11
C GLY B 432 19.54 -55.39 -62.96
N GLY B 433 18.97 -54.54 -62.10
CA GLY B 433 18.21 -55.02 -60.94
C GLY B 433 18.97 -54.79 -59.65
N ASN B 434 18.48 -53.84 -58.85
CA ASN B 434 19.08 -53.53 -57.56
C ASN B 434 18.60 -54.55 -56.53
N TYR B 435 19.45 -55.52 -56.23
CA TYR B 435 19.12 -56.58 -55.29
C TYR B 435 19.93 -56.54 -53.99
N ASN B 436 20.77 -55.52 -53.83
CA ASN B 436 21.51 -55.33 -52.59
C ASN B 436 20.56 -55.00 -51.43
N TYR B 437 19.56 -54.16 -51.69
CA TYR B 437 18.57 -53.82 -50.69
C TYR B 437 17.70 -55.01 -50.33
N LEU B 438 17.41 -55.13 -49.04
CA LEU B 438 16.66 -56.28 -48.51
C LEU B 438 15.45 -55.80 -47.73
N TYR B 439 14.41 -56.62 -47.70
CA TYR B 439 13.22 -56.36 -46.89
C TYR B 439 12.94 -57.57 -46.00
N ARG B 440 12.71 -57.31 -44.72
CA ARG B 440 12.45 -58.35 -43.73
C ARG B 440 11.03 -58.90 -43.88
N LEU B 441 10.88 -59.95 -44.68
CA LEU B 441 9.57 -60.57 -44.87
C LEU B 441 9.13 -61.39 -43.66
N PHE B 442 10.10 -61.94 -42.92
CA PHE B 442 9.81 -62.85 -41.81
C PHE B 442 10.32 -62.27 -40.51
N ARG B 443 9.48 -62.31 -39.48
CA ARG B 443 9.85 -61.89 -38.13
C ARG B 443 8.86 -62.48 -37.13
N LYS B 444 9.36 -62.83 -35.96
CA LYS B 444 8.55 -63.47 -34.92
C LYS B 444 7.46 -62.52 -34.42
N SER B 445 7.84 -61.26 -34.20
CA SER B 445 6.89 -60.25 -33.72
C SER B 445 7.14 -58.94 -34.45
N ASN B 446 6.58 -57.85 -33.93
CA ASN B 446 6.80 -56.52 -34.48
C ASN B 446 7.97 -55.83 -33.77
N LEU B 447 8.16 -54.56 -34.08
CA LEU B 447 9.22 -53.76 -33.48
C LEU B 447 8.66 -52.65 -32.60
N LYS B 448 9.38 -52.33 -31.53
CA LYS B 448 9.08 -51.16 -30.72
C LYS B 448 9.38 -49.88 -31.49
N PRO B 449 8.75 -48.77 -31.11
CA PRO B 449 9.08 -47.47 -31.71
C PRO B 449 10.57 -47.17 -31.60
N PHE B 450 11.18 -46.73 -32.70
CA PHE B 450 12.62 -46.45 -32.79
C PHE B 450 13.49 -47.63 -32.37
N GLU B 451 13.09 -48.83 -32.75
CA GLU B 451 13.84 -50.05 -32.42
C GLU B 451 14.30 -50.75 -33.70
N ARG B 452 15.51 -51.31 -33.65
CA ARG B 452 16.07 -52.06 -34.77
C ARG B 452 16.15 -53.55 -34.43
N ASP B 453 15.79 -54.38 -35.42
CA ASP B 453 15.93 -55.82 -35.31
C ASP B 453 17.06 -56.27 -36.23
N ILE B 454 18.23 -56.51 -35.64
CA ILE B 454 19.35 -57.05 -36.40
C ILE B 454 19.27 -58.57 -36.35
N SER B 455 18.46 -59.13 -37.25
CA SER B 455 18.24 -60.57 -37.32
C SER B 455 18.44 -61.02 -38.77
N THR B 456 19.68 -61.33 -39.12
CA THR B 456 20.01 -61.80 -40.47
C THR B 456 20.01 -63.32 -40.56
N GLU B 457 19.82 -64.01 -39.42
CA GLU B 457 19.80 -65.46 -39.37
C GLU B 457 18.55 -66.04 -40.03
N ILE B 458 18.62 -67.33 -40.34
CA ILE B 458 17.53 -68.06 -41.00
C ILE B 458 16.35 -68.28 -40.04
N PHE B 476 14.34 -67.11 -45.17
CA PHE B 476 15.23 -65.95 -45.16
C PHE B 476 14.39 -64.69 -44.92
N PRO B 477 14.58 -64.02 -43.78
CA PRO B 477 13.75 -62.83 -43.50
C PRO B 477 14.01 -61.67 -44.47
N LEU B 478 15.28 -61.30 -44.63
CA LEU B 478 15.67 -60.16 -45.46
C LEU B 478 15.67 -60.55 -46.94
N GLN B 479 14.48 -60.72 -47.49
CA GLN B 479 14.32 -61.03 -48.91
C GLN B 479 14.80 -59.88 -49.77
N SER B 480 15.43 -60.21 -50.89
CA SER B 480 16.07 -59.22 -51.74
C SER B 480 15.07 -58.42 -52.55
N TYR B 481 15.27 -57.10 -52.60
CA TYR B 481 14.45 -56.22 -53.42
C TYR B 481 14.70 -56.45 -54.90
N GLY B 482 13.62 -56.34 -55.69
CA GLY B 482 13.70 -56.52 -57.13
C GLY B 482 13.60 -55.20 -57.90
N PHE B 483 14.28 -54.16 -57.41
CA PHE B 483 14.23 -52.85 -58.02
C PHE B 483 14.87 -52.87 -59.41
N GLN B 484 14.03 -52.69 -60.43
CA GLN B 484 14.45 -52.74 -61.82
C GLN B 484 13.81 -51.56 -62.56
N PRO B 485 14.39 -51.15 -63.72
CA PRO B 485 13.76 -50.06 -64.48
C PRO B 485 12.35 -50.40 -64.98
N THR B 486 12.07 -51.68 -65.18
CA THR B 486 10.75 -52.12 -65.61
C THR B 486 9.69 -51.98 -64.51
N ASN B 487 10.12 -51.73 -63.27
CA ASN B 487 9.19 -51.54 -62.15
C ASN B 487 8.32 -50.30 -62.35
N GLY B 488 7.08 -50.39 -61.86
CA GLY B 488 6.15 -49.27 -61.86
C GLY B 488 6.53 -48.18 -60.87
N VAL B 489 5.78 -47.09 -60.91
CA VAL B 489 6.01 -45.96 -60.00
C VAL B 489 5.92 -46.39 -58.54
N GLY B 490 4.90 -47.19 -58.23
CA GLY B 490 4.77 -47.81 -56.91
C GLY B 490 5.89 -48.80 -56.64
N TYR B 491 6.29 -49.54 -57.67
CA TYR B 491 7.36 -50.52 -57.55
C TYR B 491 8.76 -49.91 -57.58
N GLN B 492 8.87 -48.65 -57.97
CA GLN B 492 10.17 -48.00 -58.01
C GLN B 492 10.71 -47.77 -56.60
N PRO B 493 12.05 -47.87 -56.43
CA PRO B 493 12.62 -47.58 -55.11
C PRO B 493 12.47 -46.12 -54.72
N TYR B 494 12.23 -45.89 -53.42
CA TYR B 494 12.03 -44.56 -52.87
C TYR B 494 12.97 -44.34 -51.69
N ARG B 495 13.66 -43.19 -51.70
CA ARG B 495 14.55 -42.82 -50.59
C ARG B 495 13.73 -42.13 -49.51
N VAL B 496 13.84 -42.64 -48.28
CA VAL B 496 13.01 -42.18 -47.16
C VAL B 496 13.89 -41.62 -46.05
N VAL B 497 13.53 -40.44 -45.56
CA VAL B 497 14.22 -39.80 -44.44
C VAL B 497 13.18 -39.35 -43.41
N VAL B 498 13.45 -39.67 -42.15
CA VAL B 498 12.62 -39.20 -41.04
C VAL B 498 13.53 -38.43 -40.07
N LEU B 499 13.05 -37.27 -39.64
CA LEU B 499 13.82 -36.41 -38.74
C LEU B 499 13.26 -36.51 -37.33
N SER B 500 14.02 -37.18 -36.46
CA SER B 500 13.66 -37.33 -35.06
C SER B 500 14.35 -36.26 -34.21
N PHE B 501 13.76 -35.98 -33.06
CA PHE B 501 14.27 -34.95 -32.16
C PHE B 501 13.73 -35.18 -30.75
N THR B 509 19.47 -25.89 -27.62
CA THR B 509 20.69 -25.48 -28.30
C THR B 509 20.65 -25.69 -29.82
N VAL B 510 19.72 -26.53 -30.29
CA VAL B 510 19.48 -26.72 -31.72
C VAL B 510 18.17 -26.02 -32.05
N CYS B 511 18.24 -24.96 -32.85
CA CYS B 511 17.12 -24.04 -32.98
C CYS B 511 17.07 -23.46 -34.37
N GLY B 512 15.92 -22.88 -34.70
CA GLY B 512 15.69 -22.37 -36.05
C GLY B 512 16.40 -21.06 -36.32
N PRO B 513 16.39 -20.60 -37.58
CA PRO B 513 17.01 -19.38 -38.05
C PRO B 513 16.25 -18.13 -37.67
N LYS B 514 16.98 -17.02 -37.58
CA LYS B 514 16.48 -15.76 -37.11
C LYS B 514 16.75 -14.72 -38.21
N LYS B 515 15.69 -14.10 -38.72
CA LYS B 515 15.86 -13.08 -39.76
C LYS B 515 16.49 -11.78 -39.27
N SER B 516 17.31 -11.16 -40.09
CA SER B 516 17.99 -9.90 -39.75
C SER B 516 17.76 -8.78 -40.75
N THR B 517 17.58 -7.53 -40.24
CA THR B 517 17.34 -6.36 -41.09
C THR B 517 18.34 -5.21 -40.87
N ASN B 518 18.51 -4.39 -41.91
CA ASN B 518 19.42 -3.25 -41.90
C ASN B 518 19.21 -2.34 -40.68
N LEU B 519 20.32 -1.94 -40.06
CA LEU B 519 20.32 -1.07 -38.89
C LEU B 519 19.77 0.33 -39.21
N VAL B 520 19.09 0.92 -38.24
CA VAL B 520 18.54 2.27 -38.36
C VAL B 520 19.18 3.19 -37.33
N LYS B 521 19.51 4.42 -37.70
CA LYS B 521 20.16 5.38 -36.79
C LYS B 521 19.32 6.65 -36.54
N ASN B 522 19.29 7.09 -35.27
CA ASN B 522 18.62 8.33 -34.84
C ASN B 522 17.09 8.33 -34.85
N LYS B 523 16.48 7.16 -34.96
CA LYS B 523 15.03 7.09 -34.96
C LYS B 523 14.54 6.05 -33.96
N CYS B 524 13.43 6.33 -33.30
CA CYS B 524 12.87 5.37 -32.40
C CYS B 524 12.57 4.14 -33.20
N VAL B 525 12.82 2.98 -32.62
CA VAL B 525 12.61 1.72 -33.31
C VAL B 525 12.43 0.59 -32.31
N ASN B 526 11.70 -0.44 -32.66
CA ASN B 526 11.65 -1.65 -31.83
C ASN B 526 12.69 -2.54 -32.44
N PHE B 527 13.64 -2.96 -31.63
CA PHE B 527 14.73 -3.76 -32.15
C PHE B 527 14.92 -5.02 -31.32
N ASN B 528 15.50 -6.04 -31.98
CA ASN B 528 15.86 -7.26 -31.32
C ASN B 528 17.31 -7.53 -31.56
N PHE B 529 18.09 -7.64 -30.50
CA PHE B 529 19.52 -7.93 -30.64
C PHE B 529 19.81 -9.19 -29.86
N ASN B 530 20.20 -10.25 -30.57
CA ASN B 530 20.60 -11.53 -29.95
C ASN B 530 19.58 -12.02 -28.92
N GLY B 531 18.29 -11.95 -29.29
CA GLY B 531 17.20 -12.38 -28.42
C GLY B 531 16.80 -11.39 -27.35
N LEU B 532 17.35 -10.17 -27.41
CA LEU B 532 16.99 -9.11 -26.48
C LEU B 532 16.28 -8.00 -27.23
N THR B 533 15.14 -7.60 -26.70
CA THR B 533 14.31 -6.58 -27.32
C THR B 533 14.30 -5.28 -26.51
N GLY B 534 14.61 -4.17 -27.17
CA GLY B 534 14.59 -2.86 -26.54
C GLY B 534 13.99 -1.80 -27.45
N THR B 535 13.47 -0.74 -26.86
CA THR B 535 12.90 0.36 -27.62
C THR B 535 13.67 1.60 -27.25
N GLY B 536 14.19 2.29 -28.25
CA GLY B 536 14.91 3.54 -28.03
C GLY B 536 15.48 4.05 -29.34
N VAL B 537 16.33 5.05 -29.26
CA VAL B 537 16.95 5.59 -30.46
C VAL B 537 18.38 5.12 -30.54
N LEU B 538 18.73 4.38 -31.57
CA LEU B 538 20.12 3.94 -31.73
C LEU B 538 21.00 5.15 -32.01
N THR B 539 22.12 5.24 -31.29
CA THR B 539 23.11 6.28 -31.49
C THR B 539 24.54 5.70 -31.42
N GLU B 540 25.49 6.40 -32.03
CA GLU B 540 26.89 5.96 -31.98
C GLU B 540 27.38 5.94 -30.52
N SER B 541 28.15 4.92 -30.19
CA SER B 541 28.64 4.81 -28.86
C SER B 541 30.12 5.00 -28.68
N ASN B 542 30.47 6.03 -27.92
CA ASN B 542 31.86 6.27 -27.60
C ASN B 542 32.53 5.19 -26.73
N LYS B 543 31.79 4.60 -25.79
CA LYS B 543 32.39 3.67 -24.82
C LYS B 543 32.94 2.38 -25.42
N LYS B 544 34.14 2.05 -24.99
CA LYS B 544 34.86 0.88 -25.46
C LYS B 544 34.30 -0.38 -24.81
N PHE B 545 34.33 -1.49 -25.52
CA PHE B 545 33.83 -2.78 -24.97
C PHE B 545 34.88 -3.91 -25.06
N LEU B 546 35.07 -4.67 -23.99
CA LEU B 546 36.02 -5.78 -24.04
C LEU B 546 35.56 -6.82 -25.03
N PRO B 547 36.47 -7.39 -25.81
CA PRO B 547 36.01 -8.35 -26.81
C PRO B 547 34.85 -9.21 -26.34
N PHE B 548 34.93 -9.70 -25.11
CA PHE B 548 33.90 -10.61 -24.59
C PHE B 548 32.52 -9.99 -24.39
N GLN B 549 32.49 -8.74 -23.95
CA GLN B 549 31.22 -8.07 -23.61
C GLN B 549 30.36 -7.59 -24.81
N GLN B 550 29.04 -7.79 -24.71
CA GLN B 550 28.06 -7.41 -25.75
C GLN B 550 27.04 -6.39 -25.25
N PHE B 551 26.33 -6.74 -24.18
CA PHE B 551 25.34 -5.81 -23.58
C PHE B 551 25.98 -4.72 -22.75
N GLY B 552 25.24 -3.61 -22.56
CA GLY B 552 25.66 -2.47 -21.76
C GLY B 552 24.59 -2.18 -20.72
N ARG B 553 25.00 -1.98 -19.48
CA ARG B 553 24.03 -1.66 -18.44
C ARG B 553 24.46 -0.52 -17.54
N ASP B 554 23.47 0.31 -17.17
CA ASP B 554 23.71 1.48 -16.34
C ASP B 554 23.61 1.11 -14.86
N ILE B 555 23.63 2.14 -14.03
CA ILE B 555 23.51 2.01 -12.58
C ILE B 555 22.21 1.34 -12.13
N ALA B 556 21.12 1.63 -12.83
CA ALA B 556 19.79 1.14 -12.50
C ALA B 556 19.43 -0.17 -13.20
N ASP B 557 20.44 -0.85 -13.76
CA ASP B 557 20.30 -2.15 -14.46
C ASP B 557 19.34 -2.12 -15.64
N THR B 558 19.46 -1.08 -16.46
CA THR B 558 18.66 -0.94 -17.67
C THR B 558 19.63 -0.99 -18.84
N THR B 559 19.28 -1.70 -19.90
CA THR B 559 20.18 -1.81 -21.04
C THR B 559 20.43 -0.43 -21.63
N ASP B 560 21.70 -0.07 -21.78
CA ASP B 560 22.04 1.25 -22.31
C ASP B 560 22.73 1.20 -23.65
N ALA B 561 23.81 0.44 -23.77
CA ALA B 561 24.55 0.42 -25.03
C ALA B 561 24.75 -0.99 -25.56
N VAL B 562 24.33 -1.24 -26.79
CA VAL B 562 24.43 -2.59 -27.32
C VAL B 562 25.25 -2.63 -28.60
N ARG B 563 26.13 -3.61 -28.72
CA ARG B 563 26.93 -3.77 -29.90
C ARG B 563 26.28 -4.80 -30.81
N ASP B 564 25.84 -4.36 -31.98
CA ASP B 564 25.24 -5.26 -32.94
C ASP B 564 26.30 -6.18 -33.52
N PRO B 565 25.97 -7.46 -33.66
CA PRO B 565 26.95 -8.42 -34.18
C PRO B 565 27.42 -8.15 -35.61
N GLN B 566 26.51 -7.79 -36.50
CA GLN B 566 26.87 -7.63 -37.91
C GLN B 566 27.90 -6.53 -38.14
N THR B 567 27.74 -5.38 -37.51
CA THR B 567 28.69 -4.28 -37.72
C THR B 567 29.78 -4.30 -36.65
N LEU B 568 29.58 -5.14 -35.63
CA LEU B 568 30.52 -5.26 -34.52
C LEU B 568 30.82 -3.92 -33.86
N GLU B 569 29.80 -3.07 -33.68
CA GLU B 569 29.99 -1.79 -33.03
C GLU B 569 28.95 -1.52 -31.96
N ILE B 570 29.39 -1.09 -30.78
CA ILE B 570 28.50 -0.74 -29.70
C ILE B 570 27.75 0.52 -30.10
N LEU B 571 26.46 0.57 -29.80
CA LEU B 571 25.64 1.72 -30.15
C LEU B 571 24.98 2.25 -28.90
N ASP B 572 25.06 3.55 -28.63
CA ASP B 572 24.41 4.06 -27.43
C ASP B 572 22.88 3.88 -27.53
N ILE B 573 22.22 3.66 -26.40
CA ILE B 573 20.77 3.47 -26.40
C ILE B 573 20.05 4.44 -25.46
N THR B 574 19.04 5.14 -25.96
CA THR B 574 18.24 6.08 -25.19
C THR B 574 16.76 5.86 -25.54
N PRO B 575 15.84 5.95 -24.56
CA PRO B 575 14.38 5.76 -24.74
C PRO B 575 13.79 6.77 -25.68
N CYS B 576 12.76 6.35 -26.39
CA CYS B 576 11.94 7.23 -27.20
C CYS B 576 11.41 8.28 -26.26
N SER B 577 11.67 9.54 -26.60
CA SER B 577 11.30 10.69 -25.76
C SER B 577 9.83 10.61 -25.21
N PHE B 578 9.52 10.67 -23.82
CA PHE B 578 8.17 10.51 -23.23
C PHE B 578 7.74 11.65 -22.30
N GLY B 579 7.52 12.83 -22.85
CA GLY B 579 7.08 13.96 -22.06
C GLY B 579 5.57 14.09 -21.86
N GLY B 580 5.15 14.52 -20.68
CA GLY B 580 3.75 14.75 -20.38
C GLY B 580 3.23 15.98 -21.10
N VAL B 581 1.91 16.03 -21.34
CA VAL B 581 1.27 17.17 -21.99
C VAL B 581 0.49 18.04 -21.01
N SER B 582 0.83 19.31 -21.01
CA SER B 582 0.16 20.27 -20.15
C SER B 582 -0.56 21.30 -20.99
N VAL B 583 -1.86 21.49 -20.73
CA VAL B 583 -2.64 22.45 -21.47
C VAL B 583 -2.83 23.67 -20.59
N ILE B 584 -2.36 24.80 -21.07
CA ILE B 584 -2.51 26.04 -20.34
C ILE B 584 -3.66 26.76 -20.98
N THR B 585 -4.73 26.95 -20.23
CA THR B 585 -5.87 27.68 -20.69
C THR B 585 -6.15 28.83 -19.76
N PRO B 586 -6.36 30.05 -20.30
CA PRO B 586 -6.71 31.17 -19.45
C PRO B 586 -7.98 30.85 -18.70
N GLY B 587 -8.90 30.15 -19.37
CA GLY B 587 -10.14 29.67 -18.77
C GLY B 587 -11.32 29.76 -19.72
N THR B 588 -12.35 28.96 -19.44
CA THR B 588 -13.58 28.96 -20.23
C THR B 588 -14.31 30.30 -20.11
N ASN B 589 -14.37 30.81 -18.89
CA ASN B 589 -15.05 32.06 -18.60
C ASN B 589 -14.47 33.20 -19.42
N THR B 590 -13.16 33.21 -19.59
CA THR B 590 -12.51 34.30 -20.30
C THR B 590 -12.30 34.05 -21.81
N SER B 591 -11.62 32.98 -22.17
CA SER B 591 -11.33 32.72 -23.60
C SER B 591 -11.08 31.28 -23.97
N ASN B 592 -11.49 30.93 -25.18
CA ASN B 592 -11.30 29.57 -25.69
C ASN B 592 -9.86 29.21 -26.03
N GLN B 593 -9.07 30.14 -26.52
CA GLN B 593 -7.70 29.81 -26.96
C GLN B 593 -6.88 29.26 -25.82
N VAL B 594 -6.16 28.18 -26.07
CA VAL B 594 -5.35 27.50 -25.04
C VAL B 594 -4.01 27.06 -25.65
N ALA B 595 -2.98 26.98 -24.82
CA ALA B 595 -1.64 26.61 -25.30
C ALA B 595 -1.20 25.29 -24.69
N VAL B 596 -0.59 24.43 -25.51
CA VAL B 596 -0.15 23.11 -25.02
C VAL B 596 1.35 23.05 -24.82
N LEU B 597 1.76 22.54 -23.67
CA LEU B 597 3.16 22.41 -23.29
C LEU B 597 3.57 20.93 -23.21
N TYR B 598 4.66 20.60 -23.88
CA TYR B 598 5.25 19.28 -23.78
C TYR B 598 6.36 19.37 -22.77
N GLN B 599 6.28 18.57 -21.72
CA GLN B 599 7.22 18.71 -20.59
C GLN B 599 8.69 18.42 -20.90
N GLY B 600 8.98 17.32 -21.59
CA GLY B 600 10.35 16.91 -21.85
C GLY B 600 10.72 16.75 -23.31
N VAL B 601 9.88 17.22 -24.21
CA VAL B 601 10.09 16.98 -25.63
C VAL B 601 10.67 18.20 -26.32
N ASN B 602 11.71 17.97 -27.13
CA ASN B 602 12.31 19.00 -27.95
C ASN B 602 11.33 19.42 -29.05
N CYS B 603 11.41 20.67 -29.49
CA CYS B 603 10.52 21.16 -30.54
C CYS B 603 10.59 20.38 -31.87
N THR B 604 11.78 19.91 -32.22
CA THR B 604 11.98 19.20 -33.48
C THR B 604 11.30 17.83 -33.46
N GLU B 605 11.35 17.17 -32.31
CA GLU B 605 10.83 15.81 -32.13
C GLU B 605 9.30 15.67 -32.22
N VAL B 606 8.55 16.34 -31.33
CA VAL B 606 7.10 16.20 -31.36
C VAL B 606 6.53 16.72 -32.69
N PRO B 607 5.58 15.96 -33.25
CA PRO B 607 4.95 16.35 -34.51
C PRO B 607 3.87 17.41 -34.29
N SER B 626 2.50 27.21 -35.65
CA SER B 626 1.98 28.41 -35.03
C SER B 626 2.64 28.63 -33.67
N ASN B 627 3.57 29.57 -33.66
CA ASN B 627 4.32 29.95 -32.45
C ASN B 627 4.97 28.78 -31.69
N VAL B 628 5.62 27.88 -32.41
CA VAL B 628 6.37 26.80 -31.77
C VAL B 628 7.47 27.44 -30.94
N PHE B 629 7.61 27.02 -29.69
CA PHE B 629 8.57 27.63 -28.79
C PHE B 629 9.33 26.57 -28.02
N GLN B 630 10.53 26.90 -27.58
CA GLN B 630 11.33 25.99 -26.79
C GLN B 630 11.61 26.66 -25.44
N THR B 631 11.26 26.00 -24.34
CA THR B 631 11.49 26.53 -22.99
C THR B 631 12.09 25.46 -22.13
N ARG B 632 13.22 25.74 -21.51
CA ARG B 632 13.88 24.78 -20.63
C ARG B 632 12.87 23.78 -20.09
N ALA B 633 11.74 24.32 -19.63
CA ALA B 633 10.69 23.50 -19.09
C ALA B 633 10.21 22.44 -20.08
N GLY B 634 10.12 22.80 -21.35
CA GLY B 634 9.69 21.87 -22.37
C GLY B 634 9.34 22.60 -23.65
N CYS B 635 8.66 21.91 -24.56
CA CYS B 635 8.32 22.52 -25.84
C CYS B 635 6.97 23.20 -25.78
N LEU B 636 6.95 24.52 -25.68
CA LEU B 636 5.68 25.24 -25.60
C LEU B 636 5.19 25.70 -26.97
N ILE B 637 3.91 25.42 -27.26
CA ILE B 637 3.31 25.85 -28.53
C ILE B 637 2.03 26.62 -28.33
N GLY B 638 1.76 27.51 -29.27
CA GLY B 638 0.52 28.29 -29.29
C GLY B 638 0.56 29.53 -28.42
N ALA B 639 1.71 29.83 -27.82
CA ALA B 639 1.81 31.00 -26.99
C ALA B 639 2.78 31.98 -27.61
N GLU B 640 2.35 33.22 -27.77
CA GLU B 640 3.24 34.24 -28.25
C GLU B 640 4.25 34.51 -27.18
N HIS B 641 5.50 34.69 -27.56
CA HIS B 641 6.56 34.91 -26.58
C HIS B 641 6.95 36.39 -26.50
N VAL B 642 6.88 36.94 -25.31
CA VAL B 642 7.21 38.35 -25.10
C VAL B 642 8.42 38.54 -24.21
N ASN B 643 9.32 39.43 -24.65
CA ASN B 643 10.54 39.76 -23.90
C ASN B 643 10.24 40.40 -22.54
N ASN B 644 9.20 41.21 -22.47
CA ASN B 644 8.85 41.93 -21.24
C ASN B 644 8.52 40.98 -20.12
N SER B 645 8.97 41.31 -18.91
CA SER B 645 8.75 40.45 -17.77
C SER B 645 7.62 40.98 -16.91
N TYR B 646 6.63 40.13 -16.64
CA TYR B 646 5.46 40.52 -15.84
C TYR B 646 5.38 39.59 -14.65
N GLU B 647 4.67 40.02 -13.60
CA GLU B 647 4.40 39.14 -12.45
C GLU B 647 3.75 37.86 -12.90
N CYS B 648 4.27 36.72 -12.44
CA CYS B 648 3.78 35.43 -12.92
C CYS B 648 2.28 35.28 -12.72
N ASP B 649 1.59 34.88 -13.77
CA ASP B 649 0.14 34.65 -13.65
C ASP B 649 -0.12 33.16 -13.57
N ILE B 650 0.41 32.42 -14.53
CA ILE B 650 0.30 30.99 -14.60
C ILE B 650 1.72 30.48 -14.63
N PRO B 651 2.05 29.48 -13.80
CA PRO B 651 3.43 29.05 -13.83
C PRO B 651 3.64 27.85 -14.73
N ILE B 652 4.47 28.01 -15.75
CA ILE B 652 4.83 26.91 -16.66
C ILE B 652 6.02 26.13 -16.16
N GLY B 653 6.76 26.71 -15.21
CA GLY B 653 7.94 26.07 -14.66
C GLY B 653 9.22 26.51 -15.33
N ALA B 654 10.34 26.21 -14.66
CA ALA B 654 11.68 26.59 -15.09
C ALA B 654 11.85 28.07 -15.45
N GLY B 655 11.23 28.94 -14.65
CA GLY B 655 11.35 30.38 -14.81
C GLY B 655 10.57 31.03 -15.95
N ILE B 656 9.66 30.30 -16.58
CA ILE B 656 8.83 30.87 -17.62
C ILE B 656 7.38 30.86 -17.21
N CYS B 657 6.72 32.01 -17.27
CA CYS B 657 5.30 32.05 -16.97
C CYS B 657 4.49 32.28 -18.25
N ALA B 658 3.17 32.14 -18.15
CA ALA B 658 2.28 32.43 -19.27
C ALA B 658 1.07 33.18 -18.74
N SER B 659 0.52 34.07 -19.56
CA SER B 659 -0.66 34.83 -19.19
C SER B 659 -1.41 35.29 -20.41
N TYR B 660 -2.64 35.75 -20.22
CA TYR B 660 -3.46 36.21 -21.33
C TYR B 660 -3.33 37.72 -21.46
N GLN B 661 -2.85 38.16 -22.61
CA GLN B 661 -2.68 39.58 -22.88
C GLN B 661 -3.39 39.99 -24.16
N THR B 662 -4.11 41.10 -24.11
CA THR B 662 -4.83 41.58 -25.28
C THR B 662 -3.87 41.96 -26.39
N SER B 672 -8.12 39.21 -30.47
CA SER B 672 -7.14 40.21 -30.08
C SER B 672 -6.25 39.68 -28.95
N GLN B 673 -6.88 39.22 -27.88
CA GLN B 673 -6.14 38.68 -26.75
C GLN B 673 -5.50 37.33 -27.10
N SER B 674 -4.26 37.12 -26.68
CA SER B 674 -3.55 35.88 -26.97
C SER B 674 -2.67 35.45 -25.80
N ILE B 675 -2.38 34.15 -25.72
CA ILE B 675 -1.53 33.63 -24.66
C ILE B 675 -0.07 33.98 -24.93
N ILE B 676 0.64 34.47 -23.91
CA ILE B 676 2.03 34.90 -24.06
C ILE B 676 2.91 34.36 -22.95
N ALA B 677 4.15 33.99 -23.28
CA ALA B 677 5.05 33.40 -22.28
C ALA B 677 6.30 34.21 -22.10
N TYR B 678 6.61 34.55 -20.85
CA TYR B 678 7.73 35.42 -20.54
C TYR B 678 8.46 34.95 -19.31
N THR B 679 9.72 35.33 -19.19
CA THR B 679 10.48 35.09 -17.98
C THR B 679 9.86 36.01 -16.93
N MET B 680 9.56 35.48 -15.75
CA MET B 680 8.85 36.27 -14.75
C MET B 680 9.78 37.17 -13.92
N SER B 681 9.64 38.48 -14.08
CA SER B 681 10.41 39.40 -13.26
C SER B 681 9.94 39.22 -11.83
N LEU B 682 10.87 39.15 -10.90
CA LEU B 682 10.55 38.89 -9.51
C LEU B 682 9.74 40.04 -8.92
N GLY B 683 10.19 41.26 -9.19
CA GLY B 683 9.53 42.47 -8.67
C GLY B 683 10.11 43.72 -9.30
N ALA B 684 9.41 44.84 -9.15
CA ALA B 684 9.92 46.13 -9.62
C ALA B 684 11.23 46.46 -8.92
N GLU B 685 12.22 46.87 -9.68
CA GLU B 685 13.54 47.01 -9.08
C GLU B 685 13.79 48.40 -8.57
N ASN B 686 13.83 48.57 -7.25
CA ASN B 686 14.08 49.87 -6.67
C ASN B 686 15.32 49.77 -5.80
N SER B 687 16.26 50.65 -6.02
CA SER B 687 17.47 50.67 -5.20
C SER B 687 17.47 51.84 -4.24
N VAL B 688 17.50 51.57 -2.95
CA VAL B 688 17.53 52.65 -1.98
C VAL B 688 18.88 53.32 -2.05
N ALA B 689 18.88 54.62 -1.83
CA ALA B 689 20.13 55.38 -1.82
C ALA B 689 20.68 55.27 -0.42
N TYR B 690 21.89 54.75 -0.30
CA TYR B 690 22.46 54.48 1.00
C TYR B 690 23.60 55.45 1.25
N SER B 691 23.58 56.10 2.41
CA SER B 691 24.65 57.04 2.74
C SER B 691 25.11 56.87 4.15
N ASN B 692 26.30 57.39 4.44
CA ASN B 692 26.91 57.31 5.77
C ASN B 692 26.10 58.03 6.79
N ASN B 693 25.57 59.19 6.37
CA ASN B 693 24.76 60.05 7.21
C ASN B 693 23.31 60.30 6.80
N SER B 694 22.65 59.45 5.99
CA SER B 694 21.27 59.75 5.56
C SER B 694 20.11 58.87 6.15
N ILE B 695 18.92 59.46 6.43
CA ILE B 695 17.75 58.77 6.89
C ILE B 695 16.37 59.34 6.47
N ALA B 696 15.42 58.41 6.50
CA ALA B 696 14.03 58.67 6.23
C ALA B 696 13.06 58.20 7.33
N ILE B 697 12.14 59.10 7.71
CA ILE B 697 11.13 58.80 8.71
C ILE B 697 9.77 59.12 8.10
N PRO B 698 8.75 58.29 8.41
CA PRO B 698 7.45 58.42 7.82
C PRO B 698 6.50 59.33 8.57
N THR B 699 6.01 60.35 7.88
CA THR B 699 5.14 61.37 8.48
C THR B 699 3.74 60.84 8.77
N ASN B 700 3.22 59.99 7.89
CA ASN B 700 1.91 59.40 8.08
C ASN B 700 1.98 57.87 8.20
N PHE B 701 1.12 57.32 9.04
CA PHE B 701 1.03 55.90 9.33
C PHE B 701 -0.34 55.36 8.93
N THR B 702 -0.38 54.24 8.21
CA THR B 702 -1.66 53.68 7.76
C THR B 702 -1.93 52.31 8.38
N ILE B 703 -3.16 52.11 8.84
CA ILE B 703 -3.57 50.85 9.41
C ILE B 703 -4.33 50.08 8.37
N SER B 704 -3.85 48.88 8.05
CA SER B 704 -4.49 48.03 7.05
C SER B 704 -4.86 46.70 7.66
N VAL B 705 -5.90 46.08 7.13
CA VAL B 705 -6.33 44.77 7.60
C VAL B 705 -6.05 43.70 6.55
N THR B 706 -5.35 42.65 6.98
CA THR B 706 -4.98 41.55 6.12
C THR B 706 -5.63 40.30 6.69
N THR B 707 -6.06 39.40 5.81
CA THR B 707 -6.75 38.19 6.23
C THR B 707 -5.97 36.92 5.92
N GLU B 708 -5.82 36.09 6.94
CA GLU B 708 -5.10 34.83 6.81
C GLU B 708 -6.04 33.68 7.10
N ILE B 709 -6.03 32.69 6.22
CA ILE B 709 -7.00 31.58 6.32
C ILE B 709 -6.31 30.27 6.61
N LEU B 710 -6.76 29.56 7.65
CA LEU B 710 -6.16 28.29 8.02
C LEU B 710 -7.24 27.22 8.16
N PRO B 711 -6.91 25.97 7.83
CA PRO B 711 -7.90 24.94 7.98
C PRO B 711 -7.74 24.18 9.28
N VAL B 712 -8.63 24.43 10.22
CA VAL B 712 -8.57 23.80 11.56
C VAL B 712 -8.91 22.31 11.56
N SER B 713 -9.94 21.92 10.83
CA SER B 713 -10.38 20.52 10.88
C SER B 713 -10.89 19.99 9.55
N MET B 714 -10.92 18.66 9.42
CA MET B 714 -11.50 18.02 8.24
C MET B 714 -12.61 17.10 8.68
N THR B 715 -13.54 16.84 7.77
CA THR B 715 -14.73 16.07 8.14
C THR B 715 -14.38 14.70 8.69
N LYS B 716 -15.01 14.37 9.82
CA LYS B 716 -14.73 13.07 10.41
C LYS B 716 -15.50 12.03 9.62
N THR B 717 -14.76 11.05 9.11
CA THR B 717 -15.36 10.00 8.32
C THR B 717 -15.04 8.65 8.92
N SER B 718 -16.06 7.85 9.19
CA SER B 718 -15.89 6.51 9.65
C SER B 718 -16.40 5.55 8.63
N VAL B 719 -15.58 4.58 8.25
CA VAL B 719 -15.97 3.61 7.25
C VAL B 719 -15.91 2.23 7.88
N ASP B 720 -16.98 1.45 7.76
CA ASP B 720 -17.01 0.12 8.32
C ASP B 720 -16.27 -0.79 7.36
N CYS B 721 -15.16 -1.34 7.83
CA CYS B 721 -14.39 -2.22 7.00
C CYS B 721 -15.20 -3.44 6.54
N THR B 722 -15.99 -4.04 7.43
CA THR B 722 -16.75 -5.24 7.06
C THR B 722 -17.79 -4.98 6.00
N MET B 723 -18.60 -3.94 6.15
CA MET B 723 -19.66 -3.65 5.16
C MET B 723 -19.18 -3.23 3.77
N TYR B 724 -18.13 -2.42 3.68
CA TYR B 724 -17.68 -1.96 2.37
C TYR B 724 -17.10 -3.08 1.51
N ILE B 725 -16.16 -3.83 2.06
CA ILE B 725 -15.42 -4.84 1.31
C ILE B 725 -16.26 -6.06 0.90
N CYS B 726 -16.88 -6.68 1.90
CA CYS B 726 -17.67 -7.90 1.72
C CYS B 726 -19.05 -7.54 1.17
N GLY B 727 -19.60 -6.42 1.60
CA GLY B 727 -20.97 -6.06 1.23
C GLY B 727 -21.95 -6.78 2.13
N ASP B 728 -23.21 -6.84 1.73
CA ASP B 728 -24.27 -7.44 2.55
C ASP B 728 -24.14 -8.95 2.73
N SER B 729 -23.69 -9.64 1.69
CA SER B 729 -23.61 -11.10 1.69
C SER B 729 -22.75 -11.71 2.79
N THR B 730 -23.30 -12.74 3.42
CA THR B 730 -22.61 -13.48 4.48
C THR B 730 -21.38 -14.24 3.99
N GLU B 731 -21.45 -14.81 2.79
CA GLU B 731 -20.35 -15.60 2.23
C GLU B 731 -19.12 -14.74 2.05
N CYS B 732 -19.32 -13.48 1.66
CA CYS B 732 -18.22 -12.59 1.43
C CYS B 732 -17.52 -12.28 2.74
N SER B 733 -18.30 -12.19 3.82
CA SER B 733 -17.79 -11.89 5.16
C SER B 733 -16.81 -12.91 5.66
N ASN B 734 -17.06 -14.19 5.39
CA ASN B 734 -16.21 -15.25 5.91
C ASN B 734 -14.77 -15.17 5.43
N LEU B 735 -14.59 -14.80 4.18
CA LEU B 735 -13.25 -14.66 3.62
C LEU B 735 -12.48 -13.53 4.29
N LEU B 736 -13.19 -12.45 4.64
CA LEU B 736 -12.62 -11.31 5.32
C LEU B 736 -12.07 -11.68 6.69
N LEU B 737 -12.75 -12.60 7.38
CA LEU B 737 -12.31 -13.11 8.67
C LEU B 737 -10.96 -13.80 8.56
N GLN B 738 -10.76 -14.53 7.47
CA GLN B 738 -9.50 -15.22 7.21
C GLN B 738 -8.34 -14.24 7.14
N TYR B 739 -8.56 -13.10 6.52
CA TYR B 739 -7.48 -12.12 6.38
C TYR B 739 -6.92 -11.64 7.70
N GLY B 740 -7.74 -11.43 8.72
CA GLY B 740 -7.19 -11.06 10.02
C GLY B 740 -7.88 -9.91 10.67
N SER B 741 -7.08 -9.07 11.30
CA SER B 741 -7.56 -7.90 11.98
C SER B 741 -7.43 -6.67 11.09
N PHE B 742 -7.13 -6.87 9.80
CA PHE B 742 -7.11 -5.76 8.85
C PHE B 742 -8.43 -5.00 8.83
N CYS B 743 -9.52 -5.75 8.81
CA CYS B 743 -10.81 -5.12 8.84
C CYS B 743 -10.96 -4.28 10.11
N THR B 744 -10.65 -4.88 11.24
CA THR B 744 -10.72 -4.21 12.52
C THR B 744 -9.71 -3.08 12.68
N GLN B 745 -8.48 -3.30 12.21
CA GLN B 745 -7.42 -2.29 12.31
C GLN B 745 -7.75 -1.01 11.54
N LEU B 746 -8.30 -1.15 10.35
CA LEU B 746 -8.61 0.02 9.53
C LEU B 746 -9.65 0.92 10.18
N ASN B 747 -10.65 0.31 10.81
CA ASN B 747 -11.68 1.06 11.49
C ASN B 747 -11.11 1.84 12.66
N ARG B 748 -10.18 1.22 13.38
CA ARG B 748 -9.54 1.87 14.52
C ARG B 748 -8.76 3.10 14.08
N ALA B 749 -8.06 2.99 12.97
CA ALA B 749 -7.27 4.12 12.49
C ALA B 749 -8.17 5.30 12.14
N LEU B 750 -9.28 5.03 11.47
CA LEU B 750 -10.19 6.10 11.12
C LEU B 750 -10.78 6.76 12.36
N THR B 751 -11.13 5.95 13.36
CA THR B 751 -11.71 6.50 14.57
C THR B 751 -10.70 7.41 15.26
N GLY B 752 -9.45 6.99 15.29
CA GLY B 752 -8.39 7.83 15.86
C GLY B 752 -8.36 9.16 15.17
N ILE B 753 -8.48 9.14 13.84
CA ILE B 753 -8.50 10.35 13.04
C ILE B 753 -9.71 11.22 13.38
N ALA B 754 -10.85 10.57 13.59
CA ALA B 754 -12.09 11.26 13.90
C ALA B 754 -11.99 12.00 15.25
N VAL B 755 -11.36 11.35 16.23
CA VAL B 755 -11.18 11.92 17.56
C VAL B 755 -10.26 13.14 17.48
N GLU B 756 -9.23 13.04 16.63
CA GLU B 756 -8.27 14.11 16.45
C GLU B 756 -8.88 15.40 15.94
N GLN B 757 -9.87 15.29 15.07
CA GLN B 757 -10.54 16.47 14.54
C GLN B 757 -11.18 17.30 15.63
N ASP B 758 -11.84 16.63 16.57
CA ASP B 758 -12.48 17.30 17.67
C ASP B 758 -11.46 18.00 18.55
N LYS B 759 -10.33 17.32 18.77
CA LYS B 759 -9.26 17.86 19.58
C LYS B 759 -8.68 19.13 18.98
N ASN B 760 -8.53 19.15 17.66
CA ASN B 760 -7.94 20.31 16.98
C ASN B 760 -8.81 21.53 17.16
N THR B 761 -10.09 21.34 16.93
CA THR B 761 -11.06 22.42 17.02
C THR B 761 -11.08 22.90 18.47
N GLN B 762 -11.01 21.95 19.39
CA GLN B 762 -11.03 22.25 20.81
C GLN B 762 -9.84 23.11 21.19
N GLU B 763 -8.66 22.76 20.70
CA GLU B 763 -7.47 23.52 21.00
C GLU B 763 -7.51 24.92 20.43
N VAL B 764 -7.95 25.04 19.18
CA VAL B 764 -7.98 26.31 18.46
C VAL B 764 -8.99 27.30 19.03
N PHE B 765 -10.20 26.82 19.33
CA PHE B 765 -11.27 27.75 19.76
C PHE B 765 -11.60 27.79 21.26
N ALA B 766 -11.35 26.71 22.00
CA ALA B 766 -11.60 26.74 23.43
C ALA B 766 -10.44 27.38 24.16
N GLN B 767 -10.18 28.64 23.84
CA GLN B 767 -9.11 29.39 24.46
C GLN B 767 -9.59 30.17 25.66
N VAL B 768 -10.89 30.21 25.84
CA VAL B 768 -11.50 31.03 26.88
C VAL B 768 -12.32 30.20 27.83
N LYS B 769 -12.17 30.50 29.11
CA LYS B 769 -12.88 29.76 30.16
C LYS B 769 -14.35 30.11 30.17
N GLN B 770 -14.65 31.38 29.98
CA GLN B 770 -16.02 31.87 30.05
C GLN B 770 -16.37 32.77 28.87
N ILE B 771 -17.50 32.51 28.24
CA ILE B 771 -18.02 33.38 27.19
C ILE B 771 -18.28 34.75 27.76
N TYR B 772 -17.83 35.79 27.06
CA TYR B 772 -18.04 37.16 27.49
C TYR B 772 -19.06 37.82 26.58
N LYS B 773 -20.18 38.26 27.14
CA LYS B 773 -21.19 38.94 26.35
C LYS B 773 -20.64 40.31 25.97
N THR B 774 -20.91 40.71 24.74
CA THR B 774 -20.49 42.03 24.25
C THR B 774 -21.16 43.14 25.04
N PRO B 775 -20.45 44.26 25.28
CA PRO B 775 -21.05 45.31 26.10
C PRO B 775 -22.24 45.94 25.38
N PRO B 776 -23.31 46.27 26.11
CA PRO B 776 -24.49 46.84 25.44
C PRO B 776 -24.15 48.14 24.70
N ILE B 777 -23.39 49.00 25.36
CA ILE B 777 -22.90 50.21 24.74
C ILE B 777 -22.01 49.81 23.57
N LYS B 778 -22.24 50.44 22.43
CA LYS B 778 -21.44 50.15 21.24
C LYS B 778 -20.33 51.15 21.03
N ASP B 779 -20.21 52.12 21.94
CA ASP B 779 -19.17 53.12 21.83
C ASP B 779 -17.81 52.46 22.00
N PHE B 780 -16.93 52.65 21.02
CA PHE B 780 -15.57 52.11 21.08
C PHE B 780 -14.56 53.12 20.60
N GLY B 781 -14.72 54.36 21.06
CA GLY B 781 -13.85 55.46 20.66
C GLY B 781 -13.74 55.64 19.15
N GLY B 782 -14.87 55.56 18.47
CA GLY B 782 -14.94 55.78 17.03
C GLY B 782 -14.62 54.60 16.14
N PHE B 783 -14.45 53.41 16.71
CA PHE B 783 -14.18 52.23 15.91
C PHE B 783 -15.49 51.49 15.65
N ASN B 784 -15.77 51.15 14.40
CA ASN B 784 -17.00 50.44 14.11
C ASN B 784 -16.72 48.97 13.94
N PHE B 785 -17.36 48.17 14.79
CA PHE B 785 -17.16 46.72 14.81
C PHE B 785 -18.38 45.95 14.31
N SER B 786 -19.25 46.58 13.55
CA SER B 786 -20.48 45.91 13.16
C SER B 786 -20.25 44.65 12.32
N GLN B 787 -19.33 44.68 11.38
CA GLN B 787 -19.10 43.48 10.59
C GLN B 787 -18.61 42.28 11.42
N ILE B 788 -17.63 42.54 12.27
CA ILE B 788 -17.01 41.48 13.08
C ILE B 788 -17.93 40.84 14.14
N LEU B 789 -18.70 41.67 14.84
CA LEU B 789 -19.55 41.23 15.93
C LEU B 789 -20.85 40.57 15.47
N PRO B 790 -21.37 39.63 16.27
CA PRO B 790 -22.60 38.88 15.99
C PRO B 790 -23.84 39.76 15.99
N ASP B 791 -24.80 39.39 15.15
CA ASP B 791 -26.04 40.14 14.99
C ASP B 791 -27.18 39.35 15.61
N PRO B 792 -27.84 39.95 16.63
CA PRO B 792 -28.95 39.31 17.34
C PRO B 792 -30.17 39.09 16.46
N SER B 793 -30.47 40.07 15.61
CA SER B 793 -31.61 39.97 14.70
C SER B 793 -31.46 38.79 13.75
N LYS B 794 -30.25 38.61 13.23
CA LYS B 794 -29.97 37.51 12.32
C LYS B 794 -29.97 36.19 13.08
N PRO B 795 -30.52 35.13 12.49
CA PRO B 795 -30.50 33.79 13.07
C PRO B 795 -29.10 33.20 13.03
N SER B 796 -28.83 32.30 13.97
CA SER B 796 -27.57 31.53 14.13
C SER B 796 -26.37 32.30 14.71
N LYS B 797 -26.58 33.57 15.10
CA LYS B 797 -25.55 34.38 15.76
C LYS B 797 -24.22 34.39 15.01
N ARG B 798 -24.29 34.56 13.69
CA ARG B 798 -23.08 34.64 12.89
C ARG B 798 -22.87 36.07 12.43
N SER B 799 -21.65 36.57 12.59
CA SER B 799 -21.37 37.96 12.23
C SER B 799 -21.45 38.17 10.72
N PHE B 800 -21.65 39.41 10.30
CA PHE B 800 -21.79 39.72 8.89
C PHE B 800 -20.60 39.24 8.06
N ILE B 801 -19.38 39.43 8.56
CA ILE B 801 -18.20 38.93 7.87
C ILE B 801 -18.25 37.40 7.82
N GLU B 802 -18.62 36.80 8.95
CA GLU B 802 -18.72 35.35 9.06
C GLU B 802 -19.81 34.77 8.18
N ASP B 803 -20.96 35.43 8.13
CA ASP B 803 -22.08 34.93 7.34
C ASP B 803 -21.74 34.98 5.84
N LEU B 804 -21.01 36.02 5.44
CA LEU B 804 -20.56 36.18 4.06
C LEU B 804 -19.61 35.04 3.69
N LEU B 805 -18.77 34.68 4.64
CA LEU B 805 -17.78 33.62 4.43
C LEU B 805 -18.44 32.27 4.18
N PHE B 806 -19.48 31.95 4.93
CA PHE B 806 -20.16 30.67 4.75
C PHE B 806 -20.67 30.45 3.33
N ASN B 807 -21.13 31.53 2.70
CA ASN B 807 -21.60 31.44 1.32
C ASN B 807 -20.46 31.07 0.38
N LYS B 808 -19.30 31.68 0.60
CA LYS B 808 -18.12 31.45 -0.20
C LYS B 808 -17.70 30.01 -0.30
N VAL B 809 -17.62 29.31 0.83
CA VAL B 809 -17.25 27.91 0.79
C VAL B 809 -18.47 27.08 1.12
N THR B 810 -18.85 26.22 0.18
CA THR B 810 -20.02 25.34 0.38
C THR B 810 -19.63 23.89 0.12
N LEU B 811 -20.02 23.03 1.05
CA LEU B 811 -19.60 21.62 1.04
C LEU B 811 -20.15 20.89 -0.18
N ALA B 812 -21.40 21.18 -0.52
CA ALA B 812 -22.04 20.55 -1.69
C ALA B 812 -21.37 20.91 -3.02
N LYS B 837 -23.57 6.15 5.36
CA LYS B 837 -24.56 6.85 4.56
C LYS B 837 -24.85 6.18 3.21
N PHE B 838 -24.27 6.72 2.15
CA PHE B 838 -24.44 6.23 0.82
C PHE B 838 -24.18 4.74 0.61
N ASN B 839 -23.03 4.25 1.05
CA ASN B 839 -22.73 2.86 0.91
C ASN B 839 -21.62 2.40 1.85
N GLY B 840 -21.96 2.23 3.11
CA GLY B 840 -20.98 1.84 4.14
C GLY B 840 -20.03 2.93 4.57
N LEU B 841 -20.20 4.16 4.09
CA LEU B 841 -19.33 5.26 4.50
C LEU B 841 -20.18 6.24 5.26
N THR B 842 -19.78 6.57 6.47
CA THR B 842 -20.58 7.44 7.31
C THR B 842 -19.75 8.66 7.66
N VAL B 843 -20.41 9.80 7.52
CA VAL B 843 -19.84 11.07 7.92
C VAL B 843 -20.42 11.47 9.28
N LEU B 844 -19.54 11.66 10.29
CA LEU B 844 -19.98 12.04 11.64
C LEU B 844 -19.87 13.55 11.87
N PRO B 845 -20.87 14.17 12.50
CA PRO B 845 -20.95 15.60 12.77
C PRO B 845 -19.93 16.07 13.80
N PRO B 846 -19.42 17.29 13.68
CA PRO B 846 -18.37 17.81 14.56
C PRO B 846 -18.77 17.89 16.02
N LEU B 847 -17.87 17.49 16.93
CA LEU B 847 -18.17 17.60 18.36
C LEU B 847 -18.73 18.98 18.70
N LEU B 848 -18.19 20.01 18.06
CA LEU B 848 -18.73 21.35 18.24
C LEU B 848 -19.60 21.72 17.07
N THR B 849 -20.84 22.04 17.37
CA THR B 849 -21.76 22.50 16.34
C THR B 849 -21.39 23.89 15.86
N ASP B 850 -21.48 24.10 14.56
CA ASP B 850 -21.16 25.40 13.98
C ASP B 850 -21.65 26.53 14.88
N GLU B 851 -22.85 26.39 15.44
CA GLU B 851 -23.38 27.37 16.35
C GLU B 851 -22.47 27.61 17.55
N MET B 852 -21.98 26.54 18.14
CA MET B 852 -21.09 26.64 19.29
C MET B 852 -19.79 27.34 18.94
N ILE B 853 -19.26 27.04 17.75
CA ILE B 853 -18.03 27.65 17.29
C ILE B 853 -18.22 29.16 17.17
N ALA B 854 -19.43 29.56 16.76
CA ALA B 854 -19.74 30.97 16.62
C ALA B 854 -19.63 31.68 17.97
N GLN B 855 -20.13 31.04 19.02
CA GLN B 855 -20.07 31.62 20.35
C GLN B 855 -18.64 31.79 20.83
N TYR B 856 -17.79 30.80 20.55
CA TYR B 856 -16.39 30.88 20.97
C TYR B 856 -15.69 32.06 20.31
N THR B 857 -15.95 32.26 19.03
CA THR B 857 -15.34 33.34 18.29
C THR B 857 -15.79 34.67 18.82
N SER B 858 -17.08 34.77 19.16
CA SER B 858 -17.63 36.00 19.69
C SER B 858 -16.99 36.31 21.03
N ALA B 859 -16.76 35.28 21.84
CA ALA B 859 -16.18 35.48 23.16
C ALA B 859 -14.78 36.08 23.03
N LEU B 860 -13.98 35.57 22.10
CA LEU B 860 -12.65 36.11 21.88
C LEU B 860 -12.74 37.54 21.40
N LEU B 861 -13.66 37.80 20.48
CA LEU B 861 -13.86 39.14 19.96
C LEU B 861 -14.30 40.06 21.07
N ALA B 862 -15.25 39.59 21.87
CA ALA B 862 -15.75 40.37 22.98
C ALA B 862 -14.64 40.58 23.99
N GLY B 863 -13.87 39.53 24.26
CA GLY B 863 -12.78 39.60 25.21
C GLY B 863 -11.70 40.58 24.81
N THR B 864 -11.32 40.57 23.54
CA THR B 864 -10.25 41.43 23.04
C THR B 864 -10.63 42.90 23.15
N ILE B 865 -11.84 43.26 22.74
CA ILE B 865 -12.28 44.65 22.75
C ILE B 865 -12.47 45.18 24.17
N THR B 866 -13.13 44.42 25.02
CA THR B 866 -13.41 44.87 26.38
C THR B 866 -12.22 44.83 27.32
N SER B 867 -11.44 43.75 27.28
CA SER B 867 -10.38 43.55 28.25
C SER B 867 -8.94 43.51 27.72
N GLY B 868 -8.73 43.82 26.45
CA GLY B 868 -7.39 43.79 25.93
C GLY B 868 -6.78 42.41 25.97
N TRP B 869 -5.54 42.33 26.43
CA TRP B 869 -4.84 41.05 26.58
C TRP B 869 -4.93 40.49 27.99
N THR B 870 -5.66 41.20 28.85
CA THR B 870 -5.80 40.79 30.23
C THR B 870 -6.55 39.48 30.35
N PHE B 871 -7.56 39.31 29.49
CA PHE B 871 -8.37 38.09 29.51
C PHE B 871 -7.57 36.83 29.17
N GLY B 872 -6.55 36.95 28.32
CA GLY B 872 -5.73 35.80 27.95
C GLY B 872 -4.97 35.22 29.13
N ALA B 873 -4.43 36.11 29.97
CA ALA B 873 -3.57 35.72 31.07
C ALA B 873 -4.27 35.59 32.45
N GLY B 874 -5.58 35.82 32.50
CA GLY B 874 -6.30 35.74 33.78
C GLY B 874 -7.69 36.35 33.67
N ALA B 875 -8.26 36.77 34.78
CA ALA B 875 -9.57 37.43 34.79
C ALA B 875 -9.50 38.67 33.88
N ALA B 876 -10.46 38.79 32.97
CA ALA B 876 -10.49 39.93 32.04
C ALA B 876 -10.64 41.24 32.79
N LEU B 877 -9.88 42.26 32.39
CA LEU B 877 -9.97 43.57 33.01
C LEU B 877 -10.52 44.56 32.01
N GLN B 878 -11.63 45.20 32.37
CA GLN B 878 -12.21 46.25 31.56
C GLN B 878 -11.19 47.35 31.29
N ILE B 879 -11.10 47.77 30.04
CA ILE B 879 -10.25 48.89 29.69
C ILE B 879 -10.92 49.73 28.60
N PRO B 880 -10.64 51.04 28.57
CA PRO B 880 -11.13 51.84 27.45
C PRO B 880 -10.47 51.39 26.17
N PHE B 881 -11.25 51.27 25.09
CA PHE B 881 -10.70 50.82 23.82
C PHE B 881 -9.62 51.76 23.29
N ALA B 882 -9.84 53.07 23.39
CA ALA B 882 -8.85 54.00 22.93
C ALA B 882 -7.59 53.74 23.73
N MET B 883 -7.76 53.55 25.04
CA MET B 883 -6.63 53.32 25.91
C MET B 883 -5.91 52.03 25.57
N GLN B 884 -6.66 51.00 25.20
CA GLN B 884 -6.06 49.72 24.84
C GLN B 884 -5.18 49.87 23.61
N MET B 885 -5.68 50.65 22.66
CA MET B 885 -4.97 50.92 21.42
C MET B 885 -3.71 51.67 21.73
N ALA B 886 -3.78 52.54 22.74
CA ALA B 886 -2.62 53.32 23.16
C ALA B 886 -1.49 52.40 23.61
N TYR B 887 -1.84 51.35 24.35
CA TYR B 887 -0.86 50.36 24.78
C TYR B 887 -0.23 49.65 23.59
N ARG B 888 -1.05 49.37 22.59
CA ARG B 888 -0.63 48.67 21.39
C ARG B 888 0.42 49.45 20.62
N PHE B 889 0.23 50.77 20.52
CA PHE B 889 1.19 51.62 19.84
C PHE B 889 2.54 51.60 20.55
N ASN B 890 2.50 51.61 21.88
CA ASN B 890 3.69 51.61 22.69
C ASN B 890 4.54 50.37 22.44
N GLY B 891 3.87 49.23 22.29
CA GLY B 891 4.56 47.97 22.03
C GLY B 891 5.32 47.99 20.71
N ILE B 892 4.75 48.63 19.71
CA ILE B 892 5.37 48.70 18.38
C ILE B 892 6.31 49.90 18.22
N GLY B 893 6.47 50.68 19.28
CA GLY B 893 7.39 51.82 19.29
C GLY B 893 6.88 53.19 18.85
N VAL B 894 5.59 53.29 18.57
CA VAL B 894 4.99 54.55 18.26
C VAL B 894 4.37 54.93 19.57
N THR B 895 4.65 56.11 20.06
CA THR B 895 4.19 56.53 21.37
C THR B 895 2.67 56.66 21.42
N GLN B 896 2.14 56.43 22.61
CA GLN B 896 0.71 56.49 22.85
C GLN B 896 0.05 57.82 22.48
N ASN B 897 0.77 58.92 22.69
CA ASN B 897 0.22 60.23 22.42
C ASN B 897 -0.16 60.29 20.95
N VAL B 898 0.61 59.63 20.11
CA VAL B 898 0.36 59.68 18.69
C VAL B 898 -1.03 59.16 18.36
N LEU B 899 -1.45 58.06 18.98
CA LEU B 899 -2.80 57.56 18.74
C LEU B 899 -3.85 58.57 19.16
N TYR B 900 -3.69 59.12 20.34
CA TYR B 900 -4.64 60.09 20.88
C TYR B 900 -4.75 61.36 20.06
N GLU B 901 -3.63 61.83 19.54
CA GLU B 901 -3.64 63.06 18.78
C GLU B 901 -4.51 62.96 17.53
N ASN B 902 -4.50 61.82 16.86
CA ASN B 902 -5.32 61.68 15.66
C ASN B 902 -6.07 60.37 15.71
N GLN B 903 -6.90 60.21 16.75
CA GLN B 903 -7.71 59.01 16.93
C GLN B 903 -8.74 58.93 15.81
N LYS B 904 -9.32 60.07 15.50
CA LYS B 904 -10.37 60.17 14.51
C LYS B 904 -9.87 59.74 13.15
N LEU B 905 -8.65 60.16 12.80
CA LEU B 905 -8.05 59.78 11.55
C LEU B 905 -7.83 58.28 11.52
N ILE B 906 -7.39 57.76 12.65
CA ILE B 906 -7.11 56.33 12.77
C ILE B 906 -8.38 55.52 12.72
N ALA B 907 -9.41 56.00 13.41
CA ALA B 907 -10.68 55.30 13.44
C ALA B 907 -11.27 55.17 12.03
N ASN B 908 -11.24 56.26 11.28
CA ASN B 908 -11.80 56.26 9.93
C ASN B 908 -11.08 55.27 9.03
N GLN B 909 -9.75 55.23 9.11
CA GLN B 909 -8.97 54.31 8.31
C GLN B 909 -9.31 52.87 8.66
N PHE B 910 -9.43 52.60 9.95
CA PHE B 910 -9.76 51.27 10.40
C PHE B 910 -11.15 50.87 9.91
N ASN B 911 -12.10 51.78 10.05
CA ASN B 911 -13.47 51.51 9.63
C ASN B 911 -13.50 51.29 8.13
N SER B 912 -12.78 52.14 7.38
CA SER B 912 -12.72 52.03 5.94
C SER B 912 -12.05 50.72 5.53
N ALA B 913 -10.99 50.35 6.26
CA ALA B 913 -10.26 49.12 5.96
C ALA B 913 -11.15 47.90 6.14
N ILE B 914 -11.94 47.88 7.21
CA ILE B 914 -12.82 46.75 7.48
C ILE B 914 -13.87 46.62 6.39
N GLY B 915 -14.40 47.75 5.93
CA GLY B 915 -15.38 47.76 4.84
C GLY B 915 -14.77 47.20 3.57
N LYS B 916 -13.52 47.57 3.32
CA LYS B 916 -12.80 47.09 2.15
C LYS B 916 -12.68 45.57 2.20
N ILE B 917 -12.38 45.04 3.39
CA ILE B 917 -12.25 43.61 3.57
C ILE B 917 -13.54 42.85 3.29
N GLN B 918 -14.66 43.40 3.75
CA GLN B 918 -15.96 42.77 3.52
C GLN B 918 -16.22 42.67 2.02
N ASP B 919 -15.95 43.76 1.32
CA ASP B 919 -16.17 43.78 -0.11
C ASP B 919 -15.24 42.81 -0.82
N SER B 920 -13.99 42.76 -0.37
CA SER B 920 -13.00 41.88 -0.99
C SER B 920 -13.38 40.40 -0.94
N LEU B 921 -13.88 39.95 0.21
CA LEU B 921 -14.26 38.54 0.34
C LEU B 921 -15.40 38.19 -0.62
N SER B 922 -16.41 39.03 -0.69
CA SER B 922 -17.55 38.80 -1.58
C SER B 922 -17.19 38.92 -3.06
N SER B 923 -16.40 39.94 -3.41
CA SER B 923 -16.07 40.22 -4.82
C SER B 923 -15.20 39.17 -5.51
N THR B 924 -14.17 38.72 -4.80
CA THR B 924 -13.23 37.75 -5.36
C THR B 924 -13.88 36.38 -5.53
N ALA B 925 -13.47 35.71 -6.59
CA ALA B 925 -13.96 34.38 -6.94
C ALA B 925 -13.69 33.33 -5.86
N SER B 926 -12.46 33.29 -5.33
CA SER B 926 -12.10 32.38 -4.25
C SER B 926 -11.14 33.05 -3.26
N ALA B 927 -11.64 34.01 -2.49
CA ALA B 927 -10.83 34.63 -1.46
C ALA B 927 -10.38 33.63 -0.42
N LEU B 928 -11.28 32.72 -0.09
CA LEU B 928 -11.05 31.72 0.92
C LEU B 928 -10.00 30.71 0.54
N GLY B 929 -9.97 30.39 -0.75
CA GLY B 929 -8.95 29.50 -1.28
C GLY B 929 -8.59 28.23 -0.48
N LYS B 930 -7.78 28.39 0.56
CA LYS B 930 -7.30 27.25 1.36
C LYS B 930 -8.44 26.48 2.00
N LEU B 931 -9.49 27.15 2.46
CA LEU B 931 -10.62 26.43 3.06
C LEU B 931 -11.31 25.53 2.04
N GLN B 932 -11.45 26.03 0.82
CA GLN B 932 -12.11 25.29 -0.23
C GLN B 932 -11.38 24.01 -0.59
N ASP B 933 -10.05 24.08 -0.61
CA ASP B 933 -9.27 22.89 -0.98
C ASP B 933 -9.44 21.74 0.02
N VAL B 934 -9.61 22.04 1.30
CA VAL B 934 -9.79 21.02 2.31
C VAL B 934 -11.06 20.22 2.05
N VAL B 935 -12.12 20.91 1.63
CA VAL B 935 -13.37 20.27 1.31
C VAL B 935 -13.24 19.51 0.00
N ASN B 936 -12.64 20.13 -1.00
CA ASN B 936 -12.48 19.41 -2.26
C ASN B 936 -11.61 18.17 -2.14
N GLN B 937 -10.52 18.24 -1.38
CA GLN B 937 -9.65 17.08 -1.22
C GLN B 937 -10.39 15.92 -0.53
N ASN B 938 -11.17 16.22 0.50
CA ASN B 938 -11.92 15.17 1.18
C ASN B 938 -12.93 14.53 0.24
N ALA B 939 -13.59 15.37 -0.56
CA ALA B 939 -14.58 14.89 -1.50
C ALA B 939 -13.93 13.98 -2.55
N GLN B 940 -12.75 14.34 -3.00
CA GLN B 940 -12.06 13.53 -4.00
C GLN B 940 -11.72 12.15 -3.46
N ALA B 941 -11.31 12.07 -2.20
CA ALA B 941 -10.98 10.77 -1.61
C ALA B 941 -12.21 9.88 -1.58
N LEU B 942 -13.34 10.45 -1.22
CA LEU B 942 -14.57 9.67 -1.15
C LEU B 942 -15.01 9.20 -2.53
N ASN B 943 -14.91 10.07 -3.51
CA ASN B 943 -15.32 9.68 -4.85
C ASN B 943 -14.43 8.58 -5.36
N THR B 944 -13.13 8.67 -5.07
CA THR B 944 -12.22 7.65 -5.51
C THR B 944 -12.56 6.31 -4.86
N LEU B 945 -12.87 6.35 -3.57
CA LEU B 945 -13.20 5.13 -2.85
C LEU B 945 -14.47 4.47 -3.35
N VAL B 946 -15.51 5.27 -3.57
CA VAL B 946 -16.78 4.74 -4.02
C VAL B 946 -16.68 4.17 -5.42
N LYS B 947 -15.95 4.84 -6.28
CA LYS B 947 -15.78 4.35 -7.64
C LYS B 947 -15.08 3.02 -7.58
N GLN B 948 -14.11 2.90 -6.67
CA GLN B 948 -13.37 1.67 -6.54
C GLN B 948 -14.25 0.43 -6.60
N LEU B 949 -15.45 0.54 -6.05
CA LEU B 949 -16.39 -0.56 -6.05
C LEU B 949 -16.78 -1.04 -7.44
N SER B 950 -16.94 -0.09 -8.36
CA SER B 950 -17.31 -0.40 -9.73
C SER B 950 -16.27 -1.26 -10.43
N SER B 951 -15.00 -1.12 -10.06
CA SER B 951 -13.92 -1.82 -10.75
C SER B 951 -13.94 -3.34 -10.59
N ASN B 952 -13.61 -4.01 -11.69
CA ASN B 952 -13.62 -5.48 -11.78
C ASN B 952 -12.59 -6.18 -10.91
N PHE B 953 -11.40 -5.59 -10.78
CA PHE B 953 -10.28 -6.17 -10.03
C PHE B 953 -9.97 -7.60 -10.50
N GLY B 954 -10.07 -7.80 -11.81
CA GLY B 954 -9.67 -9.07 -12.41
C GLY B 954 -10.59 -10.19 -12.00
N ALA B 955 -11.85 -9.85 -11.88
CA ALA B 955 -12.89 -10.80 -11.52
C ALA B 955 -13.97 -10.79 -12.57
N ILE B 956 -14.69 -11.88 -12.73
CA ILE B 956 -15.67 -11.93 -13.80
C ILE B 956 -16.78 -10.90 -13.65
N SER B 957 -17.18 -10.57 -12.43
CA SER B 957 -18.15 -9.50 -12.22
C SER B 957 -17.68 -8.57 -11.13
N SER B 958 -18.16 -7.33 -11.13
CA SER B 958 -17.81 -6.38 -10.09
C SER B 958 -18.77 -6.40 -8.91
N VAL B 959 -19.78 -7.26 -8.96
CA VAL B 959 -20.77 -7.30 -7.88
C VAL B 959 -20.74 -8.62 -7.12
N LEU B 960 -20.63 -8.52 -5.80
CA LEU B 960 -20.62 -9.70 -4.95
C LEU B 960 -21.88 -10.51 -5.04
N ASN B 961 -23.03 -9.83 -5.05
CA ASN B 961 -24.28 -10.55 -5.19
C ASN B 961 -24.36 -11.23 -6.53
N ASP B 962 -23.96 -10.51 -7.56
CA ASP B 962 -23.99 -11.04 -8.91
C ASP B 962 -23.02 -12.20 -9.06
N ILE B 963 -21.80 -12.04 -8.57
CA ILE B 963 -20.83 -13.11 -8.72
C ILE B 963 -21.23 -14.36 -7.94
N LEU B 964 -21.76 -14.17 -6.73
CA LEU B 964 -22.16 -15.29 -5.90
C LEU B 964 -23.29 -16.10 -6.53
N SER B 965 -24.31 -15.44 -7.09
CA SER B 965 -25.41 -16.18 -7.67
C SER B 965 -24.92 -17.00 -8.85
N ARG B 966 -24.08 -16.41 -9.68
CA ARG B 966 -23.57 -17.11 -10.84
C ARG B 966 -22.64 -18.26 -10.49
N LEU B 967 -21.88 -18.16 -9.42
CA LEU B 967 -20.92 -19.22 -9.08
C LEU B 967 -21.14 -19.94 -7.76
N ASP B 968 -20.86 -21.24 -7.79
CA ASP B 968 -20.99 -22.11 -6.62
C ASP B 968 -19.79 -21.89 -5.71
N PRO B 969 -19.88 -22.32 -4.45
CA PRO B 969 -18.80 -22.02 -3.51
C PRO B 969 -17.39 -22.48 -3.91
N PRO B 970 -17.22 -23.68 -4.49
CA PRO B 970 -15.83 -24.01 -4.84
C PRO B 970 -15.24 -23.06 -5.88
N GLU B 971 -15.98 -22.77 -6.95
CA GLU B 971 -15.53 -21.84 -7.98
C GLU B 971 -15.57 -20.37 -7.50
N ALA B 972 -16.62 -20.02 -6.74
CA ALA B 972 -16.80 -18.67 -6.22
C ALA B 972 -15.66 -18.18 -5.34
N GLU B 973 -15.00 -19.02 -4.54
CA GLU B 973 -13.93 -18.56 -3.65
C GLU B 973 -12.83 -17.82 -4.38
N VAL B 974 -12.36 -18.41 -5.47
CA VAL B 974 -11.26 -17.76 -6.17
C VAL B 974 -11.72 -16.43 -6.77
N GLN B 975 -12.94 -16.40 -7.30
CA GLN B 975 -13.50 -15.19 -7.87
C GLN B 975 -13.74 -14.11 -6.85
N ILE B 976 -14.39 -14.49 -5.77
CA ILE B 976 -14.71 -13.59 -4.67
C ILE B 976 -13.46 -13.09 -4.02
N ASP B 977 -12.45 -13.94 -3.91
CA ASP B 977 -11.21 -13.57 -3.27
C ASP B 977 -10.56 -12.40 -3.98
N ARG B 978 -10.56 -12.42 -5.31
CA ARG B 978 -9.94 -11.33 -6.08
C ARG B 978 -10.60 -10.00 -5.77
N LEU B 979 -11.94 -9.98 -5.70
CA LEU B 979 -12.63 -8.73 -5.36
C LEU B 979 -12.23 -8.23 -3.97
N ILE B 980 -12.12 -9.16 -3.03
CA ILE B 980 -11.78 -8.83 -1.67
C ILE B 980 -10.40 -8.22 -1.60
N THR B 981 -9.46 -8.82 -2.31
CA THR B 981 -8.10 -8.36 -2.30
C THR B 981 -7.99 -6.95 -2.83
N GLY B 982 -8.66 -6.71 -3.95
CA GLY B 982 -8.64 -5.41 -4.57
C GLY B 982 -9.26 -4.32 -3.70
N ARG B 983 -10.41 -4.65 -3.15
CA ARG B 983 -11.12 -3.71 -2.30
C ARG B 983 -10.34 -3.40 -1.04
N LEU B 984 -9.63 -4.39 -0.47
CA LEU B 984 -8.82 -4.15 0.69
C LEU B 984 -7.77 -3.09 0.39
N GLN B 985 -7.19 -3.17 -0.82
CA GLN B 985 -6.17 -2.23 -1.21
C GLN B 985 -6.74 -0.82 -1.28
N SER B 986 -7.98 -0.70 -1.77
CA SER B 986 -8.62 0.59 -1.87
C SER B 986 -8.82 1.20 -0.50
N LEU B 987 -9.21 0.40 0.47
CA LEU B 987 -9.41 0.91 1.80
C LEU B 987 -8.12 1.34 2.45
N GLN B 988 -7.10 0.51 2.31
CA GLN B 988 -5.81 0.83 2.93
C GLN B 988 -5.23 2.10 2.36
N THR B 989 -5.35 2.24 1.04
CA THR B 989 -4.84 3.41 0.37
C THR B 989 -5.61 4.62 0.88
N TYR B 990 -6.93 4.51 1.00
CA TYR B 990 -7.73 5.60 1.51
C TYR B 990 -7.39 5.93 2.96
N VAL B 991 -7.23 4.89 3.76
CA VAL B 991 -6.94 5.08 5.17
C VAL B 991 -5.57 5.69 5.33
N THR B 992 -4.59 5.22 4.56
CA THR B 992 -3.25 5.81 4.61
C THR B 992 -3.27 7.25 4.18
N GLN B 993 -4.03 7.58 3.14
CA GLN B 993 -4.15 8.95 2.70
C GLN B 993 -4.75 9.85 3.75
N GLN B 994 -5.77 9.37 4.45
CA GLN B 994 -6.36 10.17 5.49
C GLN B 994 -5.37 10.52 6.58
N LEU B 995 -4.57 9.56 6.98
CA LEU B 995 -3.61 9.79 8.04
C LEU B 995 -2.62 10.89 7.64
N ILE B 996 -2.15 10.83 6.40
CA ILE B 996 -1.20 11.80 5.91
C ILE B 996 -1.83 13.18 5.92
N ARG B 997 -3.07 13.27 5.45
CA ARG B 997 -3.82 14.53 5.43
C ARG B 997 -4.11 15.02 6.85
N ALA B 998 -4.46 14.08 7.71
CA ALA B 998 -4.79 14.39 9.09
C ALA B 998 -3.58 14.93 9.83
N ALA B 999 -2.44 14.32 9.59
CA ALA B 999 -1.19 14.75 10.20
C ALA B 999 -0.84 16.14 9.70
N GLU B 1000 -1.07 16.40 8.41
CA GLU B 1000 -0.78 17.72 7.87
C GLU B 1000 -1.70 18.76 8.52
N ILE B 1001 -2.99 18.43 8.67
CA ILE B 1001 -3.97 19.30 9.30
C ILE B 1001 -3.62 19.53 10.76
N ARG B 1002 -3.15 18.49 11.45
CA ARG B 1002 -2.80 18.58 12.85
C ARG B 1002 -1.66 19.57 13.03
N ALA B 1003 -0.66 19.52 12.16
CA ALA B 1003 0.45 20.46 12.23
C ALA B 1003 -0.14 21.84 11.91
N SER B 1004 -1.01 21.84 10.90
CA SER B 1004 -1.64 23.06 10.38
C SER B 1004 -2.54 23.64 11.44
N ALA B 1005 -3.29 22.77 12.11
CA ALA B 1005 -4.24 23.23 13.11
C ALA B 1005 -3.48 23.89 14.26
N ASN B 1006 -2.36 23.29 14.65
CA ASN B 1006 -1.54 23.82 15.73
C ASN B 1006 -1.04 25.17 15.40
N LEU B 1007 -0.67 25.44 14.16
CA LEU B 1007 -0.25 26.77 13.77
C LEU B 1007 -1.34 27.78 13.96
N ALA B 1008 -2.54 27.39 13.58
CA ALA B 1008 -3.72 28.22 13.76
C ALA B 1008 -3.97 28.44 15.22
N ALA B 1009 -3.82 27.39 16.03
CA ALA B 1009 -3.99 27.51 17.46
C ALA B 1009 -2.93 28.41 18.05
N THR B 1010 -1.69 28.27 17.58
CA THR B 1010 -0.61 29.09 18.08
C THR B 1010 -0.85 30.53 17.74
N LYS B 1011 -1.29 30.81 16.52
CA LYS B 1011 -1.57 32.17 16.09
C LYS B 1011 -2.72 32.76 16.89
N MET B 1012 -3.73 31.97 17.15
CA MET B 1012 -4.90 32.43 17.90
C MET B 1012 -4.46 32.87 19.29
N SER B 1013 -3.76 31.97 19.97
CA SER B 1013 -3.25 32.23 21.28
C SER B 1013 -2.26 33.39 21.24
N GLU B 1014 -1.38 33.30 20.26
CA GLU B 1014 -0.32 34.28 20.08
C GLU B 1014 -0.77 35.65 19.63
N CYS B 1015 -1.75 35.71 18.73
CA CYS B 1015 -2.12 37.01 18.13
C CYS B 1015 -3.42 37.62 18.75
N VAL B 1016 -4.48 36.84 18.96
CA VAL B 1016 -5.72 37.39 19.48
C VAL B 1016 -5.60 37.89 20.92
N LEU B 1017 -4.97 37.07 21.76
CA LEU B 1017 -4.86 37.36 23.19
C LEU B 1017 -3.92 38.51 23.50
N GLY B 1018 -2.78 38.56 22.81
CA GLY B 1018 -1.78 39.60 23.02
C GLY B 1018 -1.05 39.96 21.75
N GLN B 1019 -0.44 41.14 21.74
CA GLN B 1019 0.32 41.63 20.59
C GLN B 1019 1.54 40.74 20.37
N SER B 1020 1.84 40.42 19.11
CA SER B 1020 3.00 39.56 18.85
C SER B 1020 4.20 40.35 18.34
N LYS B 1021 5.28 40.30 19.11
CA LYS B 1021 6.56 40.92 18.72
C LYS B 1021 7.20 40.36 17.46
N ARG B 1022 7.10 39.06 17.23
CA ARG B 1022 7.69 38.38 16.08
C ARG B 1022 7.19 39.03 14.80
N VAL B 1023 8.13 39.38 13.94
CA VAL B 1023 7.83 40.06 12.68
C VAL B 1023 7.27 39.05 11.68
N ASP B 1024 6.19 39.43 10.99
CA ASP B 1024 5.51 38.61 9.99
C ASP B 1024 4.80 37.38 10.53
N PHE B 1025 4.79 37.25 11.85
CA PHE B 1025 4.02 36.19 12.47
C PHE B 1025 2.55 36.39 12.20
N CYS B 1026 2.10 37.64 12.27
CA CYS B 1026 0.72 37.98 11.96
C CYS B 1026 0.71 39.03 10.82
N GLY B 1027 0.08 38.67 9.69
CA GLY B 1027 -0.10 39.58 8.57
C GLY B 1027 1.21 40.08 8.03
N LYS B 1028 1.26 41.38 7.76
CA LYS B 1028 2.44 42.03 7.21
C LYS B 1028 2.63 43.35 7.96
N GLY B 1029 3.87 43.69 8.28
CA GLY B 1029 4.13 44.91 9.00
C GLY B 1029 3.98 44.75 10.49
N TYR B 1030 4.08 45.87 11.19
CA TYR B 1030 3.91 45.87 12.63
C TYR B 1030 2.51 45.40 13.01
N HIS B 1031 2.42 44.61 14.07
CA HIS B 1031 1.18 43.98 14.46
C HIS B 1031 0.55 44.64 15.67
N LEU B 1032 -0.73 45.00 15.57
CA LEU B 1032 -1.41 45.60 16.70
C LEU B 1032 -2.31 44.61 17.42
N MET B 1033 -3.22 44.01 16.68
CA MET B 1033 -4.19 43.07 17.23
C MET B 1033 -4.83 42.25 16.11
N SER B 1034 -5.45 41.14 16.48
CA SER B 1034 -6.11 40.28 15.51
C SER B 1034 -7.50 39.87 15.98
N PHE B 1035 -8.45 39.78 15.07
CA PHE B 1035 -9.79 39.35 15.40
C PHE B 1035 -10.07 38.00 14.75
N PRO B 1036 -10.37 36.97 15.55
CA PRO B 1036 -10.65 35.63 15.06
C PRO B 1036 -11.99 35.54 14.35
N GLN B 1037 -12.09 34.69 13.35
CA GLN B 1037 -13.34 34.45 12.64
C GLN B 1037 -13.54 32.98 12.41
N SER B 1038 -14.79 32.57 12.19
CA SER B 1038 -15.09 31.15 11.98
C SER B 1038 -15.63 30.83 10.60
N ALA B 1039 -15.04 29.82 9.98
CA ALA B 1039 -15.48 29.33 8.67
C ALA B 1039 -15.61 27.81 8.73
N PRO B 1040 -16.28 27.20 7.74
CA PRO B 1040 -16.39 25.75 7.81
C PRO B 1040 -15.02 25.11 7.69
N HIS B 1041 -14.67 24.31 8.69
CA HIS B 1041 -13.37 23.61 8.79
C HIS B 1041 -12.18 24.55 8.71
N GLY B 1042 -12.29 25.76 9.28
CA GLY B 1042 -11.21 26.71 9.23
C GLY B 1042 -11.36 27.91 10.12
N VAL B 1043 -10.31 28.68 10.24
CA VAL B 1043 -10.34 29.90 11.03
C VAL B 1043 -9.81 31.03 10.16
N VAL B 1044 -10.54 32.12 10.10
CA VAL B 1044 -10.09 33.27 9.30
C VAL B 1044 -9.68 34.35 10.27
N PHE B 1045 -8.45 34.82 10.13
CA PHE B 1045 -7.93 35.85 11.03
C PHE B 1045 -7.87 37.20 10.32
N LEU B 1046 -8.31 38.23 11.01
CA LEU B 1046 -8.21 39.58 10.50
C LEU B 1046 -7.08 40.19 11.31
N HIS B 1047 -6.07 40.70 10.63
CA HIS B 1047 -4.93 41.27 11.32
C HIS B 1047 -4.84 42.78 11.14
N VAL B 1048 -4.62 43.48 12.24
CA VAL B 1048 -4.54 44.93 12.22
C VAL B 1048 -3.08 45.26 12.36
N THR B 1049 -2.54 45.98 11.39
CA THR B 1049 -1.12 46.24 11.33
C THR B 1049 -0.83 47.68 11.03
N TYR B 1050 0.31 48.17 11.50
CA TYR B 1050 0.71 49.55 11.33
C TYR B 1050 1.84 49.62 10.34
N VAL B 1051 1.64 50.41 9.29
CA VAL B 1051 2.63 50.60 8.23
C VAL B 1051 2.90 52.09 8.04
N PRO B 1052 4.14 52.47 7.77
CA PRO B 1052 4.42 53.89 7.54
C PRO B 1052 4.18 54.29 6.09
N ALA B 1053 3.16 55.10 5.87
CA ALA B 1053 2.77 55.53 4.50
C ALA B 1053 3.72 56.45 3.74
N GLN B 1054 4.29 57.46 4.41
CA GLN B 1054 5.13 58.45 3.79
C GLN B 1054 6.46 58.61 4.51
N GLU B 1055 7.50 58.93 3.73
CA GLU B 1055 8.85 59.14 4.27
C GLU B 1055 9.56 60.38 3.72
N LYS B 1056 10.63 60.82 4.44
CA LYS B 1056 11.52 61.93 3.99
C LYS B 1056 12.97 61.68 4.37
N ASN B 1057 13.90 62.19 3.57
CA ASN B 1057 15.31 62.08 3.87
C ASN B 1057 15.76 63.07 4.94
N PHE B 1058 16.66 62.62 5.80
CA PHE B 1058 17.22 63.43 6.88
C PHE B 1058 18.68 63.07 7.12
N THR B 1059 19.41 63.96 7.77
CA THR B 1059 20.80 63.72 8.09
C THR B 1059 20.93 63.33 9.55
N THR B 1060 21.59 62.20 9.80
CA THR B 1060 21.74 61.67 11.13
C THR B 1060 23.19 61.48 11.54
N ALA B 1061 23.51 61.90 12.76
CA ALA B 1061 24.83 61.70 13.35
C ALA B 1061 24.62 60.81 14.55
N PRO B 1062 25.46 59.78 14.74
CA PRO B 1062 25.31 58.92 15.91
C PRO B 1062 25.43 59.63 17.24
N ALA B 1063 26.38 60.55 17.34
CA ALA B 1063 26.68 61.15 18.63
C ALA B 1063 26.88 62.66 18.54
N ILE B 1064 26.48 63.37 19.58
CA ILE B 1064 26.58 64.81 19.62
C ILE B 1064 27.30 65.23 20.87
N CYS B 1065 28.37 66.00 20.72
CA CYS B 1065 29.11 66.45 21.87
C CYS B 1065 28.82 67.91 22.12
N HIS B 1066 28.09 68.19 23.19
CA HIS B 1066 27.82 69.58 23.56
C HIS B 1066 28.99 70.27 24.27
N ASP B 1067 29.58 69.58 25.22
CA ASP B 1067 30.68 70.13 26.01
C ASP B 1067 31.97 69.35 25.85
N GLY B 1068 32.12 68.66 24.72
CA GLY B 1068 33.28 67.83 24.44
C GLY B 1068 33.10 66.44 25.04
N LYS B 1069 31.86 66.17 25.44
CA LYS B 1069 31.48 64.87 25.99
C LYS B 1069 30.50 64.33 24.97
N ALA B 1070 30.67 63.07 24.56
CA ALA B 1070 29.75 62.43 23.63
C ALA B 1070 28.30 62.37 24.18
N HIS B 1071 27.34 62.64 23.31
CA HIS B 1071 25.93 62.55 23.62
C HIS B 1071 25.24 61.57 22.70
N PHE B 1072 24.40 60.73 23.27
CA PHE B 1072 23.68 59.71 22.52
C PHE B 1072 22.22 59.77 22.87
N PRO B 1073 21.33 59.45 21.91
CA PRO B 1073 19.91 59.45 22.20
C PRO B 1073 19.54 58.37 23.23
N ARG B 1074 18.61 58.74 24.11
CA ARG B 1074 18.02 57.83 25.09
C ARG B 1074 17.13 56.77 24.41
N GLU B 1075 16.33 57.20 23.45
CA GLU B 1075 15.45 56.28 22.69
C GLU B 1075 15.41 56.45 21.16
N GLY B 1076 15.91 57.56 20.64
CA GLY B 1076 15.77 57.84 19.21
C GLY B 1076 16.97 58.38 18.46
N VAL B 1077 17.02 58.08 17.16
CA VAL B 1077 18.09 58.52 16.28
C VAL B 1077 18.02 60.04 16.07
N PHE B 1078 19.17 60.69 16.12
CA PHE B 1078 19.22 62.14 15.95
C PHE B 1078 18.97 62.52 14.49
N VAL B 1079 18.19 63.56 14.28
CA VAL B 1079 17.85 64.02 12.94
C VAL B 1079 17.91 65.53 12.84
N SER B 1080 18.45 66.01 11.73
CA SER B 1080 18.59 67.43 11.49
C SER B 1080 18.09 67.75 10.08
N ASN B 1081 17.03 68.53 9.93
CA ASN B 1081 16.56 68.87 8.59
C ASN B 1081 17.65 69.72 7.91
N GLY B 1082 18.18 70.69 8.65
CA GLY B 1082 19.21 71.58 8.18
C GLY B 1082 20.13 71.91 9.34
N THR B 1083 20.21 73.20 9.68
CA THR B 1083 21.06 73.63 10.78
C THR B 1083 20.58 73.07 12.12
N HIS B 1084 19.26 73.10 12.34
CA HIS B 1084 18.69 72.60 13.58
C HIS B 1084 18.81 71.10 13.68
N TRP B 1085 19.21 70.60 14.85
CA TRP B 1085 19.32 69.18 15.09
C TRP B 1085 18.28 68.77 16.13
N PHE B 1086 17.47 67.78 15.79
CA PHE B 1086 16.43 67.27 16.69
C PHE B 1086 16.48 65.74 16.83
N VAL B 1087 15.95 65.22 17.93
CA VAL B 1087 15.95 63.77 18.21
C VAL B 1087 14.54 63.20 18.14
N THR B 1088 14.35 62.19 17.32
CA THR B 1088 13.04 61.57 17.14
C THR B 1088 13.07 60.05 17.03
N GLN B 1089 11.97 59.42 17.37
CA GLN B 1089 11.85 57.97 17.28
C GLN B 1089 11.87 57.48 15.85
N ARG B 1090 12.32 56.23 15.68
CA ARG B 1090 12.47 55.68 14.34
C ARG B 1090 11.21 55.43 13.52
N ASN B 1091 10.11 55.00 14.14
CA ASN B 1091 8.90 54.67 13.37
C ASN B 1091 8.03 55.85 12.90
N PHE B 1092 7.89 56.90 13.71
CA PHE B 1092 7.10 58.06 13.34
C PHE B 1092 7.92 59.28 13.60
N TYR B 1093 7.77 60.32 12.79
CA TYR B 1093 8.58 61.52 12.98
C TYR B 1093 7.99 62.49 13.98
N GLU B 1094 8.76 62.76 15.03
CA GLU B 1094 8.42 63.72 16.06
C GLU B 1094 9.73 64.42 16.39
N PRO B 1095 9.73 65.74 16.38
CA PRO B 1095 10.97 66.45 16.69
C PRO B 1095 10.90 67.10 18.07
N GLN B 1096 11.89 66.83 18.92
CA GLN B 1096 11.95 67.43 20.25
C GLN B 1096 13.30 68.06 20.44
N ILE B 1097 13.35 69.25 21.02
CA ILE B 1097 14.62 69.92 21.21
C ILE B 1097 15.41 69.05 22.18
N ILE B 1098 16.69 68.86 21.88
CA ILE B 1098 17.55 68.05 22.71
C ILE B 1098 17.65 68.61 24.13
N THR B 1099 17.62 67.70 25.09
CA THR B 1099 17.67 68.02 26.50
C THR B 1099 18.33 66.84 27.23
N THR B 1100 18.61 67.03 28.50
CA THR B 1100 19.24 65.97 29.29
C THR B 1100 18.39 64.71 29.34
N ASP B 1101 17.09 64.87 29.47
CA ASP B 1101 16.20 63.73 29.49
C ASP B 1101 16.29 62.99 28.15
N ASN B 1102 16.41 63.73 27.06
CA ASN B 1102 16.45 63.12 25.75
C ASN B 1102 17.68 62.25 25.44
N THR B 1103 18.88 62.68 25.83
CA THR B 1103 20.07 61.86 25.54
C THR B 1103 21.00 61.69 26.72
N PHE B 1104 21.41 60.45 27.00
CA PHE B 1104 22.37 60.21 28.07
C PHE B 1104 23.74 60.67 27.59
N VAL B 1105 24.60 61.09 28.51
CA VAL B 1105 25.87 61.70 28.13
C VAL B 1105 27.12 60.82 28.29
N SER B 1106 26.96 59.51 28.29
CA SER B 1106 28.09 58.60 28.50
C SER B 1106 29.22 58.73 27.48
N GLY B 1107 30.46 58.65 27.95
CA GLY B 1107 31.64 58.74 27.10
C GLY B 1107 32.18 60.14 26.82
N ASN B 1108 33.26 60.19 26.06
CA ASN B 1108 33.92 61.43 25.69
C ASN B 1108 33.88 61.52 24.19
N CYS B 1109 33.87 62.75 23.68
CA CYS B 1109 33.78 62.95 22.25
C CYS B 1109 35.10 62.77 21.50
N ASP B 1110 35.54 61.51 21.39
CA ASP B 1110 36.77 61.20 20.68
C ASP B 1110 36.57 59.91 19.92
N VAL B 1111 36.02 58.92 20.62
CA VAL B 1111 35.91 57.56 20.08
C VAL B 1111 34.90 57.35 18.92
N VAL B 1112 33.75 57.99 18.99
CA VAL B 1112 32.67 57.77 18.01
C VAL B 1112 33.09 58.15 16.58
N ILE B 1113 32.73 57.27 15.63
CA ILE B 1113 33.16 57.40 14.24
C ILE B 1113 32.51 58.58 13.51
N GLY B 1114 31.22 58.77 13.71
CA GLY B 1114 30.50 59.87 13.07
C GLY B 1114 29.90 60.73 14.15
N ILE B 1115 30.20 62.01 14.12
CA ILE B 1115 29.70 62.88 15.17
C ILE B 1115 29.44 64.30 14.69
N VAL B 1116 28.51 64.99 15.35
CA VAL B 1116 28.18 66.37 14.97
C VAL B 1116 28.08 67.21 16.22
N ASN B 1117 28.24 68.52 16.07
CA ASN B 1117 28.30 69.43 17.20
C ASN B 1117 27.03 70.29 17.26
N ASN B 1118 26.36 70.23 18.43
CA ASN B 1118 25.12 70.96 18.71
C ASN B 1118 25.04 71.03 20.25
N THR B 1119 24.22 71.90 20.79
CA THR B 1119 24.20 72.05 22.25
C THR B 1119 22.95 71.41 22.86
N VAL B 1120 23.16 70.44 23.74
CA VAL B 1120 22.09 69.80 24.45
C VAL B 1120 21.59 70.84 25.43
N TYR B 1121 20.36 71.25 25.25
CA TYR B 1121 19.79 72.37 26.03
C TYR B 1121 19.66 72.25 27.53
N ASP B 1122 19.42 71.07 28.10
CA ASP B 1122 19.51 71.06 29.56
C ASP B 1122 18.59 72.18 30.10
N PRO B 1123 17.31 71.90 30.15
CA PRO B 1123 16.22 72.78 30.60
C PRO B 1123 16.40 73.18 32.06
N LEU B 1124 17.29 72.46 32.73
CA LEU B 1124 17.60 72.61 34.14
C LEU B 1124 18.19 73.96 34.54
N GLN B 1125 19.13 74.49 33.78
CA GLN B 1125 19.72 75.76 34.13
C GLN B 1125 18.65 76.85 34.09
N PRO B 1126 17.80 76.83 33.05
CA PRO B 1126 16.68 77.74 32.94
C PRO B 1126 15.69 77.57 34.07
N GLU B 1127 15.41 76.33 34.41
CA GLU B 1127 14.43 76.05 35.47
C GLU B 1127 14.86 76.53 36.87
N LEU B 1128 16.13 76.37 37.22
CA LEU B 1128 16.63 76.80 38.53
C LEU B 1128 16.51 78.31 38.74
N ASP B 1129 16.85 79.07 37.71
CA ASP B 1129 16.77 80.52 37.74
C ASP B 1129 15.36 80.99 37.41
N CYS C 1 47.56 -50.63 -18.48
CA CYS C 1 48.33 -49.74 -19.37
C CYS C 1 49.75 -49.51 -18.83
N VAL C 2 50.53 -48.76 -19.61
CA VAL C 2 51.88 -48.39 -19.19
C VAL C 2 51.84 -47.55 -17.92
N ASN C 3 52.83 -47.77 -17.06
CA ASN C 3 52.91 -47.10 -15.77
C ASN C 3 54.25 -46.39 -15.59
N LEU C 4 54.49 -45.86 -14.39
CA LEU C 4 55.74 -45.24 -14.03
C LEU C 4 56.23 -45.72 -12.68
N THR C 5 57.53 -45.59 -12.43
CA THR C 5 58.14 -46.12 -11.20
C THR C 5 58.87 -45.07 -10.33
N THR C 6 59.09 -45.45 -9.07
CA THR C 6 59.85 -44.67 -8.06
C THR C 6 59.22 -43.31 -7.70
N ARG C 7 57.90 -43.31 -7.58
CA ARG C 7 57.18 -42.10 -7.13
C ARG C 7 57.28 -41.92 -5.61
N THR C 8 57.24 -40.67 -5.16
CA THR C 8 57.36 -40.34 -3.73
C THR C 8 56.07 -39.74 -3.20
N GLN C 9 55.61 -40.23 -2.05
CA GLN C 9 54.38 -39.72 -1.43
C GLN C 9 54.72 -38.75 -0.30
N LEU C 10 54.13 -37.56 -0.35
CA LEU C 10 54.28 -36.55 0.69
C LEU C 10 52.90 -35.96 1.00
N PRO C 11 52.70 -35.44 2.23
CA PRO C 11 51.47 -34.71 2.53
C PRO C 11 51.30 -33.50 1.61
N PRO C 12 50.04 -33.22 1.18
CA PRO C 12 49.81 -32.11 0.25
C PRO C 12 50.21 -30.77 0.86
N ALA C 13 51.18 -30.12 0.22
CA ALA C 13 51.61 -28.78 0.62
C ALA C 13 50.45 -27.78 0.52
N TYR C 14 50.41 -26.85 1.47
CA TYR C 14 49.33 -25.87 1.57
C TYR C 14 49.84 -24.47 1.44
N THR C 15 49.05 -23.63 0.74
CA THR C 15 49.33 -22.23 0.52
C THR C 15 48.01 -21.47 0.50
N ASN C 16 48.04 -20.23 0.96
CA ASN C 16 46.82 -19.42 1.05
C ASN C 16 46.76 -18.49 -0.14
N SER C 17 45.64 -18.54 -0.87
CA SER C 17 45.46 -17.72 -2.05
C SER C 17 44.58 -16.54 -1.68
N PHE C 18 45.07 -15.35 -1.97
CA PHE C 18 44.33 -14.13 -1.63
C PHE C 18 44.01 -13.29 -2.85
N THR C 19 42.74 -12.88 -3.01
CA THR C 19 42.37 -12.00 -4.10
C THR C 19 42.79 -12.47 -5.47
N ARG C 20 42.58 -13.76 -5.72
CA ARG C 20 42.97 -14.33 -7.01
C ARG C 20 41.79 -14.99 -7.68
N GLY C 21 41.74 -14.89 -9.01
CA GLY C 21 40.69 -15.52 -9.80
C GLY C 21 39.39 -14.78 -10.08
N VAL C 22 39.29 -13.52 -9.74
CA VAL C 22 38.08 -12.79 -10.07
C VAL C 22 37.91 -12.76 -11.58
N TYR C 23 36.72 -13.07 -12.05
CA TYR C 23 36.40 -13.11 -13.45
C TYR C 23 35.08 -12.40 -13.68
N TYR C 24 34.88 -11.88 -14.88
CA TYR C 24 33.63 -11.18 -15.14
C TYR C 24 32.45 -12.13 -15.02
N PRO C 25 31.49 -11.78 -14.15
CA PRO C 25 30.31 -12.58 -13.86
C PRO C 25 29.34 -12.67 -15.02
N ASP C 26 29.16 -11.58 -15.74
CA ASP C 26 28.22 -11.53 -16.85
C ASP C 26 28.83 -10.77 -18.01
N LYS C 27 28.24 -10.97 -19.19
CA LYS C 27 28.72 -10.33 -20.40
C LYS C 27 28.60 -8.81 -20.32
N VAL C 28 27.55 -8.33 -19.67
CA VAL C 28 27.29 -6.90 -19.58
C VAL C 28 28.43 -6.18 -18.88
N PHE C 29 28.76 -5.00 -19.40
CA PHE C 29 29.82 -4.21 -18.85
C PHE C 29 29.24 -2.98 -18.16
N ARG C 30 29.69 -2.69 -16.95
CA ARG C 30 29.28 -1.51 -16.23
C ARG C 30 30.49 -0.62 -15.99
N SER C 31 30.33 0.68 -16.20
CA SER C 31 31.45 1.61 -16.02
C SER C 31 31.31 2.48 -14.79
N SER C 32 32.37 2.50 -13.99
CA SER C 32 32.47 3.32 -12.77
C SER C 32 31.34 3.10 -11.77
N VAL C 33 30.90 1.87 -11.63
CA VAL C 33 29.86 1.54 -10.66
C VAL C 33 30.20 0.25 -9.96
N LEU C 34 29.70 0.08 -8.76
CA LEU C 34 29.99 -1.11 -7.97
C LEU C 34 28.74 -1.95 -8.05
N HIS C 35 28.88 -3.17 -8.55
CA HIS C 35 27.75 -4.06 -8.67
C HIS C 35 27.99 -5.30 -7.84
N SER C 36 27.04 -5.67 -6.99
CA SER C 36 27.18 -6.84 -6.14
C SER C 36 26.32 -7.97 -6.68
N THR C 37 26.93 -9.14 -6.87
CA THR C 37 26.24 -10.29 -7.45
C THR C 37 26.52 -11.59 -6.70
N GLN C 38 25.59 -12.54 -6.83
CA GLN C 38 25.73 -13.83 -6.19
C GLN C 38 25.99 -14.89 -7.24
N ASP C 39 27.12 -15.55 -7.13
CA ASP C 39 27.52 -16.63 -8.05
C ASP C 39 28.64 -17.42 -7.40
N LEU C 40 28.99 -18.55 -7.98
CA LEU C 40 30.08 -19.36 -7.43
C LEU C 40 31.39 -18.60 -7.61
N PHE C 41 32.24 -18.66 -6.59
CA PHE C 41 33.51 -17.95 -6.60
C PHE C 41 34.59 -18.56 -5.73
N LEU C 42 35.80 -18.04 -5.89
CA LEU C 42 36.94 -18.45 -5.11
C LEU C 42 36.93 -17.57 -3.89
N PRO C 43 36.69 -18.14 -2.70
CA PRO C 43 36.67 -17.25 -1.55
C PRO C 43 37.99 -16.55 -1.37
N PHE C 44 37.97 -15.28 -0.99
CA PHE C 44 39.20 -14.56 -0.75
C PHE C 44 39.93 -15.20 0.43
N PHE C 45 41.24 -15.32 0.28
CA PHE C 45 42.14 -15.97 1.23
C PHE C 45 41.76 -17.42 1.55
N SER C 46 41.28 -18.16 0.56
CA SER C 46 40.88 -19.55 0.75
C SER C 46 42.09 -20.47 0.65
N ASN C 47 42.12 -21.49 1.49
CA ASN C 47 43.20 -22.45 1.46
C ASN C 47 43.18 -23.14 0.10
N VAL C 48 44.34 -23.26 -0.51
CA VAL C 48 44.49 -23.91 -1.80
C VAL C 48 45.61 -24.96 -1.73
N THR C 49 45.36 -26.12 -2.33
CA THR C 49 46.24 -27.28 -2.18
C THR C 49 47.30 -27.27 -3.27
N TRP C 50 48.57 -27.21 -2.84
CA TRP C 50 49.69 -27.27 -3.77
C TRP C 50 49.81 -28.68 -4.36
N PHE C 51 50.32 -28.76 -5.58
CA PHE C 51 50.69 -30.02 -6.19
C PHE C 51 51.97 -29.85 -6.99
N HIS C 52 52.74 -30.94 -7.07
CA HIS C 52 54.01 -30.95 -7.77
C HIS C 52 54.15 -32.16 -8.68
N ALA C 53 54.81 -31.96 -9.81
CA ALA C 53 55.25 -33.02 -10.70
C ALA C 53 56.76 -32.99 -10.97
N ILE C 54 57.47 -32.11 -10.26
CA ILE C 54 58.91 -31.93 -10.42
C ILE C 54 59.69 -33.09 -9.82
N HIS C 55 60.60 -33.65 -10.62
CA HIS C 55 61.54 -34.70 -10.19
C HIS C 55 62.43 -34.34 -8.97
N VAL C 56 62.99 -33.13 -9.00
CA VAL C 56 63.97 -32.63 -8.01
C VAL C 56 65.24 -33.50 -8.02
N THR C 62 64.45 -36.51 -4.69
CA THR C 62 64.56 -37.02 -6.05
C THR C 62 63.41 -37.99 -6.37
N LYS C 63 63.31 -38.34 -7.64
CA LYS C 63 62.31 -39.30 -8.15
C LYS C 63 60.88 -38.88 -7.80
N ARG C 64 60.58 -37.60 -7.99
CA ARG C 64 59.28 -37.04 -7.63
C ARG C 64 58.47 -36.72 -8.89
N PHE C 65 57.30 -37.31 -9.01
CA PHE C 65 56.40 -37.06 -10.15
C PHE C 65 55.00 -37.48 -9.76
N ASP C 66 54.10 -36.52 -9.73
CA ASP C 66 52.74 -36.76 -9.26
C ASP C 66 51.76 -35.87 -10.01
N ASN C 67 50.68 -36.51 -10.48
CA ASN C 67 49.55 -35.83 -11.12
C ASN C 67 48.30 -36.72 -11.01
N PRO C 68 47.89 -37.02 -9.76
CA PRO C 68 46.80 -37.96 -9.57
C PRO C 68 45.45 -37.27 -9.76
N VAL C 69 44.38 -38.06 -9.68
CA VAL C 69 43.02 -37.57 -9.92
C VAL C 69 42.48 -36.70 -8.78
N LEU C 70 41.65 -35.73 -9.14
CA LEU C 70 41.03 -34.84 -8.17
C LEU C 70 39.52 -34.73 -8.38
N PRO C 71 38.77 -34.42 -7.29
CA PRO C 71 37.32 -34.21 -7.29
C PRO C 71 36.92 -32.91 -7.96
N PHE C 72 35.71 -32.90 -8.50
CA PHE C 72 35.26 -31.74 -9.23
C PHE C 72 33.90 -31.32 -8.68
N ASN C 73 33.97 -30.42 -7.70
CA ASN C 73 32.77 -29.81 -7.12
C ASN C 73 32.31 -28.73 -8.10
N ASP C 74 31.12 -28.21 -7.91
CA ASP C 74 30.65 -27.13 -8.78
C ASP C 74 31.58 -25.98 -8.50
N GLY C 75 32.28 -25.51 -9.53
CA GLY C 75 33.22 -24.40 -9.40
C GLY C 75 34.60 -24.89 -8.99
N VAL C 76 35.54 -24.90 -9.93
CA VAL C 76 36.90 -25.36 -9.66
C VAL C 76 37.91 -24.32 -10.10
N TYR C 77 38.94 -24.07 -9.32
CA TYR C 77 39.96 -23.09 -9.70
C TYR C 77 41.27 -23.79 -9.95
N PHE C 78 41.80 -23.67 -11.16
CA PHE C 78 43.09 -24.29 -11.46
C PHE C 78 44.08 -23.28 -11.98
N ALA C 79 45.23 -23.22 -11.33
CA ALA C 79 46.28 -22.35 -11.82
C ALA C 79 47.59 -23.10 -11.84
N SER C 80 48.30 -22.96 -12.93
CA SER C 80 49.59 -23.61 -13.05
C SER C 80 50.56 -22.66 -13.68
N THR C 81 51.83 -22.78 -13.32
CA THR C 81 52.84 -21.93 -13.93
C THR C 81 53.92 -22.79 -14.53
N GLU C 82 54.13 -22.69 -15.83
CA GLU C 82 55.17 -23.48 -16.45
C GLU C 82 56.00 -22.69 -17.47
N LYS C 83 57.26 -22.45 -17.15
CA LYS C 83 58.16 -21.75 -18.06
C LYS C 83 58.43 -22.60 -19.30
N SER C 84 58.65 -23.88 -19.08
CA SER C 84 58.94 -24.84 -20.15
C SER C 84 57.68 -25.48 -20.74
N ASN C 85 56.53 -25.08 -20.19
CA ASN C 85 55.21 -25.52 -20.62
C ASN C 85 55.00 -27.04 -20.57
N ILE C 86 55.55 -27.70 -19.55
CA ILE C 86 55.35 -29.13 -19.36
C ILE C 86 53.87 -29.44 -19.19
N ILE C 87 53.21 -28.61 -18.40
CA ILE C 87 51.78 -28.76 -18.19
C ILE C 87 51.17 -28.34 -19.51
N ARG C 88 50.19 -29.13 -19.95
CA ARG C 88 49.53 -28.87 -21.24
C ARG C 88 48.00 -28.92 -21.23
N GLY C 89 47.42 -29.98 -20.69
CA GLY C 89 45.97 -30.19 -20.83
C GLY C 89 45.15 -30.69 -19.65
N TRP C 90 43.84 -30.46 -19.73
CA TRP C 90 42.89 -30.82 -18.68
C TRP C 90 41.82 -31.78 -19.20
N ILE C 91 41.38 -32.67 -18.31
CA ILE C 91 40.37 -33.69 -18.66
C ILE C 91 39.20 -33.62 -17.68
N PHE C 92 37.98 -33.73 -18.20
CA PHE C 92 36.80 -33.69 -17.33
C PHE C 92 35.80 -34.81 -17.63
N GLY C 93 35.06 -35.24 -16.61
CA GLY C 93 34.09 -36.32 -16.73
C GLY C 93 33.62 -36.81 -15.37
N THR C 94 33.01 -37.99 -15.34
CA THR C 94 32.43 -38.54 -14.13
C THR C 94 33.27 -39.68 -13.55
N THR C 95 33.56 -40.67 -14.36
CA THR C 95 34.32 -41.85 -13.92
C THR C 95 35.40 -42.26 -14.93
N LEU C 96 35.48 -41.57 -16.07
CA LEU C 96 36.48 -41.85 -17.12
C LEU C 96 36.40 -43.30 -17.60
N ASP C 97 35.17 -43.80 -17.71
CA ASP C 97 34.92 -45.21 -18.04
C ASP C 97 34.75 -45.45 -19.54
N SER C 98 34.83 -44.39 -20.35
CA SER C 98 34.49 -44.41 -21.78
C SER C 98 33.03 -44.85 -22.01
N LYS C 99 32.21 -44.75 -20.96
CA LYS C 99 30.79 -45.07 -21.02
C LYS C 99 29.89 -43.88 -20.67
N THR C 100 30.42 -42.95 -19.86
CA THR C 100 29.73 -41.70 -19.55
C THR C 100 30.46 -40.55 -20.24
N GLN C 101 29.71 -39.70 -20.94
CA GLN C 101 30.26 -38.64 -21.76
C GLN C 101 31.22 -37.74 -21.00
N SER C 102 32.39 -37.50 -21.59
CA SER C 102 33.49 -36.81 -20.91
C SER C 102 34.16 -35.81 -21.84
N LEU C 103 34.84 -34.83 -21.26
CA LEU C 103 35.44 -33.70 -21.98
C LEU C 103 36.98 -33.95 -22.05
N LEU C 104 37.71 -33.44 -23.05
CA LEU C 104 39.21 -33.67 -23.06
C LEU C 104 40.15 -32.91 -24.04
N ILE C 105 41.27 -32.39 -23.54
CA ILE C 105 42.01 -31.45 -24.33
C ILE C 105 43.52 -31.55 -24.42
N VAL C 106 43.99 -31.01 -25.55
CA VAL C 106 45.38 -30.77 -25.78
C VAL C 106 45.63 -29.29 -25.98
N ASN C 107 46.77 -28.82 -25.48
CA ASN C 107 47.22 -27.45 -25.69
C ASN C 107 48.32 -27.43 -26.74
N ASN C 108 47.90 -27.40 -28.00
CA ASN C 108 48.81 -27.40 -29.13
C ASN C 108 49.14 -25.97 -29.55
N ALA C 109 50.22 -25.82 -30.31
CA ALA C 109 50.57 -24.55 -30.95
C ALA C 109 49.42 -23.99 -31.80
N THR C 110 48.59 -24.87 -32.34
CA THR C 110 47.45 -24.44 -33.13
C THR C 110 46.33 -23.87 -32.26
N ASN C 111 45.75 -24.72 -31.42
CA ASN C 111 44.59 -24.33 -30.60
C ASN C 111 44.57 -25.13 -29.30
N VAL C 112 43.69 -24.71 -28.40
CA VAL C 112 43.40 -25.50 -27.21
C VAL C 112 42.29 -26.50 -27.60
N VAL C 113 42.70 -27.61 -28.18
CA VAL C 113 41.77 -28.52 -28.84
C VAL C 113 40.97 -29.35 -27.84
N ILE C 114 39.67 -29.50 -28.15
CA ILE C 114 38.73 -30.10 -27.28
C ILE C 114 37.86 -30.99 -27.99
N LYS C 115 37.24 -31.71 -27.14
CA LYS C 115 36.50 -32.77 -27.57
C LYS C 115 35.54 -33.20 -26.50
N VAL C 116 34.39 -33.70 -26.95
CA VAL C 116 33.41 -34.32 -26.09
C VAL C 116 33.15 -35.72 -26.63
N CYS C 117 33.92 -36.68 -26.14
CA CYS C 117 33.93 -38.03 -26.69
C CYS C 117 34.08 -39.05 -25.57
N GLU C 118 33.51 -40.23 -25.79
CA GLU C 118 33.62 -41.32 -24.83
C GLU C 118 34.99 -41.98 -24.92
N PHE C 119 36.01 -41.20 -24.57
CA PHE C 119 37.40 -41.67 -24.69
C PHE C 119 37.76 -42.64 -23.58
N GLN C 120 38.60 -43.61 -23.93
CA GLN C 120 39.07 -44.60 -22.97
C GLN C 120 40.51 -44.28 -22.58
N PHE C 121 40.66 -43.63 -21.42
CA PHE C 121 41.98 -43.23 -20.94
C PHE C 121 42.68 -44.33 -20.18
N CYS C 122 43.99 -44.35 -20.30
CA CYS C 122 44.84 -45.24 -19.49
C CYS C 122 45.04 -44.65 -18.09
N ASN C 123 45.75 -45.40 -17.24
CA ASN C 123 46.00 -44.96 -15.86
C ASN C 123 47.09 -43.90 -15.75
N ASP C 124 47.95 -43.80 -16.77
CA ASP C 124 49.00 -42.79 -16.80
C ASP C 124 49.07 -42.08 -18.14
N PRO C 125 48.08 -41.22 -18.46
CA PRO C 125 48.17 -40.41 -19.67
C PRO C 125 49.17 -39.26 -19.49
N PHE C 126 49.76 -38.83 -20.60
CA PHE C 126 50.71 -37.72 -20.61
C PHE C 126 50.96 -37.27 -22.03
N LEU C 127 51.84 -36.27 -22.16
CA LEU C 127 52.32 -35.80 -23.45
C LEU C 127 53.83 -35.99 -23.49
N GLY C 128 54.31 -36.58 -24.59
CA GLY C 128 55.71 -36.99 -24.71
C GLY C 128 56.48 -36.14 -25.70
N VAL C 129 57.67 -35.69 -25.30
CA VAL C 129 58.55 -34.88 -26.14
C VAL C 129 60.00 -35.36 -25.98
N TYR C 130 60.73 -35.42 -27.09
CA TYR C 130 62.10 -35.96 -27.10
C TYR C 130 63.08 -34.98 -27.74
N TYR C 131 64.27 -34.91 -27.17
CA TYR C 131 65.39 -34.14 -27.72
C TYR C 131 66.27 -34.98 -28.66
N HIS C 132 65.93 -34.98 -29.95
CA HIS C 132 66.68 -35.71 -30.97
C HIS C 132 67.96 -34.95 -31.34
N LYS C 133 69.06 -35.70 -31.44
CA LYS C 133 70.38 -35.12 -31.71
C LYS C 133 70.51 -34.63 -33.16
N ASN C 134 69.89 -35.36 -34.09
CA ASN C 134 69.90 -35.03 -35.51
C ASN C 134 69.11 -33.77 -35.83
N ASN C 135 67.98 -33.54 -35.15
CA ASN C 135 67.22 -32.30 -35.31
C ASN C 135 66.77 -31.76 -33.94
N LYS C 136 67.27 -30.58 -33.57
CA LYS C 136 66.95 -29.97 -32.27
C LYS C 136 65.51 -29.41 -32.17
N SER C 137 64.56 -30.33 -31.97
CA SER C 137 63.14 -30.02 -31.85
C SER C 137 62.42 -31.09 -31.03
N TRP C 138 61.21 -30.78 -30.56
CA TRP C 138 60.47 -31.61 -29.59
C TRP C 138 59.18 -32.17 -30.22
N MET C 139 59.22 -33.42 -30.66
CA MET C 139 58.09 -34.06 -31.34
C MET C 139 57.38 -35.02 -30.39
N GLU C 140 56.11 -35.29 -30.68
CA GLU C 140 55.34 -36.24 -29.89
C GLU C 140 55.86 -37.66 -30.09
N SER C 141 56.03 -38.37 -28.98
CA SER C 141 56.54 -39.75 -29.01
C SER C 141 55.44 -40.81 -28.91
N GLU C 142 54.51 -40.63 -27.97
CA GLU C 142 53.41 -41.56 -27.79
C GLU C 142 52.17 -40.79 -27.37
N PHE C 143 51.32 -40.50 -28.36
CA PHE C 143 50.04 -39.84 -28.12
C PHE C 143 48.92 -40.89 -27.90
N ARG C 144 49.16 -41.84 -26.99
CA ARG C 144 48.14 -42.83 -26.65
C ARG C 144 47.40 -42.41 -25.36
N VAL C 145 46.85 -41.21 -25.38
CA VAL C 145 46.06 -40.70 -24.26
C VAL C 145 44.77 -41.51 -24.12
N TYR C 146 44.23 -41.95 -25.25
CA TYR C 146 42.93 -42.60 -25.29
C TYR C 146 42.96 -43.78 -26.25
N SER C 147 41.95 -44.63 -26.14
CA SER C 147 41.82 -45.77 -27.04
C SER C 147 41.13 -45.36 -28.35
N SER C 148 39.88 -44.91 -28.24
CA SER C 148 39.08 -44.47 -29.39
C SER C 148 37.87 -43.68 -28.87
N ALA C 149 36.96 -43.34 -29.78
CA ALA C 149 35.70 -42.66 -29.42
C ALA C 149 34.54 -43.27 -30.20
N ASN C 150 33.42 -43.45 -29.51
CA ASN C 150 32.21 -44.04 -30.11
C ASN C 150 31.23 -43.00 -30.64
N ASN C 151 30.64 -42.19 -29.76
CA ASN C 151 29.52 -41.34 -30.19
C ASN C 151 29.64 -39.84 -29.56
N CYS C 152 30.21 -38.85 -30.33
CA CYS C 152 30.69 -37.49 -29.89
C CYS C 152 29.66 -36.45 -30.34
N THR C 153 28.87 -36.00 -29.37
CA THR C 153 27.77 -35.06 -29.60
C THR C 153 28.23 -33.61 -29.75
N PHE C 154 29.54 -33.36 -29.55
CA PHE C 154 30.12 -32.03 -29.65
C PHE C 154 31.59 -32.17 -29.95
N GLU C 155 32.03 -31.38 -30.94
CA GLU C 155 33.42 -31.26 -31.25
C GLU C 155 33.79 -29.89 -31.55
N TYR C 156 35.07 -29.68 -31.44
CA TYR C 156 35.40 -28.35 -31.18
C TYR C 156 36.85 -27.99 -31.31
N VAL C 157 37.10 -26.82 -31.89
CA VAL C 157 38.44 -26.24 -31.94
C VAL C 157 38.27 -24.74 -31.58
N SER C 158 39.19 -24.25 -30.75
CA SER C 158 39.16 -22.88 -30.29
C SER C 158 39.96 -21.96 -31.21
N GLN C 159 40.20 -20.73 -30.76
CA GLN C 159 40.91 -19.75 -31.56
C GLN C 159 42.41 -20.06 -31.67
N PRO C 160 43.04 -19.66 -32.79
CA PRO C 160 44.47 -19.87 -32.91
C PRO C 160 45.27 -18.94 -32.01
N PHE C 161 46.42 -19.47 -31.59
CA PHE C 161 47.43 -18.82 -30.73
C PHE C 161 48.73 -19.63 -30.86
N LEU C 162 49.83 -19.12 -30.29
CA LEU C 162 51.13 -19.81 -30.38
C LEU C 162 51.88 -19.99 -29.04
N MET C 163 52.73 -21.02 -29.01
CA MET C 163 53.47 -21.43 -27.80
C MET C 163 54.99 -21.63 -28.04
N ASP C 164 55.78 -21.34 -27.01
CA ASP C 164 57.26 -21.31 -27.09
C ASP C 164 57.97 -22.68 -27.20
N LEU C 165 57.53 -23.66 -26.39
CA LEU C 165 58.05 -25.04 -26.35
C LEU C 165 59.57 -25.22 -26.15
N GLU C 166 60.14 -24.52 -25.17
CA GLU C 166 61.59 -24.64 -24.85
C GLU C 166 61.97 -25.92 -24.08
N GLY C 167 63.24 -26.32 -24.20
CA GLY C 167 63.76 -27.50 -23.52
C GLY C 167 64.82 -27.16 -22.51
N LYS C 168 64.64 -26.01 -21.86
CA LYS C 168 65.64 -25.44 -20.96
C LYS C 168 65.17 -25.53 -19.51
N GLN C 169 65.95 -24.96 -18.59
CA GLN C 169 65.60 -24.93 -17.18
C GLN C 169 65.64 -23.51 -16.66
N GLY C 170 64.67 -23.20 -15.80
CA GLY C 170 64.48 -21.85 -15.28
C GLY C 170 63.24 -21.61 -14.44
N ASN C 171 63.22 -20.44 -13.82
CA ASN C 171 62.04 -19.98 -13.11
C ASN C 171 60.89 -19.74 -14.08
N PHE C 172 59.68 -19.90 -13.55
CA PHE C 172 58.47 -19.75 -14.34
C PHE C 172 58.27 -18.29 -14.74
N LYS C 173 58.61 -17.98 -15.98
CA LYS C 173 58.54 -16.62 -16.51
C LYS C 173 57.12 -16.11 -16.74
N ASN C 174 56.14 -17.01 -16.76
CA ASN C 174 54.75 -16.64 -17.05
C ASN C 174 53.80 -17.17 -15.97
N LEU C 175 52.51 -16.97 -16.17
CA LEU C 175 51.48 -17.48 -15.28
C LEU C 175 50.20 -17.72 -16.06
N ARG C 176 49.46 -18.76 -15.67
CA ARG C 176 48.20 -19.12 -16.31
C ARG C 176 47.16 -19.45 -15.25
N GLU C 177 45.95 -18.93 -15.45
CA GLU C 177 44.83 -19.20 -14.54
C GLU C 177 43.61 -19.63 -15.35
N PHE C 178 42.84 -20.56 -14.79
CA PHE C 178 41.62 -21.04 -15.42
C PHE C 178 40.57 -21.33 -14.37
N VAL C 179 39.31 -21.00 -14.69
CA VAL C 179 38.18 -21.33 -13.82
C VAL C 179 37.17 -22.13 -14.63
N PHE C 180 37.24 -23.46 -14.50
CA PHE C 180 36.25 -24.32 -15.14
C PHE C 180 34.98 -24.32 -14.31
N LYS C 181 33.83 -24.29 -14.97
CA LYS C 181 32.59 -24.32 -14.22
C LYS C 181 31.46 -24.84 -15.07
N ASN C 182 30.42 -25.34 -14.41
CA ASN C 182 29.26 -25.82 -15.11
C ASN C 182 28.02 -25.24 -14.44
N ILE C 183 27.24 -24.46 -15.19
CA ILE C 183 26.04 -23.86 -14.65
C ILE C 183 24.87 -24.16 -15.55
N ASP C 184 23.79 -24.64 -14.96
CA ASP C 184 22.53 -24.98 -15.67
C ASP C 184 22.68 -25.76 -16.99
N GLY C 185 23.59 -26.74 -16.99
CA GLY C 185 23.80 -27.59 -18.16
C GLY C 185 24.72 -27.05 -19.25
N TYR C 186 25.33 -25.88 -19.04
CA TYR C 186 26.23 -25.34 -20.05
C TYR C 186 27.63 -25.15 -19.49
N PHE C 187 28.61 -25.74 -20.15
CA PHE C 187 29.99 -25.59 -19.70
C PHE C 187 30.56 -24.23 -20.07
N LYS C 188 31.54 -23.80 -19.29
CA LYS C 188 32.19 -22.47 -19.48
C LYS C 188 33.61 -22.52 -18.93
N ILE C 189 34.48 -21.64 -19.43
CA ILE C 189 35.86 -21.56 -18.94
C ILE C 189 36.34 -20.09 -18.97
N TYR C 190 37.23 -19.74 -18.05
CA TYR C 190 37.79 -18.38 -18.00
C TYR C 190 39.30 -18.47 -17.87
N SER C 191 40.00 -17.42 -18.28
CA SER C 191 41.47 -17.45 -18.24
C SER C 191 42.14 -16.08 -18.19
N LYS C 192 43.41 -16.06 -17.84
CA LYS C 192 44.19 -14.84 -17.87
C LYS C 192 45.65 -15.19 -17.91
N HIS C 193 46.44 -14.36 -18.58
CA HIS C 193 47.87 -14.59 -18.65
C HIS C 193 48.55 -13.48 -17.88
N THR C 194 49.32 -13.82 -16.86
CA THR C 194 49.97 -12.82 -16.04
C THR C 194 51.49 -12.90 -16.18
N PRO C 195 52.11 -11.78 -16.55
CA PRO C 195 53.52 -11.57 -16.90
C PRO C 195 54.58 -11.82 -15.81
N ILE C 196 54.34 -11.44 -14.58
CA ILE C 196 55.37 -11.57 -13.56
C ILE C 196 55.21 -12.84 -12.72
N ASN C 197 56.13 -13.78 -12.86
CA ASN C 197 56.15 -15.03 -12.09
C ASN C 197 56.39 -14.74 -10.63
N LEU C 198 57.37 -13.87 -10.39
CA LEU C 198 57.78 -13.44 -9.05
C LEU C 198 58.14 -14.60 -8.14
N VAL C 199 57.56 -14.60 -6.94
CA VAL C 199 57.76 -15.64 -5.95
C VAL C 199 57.02 -16.93 -6.31
N ARG C 200 57.40 -18.04 -5.68
CA ARG C 200 56.81 -19.35 -5.96
C ARG C 200 55.29 -19.35 -5.77
N ASP C 201 54.84 -18.75 -4.66
CA ASP C 201 53.42 -18.65 -4.38
C ASP C 201 52.76 -17.63 -5.34
N LEU C 202 51.49 -17.81 -5.58
CA LEU C 202 50.74 -16.92 -6.44
C LEU C 202 50.80 -15.48 -5.92
N PRO C 203 50.99 -14.51 -6.83
CA PRO C 203 51.12 -13.10 -6.52
C PRO C 203 49.90 -12.50 -5.83
N GLN C 204 50.14 -11.55 -4.95
CA GLN C 204 49.09 -10.84 -4.23
C GLN C 204 48.77 -9.55 -4.98
N GLY C 205 47.51 -9.42 -5.33
CA GLY C 205 47.02 -8.25 -6.06
C GLY C 205 45.74 -8.62 -6.79
N PHE C 206 45.37 -7.81 -7.76
CA PHE C 206 44.14 -8.04 -8.51
C PHE C 206 44.38 -8.60 -9.90
N SER C 207 43.74 -9.73 -10.19
CA SER C 207 43.85 -10.39 -11.46
C SER C 207 42.47 -10.43 -12.05
N VAL C 208 42.35 -9.99 -13.30
CA VAL C 208 41.06 -9.93 -13.96
C VAL C 208 41.08 -10.86 -15.15
N LEU C 209 40.03 -11.63 -15.31
CA LEU C 209 40.02 -12.69 -16.36
C LEU C 209 38.78 -12.65 -17.23
N GLU C 210 38.98 -12.52 -18.55
CA GLU C 210 37.89 -12.51 -19.52
C GLU C 210 37.51 -13.95 -19.73
N PRO C 211 36.23 -14.22 -20.08
CA PRO C 211 35.85 -15.59 -20.31
C PRO C 211 36.16 -16.01 -21.75
N LEU C 212 37.20 -16.80 -21.90
CA LEU C 212 37.71 -17.25 -23.21
C LEU C 212 36.77 -18.14 -24.05
N VAL C 213 36.25 -19.21 -23.44
CA VAL C 213 35.38 -20.14 -24.21
C VAL C 213 34.10 -20.49 -23.50
N ASP C 214 33.03 -20.59 -24.28
CA ASP C 214 31.72 -20.93 -23.75
C ASP C 214 31.16 -22.17 -24.43
N LEU C 215 30.67 -23.12 -23.63
CA LEU C 215 30.14 -24.36 -24.16
C LEU C 215 28.73 -24.65 -23.67
N PRO C 216 27.85 -25.05 -24.60
CA PRO C 216 26.46 -25.40 -24.38
C PRO C 216 26.24 -26.88 -24.12
N ILE C 217 27.31 -27.64 -24.16
CA ILE C 217 27.27 -29.10 -24.04
C ILE C 217 26.84 -29.48 -22.62
N GLY C 218 25.95 -30.47 -22.50
CA GLY C 218 25.45 -30.91 -21.21
C GLY C 218 26.13 -32.18 -20.73
N ILE C 219 26.79 -32.12 -19.57
CA ILE C 219 27.51 -33.27 -19.04
C ILE C 219 27.56 -33.26 -17.50
N ASN C 220 27.74 -34.42 -16.91
CA ASN C 220 27.99 -34.52 -15.46
C ASN C 220 29.45 -34.80 -15.28
N ILE C 221 30.17 -33.97 -14.52
CA ILE C 221 31.56 -34.31 -14.18
C ILE C 221 31.76 -34.40 -12.68
N THR C 222 32.56 -35.36 -12.18
CA THR C 222 32.78 -35.54 -10.75
C THR C 222 34.26 -35.45 -10.33
N ARG C 223 35.17 -35.67 -11.28
CA ARG C 223 36.58 -35.69 -11.01
C ARG C 223 37.38 -35.27 -12.26
N PHE C 224 38.55 -34.73 -12.03
CA PHE C 224 39.38 -34.26 -13.12
C PHE C 224 40.86 -34.66 -12.99
N GLN C 225 41.63 -34.39 -14.04
CA GLN C 225 43.06 -34.72 -14.11
C GLN C 225 43.80 -33.73 -14.98
N THR C 226 45.11 -33.58 -14.76
CA THR C 226 45.94 -32.66 -15.54
C THR C 226 47.14 -33.35 -16.19
N LEU C 227 47.38 -33.02 -17.45
CA LEU C 227 48.47 -33.64 -18.23
C LEU C 227 49.83 -33.00 -17.98
N LEU C 228 50.88 -33.74 -18.34
CA LEU C 228 52.26 -33.30 -18.14
C LEU C 228 53.08 -33.62 -19.39
N ALA C 229 54.14 -32.86 -19.62
CA ALA C 229 55.09 -33.08 -20.69
C ALA C 229 56.35 -33.78 -20.17
N LEU C 230 56.50 -35.06 -20.49
CA LEU C 230 57.69 -35.81 -20.12
C LEU C 230 58.85 -35.42 -21.02
N HIS C 231 59.95 -35.04 -20.41
CA HIS C 231 61.07 -34.40 -21.10
C HIS C 231 62.12 -35.43 -21.47
N ARG C 232 61.67 -36.43 -22.23
CA ARG C 232 62.47 -37.61 -22.52
C ARG C 232 63.73 -37.27 -23.29
N SER C 233 64.83 -37.88 -22.91
CA SER C 233 66.15 -37.60 -23.49
C SER C 233 66.96 -38.88 -23.65
N TYR C 234 68.23 -38.69 -24.05
CA TYR C 234 69.15 -39.79 -24.31
C TYR C 234 69.64 -40.43 -23.02
N LEU C 235 69.72 -39.64 -21.95
CA LEU C 235 70.19 -40.11 -20.65
C LEU C 235 69.22 -41.10 -20.00
N THR C 236 67.94 -40.99 -20.33
CA THR C 236 66.92 -41.87 -19.80
C THR C 236 67.08 -43.29 -20.32
N PRO C 237 66.65 -44.30 -19.54
CA PRO C 237 66.68 -45.72 -19.95
C PRO C 237 66.12 -46.01 -21.35
N GLY C 238 65.02 -45.35 -21.72
CA GLY C 238 64.43 -45.48 -23.06
C GLY C 238 63.25 -46.43 -23.13
N ASP C 239 62.35 -46.28 -22.17
CA ASP C 239 61.10 -47.03 -22.15
C ASP C 239 60.00 -46.16 -21.52
N SER C 240 58.76 -46.63 -21.66
CA SER C 240 57.57 -45.91 -21.19
C SER C 240 57.33 -46.02 -19.68
N SER C 241 58.06 -46.92 -19.01
CA SER C 241 57.89 -47.14 -17.58
C SER C 241 58.96 -46.47 -16.71
N SER C 242 60.17 -46.31 -17.24
CA SER C 242 61.29 -45.79 -16.46
C SER C 242 62.10 -44.70 -17.18
N GLY C 243 61.94 -44.58 -18.49
CA GLY C 243 62.69 -43.58 -19.24
C GLY C 243 62.02 -42.22 -19.29
N TRP C 244 62.37 -41.32 -18.36
CA TRP C 244 61.76 -39.98 -18.29
C TRP C 244 62.53 -39.12 -17.29
N THR C 245 62.73 -37.86 -17.66
CA THR C 245 63.29 -36.85 -16.77
C THR C 245 62.58 -35.53 -17.09
N ALA C 246 61.45 -35.29 -16.41
CA ALA C 246 60.54 -34.19 -16.75
C ALA C 246 61.13 -32.80 -16.50
N GLY C 247 61.40 -32.50 -15.23
CA GLY C 247 61.84 -31.16 -14.82
C GLY C 247 60.78 -30.48 -13.97
N ALA C 248 60.97 -29.19 -13.70
CA ALA C 248 60.07 -28.45 -12.81
C ALA C 248 58.65 -28.27 -13.38
N ALA C 249 57.67 -28.39 -12.49
CA ALA C 249 56.26 -28.15 -12.78
C ALA C 249 55.59 -27.77 -11.45
N ALA C 250 54.49 -27.03 -11.52
CA ALA C 250 53.76 -26.61 -10.32
C ALA C 250 52.38 -26.09 -10.72
N TYR C 251 51.36 -26.51 -9.98
CA TYR C 251 49.99 -26.06 -10.21
C TYR C 251 49.15 -26.24 -8.95
N TYR C 252 48.22 -25.33 -8.73
CA TYR C 252 47.33 -25.39 -7.55
C TYR C 252 45.87 -25.51 -7.95
N VAL C 253 45.12 -26.40 -7.30
CA VAL C 253 43.71 -26.57 -7.62
C VAL C 253 42.83 -26.19 -6.45
N GLY C 254 41.93 -25.24 -6.66
CA GLY C 254 41.01 -24.76 -5.62
C GLY C 254 39.55 -24.69 -6.00
N TYR C 255 38.70 -25.09 -5.06
CA TYR C 255 37.24 -25.11 -5.29
C TYR C 255 36.56 -23.76 -5.02
N LEU C 256 35.33 -23.64 -5.52
CA LEU C 256 34.56 -22.39 -5.37
C LEU C 256 33.18 -22.70 -4.81
N GLN C 257 32.64 -21.75 -4.05
CA GLN C 257 31.35 -21.90 -3.41
C GLN C 257 30.57 -20.61 -3.61
N PRO C 258 29.24 -20.67 -3.48
CA PRO C 258 28.45 -19.46 -3.67
C PRO C 258 28.80 -18.39 -2.63
N ARG C 259 29.07 -17.18 -3.11
CA ARG C 259 29.40 -16.02 -2.27
C ARG C 259 29.02 -14.78 -3.07
N THR C 260 28.85 -13.67 -2.36
CA THR C 260 28.52 -12.41 -3.01
C THR C 260 29.73 -11.52 -3.01
N PHE C 261 30.10 -11.04 -4.18
CA PHE C 261 31.27 -10.18 -4.34
C PHE C 261 30.81 -8.82 -4.82
N LEU C 262 31.28 -7.77 -4.17
CA LEU C 262 30.93 -6.43 -4.62
C LEU C 262 32.05 -5.95 -5.52
N LEU C 263 31.84 -6.05 -6.82
CA LEU C 263 32.83 -5.64 -7.80
C LEU C 263 32.89 -4.13 -7.97
N LYS C 264 34.04 -3.64 -8.41
CA LYS C 264 34.21 -2.24 -8.73
C LYS C 264 34.57 -2.11 -10.20
N TYR C 265 33.87 -1.23 -10.91
CA TYR C 265 34.11 -1.02 -12.35
C TYR C 265 34.72 0.35 -12.66
N ASN C 266 35.77 0.35 -13.46
CA ASN C 266 36.45 1.58 -13.87
C ASN C 266 35.77 2.21 -15.09
N GLU C 267 36.30 3.33 -15.54
CA GLU C 267 35.75 4.04 -16.68
C GLU C 267 35.80 3.21 -17.95
N ASN C 268 36.94 2.56 -18.15
CA ASN C 268 37.08 1.68 -19.29
C ASN C 268 36.15 0.46 -19.16
N GLY C 269 36.04 -0.06 -17.94
CA GLY C 269 35.18 -1.24 -17.68
C GLY C 269 35.85 -2.50 -17.17
N THR C 270 37.15 -2.50 -16.91
CA THR C 270 37.76 -3.66 -16.29
C THR C 270 37.34 -3.74 -14.82
N ILE C 271 37.29 -4.94 -14.26
CA ILE C 271 36.94 -5.11 -12.88
C ILE C 271 38.17 -4.86 -12.03
N THR C 272 38.49 -3.62 -11.76
CA THR C 272 39.73 -3.27 -11.07
C THR C 272 39.84 -3.73 -9.61
N ASP C 273 38.79 -3.54 -8.81
CA ASP C 273 38.85 -3.88 -7.40
C ASP C 273 37.77 -4.85 -6.93
N ALA C 274 38.11 -5.83 -6.12
CA ALA C 274 37.12 -6.82 -5.61
C ALA C 274 37.07 -6.78 -4.10
N VAL C 275 35.83 -6.78 -3.61
CA VAL C 275 35.53 -6.82 -2.20
C VAL C 275 34.69 -8.07 -1.93
N ASP C 276 35.03 -8.80 -0.87
CA ASP C 276 34.29 -10.01 -0.54
C ASP C 276 33.37 -9.83 0.67
N CYS C 277 32.10 -10.17 0.46
CA CYS C 277 31.09 -10.00 1.47
C CYS C 277 31.32 -10.97 2.63
N ALA C 278 31.64 -12.25 2.38
CA ALA C 278 31.77 -13.20 3.46
C ALA C 278 33.19 -13.32 4.06
N LEU C 279 34.15 -12.55 3.57
CA LEU C 279 35.53 -12.68 4.04
C LEU C 279 35.74 -12.30 5.52
N ASP C 280 35.14 -11.21 5.94
CA ASP C 280 35.31 -10.74 7.31
C ASP C 280 34.10 -9.89 7.73
N PRO C 281 34.03 -9.51 8.99
CA PRO C 281 32.90 -8.73 9.42
C PRO C 281 32.97 -7.30 8.87
N LEU C 282 34.18 -6.78 8.65
CA LEU C 282 34.35 -5.49 7.98
C LEU C 282 33.82 -5.56 6.56
N SER C 283 34.07 -6.67 5.88
CA SER C 283 33.62 -6.89 4.53
C SER C 283 32.09 -6.85 4.41
N GLU C 284 31.41 -7.39 5.40
CA GLU C 284 29.95 -7.42 5.39
C GLU C 284 29.36 -6.02 5.35
N THR C 285 29.95 -5.08 6.08
CA THR C 285 29.48 -3.71 6.11
C THR C 285 29.59 -3.08 4.74
N LYS C 286 30.71 -3.35 4.07
CA LYS C 286 30.98 -2.76 2.77
C LYS C 286 29.93 -3.19 1.76
N CYS C 287 29.50 -4.42 1.81
CA CYS C 287 28.54 -4.84 0.86
C CYS C 287 27.23 -4.13 1.04
N THR C 288 26.80 -3.98 2.28
CA THR C 288 25.58 -3.24 2.52
C THR C 288 25.71 -1.81 2.02
N LEU C 289 26.87 -1.23 2.25
CA LEU C 289 27.17 0.14 1.85
C LEU C 289 27.31 0.41 0.37
N LYS C 290 27.56 -0.64 -0.42
CA LYS C 290 27.73 -0.46 -1.85
C LYS C 290 28.82 0.57 -2.06
N SER C 291 29.82 0.53 -1.18
CA SER C 291 30.95 1.44 -1.27
C SER C 291 32.23 0.71 -0.85
N PHE C 292 33.36 1.14 -1.37
CA PHE C 292 34.64 0.54 -1.02
C PHE C 292 35.28 1.26 0.15
N THR C 293 34.64 2.32 0.63
CA THR C 293 35.13 3.05 1.79
C THR C 293 33.99 3.25 2.76
N VAL C 294 34.27 3.17 4.05
CA VAL C 294 33.22 3.29 5.05
C VAL C 294 33.46 4.42 6.04
N GLU C 295 32.46 5.27 6.22
CA GLU C 295 32.55 6.35 7.18
C GLU C 295 32.48 5.85 8.60
N LYS C 296 33.01 6.62 9.53
CA LYS C 296 32.95 6.26 10.94
C LYS C 296 31.50 6.12 11.39
N GLY C 297 31.23 5.11 12.21
CA GLY C 297 29.89 4.90 12.74
C GLY C 297 29.61 3.42 12.94
N ILE C 298 28.38 3.11 13.30
CA ILE C 298 27.96 1.73 13.52
C ILE C 298 26.87 1.41 12.49
N TYR C 299 27.05 0.31 11.79
CA TYR C 299 26.11 -0.15 10.78
C TYR C 299 25.60 -1.52 11.16
N GLN C 300 24.31 -1.77 10.92
CA GLN C 300 23.76 -3.09 11.22
C GLN C 300 23.56 -3.89 9.95
N THR C 301 24.10 -5.11 9.96
CA THR C 301 24.04 -6.01 8.81
C THR C 301 24.06 -7.47 9.29
N SER C 302 23.59 -8.38 8.44
CA SER C 302 23.63 -9.84 8.71
C SER C 302 23.06 -10.32 10.05
N ASN C 303 21.76 -10.14 10.26
CA ASN C 303 21.15 -10.58 11.50
C ASN C 303 21.34 -12.07 11.72
N PHE C 304 21.68 -12.45 12.95
CA PHE C 304 22.01 -13.86 13.23
C PHE C 304 21.07 -14.53 14.24
N ARG C 305 20.74 -15.78 13.94
CA ARG C 305 20.00 -16.58 14.83
C ARG C 305 20.78 -17.84 15.10
N VAL C 306 20.85 -18.23 16.36
CA VAL C 306 21.54 -19.44 16.73
C VAL C 306 20.99 -20.63 15.96
N GLN C 307 21.91 -21.43 15.45
CA GLN C 307 21.54 -22.63 14.73
C GLN C 307 21.13 -23.76 15.66
N PRO C 308 20.30 -24.69 15.17
CA PRO C 308 19.88 -25.82 15.99
C PRO C 308 20.92 -26.91 15.89
N THR C 309 21.54 -27.24 17.01
CA THR C 309 22.61 -28.23 17.05
C THR C 309 22.14 -29.66 16.73
N GLU C 310 20.99 -30.06 17.25
CA GLU C 310 20.49 -31.43 17.03
C GLU C 310 18.98 -31.45 16.85
N SER C 311 18.49 -32.51 16.20
CA SER C 311 17.06 -32.66 15.99
C SER C 311 16.53 -33.83 16.80
N ILE C 312 15.48 -33.57 17.58
CA ILE C 312 14.88 -34.60 18.41
C ILE C 312 13.43 -34.77 18.07
N VAL C 313 13.01 -35.99 17.83
CA VAL C 313 11.63 -36.29 17.52
C VAL C 313 11.00 -37.15 18.58
N ARG C 314 9.89 -36.69 19.12
CA ARG C 314 9.17 -37.46 20.13
C ARG C 314 7.78 -37.78 19.62
N PHE C 315 7.43 -39.06 19.76
CA PHE C 315 6.15 -39.61 19.34
C PHE C 315 5.53 -40.41 20.46
N PRO C 316 4.21 -40.63 20.41
CA PRO C 316 3.59 -41.47 21.43
C PRO C 316 4.09 -42.91 21.27
N ASN C 317 4.32 -43.60 22.38
CA ASN C 317 4.90 -44.96 22.31
C ASN C 317 3.87 -46.06 22.09
N ILE C 318 3.31 -46.09 20.89
CA ILE C 318 2.33 -47.09 20.53
C ILE C 318 2.87 -47.87 19.35
N THR C 319 2.91 -49.18 19.51
CA THR C 319 3.50 -50.08 18.49
C THR C 319 2.47 -50.96 17.75
N ASN C 320 1.19 -50.79 18.00
CA ASN C 320 0.18 -51.64 17.39
C ASN C 320 -0.12 -51.09 16.00
N LEU C 321 0.22 -51.84 14.96
CA LEU C 321 0.01 -51.35 13.59
C LEU C 321 -1.47 -51.18 13.35
N CYS C 322 -1.84 -50.04 12.83
CA CYS C 322 -3.19 -49.81 12.39
C CYS C 322 -3.55 -50.80 11.31
N PRO C 323 -4.79 -51.29 11.33
CA PRO C 323 -5.16 -52.27 10.33
C PRO C 323 -5.65 -51.63 9.03
N PHE C 324 -4.80 -50.88 8.35
CA PHE C 324 -5.20 -50.31 7.07
C PHE C 324 -5.37 -51.43 6.06
N GLY C 325 -4.49 -52.44 6.12
CA GLY C 325 -4.53 -53.57 5.21
C GLY C 325 -5.85 -54.30 5.24
N GLU C 326 -6.40 -54.50 6.43
CA GLU C 326 -7.66 -55.24 6.51
C GLU C 326 -8.79 -54.48 5.80
N VAL C 327 -8.83 -53.17 5.98
CA VAL C 327 -9.85 -52.34 5.35
C VAL C 327 -9.70 -52.39 3.83
N PHE C 328 -8.46 -52.34 3.36
CA PHE C 328 -8.21 -52.37 1.93
C PHE C 328 -8.68 -53.66 1.28
N ASN C 329 -8.45 -54.78 1.95
CA ASN C 329 -8.87 -56.05 1.40
C ASN C 329 -10.06 -56.50 2.20
N ALA C 330 -11.22 -56.56 1.56
CA ALA C 330 -12.45 -57.02 2.22
C ALA C 330 -13.28 -57.73 1.17
N THR C 331 -13.95 -58.78 1.58
CA THR C 331 -14.84 -59.50 0.70
C THR C 331 -15.94 -58.61 0.12
N ARG C 332 -16.52 -57.73 0.94
CA ARG C 332 -17.64 -56.91 0.49
C ARG C 332 -17.41 -55.42 0.75
N PHE C 333 -17.67 -54.61 -0.28
CA PHE C 333 -17.55 -53.17 -0.17
C PHE C 333 -18.93 -52.57 -0.29
N ALA C 334 -19.30 -51.76 0.68
CA ALA C 334 -20.62 -51.14 0.69
C ALA C 334 -20.83 -50.28 -0.55
N SER C 335 -22.04 -50.33 -1.07
CA SER C 335 -22.42 -49.56 -2.25
C SER C 335 -22.59 -48.08 -1.92
N VAL C 336 -22.65 -47.26 -2.96
CA VAL C 336 -22.69 -45.82 -2.79
C VAL C 336 -23.86 -45.34 -1.92
N TYR C 337 -25.02 -45.98 -2.05
CA TYR C 337 -26.16 -45.53 -1.25
C TYR C 337 -25.91 -45.60 0.26
N ALA C 338 -25.26 -46.65 0.72
CA ALA C 338 -24.96 -46.77 2.14
C ALA C 338 -23.49 -47.13 2.34
N TRP C 339 -22.60 -46.19 2.04
CA TRP C 339 -21.17 -46.43 2.08
C TRP C 339 -20.67 -46.81 3.46
N ASN C 340 -19.68 -47.69 3.48
CA ASN C 340 -19.07 -48.16 4.72
C ASN C 340 -17.94 -47.26 5.15
N ARG C 341 -17.98 -46.84 6.41
CA ARG C 341 -17.00 -45.94 6.99
C ARG C 341 -16.40 -46.53 8.25
N LYS C 342 -15.07 -46.50 8.36
CA LYS C 342 -14.38 -47.03 9.53
C LYS C 342 -13.43 -46.00 10.11
N ARG C 343 -13.41 -45.91 11.44
CA ARG C 343 -12.60 -44.92 12.08
C ARG C 343 -11.37 -45.60 12.67
N ILE C 344 -10.22 -45.16 12.20
CA ILE C 344 -8.98 -45.77 12.60
C ILE C 344 -8.21 -44.77 13.42
N SER C 345 -7.78 -45.20 14.59
CA SER C 345 -7.11 -44.34 15.55
C SER C 345 -6.23 -45.17 16.51
N ASN C 346 -5.41 -44.52 17.29
CA ASN C 346 -4.65 -45.25 18.32
C ASN C 346 -3.83 -46.34 17.72
N CYS C 347 -3.18 -46.07 16.61
CA CYS C 347 -2.28 -47.07 16.14
C CYS C 347 -1.41 -46.52 15.03
N VAL C 348 -0.45 -47.32 14.60
CA VAL C 348 0.63 -46.81 13.77
C VAL C 348 0.41 -47.40 12.43
N ALA C 349 0.26 -46.55 11.45
CA ALA C 349 0.11 -46.99 10.09
C ALA C 349 1.22 -46.48 9.22
N ASP C 350 1.76 -47.35 8.40
CA ASP C 350 2.75 -46.94 7.46
C ASP C 350 2.10 -46.84 6.08
N TYR C 351 2.21 -45.66 5.49
CA TYR C 351 1.60 -45.43 4.20
C TYR C 351 2.52 -45.75 3.04
N SER C 352 3.76 -46.16 3.33
CA SER C 352 4.70 -46.49 2.27
C SER C 352 4.18 -47.64 1.43
N VAL C 353 3.62 -48.65 2.09
CA VAL C 353 3.07 -49.80 1.37
C VAL C 353 1.98 -49.36 0.41
N LEU C 354 1.10 -48.47 0.84
CA LEU C 354 0.04 -47.97 -0.02
C LEU C 354 0.64 -47.19 -1.17
N TYR C 355 1.51 -46.24 -0.83
CA TYR C 355 2.21 -45.47 -1.82
C TYR C 355 3.21 -46.37 -2.54
N ASN C 356 3.89 -47.18 -1.75
CA ASN C 356 4.91 -48.09 -2.25
C ASN C 356 4.37 -49.19 -3.15
N SER C 357 3.28 -49.79 -2.75
CA SER C 357 2.69 -50.90 -3.53
C SER C 357 2.31 -50.54 -4.97
N ALA C 358 1.71 -49.36 -5.20
CA ALA C 358 1.49 -48.85 -6.55
C ALA C 358 0.76 -49.87 -7.43
N SER C 359 -0.12 -50.67 -6.83
CA SER C 359 -0.92 -51.63 -7.56
C SER C 359 -2.31 -51.05 -7.84
N PHE C 360 -2.49 -49.77 -7.54
CA PHE C 360 -3.80 -49.12 -7.64
C PHE C 360 -3.80 -48.15 -8.79
N SER C 361 -4.88 -48.14 -9.54
CA SER C 361 -4.98 -47.30 -10.72
C SER C 361 -4.87 -45.81 -10.41
N THR C 362 -5.58 -45.35 -9.37
CA THR C 362 -5.58 -43.93 -9.06
C THR C 362 -5.25 -43.64 -7.60
N PHE C 363 -4.29 -42.75 -7.37
CA PHE C 363 -3.94 -42.39 -6.01
C PHE C 363 -3.86 -40.90 -5.87
N LYS C 364 -5.01 -40.24 -6.00
CA LYS C 364 -5.03 -38.78 -5.92
C LYS C 364 -4.90 -38.36 -4.48
N CYS C 365 -4.09 -37.36 -4.18
CA CYS C 365 -3.91 -36.87 -2.82
C CYS C 365 -4.15 -35.35 -2.82
N TYR C 366 -4.91 -34.89 -1.85
CA TYR C 366 -5.25 -33.47 -1.71
C TYR C 366 -4.77 -32.91 -0.38
N GLY C 367 -4.05 -31.79 -0.43
CA GLY C 367 -3.54 -31.14 0.77
C GLY C 367 -2.47 -31.90 1.53
N VAL C 368 -2.07 -33.06 1.06
CA VAL C 368 -1.01 -33.82 1.71
C VAL C 368 -0.10 -34.38 0.64
N SER C 369 1.20 -34.22 0.80
CA SER C 369 2.11 -34.80 -0.17
C SER C 369 2.13 -36.31 0.04
N PRO C 370 1.98 -37.07 -1.05
CA PRO C 370 1.96 -38.52 -0.90
C PRO C 370 3.29 -39.04 -0.39
N THR C 371 4.39 -38.50 -0.88
CA THR C 371 5.70 -38.90 -0.40
C THR C 371 5.91 -38.48 1.05
N LYS C 372 5.37 -37.34 1.42
CA LYS C 372 5.54 -36.74 2.74
C LYS C 372 4.56 -37.19 3.80
N LEU C 373 3.74 -38.19 3.45
CA LEU C 373 2.72 -38.69 4.37
C LEU C 373 3.19 -39.20 5.73
N ASN C 374 4.31 -39.93 5.75
CA ASN C 374 4.80 -40.50 7.00
C ASN C 374 5.21 -39.46 8.02
N ASP C 375 5.92 -38.43 7.56
CA ASP C 375 6.40 -37.42 8.49
C ASP C 375 5.25 -36.72 9.21
N LEU C 376 4.19 -36.40 8.48
CA LEU C 376 3.04 -35.75 9.08
C LEU C 376 2.33 -36.74 9.98
N CYS C 377 1.79 -36.27 11.10
CA CYS C 377 1.03 -37.11 11.99
C CYS C 377 -0.37 -36.53 12.04
N PHE C 378 -1.38 -37.37 11.84
CA PHE C 378 -2.76 -36.88 11.90
C PHE C 378 -3.62 -37.67 12.85
N THR C 379 -4.71 -37.01 13.29
CA THR C 379 -5.67 -37.58 14.17
C THR C 379 -7.00 -37.74 13.46
N ASN C 380 -7.87 -38.60 13.99
CA ASN C 380 -9.26 -38.74 13.51
C ASN C 380 -9.33 -39.28 12.07
N VAL C 381 -8.50 -40.25 11.69
CA VAL C 381 -8.49 -40.76 10.33
C VAL C 381 -9.77 -41.54 10.08
N TYR C 382 -10.32 -41.45 8.88
CA TYR C 382 -11.54 -42.16 8.50
C TYR C 382 -11.28 -42.92 7.21
N ALA C 383 -12.05 -43.97 7.00
CA ALA C 383 -11.97 -44.75 5.76
C ALA C 383 -13.35 -44.96 5.13
N ASP C 384 -13.45 -44.79 3.81
CA ASP C 384 -14.72 -45.03 3.13
C ASP C 384 -14.57 -46.20 2.17
N SER C 385 -15.62 -47.02 2.08
CA SER C 385 -15.62 -48.20 1.20
C SER C 385 -16.85 -48.20 0.30
N PHE C 386 -16.60 -48.32 -1.00
CA PHE C 386 -17.62 -48.43 -2.03
C PHE C 386 -16.99 -48.74 -3.37
N VAL C 387 -17.80 -49.19 -4.32
CA VAL C 387 -17.37 -49.48 -5.69
C VAL C 387 -18.29 -48.80 -6.68
N ILE C 388 -17.65 -48.09 -7.61
CA ILE C 388 -18.33 -47.39 -8.68
C ILE C 388 -17.54 -47.66 -9.94
N ARG C 389 -18.17 -47.38 -11.07
CA ARG C 389 -17.55 -47.64 -12.38
C ARG C 389 -16.40 -46.66 -12.66
N GLY C 390 -15.49 -47.09 -13.53
CA GLY C 390 -14.33 -46.29 -13.86
C GLY C 390 -14.62 -44.92 -14.38
N ASP C 391 -15.69 -44.77 -15.17
CA ASP C 391 -16.07 -43.47 -15.71
C ASP C 391 -16.40 -42.46 -14.62
N GLU C 392 -17.03 -42.91 -13.55
CA GLU C 392 -17.43 -42.01 -12.47
C GLU C 392 -16.35 -41.79 -11.41
N VAL C 393 -15.16 -42.38 -11.59
CA VAL C 393 -14.09 -42.19 -10.61
C VAL C 393 -13.69 -40.71 -10.46
N ARG C 394 -13.70 -39.96 -11.56
CA ARG C 394 -13.40 -38.53 -11.54
C ARG C 394 -14.41 -37.75 -10.70
N GLN C 395 -15.66 -38.18 -10.74
CA GLN C 395 -16.74 -37.53 -10.00
C GLN C 395 -16.51 -37.51 -8.50
N ILE C 396 -15.93 -38.57 -7.95
CA ILE C 396 -15.69 -38.62 -6.51
C ILE C 396 -14.42 -37.88 -6.14
N ALA C 397 -14.52 -36.57 -6.13
CA ALA C 397 -13.41 -35.69 -5.81
C ALA C 397 -13.97 -34.36 -5.32
N PRO C 398 -13.14 -33.54 -4.65
CA PRO C 398 -13.63 -32.28 -4.15
C PRO C 398 -14.06 -31.36 -5.30
N GLY C 399 -15.16 -30.62 -5.11
CA GLY C 399 -15.68 -29.68 -6.10
C GLY C 399 -15.94 -30.23 -7.50
N GLN C 400 -16.55 -31.41 -7.57
CA GLN C 400 -16.89 -32.01 -8.84
C GLN C 400 -18.35 -32.37 -8.90
N THR C 401 -18.91 -32.46 -10.10
CA THR C 401 -20.33 -32.78 -10.22
C THR C 401 -20.51 -34.23 -10.64
N GLY C 402 -21.77 -34.62 -10.86
CA GLY C 402 -22.11 -35.96 -11.31
C GLY C 402 -23.27 -36.51 -10.49
N LYS C 403 -23.88 -37.57 -10.99
CA LYS C 403 -25.09 -38.10 -10.37
C LYS C 403 -24.82 -38.65 -8.97
N ILE C 404 -23.87 -39.56 -8.86
CA ILE C 404 -23.57 -40.20 -7.59
C ILE C 404 -22.91 -39.23 -6.61
N ALA C 405 -22.03 -38.35 -7.11
CA ALA C 405 -21.36 -37.39 -6.25
C ALA C 405 -22.36 -36.40 -5.62
N ASP C 406 -23.31 -35.95 -6.41
CA ASP C 406 -24.31 -34.98 -5.94
C ASP C 406 -25.56 -35.63 -5.35
N TYR C 407 -25.64 -36.96 -5.41
CA TYR C 407 -26.83 -37.68 -4.96
C TYR C 407 -26.57 -38.82 -3.99
N ASN C 408 -25.33 -39.29 -3.90
CA ASN C 408 -24.99 -40.43 -3.04
C ASN C 408 -23.91 -40.11 -2.01
N TYR C 409 -22.84 -39.43 -2.44
CA TYR C 409 -21.70 -39.17 -1.57
C TYR C 409 -20.94 -37.97 -2.07
N LYS C 410 -20.93 -36.88 -1.32
CA LYS C 410 -20.22 -35.68 -1.74
C LYS C 410 -19.11 -35.28 -0.80
N LEU C 411 -17.90 -35.15 -1.37
CA LEU C 411 -16.73 -34.78 -0.61
C LEU C 411 -16.80 -33.29 -0.32
N PRO C 412 -16.39 -32.89 0.90
CA PRO C 412 -16.32 -31.50 1.32
C PRO C 412 -15.26 -30.73 0.54
N ASP C 413 -15.44 -29.43 0.39
CA ASP C 413 -14.48 -28.58 -0.33
C ASP C 413 -13.10 -28.52 0.34
N ASP C 414 -13.09 -28.57 1.67
CA ASP C 414 -11.86 -28.46 2.45
C ASP C 414 -11.24 -29.82 2.77
N PHE C 415 -11.68 -30.87 2.07
CA PHE C 415 -11.16 -32.21 2.34
C PHE C 415 -9.65 -32.27 2.23
N THR C 416 -9.05 -32.98 3.16
CA THR C 416 -7.62 -33.12 3.19
C THR C 416 -7.41 -34.59 3.36
N GLY C 417 -7.74 -35.32 2.33
CA GLY C 417 -7.37 -36.69 2.36
C GLY C 417 -7.08 -37.26 1.00
N CYS C 418 -6.71 -38.50 0.96
CA CYS C 418 -6.17 -39.09 -0.27
C CYS C 418 -7.15 -40.14 -0.70
N VAL C 419 -7.47 -40.15 -1.99
CA VAL C 419 -8.43 -41.12 -2.53
C VAL C 419 -7.73 -42.18 -3.36
N ILE C 420 -8.07 -43.44 -3.09
CA ILE C 420 -7.45 -44.56 -3.77
C ILE C 420 -8.44 -45.38 -4.60
N ALA C 421 -8.05 -45.71 -5.82
CA ALA C 421 -8.86 -46.53 -6.71
C ALA C 421 -8.04 -47.63 -7.39
N TRP C 422 -8.67 -48.78 -7.62
CA TRP C 422 -8.00 -49.89 -8.31
C TRP C 422 -9.04 -50.93 -8.70
N ASN C 423 -9.00 -51.36 -9.95
CA ASN C 423 -9.91 -52.38 -10.45
C ASN C 423 -9.77 -53.72 -9.74
N SER C 424 -10.91 -54.38 -9.51
CA SER C 424 -10.95 -55.78 -9.16
C SER C 424 -11.98 -56.41 -10.10
N ASN C 425 -11.54 -56.67 -11.33
CA ASN C 425 -12.40 -57.25 -12.36
C ASN C 425 -12.71 -58.71 -12.07
N ASN C 426 -11.69 -59.48 -11.69
CA ASN C 426 -11.85 -60.89 -11.39
C ASN C 426 -12.85 -61.11 -10.26
N LEU C 427 -12.80 -60.23 -9.26
CA LEU C 427 -13.70 -60.33 -8.11
C LEU C 427 -15.12 -59.91 -8.46
N ASP C 428 -15.24 -59.01 -9.42
CA ASP C 428 -16.54 -58.48 -9.87
C ASP C 428 -17.07 -59.21 -11.09
N SER C 429 -16.45 -60.33 -11.47
CA SER C 429 -16.94 -61.17 -12.55
C SER C 429 -17.25 -62.61 -12.10
N LYS C 430 -18.48 -63.03 -12.39
CA LYS C 430 -18.94 -64.37 -12.07
C LYS C 430 -19.78 -64.94 -13.19
N VAL C 431 -20.18 -66.17 -12.99
CA VAL C 431 -20.98 -66.94 -13.95
C VAL C 431 -22.40 -66.41 -14.00
N GLY C 432 -22.93 -66.04 -12.82
CA GLY C 432 -24.28 -65.55 -12.69
C GLY C 432 -24.34 -64.04 -12.61
N GLY C 433 -23.17 -63.40 -12.66
CA GLY C 433 -23.08 -61.96 -12.54
C GLY C 433 -23.16 -61.50 -11.10
N ASN C 434 -23.27 -60.19 -10.97
CA ASN C 434 -23.38 -59.59 -9.68
C ASN C 434 -24.26 -58.36 -9.80
N TYR C 435 -25.18 -58.21 -8.84
CA TYR C 435 -26.07 -57.03 -8.80
C TYR C 435 -26.51 -56.66 -7.39
N ASN C 436 -25.66 -56.90 -6.40
CA ASN C 436 -25.91 -56.40 -5.04
C ASN C 436 -25.31 -55.01 -4.82
N TYR C 437 -24.59 -54.50 -5.83
CA TYR C 437 -24.01 -53.17 -5.79
C TYR C 437 -25.00 -52.16 -6.38
N LEU C 438 -25.47 -51.22 -5.57
CA LEU C 438 -26.44 -50.25 -6.12
C LEU C 438 -26.08 -48.76 -5.94
N TYR C 439 -26.51 -47.92 -6.89
CA TYR C 439 -26.34 -46.45 -6.81
C TYR C 439 -27.69 -45.72 -7.05
N ARG C 440 -27.96 -44.68 -6.29
CA ARG C 440 -29.22 -43.94 -6.43
C ARG C 440 -29.29 -43.15 -7.75
N LEU C 441 -30.49 -43.15 -8.35
CA LEU C 441 -30.76 -42.42 -9.58
C LEU C 441 -31.34 -41.04 -9.28
N PHE C 442 -32.36 -41.04 -8.43
CA PHE C 442 -33.16 -39.87 -8.13
C PHE C 442 -33.23 -39.59 -6.63
N ARG C 443 -33.24 -38.31 -6.28
CA ARG C 443 -33.44 -37.81 -4.92
C ARG C 443 -33.91 -36.36 -5.00
N LYS C 444 -34.81 -35.98 -4.10
CA LYS C 444 -35.45 -34.67 -4.15
C LYS C 444 -34.44 -33.54 -4.00
N SER C 445 -33.51 -33.70 -3.08
CA SER C 445 -32.51 -32.68 -2.80
C SER C 445 -31.12 -33.32 -2.73
N ASN C 446 -30.10 -32.49 -2.93
CA ASN C 446 -28.72 -32.94 -2.95
C ASN C 446 -28.26 -33.46 -1.58
N LEU C 447 -27.50 -34.54 -1.62
CA LEU C 447 -26.99 -35.17 -0.41
C LEU C 447 -25.89 -34.28 0.17
N LYS C 448 -25.87 -34.15 1.48
CA LYS C 448 -24.88 -33.36 2.17
C LYS C 448 -23.52 -34.00 2.20
N PRO C 449 -22.46 -33.18 2.34
CA PRO C 449 -21.10 -33.70 2.38
C PRO C 449 -20.88 -34.54 3.63
N PHE C 450 -20.08 -35.58 3.52
CA PHE C 450 -19.80 -36.52 4.61
C PHE C 450 -21.05 -37.04 5.34
N GLU C 451 -22.07 -37.38 4.57
CA GLU C 451 -23.32 -37.94 5.09
C GLU C 451 -23.77 -39.03 4.14
N ARG C 452 -24.47 -40.04 4.64
CA ARG C 452 -24.85 -41.14 3.77
C ARG C 452 -26.34 -41.43 3.86
N ASP C 453 -26.88 -41.90 2.74
CA ASP C 453 -28.29 -42.27 2.72
C ASP C 453 -28.48 -43.77 2.65
N ILE C 454 -28.94 -44.33 3.76
CA ILE C 454 -29.28 -45.74 3.85
C ILE C 454 -30.76 -45.97 3.72
N SER C 455 -31.52 -44.88 3.68
CA SER C 455 -32.98 -44.95 3.59
C SER C 455 -33.42 -45.59 2.29
N THR C 456 -34.46 -46.41 2.36
CA THR C 456 -35.07 -46.96 1.17
C THR C 456 -36.52 -46.50 1.05
N GLU C 457 -36.79 -45.68 0.04
CA GLU C 457 -38.15 -45.24 -0.32
C GLU C 457 -38.32 -44.96 -1.83
N ILE C 458 -39.44 -45.35 -2.45
CA ILE C 458 -39.61 -45.22 -3.89
C ILE C 458 -39.62 -43.75 -4.30
N TYR C 459 -38.94 -43.47 -5.40
CA TYR C 459 -38.83 -42.11 -6.00
C TYR C 459 -40.14 -41.44 -6.37
N GLN C 460 -40.28 -40.15 -6.09
CA GLN C 460 -41.42 -39.38 -6.51
C GLN C 460 -41.03 -37.98 -6.98
N ALA C 461 -41.83 -37.45 -7.90
CA ALA C 461 -41.74 -36.07 -8.38
C ALA C 461 -43.12 -35.41 -8.31
N GLY C 462 -43.22 -34.29 -7.59
CA GLY C 462 -44.45 -33.51 -7.50
C GLY C 462 -45.67 -34.33 -7.09
N SER C 463 -46.72 -34.26 -7.91
CA SER C 463 -47.99 -34.94 -7.68
C SER C 463 -47.99 -36.36 -8.28
N THR C 464 -49.18 -36.96 -8.44
CA THR C 464 -49.32 -38.37 -8.84
C THR C 464 -48.42 -39.27 -7.99
N PRO C 465 -48.54 -39.15 -6.64
CA PRO C 465 -47.67 -39.88 -5.70
C PRO C 465 -47.89 -41.37 -5.76
N CYS C 466 -46.78 -42.07 -5.67
CA CYS C 466 -46.79 -43.48 -5.91
C CYS C 466 -47.40 -44.30 -4.78
N ASN C 467 -47.00 -44.08 -3.53
CA ASN C 467 -47.44 -44.90 -2.40
C ASN C 467 -47.16 -46.40 -2.68
N GLY C 468 -45.97 -46.67 -3.16
CA GLY C 468 -45.62 -48.02 -3.56
C GLY C 468 -45.91 -48.31 -5.01
N VAL C 469 -46.66 -47.47 -5.74
CA VAL C 469 -47.04 -47.80 -7.14
C VAL C 469 -45.87 -47.97 -8.14
N GLU C 470 -44.83 -47.09 -8.12
CA GLU C 470 -43.65 -47.30 -8.97
C GLU C 470 -43.90 -47.63 -10.48
N GLY C 471 -44.74 -46.86 -11.14
CA GLY C 471 -45.03 -47.03 -12.57
C GLY C 471 -44.20 -46.10 -13.42
N PHE C 472 -44.86 -45.05 -13.94
CA PHE C 472 -44.25 -44.00 -14.72
C PHE C 472 -44.38 -42.74 -13.88
N ASN C 473 -43.24 -42.07 -13.68
CA ASN C 473 -43.02 -40.90 -12.77
C ASN C 473 -42.81 -41.29 -11.29
N CYS C 474 -42.92 -42.58 -11.03
CA CYS C 474 -42.77 -43.16 -9.76
C CYS C 474 -41.67 -44.23 -9.90
N TYR C 475 -40.62 -44.10 -9.12
CA TYR C 475 -39.53 -45.04 -9.16
C TYR C 475 -39.05 -45.52 -7.82
N PHE C 476 -38.53 -46.74 -7.84
CA PHE C 476 -37.84 -47.32 -6.72
C PHE C 476 -36.50 -46.60 -6.49
N PRO C 477 -36.14 -46.44 -5.21
CA PRO C 477 -34.87 -45.75 -4.96
C PRO C 477 -33.63 -46.45 -5.52
N LEU C 478 -33.54 -47.74 -5.36
CA LEU C 478 -32.38 -48.50 -5.78
C LEU C 478 -32.21 -48.63 -7.30
N GLN C 479 -30.95 -48.83 -7.68
CA GLN C 479 -30.53 -49.02 -9.06
C GLN C 479 -29.30 -49.90 -8.98
N SER C 480 -29.29 -50.98 -9.73
CA SER C 480 -28.17 -51.91 -9.67
C SER C 480 -27.05 -51.52 -10.65
N TYR C 481 -26.08 -52.40 -10.80
CA TYR C 481 -24.94 -52.20 -11.68
C TYR C 481 -24.97 -53.18 -12.85
N GLY C 482 -23.95 -53.16 -13.70
CA GLY C 482 -23.84 -54.13 -14.80
C GLY C 482 -22.48 -54.75 -14.89
N PHE C 483 -21.88 -55.06 -13.73
CA PHE C 483 -20.50 -55.53 -13.78
C PHE C 483 -20.50 -56.96 -14.35
N GLN C 484 -19.82 -57.13 -15.48
CA GLN C 484 -19.71 -58.43 -16.11
C GLN C 484 -18.33 -58.61 -16.70
N PRO C 485 -17.85 -59.86 -16.77
CA PRO C 485 -16.54 -60.15 -17.34
C PRO C 485 -16.48 -59.73 -18.80
N THR C 486 -17.57 -59.99 -19.52
CA THR C 486 -17.67 -59.64 -20.92
C THR C 486 -17.63 -58.13 -21.13
N ASN C 487 -18.23 -57.40 -20.19
CA ASN C 487 -18.31 -55.96 -20.23
C ASN C 487 -16.92 -55.33 -20.28
N GLY C 488 -16.83 -54.23 -21.03
CA GLY C 488 -15.58 -53.52 -21.25
C GLY C 488 -14.92 -52.92 -20.03
N VAL C 489 -13.60 -52.84 -20.10
CA VAL C 489 -12.75 -52.29 -19.04
C VAL C 489 -13.10 -50.87 -18.65
N GLY C 490 -13.41 -50.07 -19.66
CA GLY C 490 -13.76 -48.66 -19.48
C GLY C 490 -14.88 -48.46 -18.47
N TYR C 491 -15.91 -49.27 -18.57
CA TYR C 491 -16.99 -49.17 -17.60
C TYR C 491 -16.90 -50.26 -16.55
N GLN C 492 -15.80 -51.01 -16.56
CA GLN C 492 -15.61 -52.08 -15.57
C GLN C 492 -15.49 -51.54 -14.16
N PRO C 493 -15.91 -52.35 -13.16
CA PRO C 493 -15.90 -51.91 -11.74
C PRO C 493 -14.57 -51.40 -11.30
N TYR C 494 -14.51 -50.28 -10.56
CA TYR C 494 -13.30 -49.87 -9.84
C TYR C 494 -13.60 -49.91 -8.35
N ARG C 495 -12.64 -50.38 -7.56
CA ARG C 495 -12.73 -50.35 -6.10
C ARG C 495 -12.06 -49.09 -5.58
N VAL C 496 -12.84 -48.28 -4.87
CA VAL C 496 -12.41 -46.95 -4.46
C VAL C 496 -12.47 -46.85 -2.95
N VAL C 497 -11.36 -46.41 -2.37
CA VAL C 497 -11.29 -46.12 -0.94
C VAL C 497 -10.84 -44.67 -0.77
N VAL C 498 -11.54 -43.96 0.12
CA VAL C 498 -11.24 -42.56 0.40
C VAL C 498 -10.61 -42.46 1.78
N LEU C 499 -9.40 -41.95 1.87
CA LEU C 499 -8.79 -41.87 3.17
C LEU C 499 -8.83 -40.44 3.55
N SER C 500 -9.49 -40.12 4.66
CA SER C 500 -9.62 -38.73 5.08
C SER C 500 -9.17 -38.50 6.50
N PHE C 501 -8.32 -37.50 6.72
CA PHE C 501 -7.88 -37.19 8.07
C PHE C 501 -7.80 -35.68 8.33
N GLU C 502 -7.93 -35.31 9.60
CA GLU C 502 -7.80 -33.95 10.06
C GLU C 502 -6.62 -33.85 11.00
N LEU C 503 -5.94 -32.74 11.04
CA LEU C 503 -4.73 -32.62 11.89
C LEU C 503 -4.63 -31.37 12.75
N LEU C 504 -3.87 -31.46 13.82
CA LEU C 504 -3.62 -30.35 14.75
C LEU C 504 -4.86 -29.87 15.48
N HIS C 505 -5.46 -30.77 16.25
CA HIS C 505 -6.62 -30.44 17.07
C HIS C 505 -6.45 -30.87 18.53
N ALA C 506 -5.89 -32.07 18.72
CA ALA C 506 -5.82 -32.72 20.02
C ALA C 506 -4.69 -33.74 19.97
N PRO C 507 -4.29 -34.31 21.12
CA PRO C 507 -3.32 -35.39 20.99
C PRO C 507 -3.99 -36.52 20.21
N ALA C 508 -3.38 -36.91 19.10
CA ALA C 508 -3.82 -37.95 18.26
C ALA C 508 -2.86 -39.00 18.01
N THR C 509 -3.30 -40.22 17.74
CA THR C 509 -2.35 -41.31 17.63
C THR C 509 -2.51 -42.07 16.35
N VAL C 510 -2.33 -41.34 15.26
CA VAL C 510 -2.31 -41.92 13.92
C VAL C 510 -0.94 -41.72 13.31
N CYS C 511 0.04 -41.44 14.19
CA CYS C 511 1.43 -41.17 13.87
C CYS C 511 2.17 -42.22 13.09
N GLY C 512 3.07 -41.77 12.21
CA GLY C 512 3.88 -42.64 11.42
C GLY C 512 4.87 -43.46 12.20
N PRO C 513 5.54 -44.40 11.51
CA PRO C 513 6.51 -45.37 11.97
C PRO C 513 7.86 -44.78 12.43
N LYS C 514 8.10 -43.50 12.19
CA LYS C 514 9.37 -42.87 12.55
C LYS C 514 9.69 -43.05 14.04
N LYS C 515 10.94 -43.45 14.31
CA LYS C 515 11.38 -43.70 15.68
C LYS C 515 11.64 -42.44 16.51
N SER C 516 11.34 -42.54 17.80
CA SER C 516 11.56 -41.46 18.77
C SER C 516 13.01 -41.38 19.25
N THR C 517 13.34 -40.30 19.95
CA THR C 517 14.68 -40.10 20.48
C THR C 517 14.67 -39.54 21.88
N ASN C 518 15.78 -39.65 22.58
CA ASN C 518 15.84 -39.15 23.96
C ASN C 518 15.75 -37.64 23.95
N LEU C 519 15.01 -37.08 24.91
CA LEU C 519 14.79 -35.64 25.00
C LEU C 519 16.08 -34.89 25.31
N VAL C 520 16.24 -33.72 24.74
CA VAL C 520 17.41 -32.88 24.98
C VAL C 520 16.97 -31.56 25.61
N LYS C 521 17.64 -31.13 26.66
CA LYS C 521 17.25 -29.91 27.35
C LYS C 521 18.37 -28.88 27.51
N ASN C 522 17.96 -27.61 27.52
CA ASN C 522 18.77 -26.39 27.70
C ASN C 522 19.68 -26.04 26.53
N LYS C 523 19.46 -26.67 25.39
CA LYS C 523 20.30 -26.45 24.23
C LYS C 523 19.42 -26.21 23.01
N CYS C 524 19.71 -25.15 22.26
CA CYS C 524 18.95 -24.89 21.03
C CYS C 524 19.01 -26.07 20.07
N VAL C 525 17.88 -26.71 19.82
CA VAL C 525 17.81 -27.88 18.92
C VAL C 525 16.43 -28.01 18.26
N ASN C 526 16.39 -28.57 17.05
CA ASN C 526 15.13 -28.82 16.34
C ASN C 526 14.33 -29.92 17.02
N PHE C 527 13.01 -29.77 17.10
CA PHE C 527 12.18 -30.78 17.75
C PHE C 527 10.83 -31.01 17.10
N ASN C 528 10.35 -32.25 17.17
CA ASN C 528 9.03 -32.60 16.67
C ASN C 528 8.30 -33.39 17.73
N PHE C 529 7.09 -32.97 18.08
CA PHE C 529 6.31 -33.70 19.07
C PHE C 529 4.98 -34.10 18.48
N ASN C 530 4.75 -35.41 18.28
CA ASN C 530 3.46 -35.91 17.77
C ASN C 530 2.98 -35.20 16.51
N GLY C 531 3.89 -34.96 15.57
CA GLY C 531 3.54 -34.31 14.31
C GLY C 531 3.53 -32.79 14.37
N LEU C 532 3.97 -32.23 15.50
CA LEU C 532 4.03 -30.78 15.67
C LEU C 532 5.49 -30.38 15.67
N THR C 533 5.84 -29.41 14.84
CA THR C 533 7.23 -29.02 14.69
C THR C 533 7.50 -27.57 15.09
N GLY C 534 8.43 -27.40 16.02
CA GLY C 534 8.90 -26.09 16.45
C GLY C 534 10.33 -26.21 16.94
N THR C 535 11.08 -25.12 16.86
CA THR C 535 12.46 -25.13 17.30
C THR C 535 12.75 -24.04 18.32
N GLY C 536 13.19 -24.45 19.51
CA GLY C 536 13.54 -23.53 20.57
C GLY C 536 14.19 -24.23 21.74
N VAL C 537 14.66 -23.45 22.70
CA VAL C 537 15.29 -24.01 23.88
C VAL C 537 14.22 -24.74 24.65
N LEU C 538 14.56 -25.88 25.21
CA LEU C 538 13.61 -26.69 25.99
C LEU C 538 14.06 -26.73 27.42
N THR C 539 13.18 -26.35 28.32
CA THR C 539 13.51 -26.33 29.74
C THR C 539 12.33 -26.86 30.54
N GLU C 540 12.60 -27.33 31.75
CA GLU C 540 11.54 -27.79 32.64
C GLU C 540 10.60 -26.63 32.90
N SER C 541 9.29 -26.86 32.75
CA SER C 541 8.33 -25.77 32.90
C SER C 541 7.63 -25.77 34.26
N ASN C 542 7.64 -24.59 34.86
CA ASN C 542 7.00 -24.33 36.16
C ASN C 542 5.47 -24.45 36.16
N LYS C 543 4.84 -23.95 35.11
CA LYS C 543 3.39 -23.79 35.03
C LYS C 543 2.69 -25.12 35.10
N LYS C 544 1.63 -25.13 35.87
CA LYS C 544 0.85 -26.36 36.08
C LYS C 544 -0.07 -26.68 34.90
N PHE C 545 -0.31 -27.98 34.70
CA PHE C 545 -1.14 -28.43 33.57
C PHE C 545 -2.25 -29.33 34.06
N LEU C 546 -3.45 -29.08 33.56
CA LEU C 546 -4.60 -29.92 33.86
C LEU C 546 -4.49 -31.17 33.00
N PRO C 547 -5.13 -32.27 33.42
CA PRO C 547 -5.03 -33.52 32.66
C PRO C 547 -5.54 -33.42 31.23
N PHE C 548 -6.64 -32.73 31.03
CA PHE C 548 -7.11 -32.53 29.67
C PHE C 548 -6.22 -31.72 28.73
N GLN C 549 -5.58 -30.68 29.24
CA GLN C 549 -4.72 -29.81 28.42
C GLN C 549 -3.44 -30.47 27.87
N GLN C 550 -3.10 -30.15 26.61
CA GLN C 550 -1.91 -30.69 25.96
C GLN C 550 -0.97 -29.65 25.38
N PHE C 551 -1.40 -28.40 25.37
CA PHE C 551 -0.60 -27.32 24.81
C PHE C 551 -0.68 -26.08 25.65
N GLY C 552 0.32 -25.22 25.53
CA GLY C 552 0.31 -23.95 26.26
C GLY C 552 0.54 -22.83 25.26
N ARG C 553 -0.04 -21.67 25.52
CA ARG C 553 0.19 -20.52 24.66
C ARG C 553 0.35 -19.19 25.38
N ASP C 554 1.02 -18.27 24.68
CA ASP C 554 1.32 -16.94 25.20
C ASP C 554 0.25 -15.95 24.71
N ILE C 555 0.52 -14.66 24.90
CA ILE C 555 -0.38 -13.57 24.51
C ILE C 555 -0.59 -13.49 23.01
N ALA C 556 0.44 -13.86 22.26
CA ALA C 556 0.42 -13.80 20.79
C ALA C 556 -0.07 -15.09 20.14
N ASP C 557 -0.64 -15.99 20.94
CA ASP C 557 -1.19 -17.26 20.48
C ASP C 557 -0.17 -18.09 19.71
N THR C 558 1.06 -18.14 20.24
CA THR C 558 2.16 -18.92 19.67
C THR C 558 2.49 -20.00 20.68
N THR C 559 3.05 -21.13 20.21
CA THR C 559 3.37 -22.21 21.13
C THR C 559 4.33 -21.76 22.21
N ASP C 560 3.97 -22.01 23.46
CA ASP C 560 4.80 -21.64 24.60
C ASP C 560 5.24 -22.84 25.41
N ALA C 561 4.42 -23.88 25.44
CA ALA C 561 4.75 -25.08 26.22
C ALA C 561 4.18 -26.35 25.60
N VAL C 562 4.84 -27.47 25.86
CA VAL C 562 4.45 -28.75 25.26
C VAL C 562 4.73 -29.87 26.23
N ARG C 563 4.05 -30.99 26.06
CA ARG C 563 4.28 -32.15 26.90
C ARG C 563 4.80 -33.31 26.11
N ASP C 564 5.97 -33.85 26.47
CA ASP C 564 6.46 -35.00 25.77
C ASP C 564 5.46 -36.08 26.11
N PRO C 565 4.93 -36.75 25.07
CA PRO C 565 3.93 -37.76 25.37
C PRO C 565 4.47 -38.94 26.20
N GLN C 566 5.64 -39.45 25.86
CA GLN C 566 6.17 -40.59 26.58
C GLN C 566 6.51 -40.20 28.03
N THR C 567 7.17 -39.09 28.19
CA THR C 567 7.63 -38.66 29.52
C THR C 567 6.59 -38.19 30.52
N LEU C 568 5.59 -37.44 30.05
CA LEU C 568 4.55 -36.85 30.87
C LEU C 568 4.94 -35.50 31.45
N GLU C 569 6.15 -35.04 31.13
CA GLU C 569 6.64 -33.75 31.62
C GLU C 569 6.16 -32.56 30.78
N ILE C 570 6.26 -31.37 31.38
CA ILE C 570 5.85 -30.13 30.75
C ILE C 570 7.04 -29.21 30.61
N LEU C 571 7.23 -28.65 29.41
CA LEU C 571 8.43 -27.84 29.14
C LEU C 571 8.13 -26.56 28.39
N ASP C 572 9.03 -25.59 28.52
CA ASP C 572 8.87 -24.29 27.90
C ASP C 572 9.76 -24.16 26.66
N ILE C 573 9.17 -23.65 25.58
CA ILE C 573 9.91 -23.43 24.34
C ILE C 573 10.15 -21.95 24.11
N THR C 574 11.40 -21.60 23.80
CA THR C 574 11.76 -20.22 23.48
C THR C 574 12.63 -20.21 22.24
N PRO C 575 12.61 -19.14 21.43
CA PRO C 575 13.57 -19.08 20.34
C PRO C 575 14.96 -18.90 20.90
N CYS C 576 15.94 -19.51 20.28
CA CYS C 576 17.30 -19.45 20.81
C CYS C 576 17.79 -18.01 20.99
N SER C 577 17.71 -17.24 19.92
CA SER C 577 18.15 -15.83 19.87
C SER C 577 17.82 -15.20 18.52
N PHE C 578 17.51 -13.92 18.47
CA PHE C 578 17.30 -13.21 17.22
C PHE C 578 18.38 -12.18 17.26
N GLY C 579 19.23 -12.16 16.25
CA GLY C 579 20.38 -11.28 16.32
C GLY C 579 20.55 -10.21 15.28
N GLY C 580 20.77 -8.99 15.74
CA GLY C 580 21.11 -7.88 14.90
C GLY C 580 22.60 -7.71 15.07
N VAL C 581 23.32 -7.86 13.99
CA VAL C 581 24.76 -7.74 14.04
C VAL C 581 25.13 -6.34 13.56
N SER C 582 25.81 -5.59 14.39
CA SER C 582 26.21 -4.25 14.02
C SER C 582 27.70 -4.16 14.01
N VAL C 583 28.25 -3.61 12.94
CA VAL C 583 29.68 -3.49 12.84
C VAL C 583 30.08 -2.07 13.13
N ILE C 584 30.99 -1.89 14.07
CA ILE C 584 31.52 -0.59 14.41
C ILE C 584 32.88 -0.44 13.83
N THR C 585 33.06 0.57 13.00
CA THR C 585 34.36 0.83 12.40
C THR C 585 34.68 2.33 12.32
N PRO C 586 35.92 2.70 12.64
CA PRO C 586 36.33 4.10 12.55
C PRO C 586 36.28 4.62 11.12
N GLY C 587 36.74 3.81 10.18
CA GLY C 587 36.74 4.19 8.77
C GLY C 587 37.71 3.36 7.98
N THR C 588 37.53 3.31 6.67
CA THR C 588 38.45 2.59 5.80
C THR C 588 39.72 3.41 5.56
N ASN C 589 39.56 4.72 5.44
CA ASN C 589 40.67 5.65 5.32
C ASN C 589 41.52 5.54 6.58
N THR C 590 40.86 5.60 7.72
CA THR C 590 41.50 5.58 9.03
C THR C 590 42.10 4.24 9.49
N SER C 591 41.34 3.16 9.35
CA SER C 591 41.76 1.83 9.86
C SER C 591 41.05 0.66 9.18
N ASN C 592 41.65 -0.52 9.30
CA ASN C 592 41.06 -1.75 8.75
C ASN C 592 40.55 -2.69 9.81
N GLN C 593 40.45 -2.21 11.05
CA GLN C 593 40.01 -3.01 12.18
C GLN C 593 38.64 -2.53 12.64
N VAL C 594 37.72 -3.46 12.85
CA VAL C 594 36.36 -3.12 13.26
C VAL C 594 35.86 -4.01 14.38
N ALA C 595 34.94 -3.49 15.18
CA ALA C 595 34.36 -4.20 16.31
C ALA C 595 32.93 -4.63 15.99
N VAL C 596 32.61 -5.89 16.23
CA VAL C 596 31.28 -6.41 15.93
C VAL C 596 30.48 -6.59 17.19
N LEU C 597 29.26 -6.08 17.19
CA LEU C 597 28.36 -6.22 18.34
C LEU C 597 27.03 -6.91 18.03
N TYR C 598 26.61 -7.82 18.90
CA TYR C 598 25.31 -8.45 18.73
C TYR C 598 24.40 -7.97 19.81
N GLN C 599 23.30 -7.33 19.42
CA GLN C 599 22.38 -6.75 20.39
C GLN C 599 21.67 -7.78 21.26
N GLY C 600 21.15 -8.82 20.64
CA GLY C 600 20.43 -9.87 21.39
C GLY C 600 21.36 -10.69 22.29
N VAL C 601 22.61 -10.77 21.90
CA VAL C 601 23.54 -11.72 22.50
C VAL C 601 23.69 -11.60 24.01
N ASN C 602 23.86 -12.75 24.66
CA ASN C 602 24.07 -12.79 26.11
C ASN C 602 25.50 -13.14 26.44
N CYS C 603 26.37 -13.11 25.42
CA CYS C 603 27.81 -13.36 25.52
C CYS C 603 28.24 -14.83 25.64
N THR C 604 27.27 -15.70 25.66
CA THR C 604 27.47 -17.13 25.70
C THR C 604 26.82 -17.73 24.47
N GLU C 605 25.77 -17.08 24.00
CA GLU C 605 25.01 -17.54 22.84
C GLU C 605 25.84 -17.54 21.58
N VAL C 606 26.69 -16.54 21.42
CA VAL C 606 27.56 -16.51 20.26
C VAL C 606 28.48 -17.72 20.24
N PRO C 607 28.60 -18.36 19.08
CA PRO C 607 29.52 -19.48 18.89
C PRO C 607 30.84 -19.06 18.27
N ASN C 627 38.61 -8.72 24.46
CA ASN C 627 37.79 -9.14 23.32
C ASN C 627 36.33 -9.18 23.71
N VAL C 628 35.88 -10.29 24.29
CA VAL C 628 34.50 -10.39 24.69
C VAL C 628 34.23 -9.36 25.80
N PHE C 629 33.07 -8.74 25.71
CA PHE C 629 32.68 -7.70 26.65
C PHE C 629 31.19 -7.86 26.88
N GLN C 630 30.71 -7.38 28.02
CA GLN C 630 29.29 -7.38 28.26
C GLN C 630 28.78 -5.99 28.45
N THR C 631 27.82 -5.61 27.62
CA THR C 631 27.24 -4.28 27.70
C THR C 631 25.75 -4.43 27.76
N ARG C 632 25.07 -3.45 28.32
CA ARG C 632 23.63 -3.55 28.44
C ARG C 632 22.98 -3.63 27.06
N ALA C 633 23.48 -2.85 26.11
CA ALA C 633 22.95 -2.85 24.75
C ALA C 633 23.16 -4.19 24.07
N GLY C 634 24.39 -4.70 24.12
CA GLY C 634 24.69 -5.97 23.47
C GLY C 634 26.04 -6.57 23.81
N CYS C 635 26.24 -7.85 23.49
CA CYS C 635 27.53 -8.46 23.66
C CYS C 635 28.44 -7.82 22.65
N LEU C 636 29.64 -7.41 23.10
CA LEU C 636 30.55 -6.68 22.26
C LEU C 636 31.90 -7.35 22.11
N ILE C 637 32.42 -7.39 20.89
CA ILE C 637 33.70 -8.02 20.61
C ILE C 637 34.59 -7.05 19.86
N GLY C 638 35.89 -7.24 19.98
CA GLY C 638 36.86 -6.43 19.27
C GLY C 638 37.13 -5.07 19.88
N ALA C 639 36.57 -4.81 21.06
CA ALA C 639 36.78 -3.52 21.70
C ALA C 639 37.15 -3.70 23.15
N GLU C 640 38.21 -3.02 23.59
CA GLU C 640 38.61 -3.08 24.98
C GLU C 640 38.10 -1.81 25.59
N HIS C 641 37.20 -1.94 26.55
CA HIS C 641 36.60 -0.78 27.17
C HIS C 641 37.51 -0.10 28.20
N VAL C 642 37.32 1.21 28.38
CA VAL C 642 38.12 2.02 29.31
C VAL C 642 37.20 2.60 30.36
N ASN C 643 37.69 2.68 31.59
CA ASN C 643 36.88 3.15 32.71
C ASN C 643 36.40 4.61 32.63
N ASN C 644 37.27 5.50 32.20
CA ASN C 644 36.90 6.92 32.14
C ASN C 644 35.93 7.23 31.00
N SER C 645 35.22 8.35 31.15
CA SER C 645 34.21 8.76 30.20
C SER C 645 34.73 9.83 29.22
N TYR C 646 34.40 9.67 27.96
CA TYR C 646 34.82 10.55 26.86
C TYR C 646 33.57 10.91 26.06
N GLU C 647 33.63 11.97 25.28
CA GLU C 647 32.51 12.38 24.43
C GLU C 647 32.19 11.31 23.43
N CYS C 648 30.90 11.13 23.13
CA CYS C 648 30.50 10.01 22.26
C CYS C 648 30.71 10.27 20.79
N ASP C 649 31.80 9.69 20.29
CA ASP C 649 32.12 9.72 18.86
C ASP C 649 31.12 8.89 18.06
N ILE C 650 30.79 7.72 18.60
CA ILE C 650 29.84 6.79 17.98
C ILE C 650 28.85 6.38 19.04
N PRO C 651 27.58 6.19 18.69
CA PRO C 651 26.65 5.82 19.74
C PRO C 651 26.24 4.38 19.62
N ILE C 652 26.56 3.58 20.63
CA ILE C 652 26.30 2.13 20.58
C ILE C 652 24.97 1.80 21.22
N GLY C 653 24.39 2.78 21.90
CA GLY C 653 23.15 2.56 22.64
C GLY C 653 23.45 2.18 24.07
N ALA C 654 22.41 2.26 24.91
CA ALA C 654 22.51 2.00 26.36
C ALA C 654 23.69 2.69 27.02
N GLY C 655 23.84 3.97 26.73
CA GLY C 655 24.89 4.80 27.28
C GLY C 655 26.30 4.29 27.06
N ILE C 656 26.57 3.76 25.88
CA ILE C 656 27.90 3.32 25.53
C ILE C 656 28.36 3.92 24.22
N CYS C 657 29.58 4.43 24.20
CA CYS C 657 30.14 5.02 23.00
C CYS C 657 31.49 4.42 22.71
N ALA C 658 31.73 4.10 21.45
CA ALA C 658 33.00 3.49 21.02
C ALA C 658 33.80 4.45 20.13
N SER C 659 35.06 4.68 20.47
CA SER C 659 35.89 5.57 19.68
C SER C 659 37.26 4.95 19.49
N TYR C 660 37.98 5.43 18.48
CA TYR C 660 39.32 4.96 18.20
C TYR C 660 40.29 5.86 18.90
N GLN C 661 41.07 5.32 19.84
CA GLN C 661 42.01 6.11 20.61
C GLN C 661 43.38 5.46 20.60
N THR C 662 44.43 6.28 20.50
CA THR C 662 45.80 5.79 20.51
C THR C 662 46.67 6.62 21.44
N SER C 672 48.76 -0.21 20.51
CA SER C 672 48.71 1.24 20.48
C SER C 672 47.39 1.75 19.89
N GLN C 673 46.88 1.04 18.90
CA GLN C 673 45.65 1.47 18.26
C GLN C 673 44.58 0.38 18.31
N SER C 674 43.44 0.70 18.94
CA SER C 674 42.32 -0.24 19.05
C SER C 674 41.02 0.51 19.38
N ILE C 675 39.88 -0.11 19.07
CA ILE C 675 38.59 0.48 19.36
C ILE C 675 38.34 0.36 20.85
N ILE C 676 37.75 1.39 21.43
CA ILE C 676 37.49 1.40 22.87
C ILE C 676 36.00 1.71 23.15
N ALA C 677 35.43 1.03 24.14
CA ALA C 677 34.04 1.25 24.53
C ALA C 677 33.97 1.75 25.96
N TYR C 678 33.24 2.83 26.18
CA TYR C 678 33.16 3.45 27.51
C TYR C 678 31.81 4.11 27.68
N THR C 679 31.40 4.29 28.93
CA THR C 679 30.15 4.99 29.22
C THR C 679 30.34 6.44 28.83
N MET C 680 29.40 7.01 28.09
CA MET C 680 29.49 8.41 27.72
C MET C 680 29.41 9.37 28.91
N SER C 681 30.11 10.48 28.75
CA SER C 681 30.05 11.57 29.69
C SER C 681 29.20 12.64 29.07
N LEU C 682 28.20 13.09 29.82
CA LEU C 682 27.31 14.10 29.31
C LEU C 682 28.02 15.38 28.97
N GLY C 683 28.90 15.80 29.85
CA GLY C 683 29.70 16.99 29.61
C GLY C 683 30.73 17.20 30.68
N ALA C 684 31.60 18.18 30.43
CA ALA C 684 32.63 18.57 31.37
C ALA C 684 31.98 19.00 32.67
N GLU C 685 32.56 18.59 33.79
CA GLU C 685 31.95 18.92 35.06
C GLU C 685 32.57 20.17 35.70
N ASN C 686 31.71 21.15 35.91
CA ASN C 686 32.14 22.37 36.57
C ASN C 686 30.95 22.87 37.35
N SER C 687 31.17 23.31 38.57
CA SER C 687 30.09 23.83 39.39
C SER C 687 30.21 25.32 39.60
N VAL C 688 29.15 26.03 39.24
CA VAL C 688 29.13 27.47 39.38
C VAL C 688 29.13 27.84 40.86
N ALA C 689 29.81 28.92 41.19
CA ALA C 689 29.90 29.37 42.55
C ALA C 689 28.80 30.39 42.73
N TYR C 690 27.84 30.05 43.58
CA TYR C 690 26.67 30.89 43.77
C TYR C 690 26.51 31.33 45.22
N SER C 691 26.29 32.62 45.39
CA SER C 691 26.09 33.20 46.72
C SER C 691 25.07 34.30 46.61
N ASN C 692 24.49 34.67 47.72
CA ASN C 692 23.48 35.72 47.71
C ASN C 692 24.05 37.07 47.29
N ASN C 693 25.30 37.37 47.62
CA ASN C 693 25.89 38.66 47.31
C ASN C 693 26.82 38.72 46.09
N SER C 694 26.91 37.65 45.31
CA SER C 694 27.77 37.69 44.11
C SER C 694 27.06 37.58 42.75
N ILE C 695 27.30 38.56 41.88
CA ILE C 695 26.80 38.56 40.53
C ILE C 695 27.94 38.80 39.55
N ALA C 696 27.88 38.14 38.41
CA ALA C 696 28.93 38.28 37.40
C ALA C 696 28.44 39.10 36.21
N ILE C 697 29.17 40.17 35.88
CA ILE C 697 28.84 40.99 34.74
C ILE C 697 30.02 40.92 33.78
N PRO C 698 29.75 40.59 32.50
CA PRO C 698 30.78 40.46 31.49
C PRO C 698 31.43 41.78 31.11
N THR C 699 32.74 41.80 30.93
CA THR C 699 33.44 43.02 30.55
C THR C 699 33.85 43.04 29.09
N ASN C 700 33.67 41.95 28.37
CA ASN C 700 34.01 41.92 26.94
C ASN C 700 32.99 41.07 26.22
N PHE C 701 32.87 41.27 24.91
CA PHE C 701 31.93 40.50 24.13
C PHE C 701 32.57 39.97 22.86
N THR C 702 32.03 38.86 22.39
CA THR C 702 32.50 38.27 21.13
C THR C 702 31.35 38.08 20.18
N ILE C 703 31.55 38.46 18.93
CA ILE C 703 30.51 38.32 17.91
C ILE C 703 30.86 37.08 17.13
N SER C 704 29.91 36.16 17.00
CA SER C 704 30.15 34.93 16.29
C SER C 704 29.10 34.67 15.24
N VAL C 705 29.48 33.96 14.19
CA VAL C 705 28.58 33.60 13.14
C VAL C 705 28.45 32.10 13.11
N THR C 706 27.23 31.61 13.09
CA THR C 706 26.97 30.18 13.04
C THR C 706 26.09 29.91 11.83
N THR C 707 26.21 28.71 11.29
CA THR C 707 25.45 28.35 10.10
C THR C 707 24.38 27.33 10.42
N GLU C 708 23.17 27.61 9.97
CA GLU C 708 22.06 26.69 10.16
C GLU C 708 21.54 26.30 8.82
N ILE C 709 21.30 25.02 8.63
CA ILE C 709 20.91 24.54 7.30
C ILE C 709 19.57 23.84 7.30
N LEU C 710 18.65 24.31 6.46
CA LEU C 710 17.32 23.71 6.33
C LEU C 710 17.10 23.41 4.85
N PRO C 711 16.48 22.28 4.53
CA PRO C 711 16.28 22.01 3.12
C PRO C 711 14.88 22.43 2.72
N VAL C 712 14.76 23.44 1.88
CA VAL C 712 13.47 24.02 1.52
C VAL C 712 12.56 23.15 0.69
N SER C 713 13.10 22.48 -0.33
CA SER C 713 12.25 21.70 -1.23
C SER C 713 13.02 20.59 -1.87
N MET C 714 12.29 19.60 -2.36
CA MET C 714 12.91 18.46 -2.99
C MET C 714 12.49 18.42 -4.44
N THR C 715 13.27 17.70 -5.26
CA THR C 715 13.02 17.67 -6.69
C THR C 715 11.61 17.20 -6.98
N LYS C 716 10.89 17.96 -7.80
CA LYS C 716 9.54 17.58 -8.16
C LYS C 716 9.62 16.32 -9.01
N THR C 717 8.74 15.37 -8.72
CA THR C 717 8.69 14.12 -9.47
C THR C 717 7.31 13.75 -9.95
N SER C 718 7.21 13.40 -11.23
CA SER C 718 5.96 12.95 -11.80
C SER C 718 6.19 11.64 -12.54
N VAL C 719 5.32 10.68 -12.27
CA VAL C 719 5.43 9.37 -12.85
C VAL C 719 4.12 8.95 -13.47
N ASP C 720 4.18 8.51 -14.71
CA ASP C 720 3.02 7.95 -15.35
C ASP C 720 2.83 6.50 -14.96
N CYS C 721 1.69 6.16 -14.41
CA CYS C 721 1.60 4.80 -13.98
C CYS C 721 1.35 3.76 -15.11
N THR C 722 0.72 4.10 -16.22
CA THR C 722 0.54 3.14 -17.29
C THR C 722 1.87 2.72 -17.90
N MET C 723 2.75 3.68 -18.16
CA MET C 723 4.03 3.34 -18.77
C MET C 723 4.90 2.50 -17.84
N TYR C 724 4.96 2.85 -16.56
CA TYR C 724 5.78 2.09 -15.63
C TYR C 724 5.27 0.67 -15.52
N ILE C 725 3.96 0.51 -15.36
CA ILE C 725 3.39 -0.81 -15.20
C ILE C 725 3.52 -1.68 -16.44
N CYS C 726 3.24 -1.11 -17.58
CA CYS C 726 3.26 -1.79 -18.86
C CYS C 726 4.12 -1.03 -19.85
N GLY C 727 5.21 -1.62 -20.32
CA GLY C 727 5.99 -0.95 -21.34
C GLY C 727 5.57 -1.43 -22.71
N ASP C 728 4.80 -0.62 -23.45
CA ASP C 728 4.45 -0.88 -24.84
C ASP C 728 3.87 -2.29 -25.08
N SER C 729 2.98 -2.75 -24.21
CA SER C 729 2.35 -4.06 -24.38
C SER C 729 0.83 -3.98 -24.41
N THR C 730 0.22 -4.64 -25.39
CA THR C 730 -1.22 -4.69 -25.50
C THR C 730 -1.82 -5.43 -24.33
N GLU C 731 -1.15 -6.51 -23.92
CA GLU C 731 -1.62 -7.35 -22.83
C GLU C 731 -1.65 -6.54 -21.53
N CYS C 732 -0.59 -5.77 -21.31
CA CYS C 732 -0.45 -5.03 -20.05
C CYS C 732 -1.54 -3.96 -19.86
N SER C 733 -1.90 -3.25 -20.92
CA SER C 733 -2.88 -2.17 -20.83
C SER C 733 -4.29 -2.60 -20.43
N ASN C 734 -4.80 -3.68 -21.01
CA ASN C 734 -6.14 -4.11 -20.68
C ASN C 734 -6.28 -4.54 -19.23
N LEU C 735 -5.30 -5.28 -18.75
CA LEU C 735 -5.33 -5.73 -17.37
C LEU C 735 -5.21 -4.57 -16.40
N LEU C 736 -4.39 -3.57 -16.73
CA LEU C 736 -4.23 -2.41 -15.91
C LEU C 736 -5.53 -1.60 -15.80
N LEU C 737 -6.28 -1.56 -16.90
CA LEU C 737 -7.55 -0.87 -16.96
C LEU C 737 -8.55 -1.48 -15.97
N GLN C 738 -8.44 -2.79 -15.76
CA GLN C 738 -9.30 -3.52 -14.86
C GLN C 738 -9.23 -3.06 -13.41
N TYR C 739 -8.05 -2.69 -12.95
CA TYR C 739 -7.89 -2.25 -11.56
C TYR C 739 -8.72 -1.01 -11.27
N GLY C 740 -8.76 -0.06 -12.20
CA GLY C 740 -9.65 1.09 -12.05
C GLY C 740 -9.05 2.30 -11.39
N SER C 741 -8.40 3.10 -12.22
CA SER C 741 -7.81 4.38 -11.83
C SER C 741 -6.72 4.29 -10.76
N PHE C 742 -6.10 3.11 -10.64
CA PHE C 742 -5.00 2.98 -9.72
C PHE C 742 -3.92 3.91 -10.21
N CYS C 743 -3.73 3.94 -11.52
CA CYS C 743 -2.78 4.83 -12.14
C CYS C 743 -3.26 6.30 -11.90
N THR C 744 -4.55 6.52 -12.06
CA THR C 744 -5.12 7.85 -11.89
C THR C 744 -4.99 8.43 -10.50
N GLN C 745 -5.19 7.59 -9.48
CA GLN C 745 -5.08 8.05 -8.10
C GLN C 745 -3.64 8.49 -7.78
N LEU C 746 -2.69 7.73 -8.30
CA LEU C 746 -1.27 7.99 -8.08
C LEU C 746 -0.80 9.32 -8.63
N ASN C 747 -1.29 9.69 -9.80
CA ASN C 747 -0.88 10.93 -10.44
C ASN C 747 -1.24 12.12 -9.60
N ARG C 748 -2.42 12.11 -9.00
CA ARG C 748 -2.84 13.23 -8.17
C ARG C 748 -1.90 13.39 -6.98
N ALA C 749 -1.51 12.30 -6.36
CA ALA C 749 -0.63 12.38 -5.21
C ALA C 749 0.70 12.97 -5.62
N LEU C 750 1.24 12.49 -6.73
CA LEU C 750 2.51 13.01 -7.23
C LEU C 750 2.38 14.44 -7.69
N THR C 751 1.29 14.74 -8.39
CA THR C 751 1.10 16.11 -8.87
C THR C 751 0.89 17.08 -7.71
N GLY C 752 0.18 16.61 -6.68
CA GLY C 752 -0.07 17.42 -5.51
C GLY C 752 1.25 17.71 -4.84
N ILE C 753 2.11 16.69 -4.77
CA ILE C 753 3.41 16.88 -4.17
C ILE C 753 4.23 17.88 -4.96
N ALA C 754 4.16 17.78 -6.28
CA ALA C 754 4.94 18.66 -7.13
C ALA C 754 4.52 20.11 -6.96
N VAL C 755 3.22 20.35 -6.86
CA VAL C 755 2.71 21.70 -6.69
C VAL C 755 3.16 22.25 -5.34
N GLU C 756 3.12 21.40 -4.32
CA GLU C 756 3.51 21.79 -2.97
C GLU C 756 4.98 22.19 -2.92
N GLN C 757 5.83 21.50 -3.67
CA GLN C 757 7.26 21.79 -3.62
C GLN C 757 7.57 23.17 -4.10
N ASP C 758 6.87 23.59 -5.13
CA ASP C 758 7.05 24.92 -5.73
C ASP C 758 6.62 26.00 -4.74
N LYS C 759 5.56 25.72 -3.99
CA LYS C 759 5.05 26.63 -2.98
C LYS C 759 6.05 26.89 -1.88
N ASN C 760 6.79 25.86 -1.48
CA ASN C 760 7.77 26.00 -0.42
C ASN C 760 8.86 26.99 -0.75
N THR C 761 9.37 26.95 -1.97
CA THR C 761 10.42 27.87 -2.34
C THR C 761 9.89 29.29 -2.35
N GLN C 762 8.69 29.45 -2.87
CA GLN C 762 8.07 30.76 -2.95
C GLN C 762 7.86 31.37 -1.58
N GLU C 763 7.35 30.57 -0.64
CA GLU C 763 7.13 31.12 0.71
C GLU C 763 8.43 31.48 1.43
N VAL C 764 9.44 30.62 1.33
CA VAL C 764 10.72 30.87 1.99
C VAL C 764 11.57 31.97 1.37
N PHE C 765 11.69 31.94 0.05
CA PHE C 765 12.57 32.88 -0.66
C PHE C 765 11.89 34.11 -1.24
N ALA C 766 10.58 34.27 -1.10
CA ALA C 766 9.95 35.44 -1.68
C ALA C 766 9.05 36.16 -0.68
N GLN C 767 9.68 36.70 0.35
CA GLN C 767 8.99 37.50 1.36
C GLN C 767 9.13 38.98 1.07
N VAL C 768 9.82 39.32 -0.01
CA VAL C 768 10.09 40.70 -0.33
C VAL C 768 9.37 41.11 -1.60
N LYS C 769 8.66 42.21 -1.52
CA LYS C 769 7.83 42.68 -2.63
C LYS C 769 8.68 43.19 -3.79
N GLN C 770 9.74 43.92 -3.46
CA GLN C 770 10.56 44.55 -4.48
C GLN C 770 12.04 44.22 -4.36
N ILE C 771 12.69 43.91 -5.48
CA ILE C 771 14.10 43.56 -5.49
C ILE C 771 14.91 44.80 -5.15
N TYR C 772 15.94 44.63 -4.32
CA TYR C 772 16.78 45.75 -3.90
C TYR C 772 18.21 45.55 -4.38
N LYS C 773 18.85 46.64 -4.79
CA LYS C 773 20.24 46.59 -5.21
C LYS C 773 21.11 47.43 -4.30
N THR C 774 22.28 46.88 -3.97
CA THR C 774 23.25 47.56 -3.12
C THR C 774 23.84 48.75 -3.86
N PRO C 775 24.24 49.79 -3.13
CA PRO C 775 24.85 51.01 -3.65
C PRO C 775 26.18 50.71 -4.30
N PRO C 776 26.57 51.45 -5.35
CA PRO C 776 27.82 51.16 -6.05
C PRO C 776 29.04 51.30 -5.14
N ILE C 777 29.07 52.33 -4.29
CA ILE C 777 30.16 52.53 -3.37
C ILE C 777 29.68 52.15 -2.00
N LYS C 778 30.42 51.30 -1.32
CA LYS C 778 29.95 50.75 -0.05
C LYS C 778 30.79 51.17 1.15
N ASP C 779 30.19 51.90 2.08
CA ASP C 779 30.83 52.26 3.33
C ASP C 779 29.94 51.65 4.38
N PHE C 780 30.49 50.73 5.16
CA PHE C 780 29.69 50.05 6.17
C PHE C 780 30.22 50.17 7.59
N GLY C 781 30.96 51.23 7.89
CA GLY C 781 31.54 51.41 9.21
C GLY C 781 32.39 50.22 9.63
N GLY C 782 33.21 49.75 8.68
CA GLY C 782 34.17 48.67 8.93
C GLY C 782 33.68 47.24 8.83
N PHE C 783 32.50 47.02 8.27
CA PHE C 783 31.99 45.66 8.08
C PHE C 783 32.25 45.28 6.64
N ASN C 784 32.90 44.13 6.42
CA ASN C 784 33.18 43.69 5.06
C ASN C 784 32.24 42.56 4.68
N PHE C 785 31.41 42.83 3.68
CA PHE C 785 30.41 41.89 3.21
C PHE C 785 30.71 41.39 1.81
N SER C 786 31.95 41.49 1.38
CA SER C 786 32.30 41.11 0.02
C SER C 786 31.97 39.65 -0.25
N GLN C 787 32.22 38.80 0.73
CA GLN C 787 31.90 37.38 0.56
C GLN C 787 30.40 37.12 0.45
N ILE C 788 29.61 37.78 1.30
CA ILE C 788 28.16 37.58 1.36
C ILE C 788 27.35 38.09 0.15
N LEU C 789 27.70 39.26 -0.35
CA LEU C 789 26.99 39.83 -1.49
C LEU C 789 27.41 39.29 -2.84
N PRO C 790 26.51 39.40 -3.83
CA PRO C 790 26.82 38.94 -5.19
C PRO C 790 27.93 39.79 -5.79
N ASP C 791 28.80 39.16 -6.56
CA ASP C 791 29.89 39.84 -7.22
C ASP C 791 29.60 39.90 -8.71
N PRO C 792 29.70 41.10 -9.31
CA PRO C 792 29.41 41.32 -10.72
C PRO C 792 30.30 40.52 -11.68
N SER C 793 31.59 40.42 -11.39
CA SER C 793 32.51 39.70 -12.25
C SER C 793 32.12 38.24 -12.44
N LYS C 794 31.73 37.55 -11.37
CA LYS C 794 31.34 36.17 -11.47
C LYS C 794 30.03 36.02 -12.25
N PRO C 795 29.93 34.98 -13.08
CA PRO C 795 28.72 34.67 -13.84
C PRO C 795 27.61 34.14 -12.94
N SER C 796 26.38 34.33 -13.40
CA SER C 796 25.12 33.90 -12.73
C SER C 796 24.76 34.62 -11.42
N LYS C 797 25.46 35.72 -11.11
CA LYS C 797 25.15 36.56 -9.95
C LYS C 797 25.03 35.82 -8.63
N ARG C 798 26.02 35.01 -8.30
CA ARG C 798 25.98 34.27 -7.03
C ARG C 798 27.10 34.66 -6.09
N SER C 799 26.77 34.72 -4.80
CA SER C 799 27.71 35.11 -3.76
C SER C 799 28.81 34.07 -3.57
N PHE C 800 29.97 34.51 -3.09
CA PHE C 800 31.09 33.60 -2.91
C PHE C 800 30.76 32.42 -2.02
N ILE C 801 30.07 32.67 -0.90
CA ILE C 801 29.70 31.58 0.00
C ILE C 801 28.78 30.60 -0.69
N GLU C 802 27.84 31.10 -1.47
CA GLU C 802 26.89 30.25 -2.18
C GLU C 802 27.62 29.38 -3.18
N ASP C 803 28.58 29.95 -3.90
CA ASP C 803 29.31 29.18 -4.91
C ASP C 803 30.08 28.06 -4.26
N LEU C 804 30.72 28.38 -3.13
CA LEU C 804 31.47 27.40 -2.38
C LEU C 804 30.52 26.33 -1.86
N LEU C 805 29.38 26.78 -1.36
CA LEU C 805 28.37 25.87 -0.83
C LEU C 805 27.81 24.99 -1.94
N PHE C 806 27.55 25.60 -3.10
CA PHE C 806 27.01 24.87 -4.24
C PHE C 806 27.99 23.81 -4.75
N ASN C 807 29.27 24.15 -4.80
CA ASN C 807 30.26 23.18 -5.26
C ASN C 807 30.31 21.99 -4.32
N LYS C 808 30.11 22.27 -3.04
CA LYS C 808 30.16 21.25 -1.99
C LYS C 808 29.12 20.16 -2.13
N VAL C 809 27.91 20.49 -2.57
CA VAL C 809 26.86 19.48 -2.70
C VAL C 809 26.96 18.74 -4.04
N THR C 810 27.99 17.92 -4.16
CA THR C 810 28.22 17.15 -5.38
C THR C 810 27.18 16.06 -5.49
N LEU C 811 26.75 15.76 -6.70
CA LEU C 811 25.72 14.73 -6.91
C LEU C 811 26.28 13.54 -7.68
N ALA C 812 26.19 12.36 -7.08
CA ALA C 812 26.66 11.13 -7.69
C ALA C 812 25.48 10.26 -8.13
N ASP C 813 25.55 9.78 -9.36
CA ASP C 813 24.51 8.93 -9.95
C ASP C 813 24.65 7.48 -9.49
N GLN C 836 14.69 12.21 -19.86
CA GLN C 836 13.99 11.69 -18.69
C GLN C 836 14.66 10.42 -18.19
N LYS C 837 14.05 9.80 -17.16
CA LYS C 837 14.61 8.56 -16.61
C LYS C 837 14.29 7.36 -17.50
N PHE C 838 14.95 6.25 -17.22
CA PHE C 838 14.88 5.12 -18.13
C PHE C 838 13.47 4.51 -18.24
N ASN C 839 12.69 4.51 -17.18
CA ASN C 839 11.37 3.89 -17.27
C ASN C 839 10.23 4.74 -16.78
N GLY C 840 9.80 5.68 -17.58
CA GLY C 840 8.55 6.39 -17.31
C GLY C 840 8.61 7.22 -16.05
N LEU C 841 9.79 7.73 -15.76
CA LEU C 841 9.94 8.56 -14.59
C LEU C 841 10.52 9.85 -15.09
N THR C 842 9.89 10.94 -14.73
CA THR C 842 10.39 12.23 -15.18
C THR C 842 10.53 13.19 -14.04
N VAL C 843 11.56 14.01 -14.09
CA VAL C 843 11.75 15.02 -13.06
C VAL C 843 11.51 16.38 -13.67
N LEU C 844 10.48 17.04 -13.20
CA LEU C 844 10.13 18.36 -13.75
C LEU C 844 11.01 19.38 -13.08
N PRO C 845 11.39 20.45 -13.78
CA PRO C 845 12.26 21.44 -13.17
C PRO C 845 11.51 22.30 -12.19
N PRO C 846 12.22 22.92 -11.25
CA PRO C 846 11.60 23.79 -10.25
C PRO C 846 11.08 25.05 -10.90
N LEU C 847 10.01 25.62 -10.36
CA LEU C 847 9.42 26.83 -10.91
C LEU C 847 10.42 27.97 -10.88
N LEU C 848 11.15 28.09 -9.78
CA LEU C 848 12.16 29.11 -9.64
C LEU C 848 13.50 28.46 -9.88
N THR C 849 14.25 29.00 -10.82
CA THR C 849 15.57 28.46 -11.17
C THR C 849 16.59 28.87 -10.12
N ASP C 850 17.73 28.20 -10.14
CA ASP C 850 18.79 28.50 -9.17
C ASP C 850 19.20 29.95 -9.27
N GLU C 851 19.28 30.45 -10.50
CA GLU C 851 19.64 31.84 -10.70
C GLU C 851 18.62 32.77 -10.07
N MET C 852 17.35 32.47 -10.29
CA MET C 852 16.26 33.29 -9.74
C MET C 852 16.27 33.26 -8.21
N ILE C 853 16.48 32.09 -7.64
CA ILE C 853 16.51 31.96 -6.20
C ILE C 853 17.64 32.76 -5.61
N ALA C 854 18.79 32.74 -6.27
CA ALA C 854 19.95 33.49 -5.83
C ALA C 854 19.65 34.98 -5.83
N GLN C 855 18.95 35.46 -6.85
CA GLN C 855 18.60 36.86 -6.93
C GLN C 855 17.69 37.25 -5.77
N TYR C 856 16.73 36.41 -5.44
CA TYR C 856 15.84 36.70 -4.32
C TYR C 856 16.64 36.77 -3.04
N THR C 857 17.53 35.80 -2.87
CA THR C 857 18.36 35.74 -1.68
C THR C 857 19.30 36.93 -1.63
N SER C 858 19.84 37.30 -2.78
CA SER C 858 20.74 38.44 -2.87
C SER C 858 19.99 39.73 -2.54
N ALA C 859 18.76 39.83 -3.00
CA ALA C 859 17.93 41.00 -2.76
C ALA C 859 17.65 41.15 -1.27
N LEU C 860 17.42 40.05 -0.58
CA LEU C 860 17.16 40.11 0.84
C LEU C 860 18.35 40.65 1.63
N LEU C 861 19.56 40.26 1.25
CA LEU C 861 20.75 40.76 1.94
C LEU C 861 20.87 42.25 1.75
N ALA C 862 20.61 42.72 0.53
CA ALA C 862 20.72 44.14 0.23
C ALA C 862 19.72 44.93 1.05
N GLY C 863 18.50 44.42 1.17
CA GLY C 863 17.49 45.10 1.94
C GLY C 863 17.92 45.18 3.40
N THR C 864 18.47 44.09 3.92
CA THR C 864 18.88 44.07 5.32
C THR C 864 20.00 45.04 5.65
N ILE C 865 21.04 45.07 4.84
CA ILE C 865 22.15 45.97 5.14
C ILE C 865 21.76 47.44 5.03
N THR C 866 21.04 47.79 3.97
CA THR C 866 20.63 49.17 3.72
C THR C 866 19.50 49.73 4.58
N SER C 867 18.45 48.95 4.77
CA SER C 867 17.26 49.44 5.48
C SER C 867 16.95 48.78 6.81
N GLY C 868 17.86 47.97 7.33
CA GLY C 868 17.59 47.26 8.58
C GLY C 868 16.38 46.37 8.46
N TRP C 869 15.48 46.46 9.44
CA TRP C 869 14.28 45.62 9.44
C TRP C 869 13.05 46.33 8.89
N THR C 870 13.22 47.57 8.45
CA THR C 870 12.11 48.36 7.94
C THR C 870 11.48 47.72 6.70
N PHE C 871 12.29 47.11 5.84
CA PHE C 871 11.77 46.53 4.60
C PHE C 871 10.78 45.37 4.81
N GLY C 872 10.99 44.59 5.87
CA GLY C 872 10.10 43.46 6.17
C GLY C 872 8.69 43.92 6.49
N ALA C 873 8.59 45.01 7.24
CA ALA C 873 7.31 45.50 7.74
C ALA C 873 6.62 46.59 6.88
N GLY C 874 7.25 47.03 5.81
CA GLY C 874 6.67 48.09 4.97
C GLY C 874 7.68 48.62 3.98
N ALA C 875 7.38 49.76 3.38
CA ALA C 875 8.32 50.40 2.44
C ALA C 875 9.64 50.63 3.16
N ALA C 876 10.74 50.22 2.55
CA ALA C 876 12.05 50.31 3.21
C ALA C 876 12.47 51.74 3.55
N LEU C 877 12.93 51.91 4.78
CA LEU C 877 13.44 53.20 5.21
C LEU C 877 14.92 52.99 5.36
N GLN C 878 15.70 53.73 4.59
CA GLN C 878 17.14 53.61 4.61
C GLN C 878 17.69 54.07 5.96
N ILE C 879 18.67 53.34 6.46
CA ILE C 879 19.34 53.70 7.69
C ILE C 879 20.78 53.28 7.52
N PRO C 880 21.71 54.00 8.14
CA PRO C 880 23.12 53.62 8.05
C PRO C 880 23.38 52.34 8.81
N PHE C 881 24.34 51.55 8.38
CA PHE C 881 24.60 50.27 9.06
C PHE C 881 25.03 50.44 10.51
N ALA C 882 25.88 51.40 10.78
CA ALA C 882 26.33 51.63 12.14
C ALA C 882 25.14 51.96 13.02
N MET C 883 24.31 52.87 12.54
CA MET C 883 23.10 53.26 13.26
C MET C 883 22.18 52.08 13.35
N GLN C 884 22.10 51.30 12.28
CA GLN C 884 21.29 50.10 12.27
C GLN C 884 21.79 49.10 13.29
N MET C 885 23.11 48.99 13.38
CA MET C 885 23.76 48.09 14.30
C MET C 885 23.45 48.46 15.74
N ALA C 886 23.43 49.76 16.02
CA ALA C 886 23.15 50.24 17.36
C ALA C 886 21.75 49.85 17.80
N TYR C 887 20.80 49.92 16.88
CA TYR C 887 19.42 49.55 17.18
C TYR C 887 19.30 48.08 17.55
N ARG C 888 20.04 47.23 16.84
CA ARG C 888 20.03 45.81 17.14
C ARG C 888 20.60 45.52 18.51
N PHE C 889 21.64 46.26 18.89
CA PHE C 889 22.24 46.13 20.21
C PHE C 889 21.27 46.50 21.32
N ASN C 890 20.44 47.52 21.08
CA ASN C 890 19.48 47.98 22.07
C ASN C 890 18.49 46.89 22.47
N GLY C 891 18.08 46.08 21.50
CA GLY C 891 17.15 45.00 21.75
C GLY C 891 17.67 43.95 22.70
N ILE C 892 18.96 43.67 22.65
CA ILE C 892 19.57 42.65 23.50
C ILE C 892 19.98 43.15 24.88
N GLY C 893 19.75 44.43 25.16
CA GLY C 893 20.04 45.00 26.48
C GLY C 893 21.41 45.62 26.65
N VAL C 894 22.16 45.74 25.57
CA VAL C 894 23.43 46.43 25.59
C VAL C 894 23.15 47.84 25.10
N THR C 895 23.67 48.85 25.79
CA THR C 895 23.41 50.22 25.41
C THR C 895 23.99 50.57 24.03
N GLN C 896 23.38 51.54 23.38
CA GLN C 896 23.74 51.92 22.02
C GLN C 896 25.18 52.39 21.91
N ASN C 897 25.69 53.06 22.95
CA ASN C 897 27.04 53.61 22.91
C ASN C 897 28.14 52.56 22.80
N VAL C 898 27.91 51.35 23.30
CA VAL C 898 28.91 50.32 23.26
C VAL C 898 29.35 49.99 21.84
N LEU C 899 28.42 49.94 20.90
CA LEU C 899 28.78 49.64 19.55
C LEU C 899 29.72 50.68 18.94
N TYR C 900 29.38 51.94 19.12
CA TYR C 900 30.18 53.02 18.58
C TYR C 900 31.57 53.07 19.18
N GLU C 901 31.65 52.89 20.50
CA GLU C 901 32.94 52.94 21.16
C GLU C 901 33.85 51.82 20.67
N ASN C 902 33.25 50.65 20.47
CA ASN C 902 33.99 49.48 20.07
C ASN C 902 33.74 49.13 18.61
N GLN C 903 33.30 50.07 17.81
CA GLN C 903 32.96 49.76 16.43
C GLN C 903 34.12 49.15 15.63
N LYS C 904 35.32 49.69 15.76
CA LYS C 904 36.44 49.12 15.03
C LYS C 904 36.68 47.69 15.44
N LEU C 905 36.66 47.43 16.74
CA LEU C 905 36.88 46.10 17.25
C LEU C 905 35.75 45.18 16.79
N ILE C 906 34.52 45.67 16.88
CA ILE C 906 33.36 44.90 16.48
C ILE C 906 33.41 44.58 15.00
N ALA C 907 33.83 45.55 14.20
CA ALA C 907 33.91 45.36 12.77
C ALA C 907 34.92 44.27 12.41
N ASN C 908 36.06 44.27 13.09
CA ASN C 908 37.09 43.26 12.83
C ASN C 908 36.61 41.86 13.15
N GLN C 909 35.90 41.71 14.27
CA GLN C 909 35.41 40.40 14.69
C GLN C 909 34.45 39.84 13.66
N PHE C 910 33.57 40.68 13.14
CA PHE C 910 32.60 40.23 12.18
C PHE C 910 33.30 39.71 10.94
N ASN C 911 34.29 40.45 10.47
CA ASN C 911 35.03 40.04 9.27
C ASN C 911 35.77 38.74 9.51
N SER C 912 36.39 38.62 10.68
CA SER C 912 37.12 37.42 11.01
C SER C 912 36.15 36.25 11.11
N ALA C 913 35.01 36.48 11.72
CA ALA C 913 34.00 35.45 11.89
C ALA C 913 33.46 35.00 10.54
N ILE C 914 33.22 35.94 9.64
CA ILE C 914 32.73 35.61 8.31
C ILE C 914 33.75 34.79 7.55
N GLY C 915 35.00 35.15 7.69
CA GLY C 915 36.07 34.44 7.02
C GLY C 915 36.16 33.01 7.53
N LYS C 916 36.03 32.85 8.85
CA LYS C 916 36.10 31.52 9.44
C LYS C 916 34.96 30.66 8.93
N ILE C 917 33.78 31.24 8.81
CA ILE C 917 32.62 30.52 8.34
C ILE C 917 32.84 30.00 6.93
N GLN C 918 33.40 30.85 6.08
CA GLN C 918 33.65 30.48 4.71
C GLN C 918 34.63 29.30 4.67
N ASP C 919 35.69 29.38 5.49
CA ASP C 919 36.68 28.33 5.54
C ASP C 919 36.11 27.01 6.04
N SER C 920 35.30 27.08 7.09
CA SER C 920 34.70 25.88 7.67
C SER C 920 33.81 25.16 6.66
N LEU C 921 33.03 25.91 5.90
CA LEU C 921 32.16 25.31 4.91
C LEU C 921 32.95 24.58 3.84
N SER C 922 33.98 25.24 3.32
CA SER C 922 34.82 24.61 2.31
C SER C 922 35.57 23.41 2.87
N SER C 923 36.09 23.57 4.08
CA SER C 923 36.86 22.52 4.75
C SER C 923 36.06 21.27 5.10
N THR C 924 34.85 21.45 5.62
CA THR C 924 34.02 20.32 6.03
C THR C 924 32.64 20.32 5.38
N ALA C 925 32.25 19.17 4.83
CA ALA C 925 30.94 19.03 4.20
C ALA C 925 29.87 18.64 5.17
N SER C 926 30.25 18.33 6.43
CA SER C 926 29.28 17.89 7.43
C SER C 926 28.17 18.92 7.61
N ALA C 927 28.56 20.19 7.62
CA ALA C 927 27.61 21.30 7.78
C ALA C 927 26.52 21.24 6.71
N LEU C 928 26.92 20.77 5.52
CA LEU C 928 26.02 20.67 4.37
C LEU C 928 25.39 19.28 4.26
N GLY C 929 25.54 18.48 5.31
CA GLY C 929 25.01 17.13 5.31
C GLY C 929 23.50 17.06 5.16
N LYS C 930 22.77 17.94 5.83
CA LYS C 930 21.30 17.89 5.75
C LYS C 930 20.83 18.05 4.31
N LEU C 931 21.38 19.02 3.60
CA LEU C 931 21.03 19.22 2.21
C LEU C 931 21.45 18.03 1.37
N GLN C 932 22.64 17.52 1.66
CA GLN C 932 23.17 16.36 1.00
C GLN C 932 22.30 15.13 1.21
N ASP C 933 21.81 14.98 2.43
CA ASP C 933 20.94 13.88 2.78
C ASP C 933 19.64 13.90 1.98
N VAL C 934 19.07 15.08 1.77
CA VAL C 934 17.83 15.21 1.03
C VAL C 934 18.01 14.73 -0.40
N VAL C 935 19.13 15.08 -1.01
CA VAL C 935 19.41 14.66 -2.37
C VAL C 935 19.59 13.16 -2.43
N ASN C 936 20.25 12.60 -1.43
CA ASN C 936 20.51 11.16 -1.38
C ASN C 936 19.24 10.34 -1.32
N GLN C 937 18.26 10.81 -0.56
CA GLN C 937 17.02 10.06 -0.43
C GLN C 937 16.29 9.92 -1.76
N ASN C 938 16.23 10.98 -2.55
CA ASN C 938 15.55 10.87 -3.83
C ASN C 938 16.24 9.91 -4.75
N ALA C 939 17.56 9.99 -4.82
CA ALA C 939 18.32 9.12 -5.70
C ALA C 939 18.16 7.68 -5.29
N GLN C 940 18.25 7.41 -3.99
CA GLN C 940 18.07 6.06 -3.50
C GLN C 940 16.63 5.58 -3.71
N ALA C 941 15.68 6.44 -3.38
CA ALA C 941 14.26 6.08 -3.50
C ALA C 941 13.88 5.85 -4.96
N LEU C 942 14.34 6.73 -5.84
CA LEU C 942 14.05 6.58 -7.24
C LEU C 942 14.75 5.36 -7.81
N ASN C 943 15.98 5.13 -7.36
CA ASN C 943 16.75 3.99 -7.81
C ASN C 943 16.09 2.69 -7.42
N THR C 944 15.53 2.65 -6.21
CA THR C 944 14.84 1.46 -5.78
C THR C 944 13.64 1.21 -6.67
N LEU C 945 12.90 2.27 -6.99
CA LEU C 945 11.72 2.12 -7.81
C LEU C 945 12.05 1.57 -9.19
N VAL C 946 13.10 2.10 -9.82
CA VAL C 946 13.48 1.64 -11.14
C VAL C 946 13.95 0.20 -11.11
N LYS C 947 14.67 -0.14 -10.05
CA LYS C 947 15.22 -1.48 -9.87
C LYS C 947 14.17 -2.56 -9.71
N GLN C 948 13.03 -2.17 -9.16
CA GLN C 948 11.94 -3.11 -8.97
C GLN C 948 11.47 -3.78 -10.26
N LEU C 949 11.37 -3.00 -11.34
CA LEU C 949 10.85 -3.53 -12.60
C LEU C 949 11.55 -4.85 -12.94
N SER C 950 12.86 -4.92 -12.69
CA SER C 950 13.63 -6.13 -12.97
C SER C 950 13.14 -7.31 -12.14
N SER C 951 12.59 -7.06 -10.95
CA SER C 951 12.14 -8.15 -10.08
C SER C 951 11.06 -9.06 -10.70
N ASN C 952 11.20 -10.37 -10.47
CA ASN C 952 10.30 -11.38 -11.06
C ASN C 952 8.87 -11.40 -10.54
N PHE C 953 8.68 -11.14 -9.25
CA PHE C 953 7.34 -11.02 -8.64
C PHE C 953 6.43 -12.22 -8.82
N GLY C 954 6.95 -13.41 -8.53
CA GLY C 954 6.13 -14.63 -8.61
C GLY C 954 5.62 -14.93 -10.00
N ALA C 955 6.46 -14.69 -10.99
CA ALA C 955 6.09 -15.02 -12.34
C ALA C 955 7.25 -15.64 -13.05
N ILE C 956 7.00 -16.21 -14.21
CA ILE C 956 8.07 -16.85 -14.96
C ILE C 956 9.28 -15.94 -15.24
N SER C 957 9.05 -14.70 -15.66
CA SER C 957 10.17 -13.79 -15.90
C SER C 957 9.73 -12.35 -15.81
N SER C 958 10.69 -11.49 -15.49
CA SER C 958 10.42 -10.07 -15.32
C SER C 958 10.03 -9.33 -16.59
N VAL C 959 10.69 -9.59 -17.71
CA VAL C 959 10.41 -8.85 -18.93
C VAL C 959 9.02 -9.20 -19.47
N LEU C 960 8.19 -8.18 -19.71
CA LEU C 960 6.84 -8.43 -20.18
C LEU C 960 6.81 -9.08 -21.54
N ASN C 961 7.67 -8.62 -22.45
CA ASN C 961 7.66 -9.17 -23.80
C ASN C 961 7.97 -10.65 -23.80
N ASP C 962 8.93 -11.06 -22.98
CA ASP C 962 9.32 -12.44 -22.91
C ASP C 962 8.15 -13.30 -22.46
N ILE C 963 7.41 -12.84 -21.48
CA ILE C 963 6.28 -13.61 -20.97
C ILE C 963 5.24 -13.81 -22.02
N LEU C 964 4.95 -12.74 -22.74
CA LEU C 964 3.90 -12.78 -23.76
C LEU C 964 4.27 -13.80 -24.84
N SER C 965 5.51 -13.73 -25.32
CA SER C 965 5.97 -14.59 -26.40
C SER C 965 6.03 -16.05 -25.99
N ARG C 966 6.56 -16.25 -24.78
CA ARG C 966 6.77 -17.57 -24.22
C ARG C 966 5.47 -18.31 -23.91
N LEU C 967 4.45 -17.59 -23.47
CA LEU C 967 3.23 -18.25 -23.08
C LEU C 967 1.96 -17.85 -23.81
N ASP C 968 0.99 -18.76 -23.83
CA ASP C 968 -0.30 -18.58 -24.48
C ASP C 968 -1.14 -17.54 -23.76
N PRO C 969 -2.10 -16.94 -24.46
CA PRO C 969 -2.93 -15.86 -23.90
C PRO C 969 -3.76 -16.27 -22.70
N PRO C 970 -4.36 -17.47 -22.71
CA PRO C 970 -5.14 -17.82 -21.52
C PRO C 970 -4.24 -17.92 -20.29
N GLU C 971 -3.10 -18.57 -20.48
CA GLU C 971 -2.14 -18.81 -19.43
C GLU C 971 -1.40 -17.55 -19.01
N ALA C 972 -1.11 -16.75 -20.01
CA ALA C 972 -0.30 -15.56 -19.87
C ALA C 972 -0.93 -14.55 -18.90
N GLU C 973 -2.25 -14.46 -18.93
CA GLU C 973 -2.93 -13.50 -18.07
C GLU C 973 -2.66 -13.75 -16.61
N VAL C 974 -2.64 -14.99 -16.17
CA VAL C 974 -2.33 -15.25 -14.77
C VAL C 974 -0.91 -14.82 -14.44
N GLN C 975 0.06 -15.12 -15.29
CA GLN C 975 1.43 -14.71 -15.06
C GLN C 975 1.61 -13.22 -15.15
N ILE C 976 0.99 -12.60 -16.16
CA ILE C 976 1.01 -11.15 -16.32
C ILE C 976 0.41 -10.43 -15.16
N ASP C 977 -0.65 -10.99 -14.60
CA ASP C 977 -1.31 -10.38 -13.46
C ASP C 977 -0.41 -10.31 -12.26
N ARG C 978 0.39 -11.32 -12.04
CA ARG C 978 1.33 -11.30 -10.93
C ARG C 978 2.30 -10.12 -11.05
N LEU C 979 2.86 -9.92 -12.24
CA LEU C 979 3.78 -8.81 -12.41
C LEU C 979 3.08 -7.50 -12.25
N ILE C 980 1.89 -7.37 -12.83
CA ILE C 980 1.13 -6.15 -12.74
C ILE C 980 0.83 -5.84 -11.29
N THR C 981 0.42 -6.84 -10.53
CA THR C 981 0.09 -6.62 -9.14
C THR C 981 1.34 -6.20 -8.38
N GLY C 982 2.47 -6.89 -8.63
CA GLY C 982 3.65 -6.60 -7.92
C GLY C 982 4.17 -5.21 -8.23
N ARG C 983 4.16 -4.84 -9.49
CA ARG C 983 4.66 -3.54 -9.90
C ARG C 983 3.80 -2.43 -9.35
N LEU C 984 2.49 -2.65 -9.30
CA LEU C 984 1.57 -1.66 -8.81
C LEU C 984 1.86 -1.34 -7.35
N GLN C 985 2.11 -2.39 -6.58
CA GLN C 985 2.49 -2.31 -5.17
C GLN C 985 3.77 -1.49 -5.03
N SER C 986 4.74 -1.77 -5.88
CA SER C 986 6.02 -1.09 -5.84
C SER C 986 5.83 0.37 -6.14
N LEU C 987 5.04 0.66 -7.16
CA LEU C 987 4.78 2.04 -7.50
C LEU C 987 4.02 2.70 -6.38
N GLN C 988 3.03 2.02 -5.83
CA GLN C 988 2.25 2.56 -4.71
C GLN C 988 3.08 2.77 -3.44
N THR C 989 4.02 1.89 -3.12
CA THR C 989 4.84 2.07 -1.94
C THR C 989 5.69 3.30 -2.06
N TYR C 990 6.23 3.54 -3.24
CA TYR C 990 7.03 4.72 -3.49
C TYR C 990 6.19 5.99 -3.33
N VAL C 991 4.98 5.98 -3.86
CA VAL C 991 4.12 7.15 -3.75
C VAL C 991 3.79 7.44 -2.32
N THR C 992 3.52 6.41 -1.54
CA THR C 992 3.22 6.58 -0.13
C THR C 992 4.42 7.10 0.61
N GLN C 993 5.60 6.61 0.25
CA GLN C 993 6.83 7.07 0.87
C GLN C 993 7.09 8.52 0.58
N GLN C 994 6.78 8.94 -0.64
CA GLN C 994 6.97 10.32 -1.04
C GLN C 994 6.15 11.27 -0.20
N LEU C 995 4.90 10.89 0.09
CA LEU C 995 4.03 11.75 0.84
C LEU C 995 4.56 12.00 2.24
N ILE C 996 5.11 10.96 2.88
CA ILE C 996 5.63 11.11 4.22
C ILE C 996 6.82 12.07 4.22
N ARG C 997 7.67 11.97 3.21
CA ARG C 997 8.80 12.87 3.07
C ARG C 997 8.33 14.29 2.83
N ALA C 998 7.28 14.42 2.02
CA ALA C 998 6.73 15.72 1.70
C ALA C 998 6.24 16.42 2.95
N ALA C 999 5.60 15.68 3.85
CA ALA C 999 5.12 16.25 5.09
C ALA C 999 6.30 16.76 5.92
N GLU C 1000 7.37 15.99 5.98
CA GLU C 1000 8.55 16.41 6.72
C GLU C 1000 9.15 17.66 6.09
N ILE C 1001 9.24 17.66 4.76
CA ILE C 1001 9.78 18.80 4.06
C ILE C 1001 8.88 20.01 4.21
N ARG C 1002 7.57 19.79 4.16
CA ARG C 1002 6.63 20.89 4.28
C ARG C 1002 6.73 21.52 5.66
N ALA C 1003 6.89 20.68 6.68
CA ALA C 1003 7.02 21.17 8.04
C ALA C 1003 8.29 22.00 8.11
N SER C 1004 9.33 21.48 7.47
CA SER C 1004 10.65 22.11 7.48
C SER C 1004 10.66 23.41 6.74
N ALA C 1005 9.91 23.42 5.65
CA ALA C 1005 9.79 24.62 4.83
C ALA C 1005 9.09 25.71 5.63
N ASN C 1006 8.06 25.36 6.38
CA ASN C 1006 7.31 26.34 7.18
C ASN C 1006 8.25 26.91 8.23
N LEU C 1007 9.03 26.04 8.87
CA LEU C 1007 9.99 26.47 9.88
C LEU C 1007 11.06 27.34 9.23
N ALA C 1008 11.50 26.96 8.04
CA ALA C 1008 12.47 27.75 7.30
C ALA C 1008 11.92 29.12 6.97
N ALA C 1009 10.65 29.16 6.55
CA ALA C 1009 10.01 30.42 6.22
C ALA C 1009 9.92 31.31 7.43
N THR C 1010 9.54 30.70 8.56
CA THR C 1010 9.39 31.44 9.80
C THR C 1010 10.73 32.00 10.23
N LYS C 1011 11.79 31.21 10.08
CA LYS C 1011 13.13 31.70 10.40
C LYS C 1011 13.55 32.84 9.50
N MET C 1012 13.15 32.76 8.23
CA MET C 1012 13.49 33.77 7.26
C MET C 1012 12.83 35.09 7.67
N SER C 1013 11.56 35.03 8.03
CA SER C 1013 10.84 36.23 8.38
C SER C 1013 11.29 36.78 9.74
N GLU C 1014 11.33 35.91 10.75
CA GLU C 1014 11.76 36.32 12.08
C GLU C 1014 13.21 36.78 12.20
N CYS C 1015 14.14 36.04 11.60
CA CYS C 1015 15.57 36.36 11.71
C CYS C 1015 16.17 37.23 10.59
N VAL C 1016 15.87 36.90 9.33
CA VAL C 1016 16.37 37.65 8.19
C VAL C 1016 15.79 39.06 8.16
N LEU C 1017 14.50 39.14 8.47
CA LEU C 1017 13.74 40.39 8.47
C LEU C 1017 13.87 41.24 9.73
N GLY C 1018 13.83 40.60 10.89
CA GLY C 1018 13.89 41.31 12.15
C GLY C 1018 14.61 40.53 13.23
N GLN C 1019 15.09 41.23 14.24
CA GLN C 1019 15.79 40.61 15.36
C GLN C 1019 14.78 39.73 16.09
N SER C 1020 15.19 38.55 16.51
CA SER C 1020 14.28 37.63 17.19
C SER C 1020 14.60 37.55 18.68
N LYS C 1021 13.64 37.95 19.50
CA LYS C 1021 13.79 37.90 20.95
C LYS C 1021 13.88 36.49 21.48
N ARG C 1022 13.22 35.55 20.82
CA ARG C 1022 13.18 34.18 21.28
C ARG C 1022 14.57 33.61 21.44
N VAL C 1023 14.81 32.97 22.57
CA VAL C 1023 16.13 32.44 22.89
C VAL C 1023 16.38 31.18 22.08
N ASP C 1024 17.53 31.17 21.41
CA ASP C 1024 18.06 30.06 20.60
C ASP C 1024 17.33 29.74 19.29
N PHE C 1025 16.34 30.54 18.91
CA PHE C 1025 15.68 30.34 17.62
C PHE C 1025 16.67 30.62 16.52
N CYS C 1026 17.47 31.66 16.71
CA CYS C 1026 18.55 32.04 15.79
C CYS C 1026 19.86 32.03 16.55
N GLY C 1027 20.82 31.30 16.02
CA GLY C 1027 22.15 31.25 16.61
C GLY C 1027 22.28 30.80 18.04
N LYS C 1028 23.10 31.51 18.82
CA LYS C 1028 23.28 31.22 20.23
C LYS C 1028 23.00 32.43 21.11
N GLY C 1029 22.15 32.23 22.12
CA GLY C 1029 21.81 33.31 23.05
C GLY C 1029 21.25 34.55 22.38
N TYR C 1030 21.82 35.70 22.70
CA TYR C 1030 21.35 36.95 22.13
C TYR C 1030 21.66 36.96 20.64
N HIS C 1031 20.71 37.47 19.85
CA HIS C 1031 20.83 37.44 18.41
C HIS C 1031 20.77 38.82 17.80
N LEU C 1032 21.69 39.11 16.88
CA LEU C 1032 21.72 40.42 16.25
C LEU C 1032 21.03 40.48 14.90
N MET C 1033 21.46 39.64 13.97
CA MET C 1033 20.87 39.62 12.61
C MET C 1033 21.19 38.33 11.88
N SER C 1034 20.47 38.07 10.80
CA SER C 1034 20.71 36.87 10.00
C SER C 1034 20.85 37.18 8.52
N PHE C 1035 21.88 36.61 7.89
CA PHE C 1035 22.08 36.75 6.48
C PHE C 1035 21.77 35.41 5.86
N PRO C 1036 20.91 35.39 4.83
CA PRO C 1036 20.49 34.16 4.18
C PRO C 1036 21.20 33.92 2.85
N GLN C 1037 21.70 32.70 2.65
CA GLN C 1037 22.36 32.32 1.41
C GLN C 1037 21.68 31.12 0.80
N SER C 1038 21.34 31.21 -0.49
CA SER C 1038 20.66 30.11 -1.16
C SER C 1038 21.56 28.90 -1.29
N ALA C 1039 20.98 27.73 -1.12
CA ALA C 1039 21.68 26.47 -1.28
C ALA C 1039 20.83 25.54 -2.11
N PRO C 1040 21.45 24.57 -2.79
CA PRO C 1040 20.62 23.70 -3.61
C PRO C 1040 19.72 22.88 -2.72
N HIS C 1041 18.41 23.01 -2.94
CA HIS C 1041 17.32 22.36 -2.19
C HIS C 1041 17.16 22.82 -0.74
N GLY C 1042 17.72 23.97 -0.41
CA GLY C 1042 17.68 24.48 0.95
C GLY C 1042 18.16 25.90 1.02
N VAL C 1043 17.98 26.53 2.16
CA VAL C 1043 18.45 27.88 2.39
C VAL C 1043 19.41 27.81 3.56
N VAL C 1044 20.56 28.44 3.45
CA VAL C 1044 21.54 28.45 4.52
C VAL C 1044 21.55 29.82 5.16
N PHE C 1045 21.42 29.84 6.49
CA PHE C 1045 21.36 31.10 7.24
C PHE C 1045 22.64 31.33 8.00
N LEU C 1046 23.19 32.53 7.91
CA LEU C 1046 24.36 32.87 8.70
C LEU C 1046 23.83 33.71 9.81
N HIS C 1047 24.10 33.31 11.04
CA HIS C 1047 23.57 34.03 12.18
C HIS C 1047 24.68 34.81 12.88
N VAL C 1048 24.39 36.07 13.16
CA VAL C 1048 25.33 36.89 13.88
C VAL C 1048 24.78 36.98 15.27
N THR C 1049 25.59 36.63 16.26
CA THR C 1049 25.13 36.61 17.64
C THR C 1049 26.12 37.24 18.59
N TYR C 1050 25.62 37.68 19.74
CA TYR C 1050 26.43 38.31 20.76
C TYR C 1050 26.52 37.39 21.95
N VAL C 1051 27.73 37.03 22.33
CA VAL C 1051 27.93 36.14 23.47
C VAL C 1051 28.84 36.83 24.46
N PRO C 1052 28.39 37.04 25.68
CA PRO C 1052 29.28 37.67 26.64
C PRO C 1052 30.46 36.78 26.93
N ALA C 1053 31.67 37.33 26.88
CA ALA C 1053 32.86 36.51 27.02
C ALA C 1053 33.57 36.54 28.38
N GLN C 1054 33.78 37.71 28.95
CA GLN C 1054 34.60 37.84 30.15
C GLN C 1054 33.85 38.47 31.32
N GLU C 1055 33.99 37.89 32.50
CA GLU C 1055 33.23 38.36 33.69
C GLU C 1055 34.06 38.43 34.92
N LYS C 1056 33.78 39.38 35.77
CA LYS C 1056 34.62 39.46 36.96
C LYS C 1056 33.69 39.34 38.11
N ASN C 1057 34.01 38.58 39.17
CA ASN C 1057 33.13 38.52 40.33
C ASN C 1057 32.93 39.88 40.96
N PHE C 1058 31.71 40.19 41.29
CA PHE C 1058 31.35 41.45 41.88
C PHE C 1058 30.40 41.29 43.06
N THR C 1059 30.62 42.03 44.14
CA THR C 1059 29.68 42.00 45.25
C THR C 1059 28.44 42.73 44.80
N THR C 1060 27.28 42.24 45.17
CA THR C 1060 26.03 42.86 44.74
C THR C 1060 24.94 42.92 45.79
N ALA C 1061 24.05 43.89 45.65
CA ALA C 1061 22.94 44.05 46.56
C ALA C 1061 21.67 44.39 45.79
N PRO C 1062 20.52 43.91 46.27
CA PRO C 1062 19.27 44.23 45.60
C PRO C 1062 18.93 45.69 45.58
N ALA C 1063 19.13 46.38 46.70
CA ALA C 1063 18.75 47.79 46.81
C ALA C 1063 19.70 48.56 47.68
N ILE C 1064 19.78 49.88 47.46
CA ILE C 1064 20.62 50.77 48.24
C ILE C 1064 19.77 51.77 48.99
N CYS C 1065 19.99 51.90 50.30
CA CYS C 1065 19.25 52.86 51.09
C CYS C 1065 19.99 54.19 51.12
N HIS C 1066 19.60 55.10 50.23
CA HIS C 1066 20.27 56.40 50.11
C HIS C 1066 20.11 57.32 51.34
N ASP C 1067 18.90 57.41 51.87
CA ASP C 1067 18.66 58.26 53.01
C ASP C 1067 17.47 57.79 53.78
N GLY C 1068 17.44 56.49 54.06
CA GLY C 1068 16.33 55.91 54.77
C GLY C 1068 15.18 55.52 53.86
N LYS C 1069 15.36 55.70 52.56
CA LYS C 1069 14.35 55.41 51.57
C LYS C 1069 14.95 54.35 50.66
N ALA C 1070 14.16 53.34 50.29
CA ALA C 1070 14.64 52.27 49.42
C ALA C 1070 15.01 52.77 48.02
N HIS C 1071 16.11 52.28 47.47
CA HIS C 1071 16.54 52.65 46.11
C HIS C 1071 16.73 51.43 45.23
N PHE C 1072 16.20 51.50 44.02
CA PHE C 1072 16.30 50.39 43.09
C PHE C 1072 16.79 50.83 41.74
N PRO C 1073 17.61 50.00 41.09
CA PRO C 1073 18.25 50.33 39.83
C PRO C 1073 17.27 50.35 38.71
N ARG C 1074 17.34 51.37 37.85
CA ARG C 1074 16.45 51.45 36.70
C ARG C 1074 16.66 50.36 35.64
N GLU C 1075 17.92 50.04 35.32
CA GLU C 1075 18.16 49.02 34.28
C GLU C 1075 19.08 47.84 34.64
N GLY C 1076 20.10 48.04 35.46
CA GLY C 1076 21.01 46.96 35.77
C GLY C 1076 21.39 46.85 37.23
N VAL C 1077 21.59 45.61 37.69
CA VAL C 1077 21.91 45.27 39.06
C VAL C 1077 23.10 46.07 39.59
N PHE C 1078 22.96 46.58 40.80
CA PHE C 1078 24.03 47.37 41.43
C PHE C 1078 25.24 46.49 41.64
N VAL C 1079 26.41 46.93 41.21
CA VAL C 1079 27.63 46.15 41.37
C VAL C 1079 28.70 46.95 42.07
N SER C 1080 29.36 46.36 43.05
CA SER C 1080 30.39 47.09 43.78
C SER C 1080 31.71 46.38 43.86
N ASN C 1081 32.79 47.13 43.62
CA ASN C 1081 34.15 46.64 43.73
C ASN C 1081 34.45 46.33 45.19
N GLY C 1082 33.96 47.20 46.07
CA GLY C 1082 34.16 47.07 47.50
C GLY C 1082 34.36 48.46 48.10
N THR C 1083 35.18 49.26 47.43
CA THR C 1083 35.43 50.63 47.87
C THR C 1083 34.17 51.50 47.77
N HIS C 1084 33.47 51.38 46.66
CA HIS C 1084 32.27 52.19 46.41
C HIS C 1084 31.22 51.41 45.63
N TRP C 1085 29.98 51.86 45.70
CA TRP C 1085 28.90 51.20 44.98
C TRP C 1085 28.55 51.86 43.66
N PHE C 1086 28.33 51.05 42.65
CA PHE C 1086 28.01 51.46 41.26
C PHE C 1086 26.78 50.72 40.69
N VAL C 1087 26.20 51.28 39.63
CA VAL C 1087 25.04 50.68 38.97
C VAL C 1087 25.34 50.41 37.51
N THR C 1088 25.07 49.21 37.03
CA THR C 1088 25.40 48.82 35.66
C THR C 1088 24.42 47.87 34.98
N GLN C 1089 24.42 47.89 33.66
CA GLN C 1089 23.60 47.00 32.86
C GLN C 1089 24.17 45.58 32.96
N ARG C 1090 23.31 44.59 32.82
CA ARG C 1090 23.74 43.20 32.97
C ARG C 1090 24.69 42.66 31.91
N ASN C 1091 24.43 42.96 30.64
CA ASN C 1091 25.25 42.38 29.55
C ASN C 1091 26.67 42.91 29.38
N PHE C 1092 26.93 44.19 29.63
CA PHE C 1092 28.27 44.74 29.46
C PHE C 1092 28.66 45.52 30.69
N TYR C 1093 29.95 45.70 30.94
CA TYR C 1093 30.35 46.40 32.15
C TYR C 1093 30.68 47.88 31.93
N GLU C 1094 29.74 48.73 32.27
CA GLU C 1094 29.94 50.17 32.25
C GLU C 1094 29.45 50.62 33.60
N PRO C 1095 30.32 51.17 34.43
CA PRO C 1095 29.89 51.59 35.75
C PRO C 1095 29.60 53.09 35.86
N GLN C 1096 28.44 53.41 36.40
CA GLN C 1096 28.03 54.79 36.57
C GLN C 1096 27.79 55.07 38.04
N ILE C 1097 28.20 56.22 38.52
CA ILE C 1097 27.99 56.57 39.90
C ILE C 1097 26.50 56.67 40.16
N ILE C 1098 26.06 56.16 41.29
CA ILE C 1098 24.63 56.11 41.59
C ILE C 1098 24.10 57.54 41.68
N THR C 1099 22.97 57.76 41.04
CA THR C 1099 22.32 59.05 41.00
C THR C 1099 20.83 58.86 41.05
N THR C 1100 20.10 59.95 41.30
CA THR C 1100 18.65 59.88 41.39
C THR C 1100 18.00 59.38 40.10
N ASP C 1101 18.54 59.78 38.96
CA ASP C 1101 17.97 59.36 37.68
C ASP C 1101 18.03 57.84 37.47
N ASN C 1102 19.10 57.21 37.93
CA ASN C 1102 19.30 55.77 37.79
C ASN C 1102 18.32 54.85 38.51
N THR C 1103 17.98 55.15 39.76
CA THR C 1103 17.10 54.26 40.49
C THR C 1103 15.92 54.96 41.16
N PHE C 1104 14.71 54.47 40.90
CA PHE C 1104 13.52 55.01 41.55
C PHE C 1104 13.50 54.56 43.00
N VAL C 1105 12.92 55.36 43.86
CA VAL C 1105 12.85 55.01 45.26
C VAL C 1105 11.41 54.65 45.59
N SER C 1106 11.18 53.43 46.02
CA SER C 1106 9.83 53.00 46.33
C SER C 1106 9.75 52.16 47.59
N GLY C 1107 9.90 52.80 48.75
CA GLY C 1107 9.65 52.10 50.01
C GLY C 1107 10.40 52.53 51.24
N ASN C 1108 10.48 51.62 52.19
CA ASN C 1108 11.21 51.83 53.42
C ASN C 1108 12.37 50.86 53.39
N CYS C 1109 13.45 51.27 54.04
CA CYS C 1109 14.68 50.47 54.04
C CYS C 1109 14.50 49.09 54.67
N ASP C 1110 13.66 49.00 55.69
CA ASP C 1110 13.42 47.75 56.42
C ASP C 1110 12.80 46.62 55.59
N VAL C 1111 11.91 46.96 54.66
CA VAL C 1111 11.18 45.94 53.88
C VAL C 1111 12.02 45.04 53.00
N VAL C 1112 12.98 45.62 52.28
CA VAL C 1112 13.80 44.86 51.35
C VAL C 1112 14.84 44.04 52.12
N ILE C 1113 15.31 42.94 51.53
CA ILE C 1113 16.31 42.09 52.17
C ILE C 1113 17.65 42.15 51.44
N GLY C 1114 18.72 42.29 52.21
CA GLY C 1114 20.08 42.37 51.67
C GLY C 1114 20.50 43.74 51.21
N ILE C 1115 19.66 44.75 51.46
CA ILE C 1115 19.97 46.13 51.12
C ILE C 1115 21.21 46.62 51.89
N VAL C 1116 22.07 47.36 51.22
CA VAL C 1116 23.32 47.79 51.86
C VAL C 1116 23.35 49.30 51.99
N ASN C 1117 23.73 49.78 53.17
CA ASN C 1117 23.83 51.22 53.41
C ASN C 1117 24.85 51.80 52.44
N ASN C 1118 24.47 52.85 51.74
CA ASN C 1118 25.37 53.51 50.82
C ASN C 1118 24.87 54.93 50.54
N THR C 1119 25.68 55.74 49.89
CA THR C 1119 25.29 57.11 49.61
C THR C 1119 24.95 57.31 48.15
N VAL C 1120 23.81 57.94 47.89
CA VAL C 1120 23.38 58.23 46.53
C VAL C 1120 23.58 59.70 46.25
N TYR C 1121 24.22 59.99 45.12
CA TYR C 1121 24.57 61.36 44.78
C TYR C 1121 23.61 62.00 43.77
N ASP C 1122 23.21 63.24 44.06
CA ASP C 1122 22.32 63.97 43.21
C ASP C 1122 23.08 65.06 42.44
N PRO C 1123 22.95 65.06 41.11
CA PRO C 1123 23.57 66.01 40.17
C PRO C 1123 23.05 67.45 40.33
N LEU C 1124 21.75 67.56 40.63
CA LEU C 1124 21.08 68.85 40.77
C LEU C 1124 21.57 69.75 41.92
N GLN C 1125 21.88 69.16 43.08
CA GLN C 1125 22.26 69.95 44.26
C GLN C 1125 23.50 70.84 44.08
N PRO C 1126 24.58 70.32 43.47
CA PRO C 1126 25.79 71.13 43.24
C PRO C 1126 25.53 72.34 42.38
N GLU C 1127 24.73 72.16 41.32
CA GLU C 1127 24.39 73.27 40.44
C GLU C 1127 23.64 74.38 41.15
N LEU C 1128 22.71 73.98 42.02
CA LEU C 1128 21.93 74.94 42.79
C LEU C 1128 22.82 75.78 43.70
N ASP C 1129 23.82 75.15 44.32
CA ASP C 1129 24.72 75.83 45.23
C ASP C 1129 25.76 76.64 44.44
#